data_6VPX
#
_entry.id   6VPX
#
loop_
_entity.id
_entity.type
_entity.pdbx_description
1 polymer 'Envelope glycoprotein gp120'
2 polymer 'Envelope glycoprotein gp41'
3 polymer 'Antibody 10E8 Fab heavy chain'
4 polymer 'Antibody 10E8 Fab light chain'
5 polymer 'MPER peptide'
6 polymer 'Antibody PGT151 Fab heavy chain'
7 polymer 'Antibody PGT151 Fab light chain'
8 branched 2-acetamido-2-deoxy-beta-D-glucopyranose-(1-4)-2-acetamido-2-deoxy-beta-D-glucopyranose
9 branched 2-acetamido-2-deoxy-beta-D-glucopyranose-(1-6)-2-acetamido-2-deoxy-beta-D-glucopyranose
10 branched alpha-D-mannopyranose-(1-3)-beta-D-mannopyranose-(1-4)-2-acetamido-2-deoxy-beta-D-glucopyranose-(1-4)-2-acetamido-2-deoxy-beta-D-glucopyranose
11 branched beta-D-mannopyranose-(1-4)-2-acetamido-2-deoxy-beta-D-glucopyranose-(1-4)-2-acetamido-2-deoxy-beta-D-glucopyranose
12 branched alpha-D-mannopyranose-(1-3)-[alpha-D-mannopyranose-(1-6)]beta-D-mannopyranose-(1-4)-2-acetamido-2-deoxy-beta-D-glucopyranose-(1-4)-2-acetamido-2-deoxy-beta-D-glucopyranose
13 branched alpha-L-fucopyranose-(1-6)-2-acetamido-2-deoxy-beta-D-glucopyranose
14 branched 2-acetamido-2-deoxy-beta-D-glucopyranose-(1-4)-[alpha-L-fucopyranose-(1-6)]2-acetamido-2-deoxy-beta-D-glucopyranose
15 branched beta-D-galactopyranose-(1-4)-2-acetamido-2-deoxy-beta-D-glucopyranose-(1-2)-[2-acetamido-2-deoxy-beta-D-glucopyranose-(1-4)]alpha-D-mannopyranose-(1-3)-[alpha-D-mannopyranose-(1-6)]beta-D-mannopyranose-(1-4)-2-acetamido-2-deoxy-beta-D-glucopyranose-(1-4)-[alpha-L-fucopyranose-(1-6)]2-acetamido-2-deoxy-beta-D-glucopyranose
16 branched beta-D-galactopyranose-(1-4)-2-acetamido-2-deoxy-beta-D-glucopyranose-(1-6)-alpha-D-mannopyranose-(1-6)-[alpha-D-mannopyranose-(1-3)]beta-D-mannopyranose-(1-4)-2-acetamido-2-deoxy-beta-D-glucopyranose-(1-4)-[alpha-L-fucopyranose-(1-6)]2-acetamido-2-deoxy-beta-D-glucopyranose
17 non-polymer 2-acetamido-2-deoxy-beta-D-glucopyranose
18 non-polymer '(2R)-3-(phosphonooxy)propane-1,2-diyl dihexanoate'
#
loop_
_entity_poly.entity_id
_entity_poly.type
_entity_poly.pdbx_seq_one_letter_code
_entity_poly.pdbx_strand_id
1 'polypeptide(L)'
;AEQLWVTVYYGVPVWKEATTTLFCASDARAYDTEVHNVWATHACVPTDPNPQEVVLENVTENFNMWKNNMVEQMHEDIIS
LWDQSLKPCVKLTPLCVTLNCTDLRNSSSGEKMEGGEIKNCSFNITTSMRDKVQKEYALFYKLDVVPIKNDNTSYRLISC
NTSVITQACPKVSFEPIPIHYCAPAGFAILKCNDKKFNGTGPCTNVSTVQCTHGIRPVVSTQLLLNGSLAEEEVVIRSAN
FTDNAKIIIVQLNKSVEINCTRPNNNTRKSIHIGPGRAFYTTGEIIGDIRQAHCNISGTKWNDTLKQIVVKLKEQFGNKT
IVFNHSSGGDPEIVMHSFNCGGEFFYCNSTQLFNSTWNDTEGSNNTKGNGTIVLPCRIKQIVNMWQEVGKAMYAPPIKGQ
IRCSSNITGLILIRDGGNNNESTEIFRPGGGDMRDNWRSELYKYKVVKIEPLGIAPTKAKRRVVQ
;
A,E,C
2 'polypeptide(L)'
;AVGIGAVFLGFLGAAGSTMGAASMTLTVQARLLLSGIVQQQNNLLRAIEAQQHLLQLTVWGIKQLQARVLAVERYLKDQQ
LLGIWGCSGKLICTTAVPWNTSWSNKSYNQIWNNMTWMEWEREIDNYTSLIYTLIEDSQNQQEKNEQELLELD
;
D,B,F
3 'polypeptide(L)'
;EVQLVESGGGLVKPGGSLRLSCSASGFDFDNAWMTWVRQPPGKGLEWVGRITGPGEGWSVDYAAPVEGRFTISRLNSINF
LYLEMNNLRMEDSGLYFCARTGKYYDFWSGYPPGEEYFQDWGRGTLVTV
;
H,K,M
4 'polypeptide(L)'
;YELTQETGVSVALGRTVTITCRGDSLRSHYASWYQKKPGQAPILLFYGKNNRPSGVPDRFSGSASGNRASLTISGAQAED
DAEYYCSSRDKSGSRLSVFGGGTKLTVL
;
L,N,O
5 'polypeptide(L)' NWFDITNVLWWIKAVIQ G,I,J
6 'polypeptide(L)'
;VQLVESGGGVVQPGKSVRLSCVVSDFPFSKYPMYWVRQAPGKGLEWVAAISGDAWHVVYSNSVQGRFLVSRDNVKNTLYL
EMNSLKIEDTAVYRCARMFQESGPPRLDRWSGRNYYYYSGMDVWGQGTTVTVSS
;
P
7 'polypeptide(L)'
;IVMTQTPLSLSVTPGQPASISCKSSESLRQSNGKTSLYWYRQKPGQSPQLLVFEVSNRFSGVSDRFVGSGSGTDFTLRIS
RVEAEDVGFYYCMQSKDFPLTFGGGTKVD
;
Q
#
# COMPACT_ATOMS: atom_id res chain seq x y z
N ALA A 1 -14.20 -31.76 26.31
CA ALA A 1 -13.85 -30.37 26.09
C ALA A 1 -13.93 -30.02 24.61
N GLU A 2 -13.95 -28.72 24.33
CA GLU A 2 -14.08 -28.23 22.96
C GLU A 2 -12.71 -27.79 22.46
N GLN A 3 -12.27 -28.41 21.37
CA GLN A 3 -11.05 -28.05 20.68
C GLN A 3 -11.21 -26.64 20.13
N LEU A 4 -10.45 -25.69 20.68
CA LEU A 4 -10.67 -24.29 20.34
C LEU A 4 -10.08 -23.96 18.98
N TRP A 5 -10.76 -23.06 18.28
CA TRP A 5 -10.35 -22.70 16.93
C TRP A 5 -10.03 -21.22 16.91
N VAL A 6 -9.22 -20.82 15.94
CA VAL A 6 -8.71 -19.46 15.87
C VAL A 6 -9.73 -18.60 15.13
N THR A 7 -9.99 -17.42 15.65
CA THR A 7 -10.94 -16.49 15.05
C THR A 7 -10.33 -15.10 14.93
N VAL A 8 -10.40 -14.54 13.74
CA VAL A 8 -9.82 -13.24 13.42
C VAL A 8 -10.90 -12.19 13.56
N TYR A 9 -10.68 -11.22 14.43
CA TYR A 9 -11.59 -10.10 14.60
C TYR A 9 -10.95 -8.85 14.03
N TYR A 10 -11.64 -8.18 13.13
CA TYR A 10 -11.14 -6.93 12.56
C TYR A 10 -11.90 -5.78 13.17
N GLY A 11 -11.18 -4.94 13.92
CA GLY A 11 -11.78 -3.79 14.54
C GLY A 11 -11.67 -3.82 16.04
N VAL A 12 -10.63 -4.48 16.53
CA VAL A 12 -10.43 -4.61 17.98
C VAL A 12 -9.95 -3.26 18.50
N PRO A 13 -10.29 -2.87 19.71
CA PRO A 13 -9.92 -1.52 20.15
C PRO A 13 -8.56 -1.46 20.83
N VAL A 14 -7.49 -1.65 20.07
CA VAL A 14 -6.17 -1.70 20.65
C VAL A 14 -5.31 -0.58 20.09
N TRP A 15 -4.21 -0.30 20.78
CA TRP A 15 -3.19 0.59 20.25
C TRP A 15 -1.88 0.32 20.98
N LYS A 16 -0.87 1.12 20.62
CA LYS A 16 0.46 1.11 21.23
C LYS A 16 0.90 2.55 21.34
N GLU A 17 2.19 2.77 21.58
CA GLU A 17 2.77 4.11 21.50
C GLU A 17 3.66 4.20 20.27
N ALA A 18 3.63 5.33 19.61
CA ALA A 18 4.36 5.45 18.36
C ALA A 18 4.84 6.88 18.16
N THR A 19 5.61 7.05 17.09
CA THR A 19 6.04 8.34 16.60
C THR A 19 5.45 8.52 15.21
N THR A 20 5.39 9.76 14.73
CA THR A 20 4.78 10.02 13.44
C THR A 20 5.26 11.36 12.90
N THR A 21 4.67 11.76 11.77
CA THR A 21 4.79 13.10 11.23
C THR A 21 3.40 13.70 11.15
N LEU A 22 3.28 14.96 11.52
CA LEU A 22 2.00 15.63 11.67
C LEU A 22 1.73 16.58 10.52
N PHE A 23 0.56 17.21 10.54
CA PHE A 23 0.21 18.19 9.53
C PHE A 23 -0.79 19.18 10.11
N CYS A 24 -0.75 20.41 9.60
CA CYS A 24 -1.52 21.50 10.17
C CYS A 24 -3.00 21.37 9.83
N ALA A 25 -3.79 22.22 10.50
CA ALA A 25 -5.20 22.40 10.16
C ALA A 25 -5.58 23.81 10.62
N SER A 26 -5.60 24.75 9.68
CA SER A 26 -6.00 26.11 9.97
C SER A 26 -7.50 26.26 9.81
N ASP A 27 -8.11 27.03 10.70
CA ASP A 27 -9.56 27.18 10.74
C ASP A 27 -9.99 28.50 10.10
N ALA A 28 -9.96 28.54 8.78
CA ALA A 28 -10.47 29.68 8.01
C ALA A 28 -10.91 29.22 6.64
N THR A 33 -8.01 34.68 0.40
CA THR A 33 -6.97 35.15 1.31
C THR A 33 -5.59 34.98 0.68
N GLU A 34 -4.88 36.09 0.51
CA GLU A 34 -3.49 36.05 0.10
C GLU A 34 -2.64 35.35 1.16
N VAL A 35 -1.78 34.43 0.73
CA VAL A 35 -1.09 33.52 1.63
C VAL A 35 0.34 34.04 1.73
N HIS A 36 0.56 34.95 2.66
CA HIS A 36 1.88 35.54 2.87
C HIS A 36 2.14 35.73 4.35
N ASN A 37 1.84 34.71 5.14
CA ASN A 37 2.17 34.72 6.55
C ASN A 37 3.17 33.61 6.85
N VAL A 38 4.04 33.90 7.81
CA VAL A 38 5.15 33.01 8.10
C VAL A 38 4.67 31.78 8.85
N TRP A 39 3.81 31.98 9.85
CA TRP A 39 3.33 30.85 10.64
C TRP A 39 2.05 30.26 10.13
N ALA A 40 1.08 31.10 9.73
CA ALA A 40 -0.28 30.63 9.46
C ALA A 40 -0.32 29.70 8.26
N THR A 41 0.34 30.10 7.17
CA THR A 41 0.62 29.28 6.00
C THR A 41 -0.65 28.64 5.44
N HIS A 42 -1.52 29.51 4.91
CA HIS A 42 -2.88 29.13 4.53
C HIS A 42 -2.92 28.07 3.42
N ALA A 43 -1.79 27.76 2.79
CA ALA A 43 -1.66 26.47 2.12
C ALA A 43 -1.59 25.39 3.19
N CYS A 44 -2.75 24.92 3.61
CA CYS A 44 -2.95 24.06 4.77
C CYS A 44 -4.37 23.52 4.69
N VAL A 45 -4.57 22.33 5.23
CA VAL A 45 -5.90 21.69 5.16
C VAL A 45 -6.87 22.45 6.04
N PRO A 46 -8.04 22.83 5.56
CA PRO A 46 -9.02 23.45 6.44
C PRO A 46 -9.60 22.45 7.42
N THR A 47 -10.05 22.97 8.55
CA THR A 47 -10.50 22.14 9.67
C THR A 47 -11.91 21.60 9.47
N ASP A 48 -12.50 21.11 10.55
CA ASP A 48 -13.88 20.70 10.59
C ASP A 48 -14.39 21.09 11.97
N PRO A 49 -15.48 21.86 12.06
CA PRO A 49 -16.04 22.19 13.38
C PRO A 49 -16.92 21.10 13.97
N ASN A 50 -16.80 19.87 13.46
CA ASN A 50 -17.38 18.72 14.12
C ASN A 50 -16.76 18.57 15.51
N PRO A 51 -17.57 18.38 16.56
CA PRO A 51 -17.02 17.87 17.83
C PRO A 51 -16.77 16.38 17.74
N GLN A 52 -15.50 16.01 17.65
CA GLN A 52 -15.11 14.64 17.36
C GLN A 52 -14.69 13.87 18.60
N GLU A 53 -14.75 14.49 19.77
CA GLU A 53 -14.07 13.96 20.94
C GLU A 53 -14.81 12.78 21.54
N VAL A 54 -14.10 11.67 21.73
CA VAL A 54 -14.66 10.43 22.24
C VAL A 54 -14.05 10.18 23.61
N VAL A 55 -14.89 9.96 24.60
CA VAL A 55 -14.43 9.71 25.96
C VAL A 55 -14.30 8.21 26.16
N LEU A 56 -13.38 7.82 27.03
CA LEU A 56 -13.21 6.42 27.36
C LEU A 56 -13.92 6.09 28.66
N GLU A 57 -13.73 4.85 29.10
CA GLU A 57 -14.38 4.34 30.29
C GLU A 57 -13.37 3.90 31.36
N ASN A 58 -12.44 3.03 31.01
CA ASN A 58 -11.54 2.40 31.96
C ASN A 58 -10.14 2.54 31.37
N VAL A 59 -9.44 3.64 31.61
CA VAL A 59 -8.09 3.81 31.07
C VAL A 59 -7.19 4.34 32.18
N THR A 60 -6.03 3.70 32.35
CA THR A 60 -4.95 4.21 33.17
C THR A 60 -3.72 4.29 32.29
N GLU A 61 -3.34 5.51 31.90
CA GLU A 61 -2.32 5.69 30.87
C GLU A 61 -1.34 6.76 31.32
N ASN A 62 -0.09 6.36 31.55
CA ASN A 62 0.95 7.32 31.91
C ASN A 62 1.29 8.21 30.73
N PHE A 63 1.48 9.49 31.01
CA PHE A 63 1.94 10.41 29.98
C PHE A 63 3.34 10.88 30.34
N ASN A 64 3.82 11.86 29.60
CA ASN A 64 4.92 12.68 30.04
C ASN A 64 4.82 14.00 29.31
N MET A 65 5.29 15.06 29.95
CA MET A 65 5.37 16.34 29.29
C MET A 65 6.79 16.74 28.95
N TRP A 66 7.76 15.89 29.22
CA TRP A 66 9.10 16.22 28.73
C TRP A 66 9.60 15.24 27.69
N LYS A 67 9.38 13.94 27.87
CA LYS A 67 9.83 12.98 26.88
C LYS A 67 8.77 12.68 25.83
N ASN A 68 7.92 13.65 25.53
CA ASN A 68 6.90 13.51 24.51
C ASN A 68 7.45 14.12 23.22
N ASN A 69 7.44 13.32 22.15
CA ASN A 69 7.99 13.70 20.87
C ASN A 69 7.24 14.81 20.17
N MET A 70 6.04 15.16 20.63
CA MET A 70 5.24 16.17 19.94
C MET A 70 5.81 17.56 20.10
N VAL A 71 6.62 17.80 21.11
CA VAL A 71 7.15 19.13 21.30
C VAL A 71 8.54 19.28 20.66
N GLU A 72 9.32 18.20 20.60
CA GLU A 72 10.55 18.24 19.81
C GLU A 72 10.27 18.31 18.32
N GLN A 73 9.07 17.91 17.91
CA GLN A 73 8.75 17.95 16.50
C GLN A 73 8.49 19.37 16.04
N MET A 74 7.87 20.20 16.88
CA MET A 74 7.63 21.58 16.49
C MET A 74 8.93 22.35 16.36
N HIS A 75 9.87 22.13 17.26
CA HIS A 75 11.05 22.96 17.30
C HIS A 75 11.98 22.66 16.14
N GLU A 76 11.85 21.49 15.52
CA GLU A 76 12.48 21.24 14.24
C GLU A 76 11.62 21.68 13.06
N ASP A 77 10.40 22.16 13.31
CA ASP A 77 9.52 22.58 12.24
C ASP A 77 9.25 24.07 12.21
N ILE A 78 9.05 24.68 13.37
CA ILE A 78 8.76 26.10 13.38
C ILE A 78 10.01 26.89 13.06
N ILE A 79 11.20 26.33 13.27
CA ILE A 79 12.38 26.99 12.73
C ILE A 79 12.51 26.74 11.24
N SER A 80 11.87 25.69 10.73
CA SER A 80 11.95 25.46 9.30
C SER A 80 10.97 26.37 8.57
N LEU A 81 9.77 26.54 9.13
CA LEU A 81 8.82 27.50 8.57
C LEU A 81 9.35 28.91 8.64
N TRP A 82 10.06 29.24 9.70
CA TRP A 82 10.50 30.61 9.85
C TRP A 82 11.76 30.88 9.05
N ASP A 83 12.42 29.84 8.53
CA ASP A 83 13.59 30.04 7.69
C ASP A 83 13.33 29.78 6.22
N GLN A 84 12.25 29.09 5.86
CA GLN A 84 11.87 29.09 4.46
C GLN A 84 11.38 30.46 4.05
N SER A 85 10.67 31.15 4.93
CA SER A 85 10.17 32.48 4.64
C SER A 85 11.23 33.56 4.83
N LEU A 86 12.49 33.20 4.98
CA LEU A 86 13.57 34.15 5.11
C LEU A 86 14.61 34.02 4.01
N LYS A 87 14.75 32.82 3.43
CA LYS A 87 15.74 32.58 2.38
C LYS A 87 15.59 33.44 1.12
N PRO A 88 14.41 33.57 0.48
CA PRO A 88 14.40 34.31 -0.80
C PRO A 88 14.54 35.81 -0.68
N CYS A 89 14.65 36.38 0.51
CA CYS A 89 14.71 37.82 0.65
C CYS A 89 16.14 38.31 0.50
N VAL A 90 16.31 39.62 0.63
CA VAL A 90 17.58 40.27 0.31
C VAL A 90 18.57 40.07 1.46
N LYS A 91 19.83 39.93 1.11
CA LYS A 91 20.91 39.95 2.08
C LYS A 91 21.33 41.38 2.36
N LEU A 92 22.01 41.56 3.48
CA LEU A 92 22.39 42.89 3.94
C LEU A 92 23.89 42.99 4.07
N THR A 93 24.59 42.31 3.19
CA THR A 93 26.04 42.23 3.22
C THR A 93 26.75 43.57 2.98
N PRO A 94 26.36 44.45 2.04
CA PRO A 94 27.07 45.74 1.94
C PRO A 94 26.77 46.71 3.07
N LEU A 95 25.84 46.40 3.96
CA LEU A 95 25.56 47.36 5.02
C LEU A 95 26.65 47.39 6.07
N CYS A 96 27.41 46.31 6.23
CA CYS A 96 28.43 46.28 7.27
C CYS A 96 29.62 47.10 6.81
N VAL A 97 29.53 48.41 7.05
CA VAL A 97 30.55 49.37 6.69
C VAL A 97 30.79 50.27 7.90
N THR A 98 31.64 51.27 7.70
CA THR A 98 31.97 52.20 8.77
C THR A 98 30.86 53.24 8.92
N LEU A 99 30.35 53.39 10.14
CA LEU A 99 29.25 54.31 10.39
C LEU A 99 29.75 55.62 10.97
N ASN A 100 28.82 56.56 11.09
CA ASN A 100 29.09 57.89 11.61
C ASN A 100 27.79 58.37 12.24
N CYS A 101 27.69 58.28 13.55
CA CYS A 101 26.39 58.41 14.20
C CYS A 101 26.34 59.60 15.15
N THR A 102 25.14 60.15 15.30
CA THR A 102 24.88 61.24 16.23
C THR A 102 23.40 61.18 16.61
N ASP A 103 23.03 61.97 17.60
CA ASP A 103 21.75 61.78 18.30
C ASP A 103 20.87 63.01 18.10
N LEU A 104 19.72 62.81 17.46
CA LEU A 104 18.60 63.78 17.49
C LEU A 104 17.27 63.13 17.08
N GLU A 114 17.37 59.57 29.78
CA GLU A 114 17.04 59.08 28.46
C GLU A 114 18.21 59.32 27.49
N GLY A 115 18.58 60.60 27.33
CA GLY A 115 19.75 60.95 26.55
C GLY A 115 19.55 60.75 25.06
N GLY A 116 20.64 60.37 24.39
CA GLY A 116 20.59 60.10 22.96
C GLY A 116 20.52 58.62 22.69
N GLU A 117 19.34 58.14 22.28
CA GLU A 117 19.10 56.72 22.06
C GLU A 117 19.08 56.38 20.57
N ILE A 118 18.19 56.99 19.82
CA ILE A 118 18.12 56.74 18.39
C ILE A 118 19.23 57.54 17.73
N LYS A 119 19.83 56.97 16.69
CA LYS A 119 21.09 57.50 16.19
C LYS A 119 20.98 57.85 14.71
N ASN A 120 21.15 59.13 14.41
CA ASN A 120 21.29 59.61 13.04
C ASN A 120 22.64 59.13 12.54
N CYS A 121 22.64 58.11 11.72
CA CYS A 121 23.88 57.53 11.24
C CYS A 121 24.04 57.81 9.75
N SER A 122 25.28 57.95 9.31
CA SER A 122 25.61 58.34 7.95
C SER A 122 26.76 57.48 7.45
N PHE A 123 26.41 56.38 6.82
CA PHE A 123 27.34 55.56 6.05
C PHE A 123 27.23 55.95 4.59
N ASN A 124 28.31 55.75 3.84
CA ASN A 124 28.30 56.46 2.56
C ASN A 124 28.63 55.62 1.33
N ILE A 125 28.43 54.31 1.36
CA ILE A 125 28.50 53.56 0.11
C ILE A 125 27.23 52.74 -0.06
N THR A 126 26.84 52.54 -1.31
CA THR A 126 25.79 51.59 -1.69
C THR A 126 26.06 51.20 -3.14
N THR A 127 26.50 49.97 -3.35
CA THR A 127 26.94 49.53 -4.67
C THR A 127 25.77 48.97 -5.47
N SER A 128 24.89 49.89 -5.87
CA SER A 128 23.93 49.56 -6.92
C SER A 128 24.64 49.33 -8.24
N MET A 129 25.73 50.06 -8.48
CA MET A 129 26.63 49.91 -9.60
C MET A 129 28.04 49.72 -9.05
N ARG A 130 29.04 49.84 -9.91
CA ARG A 130 30.41 49.69 -9.48
C ARG A 130 31.13 51.02 -9.31
N ASP A 131 31.03 51.90 -10.29
CA ASP A 131 31.83 53.11 -10.31
C ASP A 131 31.37 54.15 -9.32
N LYS A 132 30.07 54.20 -9.04
CA LYS A 132 29.46 55.29 -8.28
C LYS A 132 28.81 54.68 -7.06
N VAL A 133 29.48 54.78 -5.92
CA VAL A 133 28.91 54.38 -4.64
C VAL A 133 28.22 55.59 -4.03
N GLN A 134 27.19 55.32 -3.24
CA GLN A 134 26.18 56.32 -2.89
C GLN A 134 26.21 56.64 -1.41
N LYS A 135 26.30 57.93 -1.08
CA LYS A 135 26.20 58.37 0.30
C LYS A 135 24.78 58.12 0.83
N GLU A 136 24.64 57.97 2.14
CA GLU A 136 23.33 57.54 2.58
C GLU A 136 23.01 58.01 4.00
N TYR A 137 21.75 58.36 4.19
CA TYR A 137 21.12 58.74 5.44
C TYR A 137 20.47 57.53 6.13
N ALA A 138 20.58 57.47 7.46
CA ALA A 138 20.06 56.32 8.20
C ALA A 138 19.78 56.68 9.65
N LEU A 139 18.87 55.90 10.27
CA LEU A 139 18.45 56.08 11.65
C LEU A 139 18.42 54.73 12.35
N PHE A 140 19.20 54.59 13.42
CA PHE A 140 19.45 53.30 14.06
C PHE A 140 19.09 53.34 15.54
N TYR A 141 19.45 52.26 16.25
CA TYR A 141 19.15 52.08 17.67
C TYR A 141 20.37 51.58 18.40
N LYS A 142 20.43 51.91 19.70
CA LYS A 142 21.55 51.48 20.54
C LYS A 142 21.57 49.98 20.75
N LEU A 143 20.47 49.29 20.52
CA LEU A 143 20.44 47.84 20.58
C LEU A 143 20.88 47.20 19.28
N ASP A 144 21.37 47.97 18.31
CA ASP A 144 21.84 47.42 17.06
C ASP A 144 23.24 47.84 16.66
N VAL A 145 23.79 48.90 17.24
CA VAL A 145 25.09 49.42 16.81
C VAL A 145 26.12 49.21 17.90
N VAL A 146 27.38 49.11 17.49
CA VAL A 146 28.50 48.91 18.41
C VAL A 146 29.54 50.00 18.20
N PRO A 147 30.29 50.39 19.22
CA PRO A 147 31.35 51.38 19.03
C PRO A 147 32.63 50.78 18.51
N ILE A 148 33.44 51.65 17.91
CA ILE A 148 34.75 51.29 17.39
C ILE A 148 35.78 52.15 18.12
N LYS A 149 36.96 51.57 18.34
CA LYS A 149 37.92 52.02 19.34
C LYS A 149 39.09 52.79 18.76
N ASN A 150 39.08 53.12 17.47
CA ASN A 150 40.29 53.59 16.80
C ASN A 150 40.27 55.06 16.40
N ASP A 151 39.16 55.75 16.60
CA ASP A 151 38.96 57.10 16.06
C ASP A 151 38.00 57.84 16.98
N ASN A 152 37.30 58.84 16.44
CA ASN A 152 36.18 59.44 17.16
C ASN A 152 34.94 58.54 17.06
N THR A 153 33.77 59.09 17.38
CA THR A 153 32.54 58.29 17.40
C THR A 153 32.17 57.82 16.00
N SER A 154 32.16 56.49 15.83
CA SER A 154 31.99 55.86 14.53
C SER A 154 31.63 54.41 14.78
N TYR A 155 30.55 53.94 14.17
CA TYR A 155 29.96 52.69 14.60
C TYR A 155 29.97 51.62 13.50
N ARG A 156 29.28 50.53 13.80
CA ARG A 156 29.09 49.39 12.90
C ARG A 156 27.93 48.61 13.48
N LEU A 157 27.26 47.82 12.63
CA LEU A 157 26.24 46.91 13.11
C LEU A 157 26.83 45.85 14.04
N ILE A 158 25.95 45.25 14.83
CA ILE A 158 26.42 44.41 15.93
C ILE A 158 26.88 43.05 15.44
N SER A 159 26.26 42.48 14.42
CA SER A 159 26.44 41.08 14.11
C SER A 159 27.06 40.88 12.73
N CYS A 160 28.01 41.75 12.38
CA CYS A 160 28.78 41.58 11.16
C CYS A 160 29.58 40.30 11.15
N ASN A 161 30.55 40.21 12.05
CA ASN A 161 31.37 39.02 12.17
C ASN A 161 30.68 37.88 12.89
N THR A 162 29.40 38.01 13.20
CA THR A 162 28.63 36.95 13.84
C THR A 162 27.98 36.03 12.82
N SER A 163 27.09 36.56 11.99
CA SER A 163 26.43 35.77 10.97
C SER A 163 25.96 36.70 9.88
N VAL A 164 25.35 36.10 8.86
CA VAL A 164 24.84 36.85 7.70
C VAL A 164 23.55 37.53 8.13
N ILE A 165 23.57 38.86 8.18
CA ILE A 165 22.38 39.62 8.50
C ILE A 165 21.47 39.64 7.29
N THR A 166 20.26 39.13 7.43
CA THR A 166 19.34 38.97 6.31
C THR A 166 18.04 39.69 6.61
N GLN A 167 17.65 40.60 5.73
CA GLN A 167 16.40 41.32 5.91
C GLN A 167 15.22 40.40 5.62
N ALA A 168 14.17 40.51 6.42
CA ALA A 168 12.91 39.87 6.08
C ALA A 168 12.16 40.77 5.10
N CYS A 169 11.48 40.14 4.14
CA CYS A 169 10.70 40.89 3.16
C CYS A 169 9.55 41.61 3.86
N PRO A 170 9.26 42.86 3.49
CA PRO A 170 8.26 43.63 4.24
C PRO A 170 6.84 43.20 3.97
N LYS A 171 6.59 42.50 2.87
CA LYS A 171 5.25 42.03 2.56
C LYS A 171 5.03 40.62 3.10
N VAL A 172 5.35 40.43 4.37
CA VAL A 172 5.06 39.18 5.04
C VAL A 172 4.18 39.52 6.23
N SER A 173 3.81 38.51 7.01
CA SER A 173 3.02 38.73 8.21
C SER A 173 3.66 38.03 9.39
N PHE A 174 3.18 38.33 10.59
CA PHE A 174 3.75 37.77 11.79
C PHE A 174 2.75 37.33 12.84
N GLU A 175 1.45 37.41 12.56
CA GLU A 175 0.47 37.14 13.60
C GLU A 175 0.42 35.67 13.94
N PRO A 176 0.23 35.34 15.21
CA PRO A 176 -0.05 33.95 15.57
C PRO A 176 -1.46 33.56 15.14
N ILE A 177 -1.57 32.41 14.50
CA ILE A 177 -2.84 31.82 14.11
C ILE A 177 -2.85 30.39 14.62
N PRO A 178 -3.93 29.93 15.27
CA PRO A 178 -3.88 28.62 15.93
C PRO A 178 -3.75 27.47 14.93
N ILE A 179 -2.80 26.59 15.22
CA ILE A 179 -2.41 25.53 14.30
C ILE A 179 -2.85 24.21 14.91
N HIS A 180 -3.91 23.64 14.40
CA HIS A 180 -4.40 22.38 14.91
C HIS A 180 -3.54 21.26 14.34
N TYR A 181 -2.73 20.63 15.19
CA TYR A 181 -2.06 19.41 14.77
C TYR A 181 -3.04 18.26 14.65
N CYS A 182 -3.19 17.74 13.45
CA CYS A 182 -3.97 16.54 13.21
C CYS A 182 -3.02 15.39 12.95
N ALA A 183 -3.25 14.28 13.63
CA ALA A 183 -2.52 13.07 13.29
C ALA A 183 -3.00 12.54 11.95
N PRO A 184 -2.15 11.85 11.20
CA PRO A 184 -2.60 11.21 9.97
C PRO A 184 -3.51 10.03 10.26
N ALA A 185 -4.19 9.58 9.22
CA ALA A 185 -5.26 8.60 9.35
C ALA A 185 -4.72 7.26 9.82
N GLY A 186 -5.52 6.58 10.64
CA GLY A 186 -5.08 5.38 11.31
C GLY A 186 -4.39 5.64 12.64
N PHE A 187 -3.85 6.82 12.84
CA PHE A 187 -3.33 7.22 14.14
C PHE A 187 -4.41 7.94 14.93
N ALA A 188 -4.10 8.25 16.18
CA ALA A 188 -5.01 8.96 17.04
C ALA A 188 -4.22 9.68 18.10
N ILE A 189 -4.85 10.69 18.71
CA ILE A 189 -4.22 11.46 19.77
C ILE A 189 -5.08 11.29 21.01
N LEU A 190 -4.46 10.84 22.10
CA LEU A 190 -5.17 10.70 23.36
C LEU A 190 -5.04 11.99 24.17
N LYS A 191 -6.08 12.26 24.96
CA LYS A 191 -6.08 13.47 25.77
C LYS A 191 -6.69 13.17 27.14
N CYS A 192 -5.96 13.52 28.20
CA CYS A 192 -6.45 13.40 29.56
C CYS A 192 -7.29 14.60 29.96
N ASN A 193 -8.09 14.42 31.00
CA ASN A 193 -8.93 15.49 31.50
C ASN A 193 -8.97 15.51 33.03
N ASP A 194 -7.83 15.32 33.67
CA ASP A 194 -7.74 15.51 35.11
C ASP A 194 -7.28 16.92 35.41
N LYS A 195 -8.00 17.57 36.32
CA LYS A 195 -7.70 18.95 36.66
C LYS A 195 -6.43 19.07 37.49
N LYS A 196 -6.06 18.01 38.21
CA LYS A 196 -4.95 18.03 39.15
C LYS A 196 -3.74 17.27 38.60
N PHE A 197 -3.52 17.32 37.30
CA PHE A 197 -2.56 16.43 36.66
C PHE A 197 -1.14 16.96 36.85
N ASN A 198 -0.25 16.10 37.38
CA ASN A 198 1.09 16.55 37.72
C ASN A 198 1.94 16.86 36.50
N GLY A 199 1.59 16.35 35.33
CA GLY A 199 2.41 16.50 34.17
C GLY A 199 3.09 15.22 33.73
N THR A 200 3.22 14.25 34.63
CA THR A 200 3.97 13.04 34.30
C THR A 200 3.40 11.76 34.90
N GLY A 201 2.24 11.79 35.52
CA GLY A 201 1.69 10.61 36.14
C GLY A 201 0.74 9.88 35.21
N PRO A 202 -0.11 9.03 35.78
CA PRO A 202 -1.20 8.43 35.00
C PRO A 202 -2.41 9.36 34.98
N CYS A 203 -3.40 8.96 34.18
CA CYS A 203 -4.66 9.69 34.07
C CYS A 203 -5.81 8.72 34.27
N THR A 204 -7.01 9.28 34.39
CA THR A 204 -8.20 8.47 34.57
C THR A 204 -9.22 8.67 33.47
N ASN A 205 -9.66 9.90 33.21
CA ASN A 205 -10.52 10.17 32.05
C ASN A 205 -9.65 10.56 30.87
N VAL A 206 -9.35 9.59 30.02
CA VAL A 206 -8.57 9.83 28.81
C VAL A 206 -9.55 9.88 27.65
N SER A 207 -9.73 11.05 27.09
CA SER A 207 -10.58 11.19 25.92
C SER A 207 -9.75 11.03 24.65
N THR A 208 -10.43 10.69 23.56
CA THR A 208 -9.78 10.48 22.27
C THR A 208 -10.29 11.50 21.27
N VAL A 209 -9.38 12.26 20.68
CA VAL A 209 -9.73 13.18 19.61
C VAL A 209 -8.98 12.73 18.37
N GLN A 210 -9.20 13.43 17.27
CA GLN A 210 -8.43 13.19 16.05
C GLN A 210 -7.45 14.30 15.78
N CYS A 211 -7.65 15.48 16.36
CA CYS A 211 -6.84 16.63 16.02
C CYS A 211 -6.95 17.62 17.16
N THR A 212 -5.82 18.19 17.57
CA THR A 212 -5.76 18.92 18.83
C THR A 212 -6.44 20.27 18.74
N HIS A 213 -6.36 21.02 19.82
CA HIS A 213 -7.02 22.30 19.93
C HIS A 213 -6.14 23.39 19.35
N GLY A 214 -6.51 24.64 19.59
CA GLY A 214 -5.76 25.74 19.01
C GLY A 214 -4.44 25.95 19.73
N ILE A 215 -3.39 26.17 18.96
CA ILE A 215 -2.07 26.48 19.51
C ILE A 215 -1.60 27.75 18.84
N ARG A 216 -1.59 28.84 19.57
CA ARG A 216 -1.03 30.07 19.04
C ARG A 216 0.48 29.95 19.04
N PRO A 217 1.15 30.15 17.91
CA PRO A 217 2.60 29.98 17.86
C PRO A 217 3.36 31.21 18.36
N VAL A 218 3.08 31.61 19.60
CA VAL A 218 3.60 32.86 20.13
C VAL A 218 5.03 32.63 20.59
N VAL A 219 5.93 33.52 20.18
CA VAL A 219 7.30 33.51 20.66
C VAL A 219 7.51 34.64 21.64
N SER A 220 8.03 34.31 22.82
CA SER A 220 8.28 35.27 23.88
C SER A 220 9.20 34.60 24.89
N THR A 221 9.66 35.41 25.84
CA THR A 221 10.61 34.93 26.84
C THR A 221 10.22 35.55 28.17
N GLN A 222 10.33 34.75 29.24
CA GLN A 222 10.01 35.01 30.65
C GLN A 222 8.51 35.04 30.94
N LEU A 223 7.69 35.02 29.89
CA LEU A 223 6.25 34.93 30.04
C LEU A 223 5.68 34.14 28.87
N LEU A 224 4.38 33.92 28.92
CA LEU A 224 3.64 33.39 27.79
C LEU A 224 2.51 34.35 27.48
N LEU A 225 2.22 34.51 26.18
CA LEU A 225 1.19 35.43 25.75
C LEU A 225 0.15 34.67 24.93
N ASN A 226 -1.12 34.87 25.29
CA ASN A 226 -2.34 34.32 24.71
C ASN A 226 -2.53 32.83 25.00
N GLY A 227 -1.47 32.16 25.47
CA GLY A 227 -1.44 30.93 26.23
C GLY A 227 -2.50 29.87 26.06
N SER A 228 -2.94 29.36 27.20
CA SER A 228 -4.20 28.67 27.35
C SER A 228 -4.66 28.99 28.76
N LEU A 229 -5.62 28.22 29.27
CA LEU A 229 -6.12 28.44 30.62
C LEU A 229 -6.15 27.13 31.36
N ALA A 230 -5.33 27.02 32.40
CA ALA A 230 -5.61 26.05 33.45
C ALA A 230 -6.91 26.44 34.13
N GLU A 231 -7.68 25.45 34.53
CA GLU A 231 -9.00 25.72 35.07
C GLU A 231 -9.02 25.47 36.58
N GLU A 232 -9.84 26.28 37.25
CA GLU A 232 -10.31 26.18 38.63
C GLU A 232 -9.27 26.51 39.70
N GLU A 233 -7.99 26.60 39.34
CA GLU A 233 -6.89 26.89 40.24
C GLU A 233 -5.63 27.07 39.39
N VAL A 234 -4.49 27.21 40.06
CA VAL A 234 -3.23 27.61 39.44
C VAL A 234 -2.23 26.47 39.56
N VAL A 235 -1.79 25.95 38.43
CA VAL A 235 -1.04 24.71 38.37
C VAL A 235 0.44 25.03 38.22
N ILE A 236 1.28 24.28 38.92
CA ILE A 236 2.73 24.38 38.81
C ILE A 236 3.26 22.98 38.53
N ARG A 237 4.05 22.84 37.47
CA ARG A 237 4.57 21.53 37.09
C ARG A 237 6.07 21.60 36.88
N SER A 238 6.77 20.57 37.37
CA SER A 238 8.15 20.30 36.96
C SER A 238 8.47 18.86 37.34
N ALA A 239 9.64 18.40 36.91
CA ALA A 239 9.99 16.99 37.00
C ALA A 239 10.79 16.67 38.26
N ASN A 240 11.94 17.29 38.41
CA ASN A 240 12.88 17.03 39.50
C ASN A 240 12.82 18.30 40.37
N PHE A 241 11.95 18.26 41.38
CA PHE A 241 11.71 19.43 42.22
C PHE A 241 12.95 19.81 43.01
N THR A 242 13.55 18.84 43.70
CA THR A 242 14.70 19.16 44.54
C THR A 242 15.99 19.32 43.74
N ASP A 243 15.95 19.15 42.43
CA ASP A 243 17.00 19.67 41.58
C ASP A 243 16.64 21.08 41.15
N ASN A 244 17.66 21.91 40.98
CA ASN A 244 17.47 23.24 40.46
C ASN A 244 17.29 23.26 38.96
N ALA A 245 17.59 22.15 38.28
CA ALA A 245 17.71 22.17 36.82
C ALA A 245 16.35 22.24 36.16
N LYS A 246 15.45 21.33 36.51
CA LYS A 246 14.15 21.20 35.84
C LYS A 246 13.29 22.41 36.16
N ILE A 247 13.06 23.24 35.14
CA ILE A 247 12.39 24.52 35.27
C ILE A 247 10.93 24.28 35.62
N ILE A 248 10.42 24.99 36.61
CA ILE A 248 9.00 24.89 36.90
C ILE A 248 8.25 25.76 35.91
N ILE A 249 7.04 25.35 35.59
CA ILE A 249 6.18 26.05 34.64
C ILE A 249 4.89 26.43 35.35
N VAL A 250 4.56 27.71 35.30
CA VAL A 250 3.40 28.25 35.99
C VAL A 250 2.34 28.58 34.97
N GLN A 251 1.30 27.77 34.94
CA GLN A 251 0.10 28.01 34.17
C GLN A 251 -0.94 28.59 35.12
N LEU A 252 -1.91 29.31 34.57
CA LEU A 252 -2.81 30.14 35.37
C LEU A 252 -4.25 29.92 34.94
N ASN A 253 -5.18 30.29 35.83
CA ASN A 253 -6.47 30.75 35.35
C ASN A 253 -6.44 32.27 35.33
N LYS A 254 -7.60 32.90 35.12
CA LYS A 254 -7.82 34.33 35.37
C LYS A 254 -6.85 35.18 34.54
N SER A 255 -7.09 35.16 33.24
CA SER A 255 -6.19 35.71 32.24
C SER A 255 -5.87 37.18 32.48
N VAL A 256 -4.62 37.43 32.82
CA VAL A 256 -4.19 38.77 33.20
C VAL A 256 -3.89 39.56 31.93
N GLU A 257 -4.53 40.71 31.79
CA GLU A 257 -4.43 41.49 30.58
C GLU A 257 -3.24 42.45 30.68
N ILE A 258 -2.61 42.70 29.53
CA ILE A 258 -1.53 43.67 29.41
C ILE A 258 -1.79 44.52 28.18
N ASN A 259 -1.44 45.80 28.26
CA ASN A 259 -1.33 46.65 27.10
C ASN A 259 0.12 47.00 26.90
N CYS A 260 0.56 47.00 25.64
CA CYS A 260 1.90 47.45 25.30
C CYS A 260 1.78 48.24 24.02
N THR A 261 2.60 49.27 23.88
CA THR A 261 2.44 50.18 22.75
C THR A 261 3.76 50.81 22.36
N ARG A 262 3.77 51.36 21.15
CA ARG A 262 4.92 52.06 20.59
C ARG A 262 4.43 53.47 20.33
N PRO A 263 4.57 54.38 21.29
CA PRO A 263 3.99 55.73 21.14
C PRO A 263 4.82 56.65 20.25
N ASN A 264 4.95 56.28 18.97
CA ASN A 264 5.66 57.09 18.00
C ASN A 264 4.95 56.94 16.65
N ASN A 265 5.40 57.71 15.66
CA ASN A 265 4.76 57.68 14.35
C ASN A 265 5.56 56.86 13.34
N ASN A 266 6.86 57.13 13.24
CA ASN A 266 7.85 56.27 12.57
C ASN A 266 7.54 56.08 11.09
N THR A 267 7.70 57.16 10.34
CA THR A 267 7.68 57.05 8.89
C THR A 267 8.94 56.37 8.39
N ARG A 268 8.80 55.60 7.33
CA ARG A 268 9.89 54.83 6.77
C ARG A 268 10.17 55.25 5.34
N LYS A 269 11.44 55.35 5.01
CA LYS A 269 11.88 55.55 3.65
C LYS A 269 12.37 54.22 3.10
N SER A 270 12.80 54.23 1.84
CA SER A 270 13.37 53.06 1.21
C SER A 270 14.72 53.43 0.63
N ILE A 271 15.62 52.46 0.60
CA ILE A 271 16.96 52.65 0.05
C ILE A 271 17.22 51.53 -0.94
N HIS A 272 17.45 51.88 -2.19
CA HIS A 272 17.67 50.87 -3.22
C HIS A 272 19.11 50.40 -3.16
N ILE A 273 19.32 49.17 -2.67
CA ILE A 273 20.64 48.57 -2.65
C ILE A 273 20.70 47.32 -3.52
N GLY A 274 19.68 46.47 -3.47
CA GLY A 274 19.59 45.34 -4.35
C GLY A 274 18.95 45.76 -5.64
N PRO A 275 19.51 45.33 -6.76
CA PRO A 275 19.01 45.77 -8.06
C PRO A 275 17.65 45.16 -8.35
N GLY A 276 16.62 45.79 -7.80
CA GLY A 276 15.30 45.22 -7.70
C GLY A 276 14.89 44.89 -6.28
N ARG A 277 15.73 45.22 -5.29
CA ARG A 277 15.49 44.89 -3.90
C ARG A 277 15.78 46.12 -3.05
N ALA A 278 14.73 46.73 -2.50
CA ALA A 278 14.88 47.97 -1.76
C ALA A 278 15.06 47.69 -0.27
N PHE A 279 16.00 48.40 0.34
CA PHE A 279 16.21 48.32 1.78
C PHE A 279 15.36 49.34 2.50
N TYR A 280 14.75 48.91 3.60
CA TYR A 280 13.81 49.73 4.34
C TYR A 280 14.40 50.14 5.66
N THR A 281 14.28 51.42 5.99
CA THR A 281 14.78 51.94 7.25
C THR A 281 13.86 53.05 7.72
N THR A 282 14.14 53.52 8.92
CA THR A 282 13.37 54.61 9.52
C THR A 282 13.64 55.90 8.78
N GLY A 283 12.62 56.42 8.10
CA GLY A 283 12.76 57.67 7.37
C GLY A 283 12.92 58.82 8.31
N GLU A 284 11.86 59.15 9.05
CA GLU A 284 11.94 60.13 10.13
C GLU A 284 10.74 59.91 11.04
N ILE A 285 10.98 60.05 12.33
CA ILE A 285 9.91 60.02 13.31
C ILE A 285 9.17 61.35 13.28
N ILE A 286 7.87 61.31 13.54
CA ILE A 286 7.04 62.50 13.61
C ILE A 286 6.40 62.59 14.99
N GLY A 287 6.58 63.74 15.64
CA GLY A 287 5.99 63.96 16.93
C GLY A 287 7.02 64.13 18.01
N ASP A 288 6.92 63.31 19.05
CA ASP A 288 7.80 63.40 20.21
C ASP A 288 8.41 62.04 20.50
N ILE A 289 9.69 62.03 20.82
CA ILE A 289 10.39 60.79 21.11
C ILE A 289 9.91 60.29 22.45
N ARG A 290 9.03 59.31 22.42
CA ARG A 290 8.39 58.76 23.60
C ARG A 290 8.69 57.28 23.67
N GLN A 291 9.23 56.83 24.80
CA GLN A 291 9.70 55.46 24.90
C GLN A 291 8.54 54.47 24.94
N ALA A 292 8.73 53.34 24.27
CA ALA A 292 7.76 52.28 24.31
C ALA A 292 7.74 51.65 25.70
N HIS A 293 6.55 51.23 26.13
CA HIS A 293 6.37 50.73 27.48
C HIS A 293 5.22 49.75 27.48
N CYS A 294 4.81 49.33 28.67
CA CYS A 294 3.64 48.49 28.82
C CYS A 294 2.83 48.95 30.02
N ASN A 295 1.58 48.51 30.07
CA ASN A 295 0.73 48.75 31.23
C ASN A 295 0.16 47.45 31.75
N ILE A 296 0.21 47.30 33.06
CA ILE A 296 -0.31 46.13 33.77
C ILE A 296 -1.17 46.63 34.91
N SER A 297 -2.36 46.04 35.06
CA SER A 297 -3.22 46.34 36.20
C SER A 297 -2.57 45.91 37.50
N GLY A 298 -2.30 46.90 38.36
CA GLY A 298 -1.58 46.64 39.60
C GLY A 298 -2.35 45.79 40.59
N THR A 299 -3.67 45.70 40.45
CA THR A 299 -4.45 44.94 41.41
C THR A 299 -4.40 43.45 41.13
N LYS A 300 -4.64 43.06 39.87
CA LYS A 300 -4.73 41.66 39.51
C LYS A 300 -3.40 40.95 39.63
N TRP A 301 -2.31 41.67 39.38
CA TRP A 301 -0.98 41.08 39.47
C TRP A 301 -0.63 40.73 40.90
N ASN A 302 -1.00 41.60 41.84
CA ASN A 302 -0.71 41.36 43.24
C ASN A 302 -1.54 40.19 43.77
N ASP A 303 -2.78 40.09 43.30
CA ASP A 303 -3.67 39.02 43.73
C ASP A 303 -3.22 37.68 43.19
N THR A 304 -2.54 37.70 42.05
CA THR A 304 -2.21 36.47 41.36
C THR A 304 -1.04 35.76 42.03
N LEU A 305 -0.05 36.53 42.48
CA LEU A 305 1.19 35.95 42.96
C LEU A 305 1.00 35.21 44.28
N LYS A 306 0.07 35.70 45.12
CA LYS A 306 -0.23 35.00 46.37
C LYS A 306 -0.83 33.63 46.10
N GLN A 307 -1.62 33.52 45.03
CA GLN A 307 -2.22 32.26 44.66
C GLN A 307 -1.17 31.26 44.19
N ILE A 308 -0.05 31.77 43.69
CA ILE A 308 1.04 30.89 43.29
C ILE A 308 1.73 30.31 44.52
N VAL A 309 1.96 31.17 45.52
CA VAL A 309 2.77 30.82 46.69
C VAL A 309 2.11 29.71 47.51
N VAL A 310 0.77 29.68 47.52
CA VAL A 310 0.05 28.62 48.21
C VAL A 310 0.35 27.26 47.59
N LYS A 311 0.39 27.21 46.25
CA LYS A 311 0.81 25.99 45.59
C LYS A 311 2.31 25.77 45.70
N LEU A 312 3.07 26.85 45.83
CA LEU A 312 4.50 26.70 46.11
C LEU A 312 4.72 26.14 47.50
N LYS A 313 3.91 26.56 48.47
CA LYS A 313 4.01 26.03 49.82
C LYS A 313 3.31 24.69 50.00
N GLU A 314 2.94 24.02 48.91
CA GLU A 314 2.63 22.60 48.97
C GLU A 314 3.73 21.76 48.34
N GLN A 315 4.79 22.40 47.85
CA GLN A 315 6.01 21.71 47.45
C GLN A 315 7.25 22.31 48.06
N PHE A 316 7.18 23.53 48.56
CA PHE A 316 8.22 24.19 49.33
C PHE A 316 7.63 24.77 50.59
N GLY A 317 6.89 23.94 51.32
CA GLY A 317 6.08 24.44 52.41
C GLY A 317 6.82 24.77 53.69
N ASN A 318 7.85 25.64 53.59
CA ASN A 318 8.52 26.50 54.57
C ASN A 318 9.65 27.21 53.84
N LYS A 319 10.37 28.10 54.54
CA LYS A 319 11.47 28.92 53.99
C LYS A 319 10.95 29.76 52.81
N THR A 320 10.10 30.72 53.18
CA THR A 320 9.08 31.34 52.34
C THR A 320 9.53 31.87 50.98
N ILE A 321 8.57 32.01 50.08
CA ILE A 321 8.84 32.22 48.67
C ILE A 321 9.30 33.65 48.43
N VAL A 322 10.39 33.81 47.70
CA VAL A 322 10.98 35.11 47.42
C VAL A 322 11.06 35.30 45.91
N PHE A 323 10.60 36.44 45.43
CA PHE A 323 10.77 36.83 44.03
C PHE A 323 11.94 37.78 43.92
N ASN A 324 12.83 37.50 42.97
CA ASN A 324 13.94 38.38 42.64
C ASN A 324 14.10 38.29 41.14
N HIS A 325 14.47 39.40 40.51
CA HIS A 325 14.57 39.40 39.06
C HIS A 325 15.85 38.72 38.62
N SER A 326 15.83 38.17 37.41
CA SER A 326 16.94 37.39 36.88
C SER A 326 18.17 38.24 36.59
N ASP A 330 24.32 41.38 30.13
CA ASP A 330 23.81 40.86 28.87
C ASP A 330 22.40 41.41 28.65
N PRO A 331 22.21 42.17 27.57
CA PRO A 331 20.89 42.76 27.32
C PRO A 331 19.83 41.75 26.90
N GLU A 332 20.21 40.68 26.22
CA GLU A 332 19.21 39.80 25.61
C GLU A 332 18.53 38.89 26.62
N ILE A 333 19.31 38.03 27.29
CA ILE A 333 18.72 36.91 28.02
C ILE A 333 18.08 37.36 29.32
N VAL A 334 18.50 38.49 29.87
CA VAL A 334 17.97 38.96 31.15
C VAL A 334 16.61 39.63 30.96
N MET A 335 16.45 40.32 29.84
CA MET A 335 15.26 41.13 29.61
C MET A 335 14.07 40.23 29.28
N HIS A 336 12.87 40.74 29.55
CA HIS A 336 11.68 40.14 28.98
C HIS A 336 11.59 40.47 27.50
N SER A 337 11.16 39.50 26.71
CA SER A 337 11.11 39.62 25.25
C SER A 337 9.77 39.13 24.73
N PHE A 338 9.26 39.81 23.70
CA PHE A 338 8.09 39.36 22.95
C PHE A 338 8.01 40.14 21.65
N ASN A 339 7.04 39.75 20.83
CA ASN A 339 6.72 40.41 19.58
C ASN A 339 5.38 41.12 19.74
N CYS A 340 5.23 42.23 19.01
CA CYS A 340 3.99 43.00 19.01
C CYS A 340 3.75 43.54 17.61
N GLY A 341 2.89 42.86 16.86
CA GLY A 341 2.50 43.31 15.54
C GLY A 341 3.64 43.32 14.54
N GLY A 342 4.46 42.29 14.54
CA GLY A 342 5.65 42.31 13.73
C GLY A 342 6.69 43.27 14.24
N GLU A 343 6.71 43.50 15.54
CA GLU A 343 7.71 44.38 16.11
C GLU A 343 8.09 43.87 17.50
N PHE A 344 9.39 43.75 17.72
CA PHE A 344 9.91 43.01 18.85
C PHE A 344 10.29 43.94 19.99
N PHE A 345 9.76 43.66 21.17
CA PHE A 345 9.93 44.49 22.35
C PHE A 345 10.80 43.78 23.37
N TYR A 346 11.72 44.53 23.97
CA TYR A 346 12.49 44.07 25.11
C TYR A 346 12.13 44.95 26.30
N CYS A 347 11.51 44.36 27.32
CA CYS A 347 10.90 45.12 28.39
C CYS A 347 11.53 44.79 29.72
N ASN A 348 11.82 45.82 30.51
CA ASN A 348 12.42 45.68 31.84
C ASN A 348 11.32 45.28 32.80
N SER A 349 11.34 44.02 33.23
CA SER A 349 10.32 43.48 34.12
C SER A 349 10.85 43.35 35.55
N THR A 350 11.68 44.31 35.96
CA THR A 350 12.27 44.29 37.29
C THR A 350 11.23 44.46 38.37
N GLN A 351 10.18 45.22 38.09
CA GLN A 351 9.21 45.60 39.11
C GLN A 351 8.39 44.43 39.60
N LEU A 352 8.20 43.42 38.76
CA LEU A 352 7.27 42.35 39.06
C LEU A 352 7.90 41.23 39.85
N PHE A 353 9.10 41.43 40.37
CA PHE A 353 9.82 40.37 41.08
C PHE A 353 10.46 40.92 42.34
N ASN A 354 9.67 41.64 43.14
CA ASN A 354 10.20 42.36 44.29
C ASN A 354 9.82 41.75 45.63
N SER A 355 8.62 41.18 45.74
N SER A 355 8.62 41.18 45.74
CA SER A 355 8.05 40.86 47.05
CA SER A 355 8.05 40.86 47.05
C SER A 355 8.47 39.49 47.56
C SER A 355 8.47 39.49 47.56
N THR A 356 8.00 39.17 48.76
CA THR A 356 8.06 37.82 49.32
C THR A 356 6.79 37.68 50.16
N TRP A 357 6.56 36.49 50.71
CA TRP A 357 5.32 36.29 51.46
C TRP A 357 5.54 35.55 52.77
N ASN A 358 6.59 35.93 53.50
CA ASN A 358 6.71 35.82 54.94
C ASN A 358 6.59 34.39 55.48
N GLY A 370 -1.78 51.34 41.12
CA GLY A 370 -2.88 51.40 40.17
C GLY A 370 -2.60 50.64 38.90
N THR A 371 -1.90 51.29 37.97
CA THR A 371 -1.55 50.70 36.68
C THR A 371 -0.04 50.64 36.59
N ILE A 372 0.51 49.43 36.63
CA ILE A 372 1.95 49.24 36.63
C ILE A 372 2.51 49.51 35.25
N VAL A 373 3.52 50.37 35.17
CA VAL A 373 4.17 50.76 33.93
C VAL A 373 5.54 50.11 33.89
N LEU A 374 5.81 49.33 32.83
CA LEU A 374 7.13 48.75 32.66
C LEU A 374 7.81 49.37 31.46
N PRO A 375 9.07 49.79 31.57
CA PRO A 375 9.76 50.40 30.44
C PRO A 375 10.20 49.33 29.45
N CYS A 376 10.28 49.72 28.18
CA CYS A 376 10.57 48.77 27.12
C CYS A 376 11.55 49.36 26.13
N ARG A 377 12.43 48.51 25.61
CA ARG A 377 13.41 48.87 24.61
C ARG A 377 13.14 48.10 23.33
N ILE A 378 13.61 48.62 22.21
CA ILE A 378 13.31 48.08 20.89
C ILE A 378 14.62 47.75 20.18
N LYS A 379 14.76 46.48 19.79
CA LYS A 379 15.88 46.00 19.00
C LYS A 379 15.36 45.53 17.66
N GLN A 380 16.10 45.80 16.58
CA GLN A 380 15.68 45.38 15.25
C GLN A 380 16.55 44.30 14.64
N ILE A 381 17.48 43.74 15.38
CA ILE A 381 18.29 42.63 14.89
C ILE A 381 18.04 41.48 15.86
N VAL A 382 17.10 40.63 15.51
CA VAL A 382 16.75 39.51 16.37
C VAL A 382 17.75 38.41 16.14
N ASN A 383 17.73 37.39 16.97
CA ASN A 383 18.63 36.28 16.82
C ASN A 383 17.79 35.01 16.71
N MET A 384 18.45 33.86 16.62
CA MET A 384 17.74 32.61 16.42
C MET A 384 17.37 32.02 17.78
N TRP A 385 16.97 30.76 17.74
CA TRP A 385 16.69 29.98 18.93
C TRP A 385 17.98 29.37 19.47
N GLN A 386 18.77 28.80 18.56
CA GLN A 386 20.16 28.43 18.79
C GLN A 386 21.08 29.65 18.71
N GLU A 387 20.55 30.78 18.23
CA GLU A 387 21.14 32.14 18.19
C GLU A 387 22.52 32.20 17.53
N VAL A 388 22.88 31.22 16.71
CA VAL A 388 24.13 31.20 15.96
C VAL A 388 23.82 30.84 14.52
N GLY A 389 24.38 31.58 13.58
CA GLY A 389 24.36 31.20 12.19
C GLY A 389 23.41 31.99 11.33
N LYS A 390 22.56 32.82 11.94
CA LYS A 390 21.59 33.58 11.19
C LYS A 390 21.15 34.75 12.06
N ALA A 391 20.85 35.88 11.42
CA ALA A 391 20.41 37.05 12.16
C ALA A 391 19.41 37.80 11.31
N MET A 392 18.15 37.78 11.71
CA MET A 392 17.11 38.42 10.93
C MET A 392 17.00 39.88 11.34
N TYR A 393 16.73 40.74 10.37
CA TYR A 393 16.59 42.17 10.57
C TYR A 393 15.16 42.58 10.32
N ALA A 394 14.57 43.23 11.28
CA ALA A 394 13.18 43.60 11.10
C ALA A 394 13.07 44.85 10.25
N PRO A 395 12.07 44.95 9.39
CA PRO A 395 11.81 46.19 8.70
C PRO A 395 11.04 47.13 9.60
N PRO A 396 11.12 48.44 9.38
CA PRO A 396 10.30 49.37 10.17
C PRO A 396 8.86 49.37 9.71
N ILE A 397 7.98 49.74 10.63
CA ILE A 397 6.53 49.72 10.39
C ILE A 397 6.00 51.13 10.60
N LYS A 398 5.35 51.66 9.57
CA LYS A 398 4.69 52.96 9.65
C LYS A 398 3.52 52.93 10.64
N GLY A 399 3.18 54.11 11.15
CA GLY A 399 2.06 54.23 12.06
C GLY A 399 2.43 53.91 13.50
N GLN A 400 1.39 53.81 14.32
CA GLN A 400 1.53 53.54 15.74
C GLN A 400 0.97 52.15 16.04
N ILE A 401 1.63 51.41 16.92
CA ILE A 401 1.32 50.01 17.16
C ILE A 401 0.69 49.86 18.54
N ARG A 402 -0.51 49.29 18.57
CA ARG A 402 -1.18 48.88 19.79
C ARG A 402 -1.36 47.38 19.77
N CYS A 403 -1.04 46.72 20.87
CA CYS A 403 -1.38 45.32 21.01
C CYS A 403 -1.73 45.03 22.46
N SER A 404 -2.73 44.20 22.66
CA SER A 404 -3.12 43.72 23.98
C SER A 404 -3.13 42.20 23.96
N SER A 405 -2.86 41.60 25.11
CA SER A 405 -2.77 40.15 25.16
C SER A 405 -3.01 39.68 26.59
N ASN A 406 -3.51 38.46 26.72
CA ASN A 406 -3.69 37.85 28.02
C ASN A 406 -2.40 37.17 28.47
N ILE A 407 -1.84 37.65 29.57
CA ILE A 407 -0.70 36.97 30.18
C ILE A 407 -1.26 35.81 30.99
N THR A 408 -0.99 34.58 30.55
CA THR A 408 -1.44 33.42 31.29
C THR A 408 -0.32 32.48 31.68
N GLY A 409 0.90 32.74 31.26
CA GLY A 409 1.97 31.79 31.54
C GLY A 409 3.19 32.42 32.14
N LEU A 410 3.74 31.80 33.17
CA LEU A 410 4.91 32.30 33.86
C LEU A 410 5.96 31.21 33.91
N ILE A 411 7.20 31.59 33.59
CA ILE A 411 8.36 30.72 33.71
C ILE A 411 9.12 31.13 34.96
N LEU A 412 9.42 30.15 35.82
CA LEU A 412 10.17 30.41 37.05
C LEU A 412 11.25 29.35 37.21
N ILE A 413 12.35 29.72 37.86
CA ILE A 413 13.39 28.76 38.21
C ILE A 413 13.75 28.94 39.67
N ARG A 414 14.03 27.84 40.34
CA ARG A 414 14.51 27.87 41.70
C ARG A 414 16.03 28.05 41.72
N ASP A 415 16.57 28.28 42.92
CA ASP A 415 18.02 28.38 43.09
C ASP A 415 18.57 27.43 44.15
N GLY A 416 17.83 27.18 45.22
CA GLY A 416 18.25 26.23 46.24
C GLY A 416 19.44 26.66 47.06
N THR A 423 15.90 31.10 52.60
CA THR A 423 14.58 30.87 52.02
C THR A 423 14.66 30.70 50.51
N GLU A 424 13.60 30.18 49.92
CA GLU A 424 13.59 29.84 48.50
C GLU A 424 13.40 31.10 47.66
N ILE A 425 14.31 31.31 46.72
CA ILE A 425 14.25 32.46 45.82
C ILE A 425 13.98 31.97 44.41
N PHE A 426 13.14 32.70 43.69
CA PHE A 426 12.68 32.30 42.36
C PHE A 426 13.02 33.38 41.34
N ARG A 427 13.84 33.02 40.39
CA ARG A 427 14.12 33.85 39.23
C ARG A 427 13.21 33.43 38.08
N PRO A 428 12.98 34.33 37.10
CA PRO A 428 12.19 33.94 35.93
C PRO A 428 12.81 32.83 35.10
N GLY A 429 14.03 33.01 34.64
CA GLY A 429 14.71 31.96 33.93
C GLY A 429 15.31 32.46 32.64
N GLY A 430 15.87 31.52 31.88
CA GLY A 430 16.63 31.85 30.69
C GLY A 430 15.78 32.08 29.46
N GLY A 431 16.14 31.41 28.37
CA GLY A 431 15.44 31.63 27.11
C GLY A 431 15.22 30.40 26.26
N ASP A 432 15.15 29.22 26.88
CA ASP A 432 14.96 27.99 26.13
C ASP A 432 13.53 27.98 25.59
N MET A 433 13.39 28.33 24.32
CA MET A 433 12.09 28.57 23.69
C MET A 433 11.28 27.29 23.52
N ARG A 434 11.93 26.14 23.59
CA ARG A 434 11.27 24.86 23.44
C ARG A 434 10.29 24.59 24.58
N ASP A 435 10.56 25.18 25.74
CA ASP A 435 9.73 24.99 26.92
C ASP A 435 8.37 25.65 26.79
N ASN A 436 8.17 26.51 25.80
CA ASN A 436 6.88 27.17 25.61
C ASN A 436 5.80 26.16 25.30
N TRP A 437 6.07 25.27 24.35
CA TRP A 437 5.02 24.38 23.89
C TRP A 437 4.82 23.19 24.80
N ARG A 438 5.73 22.95 25.75
CA ARG A 438 5.50 21.94 26.77
C ARG A 438 4.36 22.33 27.69
N SER A 439 4.06 23.62 27.78
CA SER A 439 2.87 24.11 28.46
C SER A 439 1.63 24.04 27.58
N GLU A 440 1.74 23.52 26.37
CA GLU A 440 0.61 23.43 25.48
C GLU A 440 0.40 22.05 24.89
N LEU A 441 1.30 21.10 25.15
CA LEU A 441 1.12 19.74 24.66
C LEU A 441 1.07 18.76 25.82
N TYR A 442 0.77 19.25 27.02
CA TYR A 442 0.91 18.49 28.24
C TYR A 442 -0.26 17.58 28.51
N LYS A 443 -1.09 17.31 27.51
CA LYS A 443 -2.14 16.32 27.65
C LYS A 443 -2.16 15.34 26.48
N TYR A 444 -1.20 15.43 25.57
CA TYR A 444 -1.32 14.79 24.27
C TYR A 444 -0.21 13.78 24.04
N LYS A 445 -0.59 12.56 23.68
CA LYS A 445 0.34 11.58 23.18
C LYS A 445 -0.22 11.02 21.89
N VAL A 446 0.60 10.27 21.17
CA VAL A 446 0.26 9.77 19.84
C VAL A 446 0.27 8.25 19.88
N VAL A 447 -0.77 7.63 19.32
CA VAL A 447 -0.85 6.19 19.35
C VAL A 447 -0.91 5.62 17.95
N LYS A 448 -1.04 4.31 17.85
CA LYS A 448 -1.16 3.62 16.57
C LYS A 448 -2.29 2.62 16.67
N ILE A 449 -3.43 2.92 16.03
CA ILE A 449 -4.54 1.99 16.04
C ILE A 449 -4.21 0.81 15.15
N GLU A 450 -4.20 -0.39 15.72
CA GLU A 450 -3.81 -1.61 15.02
C GLU A 450 -4.99 -2.59 15.07
N PRO A 451 -6.03 -2.33 14.32
CA PRO A 451 -7.35 -2.92 14.60
C PRO A 451 -7.49 -4.40 14.28
N LEU A 452 -6.40 -5.07 13.95
CA LEU A 452 -6.44 -6.48 13.58
C LEU A 452 -5.87 -7.31 14.72
N GLY A 453 -6.59 -8.36 15.09
CA GLY A 453 -6.11 -9.23 16.15
C GLY A 453 -6.99 -10.47 16.23
N ILE A 454 -6.47 -11.48 16.91
CA ILE A 454 -7.11 -12.79 16.94
C ILE A 454 -7.48 -13.17 18.36
N ALA A 455 -8.37 -14.16 18.47
CA ALA A 455 -8.77 -14.71 19.76
C ALA A 455 -9.34 -16.09 19.52
N PRO A 456 -9.19 -17.01 20.47
CA PRO A 456 -9.74 -18.36 20.29
C PRO A 456 -11.18 -18.50 20.71
N THR A 457 -11.90 -19.38 20.00
CA THR A 457 -13.25 -19.75 20.36
C THR A 457 -13.55 -21.13 19.82
N LYS A 458 -14.78 -21.60 20.07
CA LYS A 458 -15.19 -22.95 19.76
C LYS A 458 -15.55 -23.16 18.30
N ALA A 459 -15.76 -22.11 17.52
CA ALA A 459 -16.33 -22.26 16.20
C ALA A 459 -15.25 -22.39 15.14
N LYS A 460 -15.33 -23.48 14.36
CA LYS A 460 -14.42 -23.73 13.26
C LYS A 460 -15.11 -23.37 11.95
N ARG A 461 -14.36 -22.76 11.03
CA ARG A 461 -14.85 -22.65 9.66
C ARG A 461 -15.01 -24.03 9.05
N ARG A 462 -16.19 -24.31 8.52
CA ARG A 462 -16.38 -25.52 7.74
C ARG A 462 -15.58 -25.38 6.45
N VAL A 463 -14.68 -26.32 6.22
CA VAL A 463 -13.83 -26.29 5.04
C VAL A 463 -14.64 -26.61 3.79
N GLN B 3 -43.93 -2.35 -4.29
CA GLN B 3 -43.26 -1.20 -3.69
C GLN B 3 -41.97 -0.87 -4.42
N LEU B 4 -41.15 -0.03 -3.79
CA LEU B 4 -39.96 0.53 -4.42
C LEU B 4 -38.78 0.39 -3.46
N TRP B 5 -37.86 -0.49 -3.78
CA TRP B 5 -36.65 -0.64 -2.97
C TRP B 5 -35.44 -0.10 -3.73
N VAL B 6 -34.50 0.45 -2.96
CA VAL B 6 -33.46 1.32 -3.48
C VAL B 6 -32.23 0.48 -3.82
N THR B 7 -32.06 0.16 -5.10
CA THR B 7 -30.93 -0.65 -5.52
C THR B 7 -29.70 0.22 -5.74
N VAL B 8 -28.59 -0.21 -5.15
CA VAL B 8 -27.31 0.46 -5.27
C VAL B 8 -26.72 0.16 -6.64
N TYR B 9 -26.15 1.18 -7.28
CA TYR B 9 -25.50 1.05 -8.58
C TYR B 9 -24.10 1.61 -8.49
N TYR B 10 -23.10 0.77 -8.69
CA TYR B 10 -21.73 1.23 -8.76
C TYR B 10 -21.24 1.18 -10.20
N GLY B 11 -20.56 2.23 -10.62
CA GLY B 11 -20.07 2.33 -11.98
C GLY B 11 -20.93 3.16 -12.91
N VAL B 12 -21.84 3.95 -12.39
CA VAL B 12 -22.68 4.79 -13.26
C VAL B 12 -21.85 5.98 -13.74
N PRO B 13 -21.81 6.24 -15.03
CA PRO B 13 -21.01 7.35 -15.60
C PRO B 13 -21.64 8.74 -15.51
N VAL B 14 -21.47 9.40 -14.36
CA VAL B 14 -21.83 10.80 -14.23
C VAL B 14 -20.61 11.56 -13.76
N TRP B 15 -20.71 12.89 -13.78
CA TRP B 15 -19.55 13.70 -13.44
C TRP B 15 -19.95 15.07 -12.93
N LYS B 16 -19.13 15.58 -12.02
CA LYS B 16 -19.13 16.99 -11.66
C LYS B 16 -18.23 17.75 -12.63
N GLU B 17 -17.90 18.99 -12.28
CA GLU B 17 -16.75 19.68 -12.85
C GLU B 17 -15.73 19.91 -11.74
N ALA B 18 -14.48 19.57 -12.00
CA ALA B 18 -13.44 19.70 -10.99
C ALA B 18 -12.28 20.49 -11.52
N THR B 19 -11.69 21.30 -10.67
CA THR B 19 -10.42 21.94 -10.95
C THR B 19 -9.31 21.08 -10.37
N THR B 20 -8.42 20.58 -11.21
CA THR B 20 -7.43 19.64 -10.75
C THR B 20 -6.16 19.79 -11.57
N THR B 21 -5.28 18.82 -11.41
CA THR B 21 -3.95 18.85 -11.98
C THR B 21 -3.86 17.82 -13.11
N LEU B 22 -3.36 18.26 -14.26
CA LEU B 22 -3.11 17.38 -15.37
C LEU B 22 -1.62 17.05 -15.39
N PHE B 23 -1.18 16.34 -16.42
CA PHE B 23 0.24 16.05 -16.57
C PHE B 23 0.60 16.11 -18.04
N CYS B 24 1.76 16.69 -18.33
CA CYS B 24 2.13 16.95 -19.71
C CYS B 24 2.84 15.75 -20.30
N ALA B 25 2.54 15.47 -21.57
CA ALA B 25 3.18 14.40 -22.32
C ALA B 25 3.67 14.97 -23.64
N SER B 26 4.98 14.92 -23.85
CA SER B 26 5.61 15.49 -25.02
C SER B 26 6.19 14.40 -25.90
N ASP B 27 6.03 14.56 -27.20
CA ASP B 27 6.65 13.64 -28.15
C ASP B 27 8.17 13.82 -28.14
N ALA B 28 8.87 12.75 -28.48
CA ALA B 28 10.33 12.79 -28.56
C ALA B 28 10.85 12.17 -29.85
N VAL B 35 17.78 17.36 -28.35
CA VAL B 35 18.34 16.81 -27.11
C VAL B 35 18.60 17.96 -26.13
N HIS B 36 18.39 17.67 -24.83
CA HIS B 36 18.52 18.62 -23.73
C HIS B 36 17.63 19.85 -23.93
N ASN B 37 16.44 19.60 -24.47
CA ASN B 37 15.43 20.63 -24.42
C ASN B 37 14.82 20.68 -23.04
N VAL B 38 14.39 21.88 -22.63
CA VAL B 38 13.76 22.01 -21.34
C VAL B 38 12.37 21.42 -21.35
N TRP B 39 11.74 21.31 -22.51
CA TRP B 39 10.45 20.68 -22.63
C TRP B 39 10.53 19.20 -22.97
N ALA B 40 11.74 18.66 -23.17
CA ALA B 40 11.88 17.31 -23.68
C ALA B 40 11.48 16.26 -22.67
N THR B 41 12.23 16.18 -21.57
CA THR B 41 11.88 15.25 -20.50
C THR B 41 12.04 15.84 -19.10
N HIS B 42 12.75 16.95 -18.94
CA HIS B 42 12.93 17.57 -17.64
C HIS B 42 11.69 18.33 -17.18
N ALA B 43 10.68 18.42 -18.02
CA ALA B 43 9.37 18.93 -17.65
C ALA B 43 8.26 17.91 -17.83
N CYS B 44 8.36 17.02 -18.80
CA CYS B 44 7.26 16.18 -19.22
C CYS B 44 7.70 14.72 -19.30
N VAL B 45 6.73 13.85 -19.54
CA VAL B 45 6.98 12.42 -19.73
C VAL B 45 7.23 12.22 -21.21
N PRO B 46 7.91 11.13 -21.62
CA PRO B 46 8.25 10.98 -23.04
C PRO B 46 7.10 10.65 -23.97
N THR B 47 7.48 10.23 -25.19
CA THR B 47 6.68 10.31 -26.41
C THR B 47 5.27 9.74 -26.29
N ASP B 48 4.36 10.33 -27.07
CA ASP B 48 2.97 9.96 -27.07
C ASP B 48 2.75 8.85 -28.08
N PRO B 49 2.28 7.68 -27.66
CA PRO B 49 2.02 6.61 -28.63
C PRO B 49 0.80 6.85 -29.52
N ASN B 50 -0.32 7.26 -28.93
CA ASN B 50 -1.58 7.37 -29.66
C ASN B 50 -2.57 8.19 -28.87
N PRO B 51 -3.22 9.18 -29.47
CA PRO B 51 -4.42 9.76 -28.86
C PRO B 51 -5.66 9.01 -29.29
N GLN B 52 -6.63 8.99 -28.39
CA GLN B 52 -7.85 8.21 -28.59
C GLN B 52 -9.04 9.14 -28.67
N GLU B 53 -10.20 8.58 -29.02
CA GLU B 53 -11.44 9.34 -29.00
C GLU B 53 -12.63 8.40 -28.98
N VAL B 54 -13.56 8.64 -28.05
CA VAL B 54 -14.87 8.02 -28.06
C VAL B 54 -15.90 9.13 -28.18
N VAL B 55 -16.70 9.09 -29.22
CA VAL B 55 -17.73 10.10 -29.47
C VAL B 55 -19.04 9.61 -28.87
N LEU B 56 -19.76 10.51 -28.21
CA LEU B 56 -20.89 10.12 -27.38
C LEU B 56 -22.20 10.54 -28.04
N GLU B 57 -23.24 9.76 -27.78
CA GLU B 57 -24.43 9.88 -28.63
C GLU B 57 -25.37 10.99 -28.20
N ASN B 58 -26.02 10.84 -27.05
CA ASN B 58 -27.18 11.66 -26.71
C ASN B 58 -26.76 12.45 -25.47
N VAL B 59 -25.97 13.50 -25.65
CA VAL B 59 -25.37 14.18 -24.50
C VAL B 59 -25.29 15.67 -24.81
N THR B 60 -25.79 16.51 -23.91
CA THR B 60 -25.57 17.94 -23.96
C THR B 60 -24.73 18.38 -22.78
N GLU B 61 -23.90 19.40 -23.00
CA GLU B 61 -22.98 19.88 -21.97
C GLU B 61 -22.56 21.30 -22.27
N ASN B 62 -22.61 22.15 -21.24
CA ASN B 62 -22.15 23.52 -21.39
C ASN B 62 -20.63 23.56 -21.45
N PHE B 63 -20.12 24.71 -21.89
CA PHE B 63 -18.69 24.93 -21.98
C PHE B 63 -18.38 26.39 -21.75
N ASN B 64 -17.17 26.67 -21.30
CA ASN B 64 -16.65 28.02 -21.29
C ASN B 64 -15.15 27.96 -21.45
N MET B 65 -14.64 28.93 -22.20
CA MET B 65 -13.21 29.13 -22.35
C MET B 65 -12.71 30.31 -21.53
N TRP B 66 -13.57 30.94 -20.74
CA TRP B 66 -13.10 31.99 -19.85
C TRP B 66 -13.18 31.62 -18.38
N LYS B 67 -14.07 30.70 -17.99
CA LYS B 67 -14.00 30.07 -16.67
C LYS B 67 -13.17 28.80 -16.68
N ASN B 68 -12.20 28.70 -17.57
CA ASN B 68 -11.42 27.49 -17.73
C ASN B 68 -10.12 27.62 -16.95
N ASN B 69 -9.59 26.48 -16.54
CA ASN B 69 -8.40 26.38 -15.72
C ASN B 69 -7.22 25.76 -16.44
N MET B 70 -7.46 24.97 -17.49
CA MET B 70 -6.38 24.51 -18.35
C MET B 70 -5.65 25.68 -18.97
N VAL B 71 -6.39 26.74 -19.30
CA VAL B 71 -5.75 27.95 -19.77
C VAL B 71 -5.06 28.67 -18.63
N GLU B 72 -5.48 28.46 -17.39
CA GLU B 72 -4.69 28.93 -16.27
C GLU B 72 -3.58 27.97 -15.93
N GLN B 73 -3.61 26.76 -16.48
CA GLN B 73 -2.63 25.76 -16.08
C GLN B 73 -1.26 26.06 -16.66
N MET B 74 -1.21 26.41 -17.95
CA MET B 74 0.08 26.69 -18.57
C MET B 74 0.70 27.96 -18.01
N HIS B 75 -0.13 28.96 -17.70
CA HIS B 75 0.39 30.21 -17.15
C HIS B 75 0.91 30.03 -15.75
N GLU B 76 0.52 28.96 -15.06
CA GLU B 76 1.13 28.58 -13.80
C GLU B 76 2.18 27.50 -13.97
N ASP B 77 2.47 27.09 -15.20
CA ASP B 77 3.48 26.07 -15.44
C ASP B 77 4.64 26.58 -16.29
N ILE B 78 4.33 27.25 -17.40
CA ILE B 78 5.40 27.79 -18.22
C ILE B 78 6.09 28.95 -17.52
N ILE B 79 5.46 29.54 -16.50
CA ILE B 79 6.17 30.51 -15.67
C ILE B 79 7.26 29.82 -14.85
N SER B 80 7.08 28.54 -14.55
CA SER B 80 8.03 27.86 -13.69
C SER B 80 8.87 26.83 -14.42
N LEU B 81 8.33 26.20 -15.46
CA LEU B 81 9.15 25.29 -16.26
C LEU B 81 10.21 26.03 -17.04
N TRP B 82 9.91 27.27 -17.43
CA TRP B 82 10.96 28.14 -17.93
C TRP B 82 11.91 28.53 -16.80
N ASP B 83 11.38 28.66 -15.60
CA ASP B 83 12.19 29.11 -14.48
C ASP B 83 13.15 28.04 -13.98
N GLN B 84 12.85 26.77 -14.25
CA GLN B 84 13.67 25.67 -13.75
C GLN B 84 15.08 25.69 -14.33
N SER B 85 15.22 26.10 -15.59
CA SER B 85 16.52 26.21 -16.21
C SER B 85 17.07 27.63 -16.11
N LEU B 86 16.71 28.33 -15.05
CA LEU B 86 17.27 29.64 -14.77
C LEU B 86 17.91 29.72 -13.40
N LYS B 87 17.68 28.75 -12.52
CA LYS B 87 18.41 28.71 -11.26
C LYS B 87 19.91 28.46 -11.44
N PRO B 88 20.37 27.39 -12.10
CA PRO B 88 21.82 27.16 -12.11
C PRO B 88 22.58 28.05 -13.09
N CYS B 89 21.89 28.79 -13.96
CA CYS B 89 22.58 29.56 -14.98
C CYS B 89 23.26 30.79 -14.37
N VAL B 90 24.17 31.36 -15.14
CA VAL B 90 25.15 32.30 -14.62
C VAL B 90 24.52 33.67 -14.42
N LYS B 91 24.50 34.13 -13.17
CA LYS B 91 24.05 35.46 -12.86
C LYS B 91 25.14 36.47 -13.23
N LEU B 92 24.71 37.67 -13.61
CA LEU B 92 25.65 38.70 -14.05
C LEU B 92 25.36 39.99 -13.29
N THR B 93 25.92 40.07 -12.12
CA THR B 93 25.98 41.31 -11.36
C THR B 93 27.13 42.25 -11.74
N PRO B 94 28.41 41.84 -11.83
CA PRO B 94 29.49 42.83 -11.87
C PRO B 94 29.59 43.64 -13.15
N LEU B 95 28.78 43.35 -14.16
CA LEU B 95 28.79 44.16 -15.37
C LEU B 95 28.20 45.54 -15.14
N CYS B 96 27.49 45.74 -14.05
CA CYS B 96 26.75 46.97 -13.81
C CYS B 96 27.72 48.07 -13.39
N VAL B 97 28.40 48.64 -14.37
CA VAL B 97 29.36 49.70 -14.12
C VAL B 97 29.15 50.85 -15.09
N THR B 98 30.07 51.81 -15.06
CA THR B 98 30.08 52.91 -16.02
C THR B 98 30.35 52.38 -17.43
N LEU B 99 29.44 52.68 -18.35
CA LEU B 99 29.49 52.09 -19.69
C LEU B 99 29.74 53.17 -20.74
N ASN B 100 31.02 53.45 -20.98
CA ASN B 100 31.48 54.34 -22.05
C ASN B 100 31.25 53.68 -23.40
N CYS B 101 30.11 53.94 -24.03
CA CYS B 101 29.67 53.22 -25.22
C CYS B 101 29.57 54.21 -26.38
N THR B 102 30.44 54.08 -27.36
CA THR B 102 30.45 54.93 -28.54
C THR B 102 30.08 54.11 -29.77
N ASP B 103 29.78 54.83 -30.85
CA ASP B 103 29.15 54.25 -32.03
C ASP B 103 30.07 53.26 -32.75
N LEU B 104 29.46 52.24 -33.34
CA LEU B 104 30.20 51.29 -34.15
C LEU B 104 30.47 51.88 -35.52
N ARG B 105 31.66 51.60 -36.06
CA ARG B 105 31.96 51.96 -37.43
C ARG B 105 31.24 51.02 -38.39
N ASN B 106 31.23 51.40 -39.66
CA ASN B 106 30.55 50.58 -40.66
C ASN B 106 31.42 49.38 -41.01
N GLY B 116 23.75 54.74 -35.30
CA GLY B 116 24.57 54.08 -34.28
C GLY B 116 23.75 53.26 -33.31
N GLU B 117 23.07 52.24 -33.83
CA GLU B 117 22.24 51.36 -33.01
C GLU B 117 23.02 50.19 -32.42
N ILE B 118 24.34 50.15 -32.63
CA ILE B 118 25.22 49.21 -31.96
C ILE B 118 26.42 50.00 -31.45
N LYS B 119 26.72 49.85 -30.17
CA LYS B 119 27.65 50.74 -29.49
C LYS B 119 28.81 49.94 -28.94
N ASN B 120 30.04 50.33 -29.30
CA ASN B 120 31.22 49.72 -28.71
C ASN B 120 31.42 50.30 -27.32
N CYS B 121 31.39 49.43 -26.31
CA CYS B 121 31.44 49.82 -24.91
C CYS B 121 32.81 49.49 -24.31
N SER B 122 33.11 50.15 -23.20
CA SER B 122 34.35 49.96 -22.49
C SER B 122 34.12 50.15 -21.00
N PHE B 123 34.85 49.38 -20.19
CA PHE B 123 34.62 49.27 -18.75
C PHE B 123 35.80 48.56 -18.11
N ASN B 124 35.98 48.80 -16.81
CA ASN B 124 37.09 48.15 -16.09
C ASN B 124 36.79 46.67 -15.90
N ILE B 125 37.84 45.89 -15.58
CA ILE B 125 37.79 44.44 -15.75
C ILE B 125 36.93 43.78 -14.69
N THR B 126 36.21 42.73 -15.10
CA THR B 126 35.56 41.79 -14.19
C THR B 126 36.42 40.55 -14.12
N THR B 127 37.49 40.64 -13.34
CA THR B 127 38.54 39.63 -13.33
C THR B 127 38.38 38.69 -12.14
N SER B 128 39.12 37.58 -12.21
CA SER B 128 39.22 36.67 -11.07
C SER B 128 40.33 37.05 -10.11
N MET B 129 41.27 37.88 -10.55
CA MET B 129 42.37 38.37 -9.74
C MET B 129 41.89 39.18 -8.53
N GLN B 134 42.64 46.49 -16.34
CA GLN B 134 41.24 46.86 -16.50
C GLN B 134 40.96 47.32 -17.92
N LYS B 135 39.94 48.17 -18.07
CA LYS B 135 39.60 48.87 -19.31
C LYS B 135 39.29 47.88 -20.45
N GLU B 136 38.27 47.06 -20.21
CA GLU B 136 37.92 46.01 -21.15
C GLU B 136 36.96 46.56 -22.21
N TYR B 137 36.30 45.67 -22.95
CA TYR B 137 35.56 46.07 -24.13
C TYR B 137 34.35 45.17 -24.30
N ALA B 138 33.31 45.71 -24.93
CA ALA B 138 32.12 44.95 -25.34
C ALA B 138 31.39 45.79 -26.38
N LEU B 139 30.49 45.13 -27.10
CA LEU B 139 29.62 45.83 -28.02
C LEU B 139 28.34 45.03 -28.16
N PHE B 140 27.20 45.72 -28.11
CA PHE B 140 25.92 45.06 -28.05
C PHE B 140 24.84 46.06 -28.46
N TYR B 141 23.58 45.64 -28.30
CA TYR B 141 22.45 46.31 -28.92
C TYR B 141 22.16 47.63 -28.19
N LYS B 142 21.44 48.53 -28.87
CA LYS B 142 21.21 49.86 -28.35
C LYS B 142 20.19 49.88 -27.22
N LEU B 143 19.17 49.04 -27.29
CA LEU B 143 18.03 49.18 -26.38
C LEU B 143 18.25 48.54 -25.03
N ASP B 144 19.49 48.34 -24.60
CA ASP B 144 19.75 47.82 -23.27
C ASP B 144 20.60 48.78 -22.43
N VAL B 145 20.93 49.95 -22.95
CA VAL B 145 21.68 50.94 -22.21
C VAL B 145 20.73 52.04 -21.78
N VAL B 146 21.21 52.91 -20.91
CA VAL B 146 20.42 54.05 -20.46
C VAL B 146 21.39 55.19 -20.20
N PRO B 147 21.07 56.41 -20.61
CA PRO B 147 21.99 57.53 -20.40
C PRO B 147 22.04 58.00 -18.95
N ILE B 148 23.13 58.67 -18.64
CA ILE B 148 23.49 59.13 -17.30
C ILE B 148 24.03 60.55 -17.39
N LYS B 149 24.62 61.05 -16.30
CA LYS B 149 24.92 62.46 -16.10
C LYS B 149 26.11 62.97 -16.92
N ASN B 150 26.62 64.15 -16.54
CA ASN B 150 27.31 65.09 -17.42
C ASN B 150 28.46 64.51 -18.24
N ASP B 151 29.12 63.46 -17.77
CA ASP B 151 30.11 62.80 -18.59
C ASP B 151 29.40 61.99 -19.66
N ASN B 152 29.13 62.64 -20.80
CA ASN B 152 28.31 62.06 -21.85
C ASN B 152 29.06 60.96 -22.60
N THR B 153 28.35 60.36 -23.54
CA THR B 153 28.72 59.10 -24.21
C THR B 153 29.03 58.01 -23.20
N SER B 154 28.19 57.93 -22.15
CA SER B 154 28.36 56.93 -21.11
C SER B 154 27.00 56.42 -20.70
N TYR B 155 26.97 55.17 -20.24
CA TYR B 155 25.70 54.49 -20.06
C TYR B 155 25.76 53.57 -18.85
N ARG B 156 24.74 52.73 -18.73
CA ARG B 156 24.50 51.82 -17.62
C ARG B 156 23.40 50.89 -18.11
N LEU B 157 23.26 49.73 -17.47
CA LEU B 157 22.21 48.81 -17.86
C LEU B 157 20.83 49.34 -17.42
N ILE B 158 19.78 48.71 -17.94
CA ILE B 158 18.43 49.24 -17.73
C ILE B 158 17.72 48.54 -16.59
N SER B 159 18.45 47.70 -15.85
CA SER B 159 17.77 46.96 -14.80
C SER B 159 18.60 46.82 -13.54
N CYS B 160 19.69 47.58 -13.42
CA CYS B 160 20.57 47.46 -12.27
C CYS B 160 19.88 47.85 -10.97
N ASN B 161 19.39 49.09 -10.90
CA ASN B 161 18.74 49.53 -9.68
C ASN B 161 17.31 49.00 -9.55
N THR B 162 16.91 48.06 -10.40
CA THR B 162 15.67 47.33 -10.22
C THR B 162 15.92 45.95 -9.62
N SER B 163 16.68 45.11 -10.32
CA SER B 163 16.76 43.71 -9.93
C SER B 163 17.96 43.02 -10.59
N VAL B 164 17.95 41.69 -10.56
CA VAL B 164 19.04 40.87 -11.06
C VAL B 164 18.80 40.54 -12.53
N ILE B 165 19.86 40.07 -13.16
CA ILE B 165 19.87 39.74 -14.59
C ILE B 165 20.79 38.54 -14.80
N THR B 166 20.28 37.54 -15.51
CA THR B 166 20.93 36.25 -15.64
C THR B 166 20.93 35.84 -17.11
N GLN B 167 22.10 35.48 -17.62
CA GLN B 167 22.13 34.98 -18.99
C GLN B 167 21.61 33.56 -19.04
N ALA B 168 21.14 33.17 -20.21
CA ALA B 168 20.72 31.80 -20.39
C ALA B 168 21.93 30.89 -20.48
N CYS B 169 21.74 29.63 -20.10
CA CYS B 169 22.76 28.63 -20.34
C CYS B 169 22.77 28.31 -21.84
N PRO B 170 23.95 28.18 -22.44
CA PRO B 170 24.02 28.05 -23.91
C PRO B 170 23.52 26.72 -24.42
N LYS B 171 23.47 25.69 -23.57
CA LYS B 171 23.08 24.34 -23.97
C LYS B 171 21.58 24.11 -23.84
N VAL B 172 20.78 25.17 -23.98
CA VAL B 172 19.36 25.15 -23.70
C VAL B 172 18.60 25.37 -24.99
N SER B 173 17.65 24.49 -25.27
CA SER B 173 16.82 24.60 -26.46
C SER B 173 15.64 25.54 -26.19
N PHE B 174 14.92 25.87 -27.25
CA PHE B 174 13.82 26.81 -27.17
C PHE B 174 12.61 26.42 -27.98
N GLU B 175 12.63 25.28 -28.66
CA GLU B 175 11.58 24.99 -29.63
C GLU B 175 10.31 24.61 -28.91
N PRO B 176 9.17 25.24 -29.26
CA PRO B 176 7.89 24.74 -28.78
C PRO B 176 7.63 23.34 -29.30
N ILE B 177 7.14 22.49 -28.42
CA ILE B 177 7.05 21.06 -28.68
C ILE B 177 5.57 20.73 -28.81
N PRO B 178 5.17 19.86 -29.74
CA PRO B 178 3.77 19.43 -29.80
C PRO B 178 3.37 18.61 -28.58
N ILE B 179 3.03 19.32 -27.51
CA ILE B 179 2.71 18.69 -26.24
C ILE B 179 1.35 18.01 -26.33
N HIS B 180 1.10 17.13 -25.36
CA HIS B 180 -0.20 16.47 -25.24
C HIS B 180 -0.57 16.40 -23.77
N TYR B 181 -1.51 17.23 -23.34
CA TYR B 181 -2.09 17.01 -22.02
C TYR B 181 -2.95 15.77 -22.05
N CYS B 182 -2.50 14.73 -21.36
CA CYS B 182 -3.33 13.57 -21.13
C CYS B 182 -4.00 13.71 -19.78
N ALA B 183 -4.84 12.76 -19.42
CA ALA B 183 -5.67 12.98 -18.26
C ALA B 183 -5.42 11.94 -17.18
N PRO B 184 -5.33 12.35 -15.92
CA PRO B 184 -5.04 11.39 -14.84
C PRO B 184 -6.25 10.58 -14.42
N ALA B 185 -6.09 9.81 -13.35
CA ALA B 185 -7.09 8.85 -12.92
C ALA B 185 -8.36 9.53 -12.45
N GLY B 186 -9.49 9.00 -12.90
CA GLY B 186 -10.78 9.53 -12.50
C GLY B 186 -11.19 10.80 -13.20
N PHE B 187 -10.37 11.30 -14.12
CA PHE B 187 -10.59 12.57 -14.77
C PHE B 187 -10.62 12.35 -16.26
N ALA B 188 -11.74 12.65 -16.89
CA ALA B 188 -11.87 12.54 -18.34
C ALA B 188 -11.87 13.93 -18.93
N ILE B 189 -11.16 14.10 -20.04
CA ILE B 189 -11.19 15.35 -20.77
C ILE B 189 -12.26 15.25 -21.84
N LEU B 190 -13.19 16.20 -21.84
CA LEU B 190 -14.24 16.21 -22.84
C LEU B 190 -13.83 17.09 -24.01
N LYS B 191 -14.55 16.94 -25.12
CA LYS B 191 -14.30 17.76 -26.30
C LYS B 191 -15.59 17.89 -27.10
N CYS B 192 -16.12 19.11 -27.18
CA CYS B 192 -17.18 19.39 -28.15
C CYS B 192 -16.62 19.36 -29.57
N ASN B 193 -17.52 19.18 -30.52
CA ASN B 193 -17.09 19.09 -31.91
C ASN B 193 -17.97 19.86 -32.88
N ASP B 194 -18.86 20.72 -32.42
CA ASP B 194 -19.71 21.47 -33.33
C ASP B 194 -18.89 22.55 -34.04
N LYS B 195 -19.06 22.62 -35.35
CA LYS B 195 -18.38 23.65 -36.14
C LYS B 195 -18.91 25.04 -35.83
N LYS B 196 -20.15 25.14 -35.34
CA LYS B 196 -20.82 26.40 -35.04
C LYS B 196 -20.64 26.82 -33.60
N PHE B 197 -19.47 26.57 -33.02
CA PHE B 197 -19.24 26.77 -31.59
C PHE B 197 -18.44 28.03 -31.37
N ASN B 198 -19.07 29.03 -30.74
CA ASN B 198 -18.41 30.23 -30.28
C ASN B 198 -17.72 29.95 -28.95
N GLY B 199 -17.30 31.00 -28.26
CA GLY B 199 -16.54 30.83 -27.02
C GLY B 199 -17.31 30.23 -25.86
N THR B 200 -18.64 30.20 -25.92
CA THR B 200 -19.43 29.78 -24.78
C THR B 200 -20.56 28.84 -25.18
N GLY B 201 -21.47 28.59 -24.24
CA GLY B 201 -22.71 27.93 -24.56
C GLY B 201 -22.59 26.44 -24.58
N PRO B 202 -23.70 25.76 -24.78
CA PRO B 202 -23.71 24.29 -24.77
C PRO B 202 -23.15 23.73 -26.08
N CYS B 203 -23.20 22.41 -26.17
CA CYS B 203 -22.77 21.69 -27.36
C CYS B 203 -23.53 20.38 -27.44
N THR B 204 -23.54 19.79 -28.63
CA THR B 204 -24.27 18.54 -28.82
C THR B 204 -23.36 17.40 -29.27
N ASN B 205 -22.61 17.59 -30.35
CA ASN B 205 -21.66 16.57 -30.79
C ASN B 205 -20.49 16.54 -29.83
N VAL B 206 -20.60 15.76 -28.75
CA VAL B 206 -19.58 15.71 -27.74
C VAL B 206 -18.78 14.43 -27.91
N SER B 207 -17.61 14.40 -27.29
CA SER B 207 -16.69 13.30 -27.46
C SER B 207 -15.67 13.34 -26.33
N THR B 208 -15.23 12.17 -25.92
CA THR B 208 -14.26 12.02 -24.85
C THR B 208 -12.94 11.55 -25.45
N VAL B 209 -11.85 12.16 -25.02
CA VAL B 209 -10.54 11.71 -25.44
C VAL B 209 -9.73 11.31 -24.21
N GLN B 210 -8.78 10.41 -24.40
CA GLN B 210 -7.78 10.17 -23.38
C GLN B 210 -6.88 11.36 -23.21
N CYS B 211 -6.65 12.11 -24.28
CA CYS B 211 -5.52 13.02 -24.28
C CYS B 211 -5.76 14.05 -25.37
N THR B 212 -5.22 15.25 -25.16
CA THR B 212 -5.45 16.34 -26.09
C THR B 212 -4.69 16.12 -27.37
N HIS B 213 -4.89 17.03 -28.32
CA HIS B 213 -4.13 17.01 -29.56
C HIS B 213 -2.82 17.74 -29.34
N GLY B 214 -2.06 17.92 -30.42
CA GLY B 214 -0.78 18.60 -30.33
C GLY B 214 -0.99 20.07 -30.04
N ILE B 215 -0.37 20.56 -28.98
CA ILE B 215 -0.32 21.96 -28.66
C ILE B 215 1.13 22.35 -28.56
N ARG B 216 1.49 23.50 -29.13
CA ARG B 216 2.85 23.99 -29.03
C ARG B 216 2.89 25.27 -28.23
N PRO B 217 3.80 25.39 -27.28
CA PRO B 217 3.88 26.60 -26.46
C PRO B 217 4.58 27.76 -27.17
N VAL B 218 3.83 28.53 -27.93
CA VAL B 218 4.39 29.60 -28.75
C VAL B 218 4.06 30.94 -28.11
N VAL B 219 5.09 31.76 -27.90
CA VAL B 219 4.96 33.05 -27.24
C VAL B 219 4.84 34.14 -28.29
N SER B 220 3.79 34.95 -28.19
CA SER B 220 3.61 36.00 -29.19
C SER B 220 2.77 37.14 -28.62
N THR B 221 3.03 38.34 -29.13
CA THR B 221 2.17 39.49 -28.94
C THR B 221 1.51 39.85 -30.26
N GLN B 222 0.28 40.39 -30.16
CA GLN B 222 -0.50 41.02 -31.22
C GLN B 222 -1.06 40.03 -32.25
N LEU B 223 -0.58 38.79 -32.25
CA LEU B 223 -0.91 37.81 -33.28
C LEU B 223 -0.88 36.43 -32.65
N LEU B 224 -0.74 35.41 -33.49
CA LEU B 224 -0.89 34.04 -33.04
C LEU B 224 -0.07 33.18 -33.99
N LEU B 225 1.15 32.85 -33.58
CA LEU B 225 2.09 32.16 -34.46
C LEU B 225 2.03 30.66 -34.25
N ASN B 226 2.08 29.93 -35.37
CA ASN B 226 2.09 28.46 -35.40
C ASN B 226 0.89 27.85 -34.68
N GLY B 227 -0.25 28.51 -34.70
CA GLY B 227 -1.40 28.02 -33.95
C GLY B 227 -2.16 26.93 -34.67
N SER B 228 -3.49 27.02 -34.70
CA SER B 228 -4.30 26.00 -35.34
C SER B 228 -5.41 26.66 -36.14
N LEU B 229 -5.87 25.94 -37.17
CA LEU B 229 -6.72 26.48 -38.22
C LEU B 229 -8.17 26.06 -38.03
N ALA B 230 -9.08 27.00 -38.31
CA ALA B 230 -10.50 26.68 -38.30
C ALA B 230 -10.86 25.90 -39.56
N GLU B 231 -12.07 25.33 -39.56
CA GLU B 231 -12.51 24.46 -40.66
C GLU B 231 -12.97 25.32 -41.83
N GLU B 232 -11.99 25.78 -42.60
CA GLU B 232 -12.17 26.55 -43.85
C GLU B 232 -13.00 27.80 -43.65
N GLU B 233 -12.98 28.36 -42.45
CA GLU B 233 -13.77 29.53 -42.12
C GLU B 233 -12.94 30.45 -41.24
N VAL B 234 -13.51 31.59 -40.91
CA VAL B 234 -13.00 32.47 -39.87
C VAL B 234 -14.15 32.84 -38.96
N VAL B 235 -13.94 32.71 -37.65
CA VAL B 235 -14.93 33.03 -36.64
C VAL B 235 -14.22 33.72 -35.48
N ILE B 236 -14.59 34.96 -35.19
CA ILE B 236 -14.04 35.64 -34.04
C ILE B 236 -14.71 35.11 -32.78
N ARG B 237 -14.06 35.33 -31.63
CA ARG B 237 -14.63 34.90 -30.37
C ARG B 237 -14.38 35.95 -29.29
N SER B 238 -15.44 36.23 -28.52
CA SER B 238 -15.35 37.05 -27.33
C SER B 238 -16.59 36.78 -26.48
N ALA B 239 -16.49 37.14 -25.20
CA ALA B 239 -17.60 36.95 -24.27
C ALA B 239 -18.42 38.22 -24.10
N ASN B 240 -17.80 39.28 -23.61
CA ASN B 240 -18.45 40.58 -23.42
C ASN B 240 -18.07 41.52 -24.55
N PHE B 241 -18.39 41.15 -25.79
CA PHE B 241 -17.99 42.02 -26.89
C PHE B 241 -18.91 43.23 -27.03
N THR B 242 -20.00 43.26 -26.27
CA THR B 242 -20.73 44.50 -26.02
C THR B 242 -20.13 45.32 -24.87
N ASP B 243 -18.85 45.10 -24.59
CA ASP B 243 -17.98 45.97 -23.80
C ASP B 243 -16.67 46.09 -24.58
N ASN B 244 -15.72 46.85 -24.03
CA ASN B 244 -14.33 46.75 -24.44
C ASN B 244 -13.55 45.83 -23.51
N ALA B 245 -14.26 44.99 -22.76
CA ALA B 245 -13.60 44.20 -21.70
C ALA B 245 -12.84 43.03 -22.27
N LYS B 246 -13.55 42.08 -22.88
CA LYS B 246 -12.90 40.88 -23.39
C LYS B 246 -12.21 41.18 -24.70
N ILE B 247 -11.05 40.57 -24.91
CA ILE B 247 -10.30 40.78 -26.13
C ILE B 247 -10.93 39.97 -27.25
N ILE B 248 -11.28 40.63 -28.34
CA ILE B 248 -11.81 39.91 -29.49
C ILE B 248 -10.69 39.17 -30.18
N ILE B 249 -10.74 37.84 -30.15
CA ILE B 249 -9.61 37.01 -30.67
C ILE B 249 -10.10 36.30 -31.92
N VAL B 250 -9.39 36.45 -33.03
CA VAL B 250 -9.92 35.87 -34.31
C VAL B 250 -8.99 34.78 -34.81
N GLN B 251 -9.54 33.60 -35.06
CA GLN B 251 -8.73 32.50 -35.66
C GLN B 251 -8.72 32.74 -37.17
N LEU B 252 -7.72 32.20 -37.88
CA LEU B 252 -7.61 32.50 -39.33
C LEU B 252 -7.56 31.23 -40.16
N ASN B 253 -8.37 31.15 -41.21
CA ASN B 253 -8.20 30.02 -42.15
C ASN B 253 -7.05 30.45 -43.08
N LYS B 254 -6.44 29.54 -43.83
CA LYS B 254 -5.39 29.95 -44.82
C LYS B 254 -4.23 30.73 -44.19
N SER B 255 -3.49 30.09 -43.28
CA SER B 255 -2.29 30.73 -42.69
C SER B 255 -1.48 31.51 -43.74
N VAL B 256 -1.10 32.73 -43.39
CA VAL B 256 -0.20 33.61 -44.11
C VAL B 256 1.24 33.31 -43.73
N GLU B 257 2.04 32.97 -44.72
CA GLU B 257 3.44 32.64 -44.45
C GLU B 257 4.23 33.91 -44.19
N ILE B 258 5.12 33.86 -43.20
CA ILE B 258 5.96 34.99 -42.83
C ILE B 258 7.42 34.57 -43.01
N ASN B 259 8.26 35.51 -43.43
CA ASN B 259 9.69 35.27 -43.51
C ASN B 259 10.39 36.39 -42.74
N CYS B 260 11.28 36.01 -41.84
CA CYS B 260 12.04 36.99 -41.07
C CYS B 260 13.48 36.53 -40.99
N THR B 261 14.41 37.47 -41.13
CA THR B 261 15.82 37.16 -41.24
C THR B 261 16.63 37.92 -40.21
N ARG B 262 17.92 37.58 -40.15
CA ARG B 262 18.92 38.34 -39.41
C ARG B 262 20.18 38.28 -40.26
N PRO B 263 20.35 39.23 -41.18
CA PRO B 263 21.39 39.08 -42.20
C PRO B 263 22.79 39.35 -41.69
N ASN B 264 22.93 39.95 -40.52
CA ASN B 264 24.26 40.34 -40.05
C ASN B 264 25.00 39.11 -39.54
N ASN B 265 26.06 38.74 -40.25
CA ASN B 265 26.86 37.56 -39.92
C ASN B 265 27.64 37.85 -38.65
N ASN B 266 27.16 37.34 -37.53
CA ASN B 266 27.65 37.74 -36.23
C ASN B 266 28.83 36.89 -35.80
N THR B 267 29.61 37.42 -34.86
CA THR B 267 30.62 36.65 -34.14
C THR B 267 30.44 36.87 -32.65
N ARG B 268 30.97 35.95 -31.86
CA ARG B 268 30.82 35.98 -30.42
C ARG B 268 32.16 35.69 -29.76
N LYS B 269 32.17 35.86 -28.44
CA LYS B 269 33.27 35.46 -27.55
C LYS B 269 32.74 35.54 -26.13
N SER B 270 33.44 34.86 -25.22
CA SER B 270 33.05 34.83 -23.82
C SER B 270 34.16 35.46 -23.00
N ILE B 271 34.11 36.78 -22.82
CA ILE B 271 35.12 37.45 -22.02
C ILE B 271 34.86 37.16 -20.54
N HIS B 272 35.93 37.24 -19.76
CA HIS B 272 35.92 36.74 -18.40
C HIS B 272 35.10 37.62 -17.48
N ILE B 273 34.19 37.01 -16.72
CA ILE B 273 33.36 37.73 -15.77
C ILE B 273 33.68 37.27 -14.35
N GLY B 274 34.16 38.21 -13.53
CA GLY B 274 34.31 38.03 -12.10
C GLY B 274 35.26 36.92 -11.71
N PRO B 275 35.08 36.37 -10.53
CA PRO B 275 35.88 35.21 -10.14
C PRO B 275 35.47 33.95 -10.87
N GLY B 276 36.29 33.54 -11.85
CA GLY B 276 36.17 32.25 -12.48
C GLY B 276 34.92 32.02 -13.31
N ARG B 277 34.64 32.92 -14.24
CA ARG B 277 33.50 32.75 -15.13
C ARG B 277 33.72 33.61 -16.37
N ALA B 278 33.12 33.20 -17.48
CA ALA B 278 33.21 33.92 -18.75
C ALA B 278 31.81 34.30 -19.24
N PHE B 279 31.75 35.41 -19.98
CA PHE B 279 30.47 36.04 -20.35
C PHE B 279 30.32 36.13 -21.85
N TYR B 280 29.38 35.36 -22.39
CA TYR B 280 29.13 35.29 -23.84
C TYR B 280 28.55 36.59 -24.36
N THR B 281 29.33 37.31 -25.13
CA THR B 281 28.95 38.57 -25.74
C THR B 281 29.11 38.47 -27.25
N THR B 282 29.02 39.60 -27.92
CA THR B 282 29.11 39.66 -29.38
C THR B 282 30.52 40.10 -29.77
N GLY B 283 31.10 39.42 -30.74
CA GLY B 283 32.39 39.81 -31.29
C GLY B 283 32.27 40.92 -32.31
N GLU B 284 32.83 40.71 -33.49
CA GLU B 284 32.72 41.67 -34.57
C GLU B 284 31.62 41.25 -35.52
N ILE B 285 30.99 42.22 -36.17
CA ILE B 285 29.93 41.95 -37.13
C ILE B 285 30.58 41.84 -38.51
N ILE B 286 30.87 40.60 -38.94
CA ILE B 286 31.33 40.37 -40.29
C ILE B 286 30.18 40.66 -41.25
N GLY B 287 30.46 41.47 -42.27
CA GLY B 287 29.39 42.00 -43.08
C GLY B 287 28.86 43.27 -42.45
N ASP B 288 28.58 44.28 -43.28
CA ASP B 288 28.29 45.59 -42.75
C ASP B 288 26.88 45.64 -42.15
N ILE B 289 26.56 46.78 -41.54
CA ILE B 289 25.35 46.90 -40.73
C ILE B 289 24.13 46.95 -41.64
N ARG B 290 23.28 45.94 -41.52
CA ARG B 290 22.01 45.91 -42.22
C ARG B 290 20.92 45.51 -41.25
N GLN B 291 19.74 46.11 -41.44
CA GLN B 291 18.65 45.88 -40.51
C GLN B 291 18.01 44.52 -40.74
N ALA B 292 17.81 43.79 -39.66
CA ALA B 292 17.05 42.54 -39.70
C ALA B 292 15.56 42.86 -39.71
N HIS B 293 14.84 42.25 -40.64
CA HIS B 293 13.49 42.68 -40.97
C HIS B 293 12.60 41.47 -41.11
N CYS B 294 11.40 41.69 -41.64
CA CYS B 294 10.46 40.63 -41.92
C CYS B 294 9.79 40.86 -43.27
N ASN B 295 9.24 39.79 -43.84
CA ASN B 295 8.52 39.87 -45.10
C ASN B 295 7.14 39.24 -44.99
N ILE B 296 6.22 39.77 -45.79
CA ILE B 296 4.87 39.26 -45.91
C ILE B 296 4.34 39.64 -47.30
N SER B 297 3.67 38.69 -47.95
CA SER B 297 3.11 38.95 -49.28
C SER B 297 1.90 39.86 -49.16
N GLY B 298 1.97 41.04 -49.79
CA GLY B 298 0.96 42.07 -49.63
C GLY B 298 -0.39 41.74 -50.24
N THR B 299 -0.49 40.69 -51.05
CA THR B 299 -1.77 40.30 -51.62
C THR B 299 -2.63 39.57 -50.60
N LYS B 300 -2.03 38.61 -49.90
CA LYS B 300 -2.79 37.70 -49.06
C LYS B 300 -3.35 38.40 -47.84
N TRP B 301 -2.63 39.40 -47.32
CA TRP B 301 -3.04 40.07 -46.10
C TRP B 301 -4.29 40.91 -46.29
N ASN B 302 -4.47 41.46 -47.49
CA ASN B 302 -5.58 42.36 -47.75
C ASN B 302 -6.90 41.60 -47.78
N ASP B 303 -6.92 40.46 -48.47
CA ASP B 303 -8.13 39.65 -48.57
C ASP B 303 -8.49 39.03 -47.24
N THR B 304 -7.48 38.74 -46.41
CA THR B 304 -7.71 38.03 -45.16
C THR B 304 -8.45 38.89 -44.16
N LEU B 305 -8.13 40.19 -44.12
CA LEU B 305 -8.86 41.10 -43.25
C LEU B 305 -10.30 41.26 -43.69
N LYS B 306 -10.54 41.21 -44.99
CA LYS B 306 -11.90 41.34 -45.50
C LYS B 306 -12.73 40.11 -45.21
N GLN B 307 -12.10 38.97 -44.92
CA GLN B 307 -12.84 37.82 -44.42
C GLN B 307 -13.43 38.13 -43.05
N ILE B 308 -12.66 38.83 -42.21
CA ILE B 308 -13.06 39.05 -40.83
C ILE B 308 -14.19 40.06 -40.75
N VAL B 309 -14.15 41.09 -41.61
CA VAL B 309 -15.16 42.13 -41.53
C VAL B 309 -16.52 41.64 -42.01
N VAL B 310 -16.56 40.51 -42.70
CA VAL B 310 -17.83 39.80 -42.90
C VAL B 310 -18.39 39.36 -41.55
N LYS B 311 -17.55 38.74 -40.73
CA LYS B 311 -17.99 38.32 -39.40
C LYS B 311 -18.12 39.50 -38.46
N LEU B 312 -17.41 40.59 -38.73
CA LEU B 312 -17.63 41.79 -37.94
C LEU B 312 -18.96 42.45 -38.29
N LYS B 313 -19.39 42.31 -39.55
CA LYS B 313 -20.70 42.79 -39.96
C LYS B 313 -21.81 42.08 -39.20
N GLU B 314 -21.60 40.80 -38.91
CA GLU B 314 -22.60 40.02 -38.17
C GLU B 314 -22.73 40.53 -36.74
N GLN B 315 -21.63 40.98 -36.15
CA GLN B 315 -21.69 41.65 -34.85
C GLN B 315 -21.63 43.16 -34.99
N PHE B 316 -21.98 43.68 -36.17
CA PHE B 316 -22.31 45.09 -36.37
C PHE B 316 -23.82 45.32 -36.52
N ASN B 318 -16.55 47.05 -49.80
CA ASN B 318 -17.22 48.32 -49.53
C ASN B 318 -17.43 48.49 -48.03
N LYS B 319 -18.16 47.59 -47.38
CA LYS B 319 -18.38 47.74 -45.94
C LYS B 319 -17.09 47.40 -45.20
N THR B 320 -16.23 48.41 -45.07
CA THR B 320 -15.00 48.29 -44.31
C THR B 320 -14.91 49.56 -43.46
N ILE B 321 -15.95 49.78 -42.66
CA ILE B 321 -16.01 50.88 -41.68
C ILE B 321 -14.76 50.90 -40.80
N VAL B 322 -14.23 49.72 -40.48
CA VAL B 322 -13.07 49.60 -39.60
C VAL B 322 -11.78 49.68 -40.43
N PHE B 323 -10.88 50.58 -40.03
CA PHE B 323 -9.50 50.55 -40.52
C PHE B 323 -8.41 50.86 -39.50
N ASN B 324 -8.72 51.39 -38.32
CA ASN B 324 -7.74 52.20 -37.61
C ASN B 324 -6.86 51.39 -36.67
N HIS B 325 -5.60 51.82 -36.56
CA HIS B 325 -4.58 51.26 -35.69
C HIS B 325 -4.30 52.22 -34.53
N SER B 326 -3.93 51.64 -33.38
CA SER B 326 -3.38 52.43 -32.29
C SER B 326 -2.27 51.63 -31.63
N SER B 327 -1.46 52.34 -30.86
CA SER B 327 -0.37 51.75 -30.10
C SER B 327 -0.04 52.69 -28.96
N GLY B 328 0.91 52.29 -28.12
CA GLY B 328 1.34 53.14 -27.04
C GLY B 328 1.61 52.42 -25.75
N GLY B 329 2.78 52.68 -25.17
CA GLY B 329 3.14 52.11 -23.88
C GLY B 329 4.39 51.25 -23.91
N ASP B 330 4.19 49.96 -23.65
CA ASP B 330 5.29 49.03 -23.45
C ASP B 330 5.88 48.63 -24.81
N PRO B 331 7.21 48.66 -24.96
CA PRO B 331 7.82 48.05 -26.15
C PRO B 331 7.55 46.56 -26.32
N GLU B 332 7.14 45.88 -25.25
CA GLU B 332 6.56 44.56 -25.39
C GLU B 332 5.20 44.62 -26.09
N ILE B 333 4.48 45.73 -25.96
CA ILE B 333 3.14 45.86 -26.51
C ILE B 333 3.14 46.73 -27.76
N VAL B 334 3.97 47.76 -27.78
CA VAL B 334 4.07 48.65 -28.95
C VAL B 334 4.61 47.89 -30.16
N MET B 335 5.67 47.13 -29.97
CA MET B 335 6.20 46.32 -31.05
C MET B 335 5.43 45.02 -31.17
N HIS B 336 5.91 44.11 -32.01
CA HIS B 336 5.34 42.78 -32.16
C HIS B 336 6.37 41.78 -31.66
N SER B 337 6.12 41.19 -30.50
CA SER B 337 7.13 40.38 -29.82
C SER B 337 6.90 38.91 -30.08
N PHE B 338 7.97 38.22 -30.50
CA PHE B 338 7.98 36.78 -30.70
C PHE B 338 9.42 36.29 -30.76
N ASN B 339 9.57 34.98 -30.96
CA ASN B 339 10.85 34.32 -30.94
C ASN B 339 11.17 33.77 -32.32
N CYS B 340 12.47 33.66 -32.61
CA CYS B 340 12.93 33.13 -33.89
C CYS B 340 14.33 32.57 -33.71
N GLY B 341 14.45 31.24 -33.73
CA GLY B 341 15.74 30.59 -33.59
C GLY B 341 16.40 30.79 -32.25
N GLY B 342 15.62 30.93 -31.20
CA GLY B 342 16.18 31.33 -29.93
C GLY B 342 16.60 32.78 -29.95
N GLU B 343 15.78 33.65 -30.53
CA GLU B 343 16.09 35.07 -30.53
C GLU B 343 14.81 35.87 -30.60
N PHE B 344 14.68 36.84 -29.72
CA PHE B 344 13.44 37.59 -29.59
C PHE B 344 13.38 38.70 -30.62
N PHE B 345 12.21 38.89 -31.22
CA PHE B 345 11.98 40.00 -32.12
C PHE B 345 10.98 40.99 -31.54
N TYR B 346 10.99 42.18 -32.12
CA TYR B 346 10.10 43.29 -31.74
C TYR B 346 9.84 44.10 -33.01
N CYS B 347 8.75 43.76 -33.70
CA CYS B 347 8.49 44.30 -35.04
C CYS B 347 7.50 45.44 -34.98
N ASN B 348 7.75 46.45 -35.80
CA ASN B 348 6.80 47.55 -35.98
C ASN B 348 5.61 47.02 -36.78
N SER B 349 4.40 47.31 -36.31
CA SER B 349 3.21 46.77 -36.95
C SER B 349 2.17 47.81 -37.32
N THR B 350 2.44 49.10 -37.07
CA THR B 350 1.53 50.17 -37.49
C THR B 350 1.43 50.23 -39.00
N GLN B 351 2.57 50.17 -39.68
CA GLN B 351 2.63 50.24 -41.13
C GLN B 351 1.96 49.06 -41.82
N LEU B 352 1.78 47.95 -41.11
CA LEU B 352 1.19 46.77 -41.72
C LEU B 352 -0.31 46.71 -41.56
N PHE B 353 -0.87 47.37 -40.55
CA PHE B 353 -2.28 47.14 -40.25
C PHE B 353 -3.21 47.82 -41.24
N ASN B 354 -3.25 49.15 -41.22
CA ASN B 354 -4.27 50.01 -41.85
C ASN B 354 -5.67 49.43 -42.12
N GLY B 370 5.24 41.93 -54.22
CA GLY B 370 4.21 41.97 -53.19
C GLY B 370 4.77 41.83 -51.79
N THR B 371 6.08 41.80 -51.67
CA THR B 371 6.70 41.65 -50.37
C THR B 371 6.66 42.98 -49.61
N ILE B 372 6.69 42.88 -48.28
CA ILE B 372 6.58 44.03 -47.39
C ILE B 372 7.70 43.93 -46.37
N VAL B 373 8.63 44.88 -46.39
CA VAL B 373 9.71 44.92 -45.43
C VAL B 373 9.20 45.55 -44.14
N LEU B 374 9.52 44.95 -43.00
CA LEU B 374 9.08 45.42 -41.70
C LEU B 374 10.28 45.83 -40.86
N PRO B 375 10.35 47.06 -40.36
CA PRO B 375 11.39 47.40 -39.38
C PRO B 375 11.17 46.69 -38.05
N CYS B 376 12.03 45.74 -37.75
CA CYS B 376 11.81 44.85 -36.63
C CYS B 376 13.03 44.83 -35.73
N ARG B 377 12.83 45.11 -34.45
CA ARG B 377 13.91 45.31 -33.51
C ARG B 377 14.23 44.02 -32.77
N ILE B 378 15.50 43.85 -32.44
CA ILE B 378 15.97 42.66 -31.74
C ILE B 378 16.50 43.13 -30.40
N LYS B 379 15.66 43.09 -29.37
CA LYS B 379 16.17 43.39 -28.04
C LYS B 379 16.92 42.18 -27.49
N GLN B 380 17.68 42.42 -26.44
CA GLN B 380 18.50 41.35 -25.89
C GLN B 380 18.28 41.11 -24.40
N ILE B 381 17.81 42.11 -23.65
CA ILE B 381 17.45 41.92 -22.25
C ILE B 381 15.93 42.02 -22.15
N VAL B 382 15.29 40.93 -21.76
CA VAL B 382 13.85 40.78 -21.86
C VAL B 382 13.26 40.64 -20.47
N ASN B 383 11.94 40.66 -20.43
CA ASN B 383 11.18 40.33 -19.24
C ASN B 383 10.34 39.10 -19.53
N MET B 384 10.46 38.09 -18.69
CA MET B 384 9.77 36.82 -18.89
C MET B 384 8.42 36.87 -18.21
N TRP B 385 7.37 36.93 -19.02
CA TRP B 385 5.97 37.01 -18.59
C TRP B 385 5.72 38.21 -17.68
N GLN B 386 6.30 39.35 -18.07
CA GLN B 386 6.03 40.72 -17.57
C GLN B 386 6.09 40.84 -16.05
N GLU B 387 6.75 39.90 -15.37
CA GLU B 387 6.85 39.94 -13.93
C GLU B 387 7.93 40.93 -13.53
N VAL B 388 7.66 41.67 -12.47
CA VAL B 388 8.55 42.75 -12.05
C VAL B 388 9.81 42.15 -11.45
N GLY B 389 10.96 42.58 -11.96
CA GLY B 389 12.21 42.12 -11.42
C GLY B 389 12.92 41.00 -12.15
N LYS B 390 12.29 39.83 -12.29
CA LYS B 390 12.97 38.67 -12.84
C LYS B 390 13.28 38.88 -14.32
N ALA B 391 14.56 39.11 -14.62
CA ALA B 391 15.01 39.44 -15.96
C ALA B 391 15.86 38.31 -16.52
N MET B 392 15.87 38.21 -17.85
CA MET B 392 16.62 37.18 -18.55
C MET B 392 17.36 37.80 -19.71
N TYR B 393 18.61 37.36 -19.90
CA TYR B 393 19.49 37.89 -20.92
C TYR B 393 19.70 36.89 -22.05
N ALA B 394 19.63 37.37 -23.27
CA ALA B 394 19.64 36.49 -24.42
C ALA B 394 21.07 36.09 -24.77
N PRO B 395 21.25 34.89 -25.32
CA PRO B 395 22.56 34.50 -25.84
C PRO B 395 22.82 35.11 -27.21
N PRO B 396 23.90 35.86 -27.37
CA PRO B 396 24.23 36.41 -28.70
C PRO B 396 24.76 35.34 -29.64
N ILE B 397 23.95 34.95 -30.61
CA ILE B 397 24.26 33.83 -31.49
C ILE B 397 25.10 34.35 -32.66
N LYS B 398 26.20 33.67 -32.94
CA LYS B 398 27.03 34.04 -34.07
C LYS B 398 26.50 33.38 -35.35
N GLY B 399 26.82 34.01 -36.49
CA GLY B 399 26.33 33.54 -37.76
C GLY B 399 25.14 34.34 -38.24
N GLN B 400 24.24 33.68 -38.98
CA GLN B 400 23.05 34.33 -39.52
C GLN B 400 21.82 33.52 -39.16
N ILE B 401 20.69 34.21 -39.04
CA ILE B 401 19.45 33.61 -38.54
C ILE B 401 18.33 33.97 -39.51
N ARG B 402 17.56 32.97 -39.91
CA ARG B 402 16.33 33.21 -40.66
C ARG B 402 15.34 32.11 -40.33
N CYS B 403 14.08 32.49 -40.13
CA CYS B 403 13.04 31.53 -39.82
C CYS B 403 11.76 31.93 -40.53
N SER B 404 10.87 30.96 -40.70
CA SER B 404 9.57 31.18 -41.30
C SER B 404 8.50 30.52 -40.45
N SER B 405 7.26 30.97 -40.63
CA SER B 405 6.18 30.51 -39.77
C SER B 405 4.83 30.76 -40.43
N ASN B 406 3.81 30.19 -39.83
CA ASN B 406 2.42 30.41 -40.20
C ASN B 406 1.82 31.48 -39.29
N ILE B 407 0.58 31.88 -39.59
CA ILE B 407 -0.22 32.72 -38.70
C ILE B 407 -1.64 32.18 -38.72
N THR B 408 -2.20 31.89 -37.54
CA THR B 408 -3.56 31.40 -37.49
C THR B 408 -4.53 32.32 -36.75
N GLY B 409 -4.08 33.47 -36.25
CA GLY B 409 -5.00 34.30 -35.50
C GLY B 409 -4.48 35.69 -35.27
N LEU B 410 -5.37 36.56 -34.80
CA LEU B 410 -5.05 37.96 -34.58
C LEU B 410 -5.64 38.41 -33.26
N ILE B 411 -5.17 39.56 -32.78
CA ILE B 411 -5.59 40.14 -31.52
C ILE B 411 -6.12 41.54 -31.79
N LEU B 412 -7.32 41.85 -31.30
CA LEU B 412 -7.97 43.13 -31.58
C LEU B 412 -8.71 43.66 -30.36
N ILE B 413 -8.84 44.98 -30.31
CA ILE B 413 -9.63 45.71 -29.33
C ILE B 413 -10.33 46.87 -30.04
N ARG B 414 -11.64 46.97 -29.90
CA ARG B 414 -12.34 48.13 -30.42
C ARG B 414 -12.52 49.19 -29.34
N ASP B 415 -12.69 50.44 -29.79
CA ASP B 415 -13.00 51.61 -28.98
C ASP B 415 -11.98 51.85 -27.87
N ILE B 425 -11.74 51.02 -36.22
CA ILE B 425 -12.38 50.92 -34.92
C ILE B 425 -11.67 49.85 -34.09
N PHE B 426 -11.31 48.72 -34.70
CA PHE B 426 -10.60 47.65 -34.02
C PHE B 426 -9.11 47.91 -34.05
N ARG B 427 -8.49 47.92 -32.87
CA ARG B 427 -7.08 48.23 -32.72
C ARG B 427 -6.35 47.11 -31.98
N PRO B 428 -5.17 46.71 -32.44
CA PRO B 428 -4.54 45.47 -31.96
C PRO B 428 -4.01 45.61 -30.54
N GLY B 429 -4.48 44.74 -29.65
CA GLY B 429 -3.97 44.67 -28.31
C GLY B 429 -2.71 43.82 -28.24
N GLY B 430 -2.31 43.51 -27.01
CA GLY B 430 -1.15 42.67 -26.79
C GLY B 430 -0.60 42.73 -25.38
N GLY B 431 0.03 41.64 -24.92
CA GLY B 431 0.64 41.61 -23.61
C GLY B 431 0.10 40.54 -22.69
N ASP B 432 -1.20 40.30 -22.77
CA ASP B 432 -1.85 39.29 -21.93
C ASP B 432 -1.48 37.91 -22.47
N MET B 433 -0.62 37.21 -21.72
CA MET B 433 -0.09 35.96 -22.23
C MET B 433 -1.11 34.84 -22.18
N ARG B 434 -2.09 34.94 -21.27
CA ARG B 434 -3.03 33.84 -21.04
C ARG B 434 -3.95 33.61 -22.23
N ASP B 435 -4.28 34.65 -22.97
CA ASP B 435 -5.21 34.49 -24.08
C ASP B 435 -4.55 33.89 -25.32
N ASN B 436 -3.22 33.77 -25.32
CA ASN B 436 -2.58 32.89 -26.30
C ASN B 436 -3.00 31.45 -26.08
N TRP B 437 -3.17 31.07 -24.82
CA TRP B 437 -3.49 29.70 -24.48
C TRP B 437 -4.95 29.40 -24.70
N ARG B 438 -5.80 30.41 -24.60
CA ARG B 438 -7.21 30.21 -24.90
C ARG B 438 -7.46 30.04 -26.37
N SER B 439 -6.48 30.32 -27.22
CA SER B 439 -6.63 30.10 -28.66
C SER B 439 -6.68 28.62 -29.00
N GLU B 440 -6.11 27.77 -28.17
CA GLU B 440 -6.12 26.34 -28.41
C GLU B 440 -7.20 25.60 -27.64
N LEU B 441 -7.40 25.96 -26.38
CA LEU B 441 -8.25 25.18 -25.50
C LEU B 441 -9.66 25.70 -25.43
N TYR B 442 -10.16 26.20 -26.54
CA TYR B 442 -11.51 26.70 -26.67
C TYR B 442 -12.55 25.60 -26.82
N LYS B 443 -12.19 24.35 -26.58
CA LYS B 443 -13.14 23.24 -26.57
C LYS B 443 -13.14 22.47 -25.27
N TYR B 444 -11.97 22.25 -24.68
CA TYR B 444 -11.79 21.19 -23.72
C TYR B 444 -12.31 21.59 -22.34
N LYS B 445 -12.27 20.62 -21.43
CA LYS B 445 -12.95 20.66 -20.14
C LYS B 445 -12.45 19.47 -19.34
N VAL B 446 -12.40 19.62 -18.02
CA VAL B 446 -11.93 18.56 -17.13
C VAL B 446 -13.05 18.23 -16.15
N VAL B 447 -13.47 16.97 -16.12
CA VAL B 447 -14.56 16.55 -15.25
C VAL B 447 -14.13 15.38 -14.37
N LYS B 448 -14.71 15.32 -13.18
CA LYS B 448 -14.42 14.28 -12.18
C LYS B 448 -15.51 13.23 -12.18
N ILE B 449 -15.11 11.97 -12.32
CA ILE B 449 -16.08 10.89 -12.43
C ILE B 449 -16.69 10.59 -11.07
N GLU B 450 -18.00 10.76 -10.96
CA GLU B 450 -18.75 10.16 -9.87
C GLU B 450 -19.20 8.78 -10.31
N PRO B 451 -18.78 7.73 -9.67
CA PRO B 451 -19.12 6.39 -10.16
C PRO B 451 -20.44 5.87 -9.66
N LEU B 452 -20.89 6.38 -8.52
CA LEU B 452 -21.85 5.70 -7.66
C LEU B 452 -23.22 6.34 -7.74
N GLY B 453 -24.27 5.52 -7.78
CA GLY B 453 -25.61 6.06 -7.82
C GLY B 453 -26.61 5.04 -7.32
N ILE B 454 -27.85 5.51 -7.16
CA ILE B 454 -28.96 4.67 -6.73
C ILE B 454 -30.22 4.99 -7.52
N ALA B 455 -31.16 4.04 -7.50
CA ALA B 455 -32.46 4.19 -8.12
C ALA B 455 -33.39 3.18 -7.48
N PRO B 456 -34.65 3.52 -7.24
CA PRO B 456 -35.57 2.54 -6.66
C PRO B 456 -35.99 1.51 -7.68
N THR B 457 -36.36 0.33 -7.18
CA THR B 457 -36.89 -0.72 -8.05
C THR B 457 -37.75 -1.66 -7.23
N LYS B 458 -38.33 -2.65 -7.91
CA LYS B 458 -39.23 -3.64 -7.34
C LYS B 458 -38.52 -4.93 -6.99
N ALA B 459 -37.28 -4.84 -6.54
CA ALA B 459 -36.53 -6.00 -6.04
C ALA B 459 -36.07 -5.70 -4.63
N LYS B 460 -36.43 -6.58 -3.70
CA LYS B 460 -36.05 -6.47 -2.30
C LYS B 460 -35.03 -7.54 -1.97
N ARG B 461 -34.09 -7.20 -1.09
CA ARG B 461 -33.10 -8.18 -0.66
C ARG B 461 -33.75 -9.32 0.10
N ARG B 462 -33.51 -10.53 -0.37
CA ARG B 462 -33.99 -11.73 0.29
C ARG B 462 -33.34 -11.87 1.66
N VAL B 463 -34.13 -12.26 2.65
CA VAL B 463 -33.63 -12.42 4.01
C VAL B 463 -32.72 -13.63 4.06
N VAL B 464 -31.55 -13.46 4.69
CA VAL B 464 -30.67 -14.59 4.96
C VAL B 464 -31.37 -15.53 5.94
N GLN B 465 -31.36 -16.82 5.63
CA GLN B 465 -32.06 -17.82 6.44
C GLN B 465 -31.38 -18.01 7.79
N ALA C 1 -9.76 -36.17 -24.92
CA ALA C 1 -9.61 -36.38 -23.48
C ALA C 1 -10.44 -35.36 -22.71
N GLU C 2 -9.98 -35.02 -21.51
CA GLU C 2 -10.70 -34.06 -20.67
C GLU C 2 -10.52 -32.65 -21.23
N GLN C 3 -11.43 -31.77 -20.83
CA GLN C 3 -11.29 -30.36 -21.12
C GLN C 3 -10.50 -29.71 -20.01
N LEU C 4 -9.62 -28.80 -20.38
CA LEU C 4 -8.78 -28.11 -19.41
C LEU C 4 -9.18 -26.65 -19.32
N TRP C 5 -9.09 -26.10 -18.12
CA TRP C 5 -9.42 -24.72 -17.92
C TRP C 5 -8.30 -24.02 -17.15
N VAL C 6 -8.14 -22.73 -17.43
CA VAL C 6 -7.04 -21.97 -16.87
C VAL C 6 -7.34 -21.69 -15.40
N THR C 7 -6.28 -21.61 -14.60
CA THR C 7 -6.40 -21.49 -13.16
C THR C 7 -5.41 -20.45 -12.67
N VAL C 8 -5.92 -19.47 -11.97
CA VAL C 8 -5.12 -18.31 -11.58
C VAL C 8 -4.38 -18.63 -10.29
N TYR C 9 -3.14 -18.18 -10.19
CA TYR C 9 -2.33 -18.33 -9.00
C TYR C 9 -1.77 -16.99 -8.61
N TYR C 10 -1.54 -16.81 -7.31
CA TYR C 10 -1.03 -15.55 -6.81
C TYR C 10 0.16 -15.83 -5.90
N GLY C 11 1.11 -14.92 -5.91
CA GLY C 11 2.33 -15.12 -5.14
C GLY C 11 3.26 -16.15 -5.75
N VAL C 12 3.26 -16.29 -7.06
CA VAL C 12 4.12 -17.25 -7.73
C VAL C 12 5.57 -16.77 -7.70
N PRO C 13 6.48 -17.55 -7.17
CA PRO C 13 7.86 -17.08 -7.02
C PRO C 13 8.63 -17.05 -8.33
N VAL C 14 8.44 -15.99 -9.13
CA VAL C 14 9.24 -15.78 -10.31
C VAL C 14 9.83 -14.39 -10.27
N TRP C 15 10.72 -14.12 -11.22
CA TRP C 15 11.27 -12.79 -11.34
C TRP C 15 11.74 -12.53 -12.76
N LYS C 16 11.85 -11.25 -13.08
CA LYS C 16 12.63 -10.76 -14.18
C LYS C 16 13.67 -9.81 -13.62
N GLU C 17 14.67 -9.48 -14.43
CA GLU C 17 15.62 -8.47 -14.00
C GLU C 17 14.97 -7.10 -14.11
N ALA C 18 15.18 -6.26 -13.10
CA ALA C 18 14.72 -4.89 -13.13
C ALA C 18 15.82 -4.01 -12.62
N THR C 19 15.67 -2.71 -12.84
CA THR C 19 16.61 -1.70 -12.34
C THR C 19 15.80 -0.73 -11.50
N THR C 20 15.85 -0.88 -10.18
CA THR C 20 15.08 -0.01 -9.31
C THR C 20 16.02 0.77 -8.39
N THR C 21 15.43 1.52 -7.47
CA THR C 21 16.18 2.34 -6.54
C THR C 21 16.43 1.58 -5.25
N LEU C 22 17.70 1.45 -4.88
CA LEU C 22 18.04 0.94 -3.57
C LEU C 22 18.23 2.12 -2.63
N PHE C 23 18.21 1.86 -1.33
CA PHE C 23 18.37 2.93 -0.37
C PHE C 23 19.42 2.58 0.66
N CYS C 24 20.12 3.63 1.10
CA CYS C 24 21.11 3.56 2.16
C CYS C 24 20.50 2.99 3.43
N ALA C 25 21.25 2.13 4.11
CA ALA C 25 20.81 1.60 5.40
C ALA C 25 22.08 1.34 6.21
N SER C 26 22.46 2.34 6.99
CA SER C 26 23.79 2.42 7.55
C SER C 26 23.83 1.94 8.99
N ASP C 27 24.96 2.20 9.63
CA ASP C 27 25.08 2.09 11.07
C ASP C 27 24.21 3.14 11.75
N ALA C 28 23.87 2.90 13.01
CA ALA C 28 23.04 3.87 13.73
C ALA C 28 23.52 4.06 15.16
N ARG C 29 24.79 3.81 15.43
CA ARG C 29 25.34 4.06 16.76
C ARG C 29 26.40 5.17 16.67
N ALA C 30 26.36 6.06 17.66
CA ALA C 30 27.20 7.26 17.74
C ALA C 30 27.08 8.12 16.49
N TYR C 31 25.85 8.37 16.03
CA TYR C 31 25.61 9.35 14.98
C TYR C 31 25.24 10.70 15.55
N ASP C 32 24.66 10.70 16.74
CA ASP C 32 24.37 11.92 17.47
C ASP C 32 25.65 12.54 18.04
N THR C 33 25.50 13.73 18.62
CA THR C 33 26.53 14.45 19.38
C THR C 33 27.79 14.71 18.54
N GLU C 34 27.62 15.63 17.57
CA GLU C 34 28.65 16.30 16.75
C GLU C 34 29.12 15.39 15.62
N VAL C 35 28.61 14.17 15.56
CA VAL C 35 28.97 13.27 14.48
C VAL C 35 28.16 13.69 13.25
N HIS C 36 28.72 14.60 12.46
CA HIS C 36 28.10 15.03 11.20
C HIS C 36 28.67 14.21 10.05
N ASN C 37 28.61 12.89 10.21
CA ASN C 37 29.29 11.97 9.31
C ASN C 37 28.65 12.03 7.94
N VAL C 38 29.41 12.55 6.96
CA VAL C 38 28.85 12.91 5.67
C VAL C 38 28.47 11.67 4.88
N TRP C 39 29.11 10.53 5.16
CA TRP C 39 28.65 9.29 4.57
C TRP C 39 27.33 8.86 5.19
N ALA C 40 27.21 9.02 6.50
CA ALA C 40 26.01 8.61 7.19
C ALA C 40 24.88 9.60 7.01
N THR C 41 25.19 10.85 6.64
CA THR C 41 24.36 12.06 6.73
C THR C 41 23.46 12.04 7.96
N HIS C 42 24.10 11.84 9.12
CA HIS C 42 23.48 11.53 10.40
C HIS C 42 22.62 10.26 10.29
N ALA C 43 23.29 9.16 9.94
CA ALA C 43 22.75 7.79 9.96
C ALA C 43 21.50 7.66 9.09
N CYS C 44 21.77 7.71 7.76
CA CYS C 44 20.79 7.84 6.68
C CYS C 44 19.47 7.11 6.88
N VAL C 45 19.54 5.80 7.16
CA VAL C 45 18.40 5.03 7.62
C VAL C 45 18.89 4.18 8.79
N PRO C 46 18.28 4.28 9.96
CA PRO C 46 18.93 3.79 11.19
C PRO C 46 18.84 2.30 11.45
N THR C 47 18.68 1.50 10.38
CA THR C 47 18.23 0.11 10.49
C THR C 47 19.12 -0.75 11.40
N ASP C 48 20.44 -0.75 11.15
CA ASP C 48 21.39 -1.74 11.67
C ASP C 48 20.88 -3.13 11.36
N PRO C 49 21.00 -3.59 10.12
CA PRO C 49 20.24 -4.75 9.66
C PRO C 49 20.67 -6.06 10.31
N ASN C 50 19.74 -7.01 10.28
CA ASN C 50 19.96 -8.40 10.61
C ASN C 50 19.97 -9.17 9.28
N PRO C 51 21.12 -9.33 8.66
CA PRO C 51 21.15 -9.83 7.28
C PRO C 51 20.88 -11.32 7.17
N GLN C 52 19.60 -11.69 7.12
CA GLN C 52 19.26 -13.08 6.97
C GLN C 52 19.45 -13.52 5.52
N GLU C 53 19.33 -14.82 5.31
CA GLU C 53 19.73 -15.42 4.04
C GLU C 53 19.01 -16.74 3.85
N VAL C 54 18.42 -16.94 2.69
CA VAL C 54 17.69 -18.16 2.36
C VAL C 54 18.36 -18.82 1.18
N VAL C 55 18.79 -20.05 1.35
CA VAL C 55 19.38 -20.81 0.27
C VAL C 55 18.27 -21.38 -0.59
N LEU C 56 18.49 -21.43 -1.92
CA LEU C 56 17.45 -21.85 -2.84
C LEU C 56 17.70 -23.22 -3.49
N GLU C 57 18.97 -23.57 -3.69
CA GLU C 57 19.53 -24.89 -4.00
C GLU C 57 19.05 -25.55 -5.30
N ASN C 58 18.17 -24.91 -6.06
CA ASN C 58 17.79 -25.47 -7.34
C ASN C 58 17.71 -24.39 -8.41
N VAL C 59 18.47 -23.31 -8.25
CA VAL C 59 18.26 -22.09 -9.01
C VAL C 59 19.58 -21.68 -9.64
N THR C 60 19.57 -21.45 -10.95
CA THR C 60 20.72 -20.93 -11.68
C THR C 60 20.33 -19.63 -12.36
N GLU C 61 21.00 -18.55 -12.00
CA GLU C 61 20.72 -17.23 -12.53
C GLU C 61 22.00 -16.68 -13.14
N ASN C 62 21.94 -16.31 -14.41
CA ASN C 62 23.13 -15.98 -15.20
C ASN C 62 23.61 -14.59 -14.82
N PHE C 63 24.58 -14.52 -13.93
CA PHE C 63 25.00 -13.22 -13.42
C PHE C 63 25.95 -12.53 -14.40
N ASN C 64 26.30 -11.30 -14.04
CA ASN C 64 27.27 -10.52 -14.79
C ASN C 64 27.78 -9.44 -13.84
N MET C 65 29.09 -9.43 -13.59
CA MET C 65 29.63 -8.37 -12.76
C MET C 65 29.89 -7.10 -13.54
N TRP C 66 29.73 -7.13 -14.85
CA TRP C 66 30.14 -5.98 -15.64
C TRP C 66 28.97 -5.11 -16.08
N LYS C 67 27.81 -5.69 -16.36
CA LYS C 67 26.62 -4.91 -16.70
C LYS C 67 25.70 -4.72 -15.51
N ASN C 68 26.27 -4.54 -14.33
CA ASN C 68 25.47 -4.42 -13.12
C ASN C 68 25.13 -2.95 -12.88
N ASN C 69 23.94 -2.73 -12.37
CA ASN C 69 23.44 -1.38 -12.16
C ASN C 69 23.75 -0.84 -10.79
N MET C 70 24.03 -1.71 -9.81
CA MET C 70 24.21 -1.26 -8.44
C MET C 70 25.46 -0.42 -8.30
N VAL C 71 26.48 -0.71 -9.10
CA VAL C 71 27.67 0.11 -9.08
C VAL C 71 27.38 1.48 -9.68
N GLU C 72 26.41 1.56 -10.58
CA GLU C 72 26.06 2.84 -11.16
C GLU C 72 25.29 3.71 -10.17
N GLN C 73 24.49 3.09 -9.31
CA GLN C 73 23.74 3.85 -8.34
C GLN C 73 24.61 4.33 -7.18
N MET C 74 25.80 3.79 -6.99
CA MET C 74 26.69 4.38 -6.00
C MET C 74 27.27 5.67 -6.53
N HIS C 75 27.86 5.63 -7.73
CA HIS C 75 28.54 6.79 -8.29
C HIS C 75 27.59 7.94 -8.58
N GLU C 76 26.29 7.66 -8.73
CA GLU C 76 25.33 8.74 -8.66
C GLU C 76 25.29 9.32 -7.25
N ASP C 77 25.14 8.45 -6.25
CA ASP C 77 24.78 8.92 -4.92
C ASP C 77 25.93 9.53 -4.16
N ILE C 78 27.16 9.10 -4.43
CA ILE C 78 28.27 9.55 -3.60
C ILE C 78 28.58 11.01 -3.85
N ILE C 79 28.65 11.41 -5.11
CA ILE C 79 28.79 12.82 -5.42
C ILE C 79 27.51 13.56 -5.07
N SER C 80 26.37 12.87 -5.08
CA SER C 80 25.15 13.50 -4.61
C SER C 80 25.16 13.69 -3.11
N LEU C 81 25.86 12.84 -2.37
CA LEU C 81 26.04 13.12 -0.95
C LEU C 81 27.05 14.23 -0.71
N TRP C 82 28.01 14.37 -1.62
CA TRP C 82 28.90 15.53 -1.54
C TRP C 82 28.15 16.82 -1.82
N ASP C 83 27.26 16.82 -2.82
CA ASP C 83 26.73 18.07 -3.36
C ASP C 83 25.80 18.78 -2.38
N GLN C 84 25.04 18.04 -1.59
CA GLN C 84 24.25 18.72 -0.58
C GLN C 84 25.13 19.19 0.58
N SER C 85 26.24 18.50 0.80
CA SER C 85 27.14 18.88 1.88
C SER C 85 28.15 19.92 1.44
N LEU C 86 28.46 19.96 0.15
CA LEU C 86 29.29 21.03 -0.37
C LEU C 86 28.53 22.35 -0.45
N LYS C 87 27.20 22.33 -0.37
CA LYS C 87 26.46 23.59 -0.52
C LYS C 87 26.63 24.56 0.64
N PRO C 88 26.26 24.24 1.90
CA PRO C 88 26.19 25.32 2.89
C PRO C 88 27.54 25.78 3.41
N CYS C 89 28.63 25.14 3.02
CA CYS C 89 29.93 25.52 3.54
C CYS C 89 30.46 26.77 2.83
N VAL C 90 31.64 27.19 3.25
CA VAL C 90 32.16 28.51 2.93
C VAL C 90 32.65 28.52 1.49
N LYS C 91 32.22 29.51 0.71
CA LYS C 91 32.73 29.70 -0.62
C LYS C 91 34.07 30.44 -0.55
N LEU C 92 34.95 30.15 -1.51
CA LEU C 92 36.30 30.71 -1.48
C LEU C 92 36.63 31.48 -2.75
N THR C 93 35.61 32.05 -3.39
CA THR C 93 35.82 32.93 -4.53
C THR C 93 36.70 34.16 -4.23
N PRO C 94 36.52 34.95 -3.11
CA PRO C 94 37.23 36.22 -3.05
C PRO C 94 38.69 36.12 -2.63
N LEU C 95 39.28 34.93 -2.71
CA LEU C 95 40.63 34.74 -2.19
C LEU C 95 41.70 34.69 -3.26
N CYS C 96 41.34 34.70 -4.54
CA CYS C 96 42.33 34.53 -5.60
C CYS C 96 43.07 35.85 -5.78
N VAL C 97 44.04 36.08 -4.88
CA VAL C 97 44.74 37.35 -4.79
C VAL C 97 46.22 37.10 -5.04
N THR C 98 46.87 38.04 -5.73
CA THR C 98 48.31 38.00 -5.95
C THR C 98 49.06 38.02 -4.63
N LEU C 99 50.16 37.27 -4.57
CA LEU C 99 50.84 36.93 -3.32
C LEU C 99 52.30 37.41 -3.32
N ASN C 100 52.89 37.34 -2.12
CA ASN C 100 54.32 37.56 -1.91
C ASN C 100 54.76 36.49 -0.92
N CYS C 101 55.48 35.48 -1.39
CA CYS C 101 55.71 34.27 -0.62
C CYS C 101 57.20 34.03 -0.45
N THR C 102 57.63 33.87 0.80
CA THR C 102 59.05 33.70 1.13
C THR C 102 59.30 32.32 1.72
N ASP C 103 60.57 31.98 1.85
CA ASP C 103 60.97 30.66 2.31
C ASP C 103 60.71 30.51 3.81
N LEU C 104 60.20 29.35 4.20
CA LEU C 104 59.90 29.09 5.61
C LEU C 104 61.03 28.33 6.27
N ARG C 105 61.46 28.82 7.42
CA ARG C 105 62.46 28.14 8.23
C ARG C 105 61.89 26.86 8.81
N ASN C 106 62.72 25.83 8.88
CA ASN C 106 62.36 24.58 9.53
C ASN C 106 62.14 24.79 11.04
N GLU C 114 64.23 19.35 -1.52
CA GLU C 114 62.81 19.11 -1.31
C GLU C 114 61.98 20.26 -1.88
N GLY C 115 60.78 19.94 -2.34
CA GLY C 115 59.84 20.97 -2.76
C GLY C 115 58.49 20.76 -2.12
N GLY C 116 58.04 21.70 -1.30
CA GLY C 116 56.88 21.46 -0.49
C GLY C 116 56.43 22.70 0.25
N GLU C 117 56.19 22.58 1.54
CA GLU C 117 55.97 23.74 2.39
C GLU C 117 57.29 24.49 2.48
N ILE C 118 57.44 25.52 1.66
CA ILE C 118 58.55 26.44 1.81
C ILE C 118 57.92 27.82 1.92
N LYS C 119 56.76 27.99 1.33
CA LYS C 119 56.20 29.31 1.08
C LYS C 119 55.00 29.56 1.97
N ASN C 120 55.13 30.48 2.93
CA ASN C 120 53.94 31.09 3.49
C ASN C 120 53.72 32.43 2.80
N CYS C 121 52.47 32.87 2.74
CA CYS C 121 52.15 33.96 1.86
C CYS C 121 51.38 35.08 2.56
N SER C 122 50.93 36.06 1.79
CA SER C 122 50.32 37.26 2.34
C SER C 122 49.53 37.95 1.25
N PHE C 123 48.33 38.42 1.60
CA PHE C 123 47.48 39.11 0.64
C PHE C 123 46.43 39.91 1.37
N ASN C 124 46.00 40.99 0.73
CA ASN C 124 45.01 41.90 1.28
C ASN C 124 43.61 41.42 0.94
N ILE C 125 42.71 41.50 1.93
CA ILE C 125 41.34 41.01 1.74
C ILE C 125 40.43 41.72 2.74
N THR C 126 39.16 41.86 2.35
CA THR C 126 38.17 42.65 3.08
C THR C 126 36.78 41.99 3.08
N THR C 127 36.72 40.69 3.38
CA THR C 127 35.56 39.82 3.12
C THR C 127 34.20 40.27 3.67
N SER C 128 34.05 40.28 4.99
CA SER C 128 32.74 40.56 5.58
C SER C 128 32.63 41.95 6.17
N MET C 129 33.74 42.59 6.53
CA MET C 129 33.66 43.96 7.02
C MET C 129 33.37 44.93 5.88
N ARG C 130 33.93 44.65 4.69
CA ARG C 130 33.70 45.39 3.45
C ARG C 130 34.09 46.86 3.56
N ASP C 131 35.07 47.17 4.40
CA ASP C 131 35.56 48.53 4.56
C ASP C 131 37.02 48.68 4.17
N LYS C 132 37.90 47.85 4.73
CA LYS C 132 39.34 48.00 4.56
C LYS C 132 39.96 46.62 4.36
N VAL C 133 40.91 46.54 3.44
CA VAL C 133 41.62 45.31 3.16
C VAL C 133 42.61 45.05 4.29
N GLN C 134 43.14 43.84 4.36
CA GLN C 134 44.15 43.53 5.37
C GLN C 134 45.01 42.37 4.90
N LYS C 135 46.33 42.54 5.01
CA LYS C 135 47.25 41.47 4.72
C LYS C 135 47.22 40.42 5.84
N GLU C 136 47.85 39.28 5.58
CA GLU C 136 47.67 38.10 6.40
C GLU C 136 48.94 37.26 6.38
N TYR C 137 48.87 36.11 7.05
CA TYR C 137 49.87 35.05 6.90
C TYR C 137 49.17 33.71 7.00
N ALA C 138 49.64 32.75 6.21
CA ALA C 138 48.97 31.46 6.02
C ALA C 138 50.06 30.39 6.05
N LEU C 139 49.73 29.18 5.60
CA LEU C 139 50.72 28.16 5.30
C LEU C 139 50.27 27.41 4.05
N PHE C 140 51.13 27.40 3.03
CA PHE C 140 50.77 26.91 1.70
C PHE C 140 51.81 25.93 1.21
N TYR C 141 51.35 24.77 0.75
CA TYR C 141 52.23 23.75 0.20
C TYR C 141 52.60 24.11 -1.24
N LYS C 142 53.20 23.16 -1.95
CA LYS C 142 53.16 23.19 -3.40
C LYS C 142 51.87 22.51 -3.85
N LEU C 143 51.77 22.20 -5.14
CA LEU C 143 50.63 21.58 -5.80
C LEU C 143 49.36 22.41 -5.73
N ASP C 144 49.46 23.69 -5.35
CA ASP C 144 48.31 24.58 -5.35
C ASP C 144 48.64 26.03 -5.71
N VAL C 145 49.88 26.35 -6.06
CA VAL C 145 50.29 27.73 -6.34
C VAL C 145 50.97 27.79 -7.71
N VAL C 146 51.00 28.99 -8.29
CA VAL C 146 51.63 29.23 -9.58
C VAL C 146 52.47 30.49 -9.53
N PRO C 147 53.76 30.44 -9.84
CA PRO C 147 54.55 31.66 -10.02
C PRO C 147 54.11 32.45 -11.25
N ILE C 148 53.51 33.62 -11.02
CA ILE C 148 52.83 34.31 -12.11
C ILE C 148 53.83 35.06 -12.96
N LYS C 149 53.36 35.53 -14.11
CA LYS C 149 54.20 36.18 -15.09
C LYS C 149 54.38 37.67 -14.78
N ASN C 150 55.48 38.22 -15.29
CA ASN C 150 55.83 39.65 -15.21
C ASN C 150 55.92 40.15 -13.78
N ASP C 151 56.36 39.28 -12.87
CA ASP C 151 56.50 39.68 -11.47
C ASP C 151 57.50 38.76 -10.81
N ASN C 152 58.12 39.25 -9.75
CA ASN C 152 59.19 38.55 -9.06
C ASN C 152 58.61 37.91 -7.82
N THR C 153 58.47 36.57 -7.86
CA THR C 153 58.02 35.72 -6.75
C THR C 153 56.62 36.14 -6.26
N SER C 154 55.66 35.93 -7.15
CA SER C 154 54.26 36.22 -6.85
C SER C 154 53.41 35.03 -7.27
N TYR C 155 52.55 34.57 -6.36
CA TYR C 155 51.85 33.32 -6.53
C TYR C 155 50.35 33.52 -6.63
N ARG C 156 49.68 32.48 -7.10
CA ARG C 156 48.25 32.51 -7.36
C ARG C 156 47.77 31.07 -7.39
N LEU C 157 46.55 30.86 -6.91
CA LEU C 157 46.04 29.49 -6.72
C LEU C 157 45.70 28.86 -8.05
N ILE C 158 45.95 27.54 -8.16
CA ILE C 158 45.96 26.85 -9.44
C ILE C 158 44.57 26.75 -10.06
N SER C 159 43.53 26.83 -9.26
CA SER C 159 42.18 26.59 -9.75
C SER C 159 41.28 27.77 -9.46
N CYS C 160 41.76 28.97 -9.80
CA CYS C 160 40.89 30.13 -9.72
C CYS C 160 39.86 30.11 -10.85
N ASN C 161 40.33 30.07 -12.08
CA ASN C 161 39.47 30.23 -13.25
C ASN C 161 38.84 28.93 -13.72
N THR C 162 38.69 27.98 -12.82
CA THR C 162 37.70 26.92 -12.99
C THR C 162 36.42 27.38 -12.29
N SER C 163 35.52 26.44 -12.01
CA SER C 163 34.34 26.74 -11.22
C SER C 163 34.72 26.94 -9.75
N VAL C 164 33.70 27.08 -8.89
CA VAL C 164 33.87 27.60 -7.55
C VAL C 164 34.64 26.61 -6.67
N ILE C 165 35.20 27.14 -5.59
CA ILE C 165 36.21 26.44 -4.81
C ILE C 165 35.74 26.36 -3.35
N THR C 166 34.45 26.10 -3.18
CA THR C 166 33.84 25.90 -1.86
C THR C 166 34.52 24.77 -1.08
N GLN C 167 34.87 25.06 0.18
CA GLN C 167 35.48 24.06 1.05
C GLN C 167 34.42 23.18 1.68
N ALA C 168 34.83 22.33 2.61
CA ALA C 168 33.92 21.59 3.46
C ALA C 168 34.03 22.10 4.90
N CYS C 169 32.96 21.93 5.65
CA CYS C 169 32.89 22.48 6.99
C CYS C 169 33.61 21.56 7.98
N PRO C 170 34.13 22.10 9.09
CA PRO C 170 34.86 21.25 10.03
C PRO C 170 33.97 20.40 10.92
N LYS C 171 32.66 20.61 10.93
CA LYS C 171 31.80 19.74 11.73
C LYS C 171 31.77 18.33 11.19
N VAL C 172 31.87 18.18 9.88
CA VAL C 172 31.60 16.90 9.23
C VAL C 172 32.83 16.02 9.29
N SER C 173 32.64 14.75 8.98
CA SER C 173 33.72 13.78 8.96
C SER C 173 33.54 12.88 7.76
N PHE C 174 34.63 12.60 7.06
CA PHE C 174 34.60 11.73 5.90
C PHE C 174 34.84 10.28 6.26
N GLU C 175 34.57 9.89 7.49
CA GLU C 175 34.88 8.58 8.02
C GLU C 175 34.05 7.48 7.37
N PRO C 176 34.66 6.58 6.61
CA PRO C 176 33.93 5.62 5.77
C PRO C 176 33.36 4.46 6.57
N ILE C 177 32.18 4.67 7.15
CA ILE C 177 31.53 3.63 7.93
C ILE C 177 30.88 2.66 6.95
N PRO C 178 30.74 1.38 7.30
CA PRO C 178 30.21 0.42 6.31
C PRO C 178 28.72 0.61 6.10
N ILE C 179 28.33 0.64 4.84
CA ILE C 179 26.95 0.90 4.43
C ILE C 179 26.38 -0.39 3.88
N HIS C 180 25.21 -0.79 4.37
CA HIS C 180 24.52 -1.98 3.91
C HIS C 180 23.38 -1.56 2.99
N TYR C 181 23.45 -1.95 1.73
CA TYR C 181 22.35 -1.66 0.81
C TYR C 181 21.26 -2.69 0.99
N CYS C 182 20.08 -2.25 1.41
CA CYS C 182 18.93 -3.12 1.53
C CYS C 182 18.02 -2.91 0.33
N ALA C 183 17.03 -3.78 0.20
CA ALA C 183 16.15 -3.76 -0.95
C ALA C 183 14.74 -3.35 -0.54
N PRO C 184 14.05 -2.55 -1.33
CA PRO C 184 12.67 -2.18 -1.00
C PRO C 184 11.72 -3.33 -1.29
N ALA C 185 10.43 -3.07 -1.10
CA ALA C 185 9.43 -4.13 -1.19
C ALA C 185 9.25 -4.57 -2.64
N GLY C 186 9.10 -5.86 -2.83
CA GLY C 186 8.96 -6.40 -4.17
C GLY C 186 10.25 -6.54 -4.93
N PHE C 187 11.38 -6.59 -4.22
CA PHE C 187 12.68 -6.74 -4.87
C PHE C 187 13.55 -7.58 -3.95
N ALA C 188 14.16 -8.62 -4.49
CA ALA C 188 15.01 -9.51 -3.70
C ALA C 188 16.42 -9.44 -4.24
N ILE C 189 17.35 -8.90 -3.46
CA ILE C 189 18.75 -8.91 -3.86
C ILE C 189 19.27 -10.34 -3.76
N LEU C 190 19.88 -10.81 -4.83
CA LEU C 190 20.43 -12.16 -4.88
C LEU C 190 21.95 -12.09 -4.79
N LYS C 191 22.57 -13.22 -4.47
CA LYS C 191 24.01 -13.27 -4.27
C LYS C 191 24.53 -14.66 -4.63
N CYS C 192 25.62 -14.70 -5.40
CA CYS C 192 26.18 -15.98 -5.81
C CYS C 192 26.87 -16.66 -4.65
N ASN C 193 26.73 -17.98 -4.58
CA ASN C 193 27.28 -18.76 -3.49
C ASN C 193 28.47 -19.61 -3.91
N ASP C 194 28.97 -19.42 -5.11
CA ASP C 194 30.16 -20.12 -5.56
C ASP C 194 31.35 -19.17 -5.44
N LYS C 195 32.39 -19.60 -4.74
CA LYS C 195 33.59 -18.79 -4.65
C LYS C 195 34.56 -19.07 -5.77
N LYS C 196 34.21 -19.95 -6.70
CA LYS C 196 34.92 -20.08 -7.96
C LYS C 196 34.34 -19.18 -9.04
N PHE C 197 33.45 -18.25 -8.65
CA PHE C 197 32.74 -17.40 -9.59
C PHE C 197 33.71 -16.43 -10.24
N ASN C 198 33.92 -16.59 -11.54
CA ASN C 198 34.95 -15.83 -12.23
C ASN C 198 34.50 -14.46 -12.68
N GLY C 199 33.27 -14.06 -12.38
CA GLY C 199 32.82 -12.74 -12.76
C GLY C 199 31.56 -12.71 -13.59
N THR C 200 31.43 -13.63 -14.54
CA THR C 200 30.23 -13.69 -15.37
C THR C 200 29.64 -15.08 -15.38
N GLY C 201 28.70 -15.33 -16.28
CA GLY C 201 28.18 -16.66 -16.47
C GLY C 201 27.20 -17.05 -15.39
N PRO C 202 26.93 -18.34 -15.25
CA PRO C 202 25.94 -18.81 -14.29
C PRO C 202 26.55 -19.04 -12.91
N CYS C 203 25.66 -19.27 -11.94
CA CYS C 203 26.03 -19.75 -10.62
C CYS C 203 25.21 -20.99 -10.29
N THR C 204 25.48 -21.55 -9.11
CA THR C 204 25.01 -22.89 -8.79
C THR C 204 23.79 -22.86 -7.88
N ASN C 205 23.93 -22.27 -6.70
CA ASN C 205 22.90 -22.33 -5.67
C ASN C 205 22.69 -20.96 -5.00
N VAL C 206 22.40 -19.96 -5.85
CA VAL C 206 22.21 -18.56 -5.45
C VAL C 206 21.21 -18.43 -4.30
N SER C 207 21.58 -17.65 -3.29
CA SER C 207 20.74 -17.39 -2.13
C SER C 207 20.07 -16.03 -2.26
N THR C 208 19.40 -15.62 -1.19
CA THR C 208 18.61 -14.40 -1.20
C THR C 208 18.80 -13.70 0.13
N VAL C 209 19.30 -12.48 0.10
CA VAL C 209 19.52 -11.72 1.32
C VAL C 209 18.63 -10.50 1.31
N GLN C 210 18.26 -10.04 2.51
CA GLN C 210 17.55 -8.77 2.63
C GLN C 210 18.44 -7.62 2.25
N CYS C 211 19.71 -7.71 2.57
CA CYS C 211 20.50 -6.51 2.64
C CYS C 211 21.96 -6.91 2.49
N THR C 212 22.70 -6.13 1.74
CA THR C 212 24.04 -6.51 1.36
C THR C 212 24.99 -6.41 2.55
N HIS C 213 26.17 -6.98 2.38
CA HIS C 213 27.13 -7.06 3.47
C HIS C 213 27.86 -5.73 3.62
N GLY C 214 28.95 -5.75 4.38
CA GLY C 214 29.65 -4.54 4.71
C GLY C 214 30.30 -3.92 3.48
N ILE C 215 29.97 -2.67 3.20
CA ILE C 215 30.59 -1.93 2.13
C ILE C 215 31.09 -0.63 2.73
N ARG C 216 32.39 -0.52 2.93
CA ARG C 216 32.98 0.73 3.37
C ARG C 216 33.33 1.55 2.14
N PRO C 217 32.66 2.65 1.88
CA PRO C 217 32.87 3.39 0.63
C PRO C 217 34.10 4.28 0.70
N VAL C 218 35.26 3.64 0.73
CA VAL C 218 36.52 4.35 0.79
C VAL C 218 36.88 4.88 -0.59
N VAL C 219 37.79 5.85 -0.63
CA VAL C 219 38.18 6.49 -1.87
C VAL C 219 39.70 6.41 -2.04
N SER C 220 40.15 5.61 -3.01
CA SER C 220 41.58 5.53 -3.28
C SER C 220 41.80 5.09 -4.72
N THR C 221 42.81 5.67 -5.34
CA THR C 221 43.30 5.21 -6.63
C THR C 221 44.37 4.15 -6.42
N GLN C 222 44.59 3.33 -7.45
CA GLN C 222 45.74 2.45 -7.63
C GLN C 222 45.83 1.30 -6.62
N LEU C 223 44.97 1.26 -5.62
CA LEU C 223 44.84 0.19 -4.65
C LEU C 223 43.40 0.20 -4.17
N LEU C 224 43.13 -0.52 -3.09
CA LEU C 224 41.85 -0.40 -2.40
C LEU C 224 42.08 -0.81 -0.95
N LEU C 225 41.78 0.10 -0.04
CA LEU C 225 42.40 0.02 1.29
C LEU C 225 41.66 -0.90 2.24
N ASN C 226 40.48 -0.50 2.70
CA ASN C 226 39.78 -1.21 3.77
C ASN C 226 38.80 -2.22 3.21
N GLY C 227 39.25 -3.02 2.24
CA GLY C 227 38.32 -3.77 1.41
C GLY C 227 37.89 -5.06 2.04
N SER C 228 37.42 -5.97 1.19
CA SER C 228 36.84 -7.24 1.62
C SER C 228 37.39 -8.36 0.73
N LEU C 229 37.88 -9.43 1.36
CA LEU C 229 38.74 -10.38 0.68
C LEU C 229 38.13 -11.78 0.66
N ALA C 230 38.48 -12.53 -0.38
CA ALA C 230 37.88 -13.83 -0.65
C ALA C 230 38.58 -14.91 0.16
N GLU C 231 38.31 -16.17 -0.16
CA GLU C 231 38.90 -17.29 0.57
C GLU C 231 40.32 -17.53 0.07
N GLU C 232 40.91 -18.68 0.43
CA GLU C 232 42.36 -18.83 0.46
C GLU C 232 42.98 -19.14 -0.89
N GLU C 233 42.35 -18.71 -1.97
CA GLU C 233 42.98 -18.59 -3.26
C GLU C 233 42.93 -17.13 -3.68
N VAL C 234 43.84 -16.75 -4.56
CA VAL C 234 43.85 -15.40 -5.11
C VAL C 234 43.07 -15.41 -6.42
N VAL C 235 42.07 -14.54 -6.53
CA VAL C 235 41.21 -14.49 -7.70
C VAL C 235 41.41 -13.15 -8.39
N ILE C 236 41.61 -13.17 -9.69
CA ILE C 236 41.79 -11.96 -10.48
C ILE C 236 40.85 -12.01 -11.67
N ARG C 237 40.02 -10.97 -11.82
CA ARG C 237 39.00 -10.92 -12.84
C ARG C 237 39.20 -9.69 -13.71
N SER C 238 38.72 -9.78 -14.96
CA SER C 238 38.68 -8.64 -15.85
C SER C 238 37.58 -8.89 -16.88
N ALA C 239 37.41 -7.92 -17.78
CA ALA C 239 36.27 -7.96 -18.70
C ALA C 239 36.50 -8.94 -19.84
N ASN C 240 37.43 -8.63 -20.72
CA ASN C 240 37.81 -9.58 -21.76
C ASN C 240 38.98 -10.42 -21.30
N PHE C 241 39.90 -9.81 -20.53
CA PHE C 241 41.11 -10.41 -19.95
C PHE C 241 42.08 -10.86 -21.05
N THR C 242 41.88 -10.36 -22.26
CA THR C 242 42.80 -10.59 -23.37
C THR C 242 43.03 -9.24 -24.00
N ASP C 243 42.01 -8.39 -23.91
CA ASP C 243 42.08 -7.03 -24.41
C ASP C 243 43.08 -6.23 -23.58
N ASN C 244 43.75 -5.29 -24.25
CA ASN C 244 44.83 -4.57 -23.58
C ASN C 244 44.31 -3.42 -22.74
N ALA C 245 43.36 -2.65 -23.25
CA ALA C 245 42.90 -1.46 -22.52
C ALA C 245 41.68 -1.76 -21.65
N LYS C 246 41.76 -2.81 -20.86
CA LYS C 246 40.76 -3.10 -19.84
C LYS C 246 41.37 -2.90 -18.47
N ILE C 247 40.64 -3.28 -17.42
CA ILE C 247 41.06 -3.07 -16.05
C ILE C 247 41.22 -4.42 -15.39
N ILE C 248 42.32 -4.61 -14.68
CA ILE C 248 42.64 -5.86 -14.00
C ILE C 248 42.22 -5.73 -12.55
N ILE C 249 41.14 -6.41 -12.18
CA ILE C 249 40.67 -6.43 -10.80
C ILE C 249 41.37 -7.56 -10.07
N VAL C 250 42.07 -7.23 -8.99
CA VAL C 250 42.87 -8.18 -8.24
C VAL C 250 42.25 -8.36 -6.87
N GLN C 251 41.95 -9.62 -6.52
CA GLN C 251 41.52 -9.99 -5.19
C GLN C 251 42.50 -11.01 -4.62
N LEU C 252 43.29 -10.59 -3.64
CA LEU C 252 44.29 -11.46 -3.04
C LEU C 252 43.79 -12.00 -1.72
N ASN C 253 44.26 -13.21 -1.38
CA ASN C 253 43.60 -13.98 -0.32
C ASN C 253 44.00 -13.56 1.09
N LYS C 254 44.96 -12.65 1.23
CA LYS C 254 45.44 -12.23 2.53
C LYS C 254 45.58 -10.72 2.53
N SER C 255 45.76 -10.16 3.73
CA SER C 255 45.87 -8.72 3.85
C SER C 255 47.33 -8.30 3.98
N VAL C 256 47.59 -7.07 3.56
CA VAL C 256 48.93 -6.49 3.59
C VAL C 256 48.82 -5.18 4.36
N GLU C 257 49.44 -5.12 5.52
CA GLU C 257 49.18 -4.03 6.45
C GLU C 257 50.03 -2.81 6.09
N ILE C 258 49.42 -1.63 6.20
CA ILE C 258 50.02 -0.37 5.77
C ILE C 258 50.00 0.60 6.94
N ASN C 259 51.10 1.34 7.12
CA ASN C 259 51.12 2.46 8.05
C ASN C 259 51.53 3.71 7.28
N CYS C 260 50.80 4.80 7.49
CA CYS C 260 51.11 6.07 6.86
C CYS C 260 50.90 7.16 7.91
N THR C 261 51.86 8.05 8.06
CA THR C 261 51.74 9.07 9.09
C THR C 261 52.22 10.42 8.59
N ARG C 262 51.73 11.45 9.26
CA ARG C 262 52.04 12.84 8.94
C ARG C 262 52.70 13.42 10.18
N PRO C 263 54.03 13.42 10.26
CA PRO C 263 54.70 13.78 11.52
C PRO C 263 54.67 15.26 11.84
N ASN C 264 54.20 16.10 10.93
CA ASN C 264 54.21 17.54 11.16
C ASN C 264 53.10 17.89 12.15
N ASN C 265 53.48 18.54 13.26
CA ASN C 265 52.50 18.92 14.28
C ASN C 265 51.75 20.15 13.79
N ASN C 266 50.86 19.94 12.83
CA ASN C 266 49.95 21.00 12.39
C ASN C 266 48.97 21.32 13.51
N THR C 267 48.51 22.56 13.55
CA THR C 267 47.77 23.09 14.68
C THR C 267 46.55 23.84 14.19
N ARG C 268 45.89 24.52 15.12
CA ARG C 268 44.73 25.34 14.84
C ARG C 268 45.22 26.71 14.35
N LYS C 269 44.30 27.62 14.06
CA LYS C 269 44.54 28.76 13.19
C LYS C 269 43.31 29.64 13.23
N SER C 270 43.46 30.87 12.73
CA SER C 270 42.37 31.84 12.71
C SER C 270 42.56 32.71 11.49
N ILE C 271 41.85 32.41 10.42
CA ILE C 271 41.94 33.22 9.22
C ILE C 271 40.59 33.91 9.07
N HIS C 272 40.59 34.98 8.28
CA HIS C 272 39.57 36.03 8.27
C HIS C 272 38.20 35.49 7.91
N ILE C 273 37.19 36.24 8.32
CA ILE C 273 35.84 35.74 8.44
C ILE C 273 35.06 36.19 7.22
N GLY C 274 34.35 35.26 6.59
CA GLY C 274 33.35 35.60 5.63
C GLY C 274 32.09 36.08 6.31
N PRO C 275 30.98 36.20 5.59
CA PRO C 275 29.75 36.64 6.25
C PRO C 275 29.20 35.54 7.14
N GLY C 276 29.48 35.67 8.44
CA GLY C 276 29.26 34.58 9.36
C GLY C 276 30.01 33.31 9.04
N ARG C 277 31.14 33.40 8.34
CA ARG C 277 31.83 32.23 7.80
C ARG C 277 33.32 32.33 8.13
N ALA C 278 33.71 31.70 9.23
CA ALA C 278 35.12 31.66 9.60
C ALA C 278 35.84 30.70 8.66
N PHE C 279 36.88 31.17 7.99
CA PHE C 279 37.69 30.33 7.12
C PHE C 279 39.00 30.00 7.79
N TYR C 280 39.51 28.80 7.50
CA TYR C 280 40.68 28.26 8.18
C TYR C 280 41.75 27.91 7.16
N THR C 281 43.00 28.24 7.49
CA THR C 281 44.16 27.88 6.70
C THR C 281 45.25 27.51 7.66
N THR C 282 45.83 26.31 7.45
CA THR C 282 46.55 25.50 8.43
C THR C 282 47.52 26.29 9.29
N GLY C 283 47.30 26.23 10.60
CA GLY C 283 48.17 26.88 11.53
C GLY C 283 49.53 26.23 11.62
N GLU C 284 50.32 26.75 12.53
CA GLU C 284 51.76 26.53 12.55
C GLU C 284 52.14 25.09 12.82
N ILE C 285 53.28 24.70 12.29
CA ILE C 285 53.95 23.49 12.73
C ILE C 285 54.65 23.80 14.06
N ILE C 286 54.99 22.75 14.82
CA ILE C 286 55.60 22.96 16.12
C ILE C 286 57.00 23.55 16.00
N GLY C 287 57.68 23.36 14.87
CA GLY C 287 58.99 23.98 14.71
C GLY C 287 60.00 23.11 13.99
N ASP C 288 59.63 21.89 13.62
CA ASP C 288 60.54 21.02 12.91
C ASP C 288 59.73 20.12 11.99
N ILE C 289 60.20 19.97 10.75
CA ILE C 289 59.41 19.40 9.67
C ILE C 289 59.96 18.03 9.33
N ARG C 290 59.10 17.02 9.39
CA ARG C 290 59.39 15.70 8.87
C ARG C 290 58.34 15.39 7.80
N GLN C 291 58.81 15.03 6.61
CA GLN C 291 57.88 14.84 5.50
C GLN C 291 57.11 13.53 5.68
N ALA C 292 55.81 13.59 5.42
CA ALA C 292 54.92 12.47 5.61
C ALA C 292 55.25 11.34 4.63
N HIS C 293 55.01 10.11 5.09
CA HIS C 293 55.42 8.93 4.33
C HIS C 293 54.53 7.76 4.71
N CYS C 294 54.30 6.90 3.74
CA CYS C 294 53.75 5.59 4.04
C CYS C 294 54.88 4.62 4.37
N ASN C 295 54.53 3.55 5.07
CA ASN C 295 55.56 2.73 5.70
C ASN C 295 55.05 1.30 5.75
N ILE C 296 55.40 0.53 4.73
CA ILE C 296 54.85 -0.79 4.48
C ILE C 296 55.89 -1.84 4.85
N SER C 297 55.44 -2.93 5.46
CA SER C 297 56.30 -4.08 5.76
C SER C 297 56.69 -4.74 4.45
N GLY C 298 57.87 -4.40 3.95
CA GLY C 298 58.25 -4.74 2.59
C GLY C 298 58.55 -6.19 2.34
N THR C 299 58.62 -7.02 3.38
CA THR C 299 58.79 -8.44 3.17
C THR C 299 57.52 -9.06 2.58
N LYS C 300 56.38 -8.79 3.22
CA LYS C 300 55.11 -9.36 2.77
C LYS C 300 54.72 -8.86 1.39
N TRP C 301 55.03 -7.59 1.11
CA TRP C 301 54.81 -7.05 -0.22
C TRP C 301 55.67 -7.76 -1.25
N ASN C 302 56.94 -8.00 -0.89
CA ASN C 302 57.80 -8.83 -1.74
C ASN C 302 57.29 -10.26 -1.81
N ASP C 303 56.70 -10.75 -0.71
CA ASP C 303 56.08 -12.06 -0.74
C ASP C 303 54.85 -12.07 -1.63
N THR C 304 54.19 -10.93 -1.77
CA THR C 304 52.86 -10.90 -2.36
C THR C 304 52.90 -11.09 -3.86
N LEU C 305 53.80 -10.41 -4.55
CA LEU C 305 53.69 -10.35 -6.01
C LEU C 305 54.13 -11.62 -6.69
N LYS C 306 54.97 -12.44 -6.03
CA LYS C 306 55.18 -13.79 -6.54
C LYS C 306 53.95 -14.66 -6.33
N GLN C 307 53.16 -14.37 -5.30
CA GLN C 307 51.92 -15.11 -5.15
C GLN C 307 50.88 -14.69 -6.17
N ILE C 308 51.04 -13.51 -6.76
CA ILE C 308 50.04 -13.05 -7.72
C ILE C 308 50.24 -13.72 -9.06
N VAL C 309 51.50 -13.89 -9.49
CA VAL C 309 51.75 -14.52 -10.78
C VAL C 309 51.53 -16.03 -10.76
N VAL C 310 51.30 -16.60 -9.58
CA VAL C 310 50.74 -17.95 -9.52
C VAL C 310 49.38 -17.98 -10.20
N LYS C 311 48.53 -17.01 -9.87
CA LYS C 311 47.19 -16.95 -10.42
C LYS C 311 47.04 -15.96 -11.56
N LEU C 312 48.08 -15.17 -11.87
CA LEU C 312 48.07 -14.41 -13.11
C LEU C 312 48.33 -15.27 -14.34
N LYS C 313 48.72 -16.52 -14.14
CA LYS C 313 49.43 -17.16 -15.22
C LYS C 313 48.56 -18.05 -16.08
N GLU C 314 47.63 -18.77 -15.47
CA GLU C 314 47.13 -20.03 -15.99
C GLU C 314 46.17 -19.89 -17.17
N GLN C 315 46.08 -18.70 -17.78
CA GLN C 315 45.28 -18.47 -18.96
C GLN C 315 46.11 -18.47 -20.24
N PHE C 316 47.43 -18.29 -20.14
CA PHE C 316 48.31 -18.45 -21.29
C PHE C 316 49.66 -18.94 -20.78
N GLY C 317 50.18 -19.99 -21.42
CA GLY C 317 51.48 -20.61 -21.31
C GLY C 317 51.95 -20.79 -19.89
N ASN C 318 53.28 -20.70 -19.73
CA ASN C 318 53.92 -20.71 -18.42
C ASN C 318 55.15 -19.79 -18.39
N LYS C 319 55.09 -18.69 -19.14
CA LYS C 319 56.25 -17.85 -19.40
C LYS C 319 55.88 -16.37 -19.39
N THR C 320 56.90 -15.55 -19.13
CA THR C 320 56.95 -14.10 -19.35
C THR C 320 55.90 -13.34 -18.53
N ILE C 321 56.12 -13.32 -17.22
CA ILE C 321 55.39 -12.44 -16.31
C ILE C 321 56.34 -11.39 -15.76
N VAL C 322 55.87 -10.14 -15.68
CA VAL C 322 56.64 -9.01 -15.16
C VAL C 322 55.73 -8.11 -14.35
N PHE C 323 56.35 -7.13 -13.69
CA PHE C 323 55.64 -6.03 -13.03
C PHE C 323 56.34 -4.72 -13.32
N ASN C 324 55.54 -3.70 -13.63
CA ASN C 324 56.04 -2.41 -14.09
C ASN C 324 55.28 -1.33 -13.34
N HIS C 325 55.91 -0.16 -13.23
CA HIS C 325 55.26 0.95 -12.59
C HIS C 325 54.44 1.74 -13.60
N SER C 326 53.65 2.68 -13.09
CA SER C 326 52.72 3.42 -13.91
C SER C 326 53.43 4.52 -14.70
N SER C 327 52.64 5.30 -15.43
CA SER C 327 53.13 6.35 -16.29
C SER C 327 51.96 7.25 -16.67
N GLY C 328 52.28 8.39 -17.27
CA GLY C 328 51.29 9.25 -17.90
C GLY C 328 50.75 10.40 -17.08
N GLY C 329 51.08 11.63 -17.49
CA GLY C 329 50.40 12.81 -17.01
C GLY C 329 50.95 13.40 -15.73
N ASP C 330 50.11 14.28 -15.16
CA ASP C 330 50.41 14.96 -13.91
C ASP C 330 50.39 13.97 -12.73
N PRO C 331 51.08 14.29 -11.62
CA PRO C 331 51.23 13.29 -10.55
C PRO C 331 49.96 12.88 -9.82
N GLU C 332 48.84 13.58 -10.01
CA GLU C 332 47.60 13.21 -9.33
C GLU C 332 47.07 11.86 -9.83
N ILE C 333 47.32 11.55 -11.09
CA ILE C 333 46.97 10.24 -11.62
C ILE C 333 48.17 9.30 -11.59
N VAL C 334 49.38 9.84 -11.47
CA VAL C 334 50.56 9.01 -11.32
C VAL C 334 50.68 8.49 -9.90
N MET C 335 50.83 9.39 -8.94
CA MET C 335 51.09 8.99 -7.56
C MET C 335 49.84 8.41 -6.92
N HIS C 336 50.05 7.57 -5.92
CA HIS C 336 48.94 6.87 -5.29
C HIS C 336 48.13 7.81 -4.43
N SER C 337 46.83 7.83 -4.66
CA SER C 337 45.93 8.71 -3.92
C SER C 337 45.05 7.89 -2.98
N PHE C 338 44.83 8.44 -1.78
CA PHE C 338 43.91 7.91 -0.77
C PHE C 338 43.75 9.00 0.30
N ASN C 339 42.71 8.85 1.11
CA ASN C 339 42.49 9.76 2.23
C ASN C 339 42.91 9.11 3.53
N CYS C 340 43.08 9.94 4.56
CA CYS C 340 43.31 9.43 5.91
C CYS C 340 42.75 10.42 6.92
N GLY C 341 41.51 10.17 7.35
CA GLY C 341 40.86 10.89 8.43
C GLY C 341 40.74 12.39 8.23
N GLY C 342 40.02 12.81 7.20
CA GLY C 342 39.96 14.23 6.89
C GLY C 342 41.26 14.82 6.38
N GLU C 343 42.02 14.04 5.62
CA GLU C 343 43.30 14.48 5.10
C GLU C 343 43.64 13.64 3.89
N PHE C 344 44.29 14.26 2.90
CA PHE C 344 44.46 13.68 1.59
C PHE C 344 45.93 13.44 1.28
N PHE C 345 46.23 12.27 0.73
CA PHE C 345 47.58 11.83 0.47
C PHE C 345 47.76 11.48 -0.99
N TYR C 346 48.85 11.97 -1.57
CA TYR C 346 49.36 11.53 -2.86
C TYR C 346 50.73 10.90 -2.61
N CYS C 347 50.81 9.58 -2.67
CA CYS C 347 52.05 8.90 -2.33
C CYS C 347 52.70 8.31 -3.56
N ASN C 348 54.04 8.33 -3.58
CA ASN C 348 54.80 7.80 -4.70
C ASN C 348 54.91 6.29 -4.54
N SER C 349 54.54 5.57 -5.59
CA SER C 349 54.48 4.12 -5.51
C SER C 349 55.26 3.48 -6.65
N THR C 350 56.34 4.10 -7.08
CA THR C 350 57.15 3.52 -8.16
C THR C 350 57.94 2.32 -7.65
N GLN C 351 58.31 2.34 -6.37
CA GLN C 351 59.12 1.28 -5.78
C GLN C 351 58.37 -0.04 -5.68
N LEU C 352 57.05 -0.01 -5.77
CA LEU C 352 56.24 -1.19 -5.48
C LEU C 352 56.12 -2.14 -6.66
N PHE C 353 56.77 -1.86 -7.79
CA PHE C 353 56.44 -2.56 -9.03
C PHE C 353 57.68 -2.99 -9.80
N ASN C 354 58.60 -3.64 -9.10
CA ASN C 354 59.69 -4.37 -9.74
C ASN C 354 59.19 -5.69 -10.34
N SER C 355 59.76 -6.08 -11.47
CA SER C 355 59.39 -7.31 -12.14
C SER C 355 59.85 -8.54 -11.37
N THR C 356 59.19 -9.66 -11.66
CA THR C 356 59.57 -10.95 -11.09
C THR C 356 59.75 -11.96 -12.22
N TRP C 357 59.87 -13.24 -11.86
CA TRP C 357 60.13 -14.30 -12.83
C TRP C 357 59.41 -15.57 -12.38
N ASN C 358 59.20 -16.47 -13.32
CA ASN C 358 58.52 -17.74 -13.06
C ASN C 358 59.34 -18.67 -12.17
N THR C 371 61.57 -3.07 5.32
CA THR C 371 60.48 -2.12 5.54
C THR C 371 60.55 -0.92 4.61
N ILE C 372 59.67 -0.88 3.62
CA ILE C 372 59.72 0.12 2.57
C ILE C 372 59.07 1.41 3.04
N VAL C 373 59.72 2.53 2.77
CA VAL C 373 59.19 3.86 3.07
C VAL C 373 58.91 4.58 1.76
N LEU C 374 57.69 5.09 1.60
CA LEU C 374 57.39 5.74 0.33
C LEU C 374 57.22 7.24 0.52
N PRO C 375 57.78 8.05 -0.38
CA PRO C 375 57.68 9.51 -0.25
C PRO C 375 56.29 10.01 -0.60
N CYS C 376 55.54 10.43 0.41
CA CYS C 376 54.18 10.88 0.20
C CYS C 376 54.14 12.39 0.06
N ARG C 377 53.19 12.86 -0.72
CA ARG C 377 52.99 14.28 -0.98
C ARG C 377 51.56 14.65 -0.68
N ILE C 378 51.39 15.80 -0.04
CA ILE C 378 50.08 16.25 0.42
C ILE C 378 49.76 17.57 -0.25
N LYS C 379 48.57 17.69 -0.81
CA LYS C 379 48.08 18.98 -1.25
C LYS C 379 46.83 19.34 -0.46
N GLN C 380 46.33 20.55 -0.70
CA GLN C 380 45.19 21.06 0.04
C GLN C 380 43.99 21.34 -0.86
N ILE C 381 44.17 22.11 -1.92
CA ILE C 381 43.10 22.36 -2.88
C ILE C 381 42.93 21.10 -3.71
N VAL C 382 41.85 20.37 -3.46
CA VAL C 382 41.67 19.03 -4.00
C VAL C 382 40.44 19.00 -4.89
N ASN C 383 40.60 18.50 -6.09
CA ASN C 383 39.49 18.38 -7.02
C ASN C 383 38.48 17.38 -6.51
N MET C 384 37.22 17.62 -6.86
CA MET C 384 36.18 16.59 -6.79
C MET C 384 36.60 15.41 -7.63
N TRP C 385 36.04 14.26 -7.28
CA TRP C 385 36.64 13.01 -7.72
C TRP C 385 36.46 12.76 -9.21
N GLN C 386 35.28 13.00 -9.76
CA GLN C 386 35.14 12.81 -11.19
C GLN C 386 34.73 14.06 -11.96
N GLU C 387 33.96 14.95 -11.38
CA GLU C 387 33.58 16.15 -12.10
C GLU C 387 34.73 17.15 -12.14
N VAL C 388 34.81 17.87 -13.25
CA VAL C 388 35.73 18.99 -13.44
C VAL C 388 34.92 20.27 -13.28
N GLY C 389 35.46 21.24 -12.57
CA GLY C 389 34.65 22.32 -12.10
C GLY C 389 34.91 22.62 -10.64
N LYS C 390 33.93 22.34 -9.79
CA LYS C 390 34.08 22.59 -8.37
C LYS C 390 35.08 21.62 -7.73
N ALA C 391 35.45 21.94 -6.49
CA ALA C 391 36.55 21.26 -5.81
C ALA C 391 36.45 21.53 -4.32
N MET C 392 36.50 20.47 -3.52
CA MET C 392 36.39 20.64 -2.08
C MET C 392 37.75 21.06 -1.51
N TYR C 393 37.78 21.28 -0.20
CA TYR C 393 38.95 21.82 0.48
C TYR C 393 38.78 21.61 1.98
N ALA C 394 39.88 21.20 2.65
CA ALA C 394 39.83 20.99 4.09
C ALA C 394 41.19 21.13 4.74
N PRO C 395 41.39 22.10 5.63
CA PRO C 395 42.59 22.11 6.47
C PRO C 395 42.42 21.19 7.67
N PRO C 396 43.47 20.52 8.11
CA PRO C 396 43.32 19.46 9.11
C PRO C 396 43.17 19.99 10.52
N ILE C 397 42.91 19.05 11.42
CA ILE C 397 42.87 19.29 12.85
C ILE C 397 44.28 19.27 13.42
N LYS C 398 44.39 19.62 14.69
CA LYS C 398 45.67 19.71 15.38
C LYS C 398 46.35 18.35 15.47
N GLY C 399 47.66 18.39 15.71
CA GLY C 399 48.43 17.20 15.97
C GLY C 399 48.86 16.48 14.71
N GLN C 400 49.51 15.34 14.94
CA GLN C 400 49.93 14.47 13.86
C GLN C 400 48.78 13.56 13.46
N ILE C 401 49.01 12.76 12.42
CA ILE C 401 48.00 11.87 11.86
C ILE C 401 48.62 10.49 11.73
N ARG C 402 47.90 9.46 12.16
CA ARG C 402 48.30 8.08 11.92
C ARG C 402 47.05 7.26 11.59
N CYS C 403 47.14 6.45 10.54
CA CYS C 403 46.09 5.48 10.24
C CYS C 403 46.73 4.21 9.70
N SER C 404 46.61 3.14 10.46
CA SER C 404 46.89 1.83 9.90
C SER C 404 45.72 1.44 9.01
N SER C 405 46.00 0.55 8.06
CA SER C 405 44.98 0.18 7.10
C SER C 405 45.27 -1.24 6.62
N ASN C 406 44.67 -1.60 5.51
CA ASN C 406 44.83 -2.91 4.92
C ASN C 406 44.98 -2.73 3.43
N ILE C 407 45.24 -3.82 2.73
CA ILE C 407 45.12 -3.88 1.27
C ILE C 407 44.46 -5.21 0.94
N THR C 408 43.35 -5.17 0.23
CA THR C 408 42.79 -6.38 -0.34
C THR C 408 42.60 -6.24 -1.84
N GLY C 409 43.39 -5.41 -2.49
CA GLY C 409 43.35 -5.37 -3.93
C GLY C 409 44.02 -4.19 -4.60
N LEU C 410 44.33 -4.36 -5.88
CA LEU C 410 44.96 -3.30 -6.66
C LEU C 410 44.45 -3.38 -8.09
N ILE C 411 44.72 -2.32 -8.84
CA ILE C 411 44.19 -2.11 -10.17
C ILE C 411 45.36 -2.04 -11.14
N LEU C 412 45.36 -2.91 -12.15
CA LEU C 412 46.44 -2.98 -13.11
C LEU C 412 45.91 -2.86 -14.53
N ILE C 413 46.82 -2.64 -15.47
CA ILE C 413 46.51 -2.61 -16.88
C ILE C 413 47.44 -3.56 -17.62
N ARG C 414 47.01 -3.97 -18.81
CA ARG C 414 47.90 -4.68 -19.71
C ARG C 414 48.53 -3.70 -20.68
N ASP C 415 49.61 -4.13 -21.31
CA ASP C 415 50.31 -3.28 -22.25
C ASP C 415 51.03 -4.11 -23.30
N THR C 423 57.24 -10.58 -19.99
CA THR C 423 57.30 -9.61 -21.07
C THR C 423 55.98 -8.87 -21.21
N GLU C 424 54.88 -9.54 -20.83
CA GLU C 424 53.57 -8.90 -20.88
C GLU C 424 53.43 -7.94 -19.71
N ILE C 425 53.36 -6.65 -20.04
CA ILE C 425 53.60 -5.56 -19.09
C ILE C 425 52.35 -5.29 -18.27
N PHE C 426 52.51 -5.26 -16.94
CA PHE C 426 51.45 -4.86 -16.03
C PHE C 426 51.84 -3.58 -15.32
N ARG C 427 51.00 -2.56 -15.43
CA ARG C 427 51.24 -1.26 -14.82
C ARG C 427 50.04 -0.87 -13.97
N PRO C 428 50.25 -0.15 -12.87
CA PRO C 428 49.09 0.21 -12.03
C PRO C 428 48.28 1.34 -12.64
N GLY C 429 47.15 0.99 -13.20
CA GLY C 429 46.23 1.95 -13.77
C GLY C 429 45.17 2.33 -12.78
N GLY C 430 44.12 2.96 -13.28
CA GLY C 430 43.00 3.29 -12.44
C GLY C 430 42.50 4.71 -12.64
N GLY C 431 41.22 4.85 -12.96
CA GLY C 431 40.60 6.14 -13.10
C GLY C 431 39.17 6.11 -12.64
N ASP C 432 38.75 4.99 -12.06
CA ASP C 432 37.39 4.84 -11.60
C ASP C 432 37.35 3.85 -10.45
N MET C 433 36.89 4.34 -9.29
CA MET C 433 36.59 3.56 -8.11
C MET C 433 35.24 2.86 -8.21
N ARG C 434 34.50 3.05 -9.31
CA ARG C 434 33.41 2.13 -9.58
C ARG C 434 33.96 0.72 -9.76
N ASP C 435 35.14 0.62 -10.38
CA ASP C 435 35.83 -0.65 -10.46
C ASP C 435 36.18 -1.17 -9.08
N ASN C 436 36.48 -0.28 -8.12
CA ASN C 436 36.56 -0.72 -6.73
C ASN C 436 35.21 -1.21 -6.23
N TRP C 437 34.15 -0.50 -6.59
CA TRP C 437 32.83 -0.95 -6.19
C TRP C 437 32.39 -2.15 -7.00
N ARG C 438 32.92 -2.31 -8.21
CA ARG C 438 32.73 -3.56 -8.93
C ARG C 438 33.42 -4.71 -8.22
N SER C 439 34.54 -4.44 -7.56
CA SER C 439 35.17 -5.49 -6.76
C SER C 439 34.39 -5.75 -5.49
N GLU C 440 33.60 -4.76 -5.03
CA GLU C 440 32.79 -4.98 -3.85
C GLU C 440 31.45 -5.60 -4.18
N LEU C 441 30.95 -5.38 -5.39
CA LEU C 441 29.61 -5.80 -5.76
C LEU C 441 29.66 -6.81 -6.90
N TYR C 442 30.57 -7.75 -6.83
CA TYR C 442 30.71 -8.74 -7.88
C TYR C 442 29.79 -9.92 -7.70
N LYS C 443 28.81 -9.81 -6.81
CA LYS C 443 27.96 -10.93 -6.48
C LYS C 443 26.48 -10.66 -6.66
N TYR C 444 26.07 -9.41 -6.80
CA TYR C 444 24.68 -9.08 -6.52
C TYR C 444 23.89 -8.76 -7.77
N LYS C 445 22.57 -8.85 -7.61
CA LYS C 445 21.62 -8.75 -8.71
C LYS C 445 20.25 -8.52 -8.10
N VAL C 446 19.52 -7.52 -8.59
CA VAL C 446 18.24 -7.14 -8.00
C VAL C 446 17.11 -7.44 -8.98
N VAL C 447 16.16 -8.27 -8.56
CA VAL C 447 15.10 -8.74 -9.44
C VAL C 447 13.75 -8.42 -8.83
N LYS C 448 12.79 -8.07 -9.66
CA LYS C 448 11.47 -7.75 -9.16
C LYS C 448 10.58 -8.97 -9.20
N ILE C 449 9.65 -9.05 -8.28
CA ILE C 449 8.73 -10.17 -8.22
C ILE C 449 7.60 -9.94 -9.20
N GLU C 450 7.29 -10.93 -10.00
CA GLU C 450 6.08 -10.87 -10.78
C GLU C 450 5.10 -11.88 -10.21
N PRO C 451 4.45 -11.57 -9.10
CA PRO C 451 3.82 -12.62 -8.28
C PRO C 451 2.63 -13.29 -8.92
N LEU C 452 2.03 -12.69 -9.93
CA LEU C 452 0.82 -13.23 -10.53
C LEU C 452 1.18 -14.21 -11.64
N GLY C 453 0.45 -15.31 -11.72
CA GLY C 453 0.73 -16.32 -12.71
C GLY C 453 -0.44 -17.26 -12.90
N ILE C 454 -0.50 -17.89 -14.07
CA ILE C 454 -1.60 -18.77 -14.42
C ILE C 454 -1.07 -20.09 -14.95
N ALA C 455 -1.92 -21.10 -14.89
CA ALA C 455 -1.61 -22.45 -15.37
C ALA C 455 -2.92 -23.18 -15.58
N PRO C 456 -2.95 -24.19 -16.44
CA PRO C 456 -4.17 -24.96 -16.63
C PRO C 456 -4.23 -26.21 -15.76
N THR C 457 -5.46 -26.69 -15.57
CA THR C 457 -5.75 -27.98 -14.95
C THR C 457 -7.15 -28.42 -15.36
N LYS C 458 -7.64 -29.48 -14.72
CA LYS C 458 -8.95 -30.03 -15.06
C LYS C 458 -10.10 -29.29 -14.39
N ALA C 459 -9.83 -28.51 -13.35
CA ALA C 459 -10.92 -27.91 -12.60
C ALA C 459 -11.58 -26.78 -13.37
N LYS C 460 -12.71 -26.31 -12.85
CA LYS C 460 -13.56 -25.35 -13.55
C LYS C 460 -14.42 -24.63 -12.53
N ARG C 461 -14.61 -23.32 -12.73
CA ARG C 461 -15.49 -22.55 -11.87
C ARG C 461 -16.92 -23.10 -11.92
N ARG C 462 -17.57 -23.16 -10.77
CA ARG C 462 -18.96 -23.56 -10.70
C ARG C 462 -19.83 -22.52 -11.37
N VAL C 463 -20.62 -22.94 -12.36
CA VAL C 463 -21.46 -22.07 -13.16
C VAL C 463 -22.91 -22.52 -12.99
N VAL C 464 -23.80 -21.59 -12.70
CA VAL C 464 -25.21 -21.92 -12.61
C VAL C 464 -25.97 -21.30 -13.76
N ALA D 1 24.01 -12.55 19.86
CA ALA D 1 23.89 -13.56 20.90
C ALA D 1 22.60 -14.36 20.71
N VAL D 2 22.27 -14.64 19.46
CA VAL D 2 21.00 -15.25 19.11
C VAL D 2 21.24 -16.36 18.09
N GLY D 3 20.18 -16.95 17.55
CA GLY D 3 20.28 -17.79 16.34
C GLY D 3 19.73 -19.21 16.44
N ILE D 4 18.83 -19.54 15.53
CA ILE D 4 18.34 -20.90 15.34
C ILE D 4 18.11 -21.07 13.84
N GLY D 5 17.97 -22.32 13.41
CA GLY D 5 17.81 -22.61 12.00
C GLY D 5 16.44 -22.27 11.46
N ALA D 6 16.19 -22.71 10.24
CA ALA D 6 14.94 -22.42 9.57
C ALA D 6 13.82 -23.27 10.14
N VAL D 7 12.61 -22.70 10.15
CA VAL D 7 11.46 -23.40 10.70
C VAL D 7 10.43 -23.65 9.62
N PHE D 8 9.86 -22.59 9.06
CA PHE D 8 8.78 -22.76 8.09
C PHE D 8 9.32 -22.77 6.67
N LEU D 9 9.84 -21.63 6.23
CA LEU D 9 10.18 -21.33 4.84
C LEU D 9 10.90 -20.00 4.83
N GLY D 10 11.50 -19.68 3.69
CA GLY D 10 12.14 -18.41 3.50
C GLY D 10 11.48 -17.61 2.40
N PHE D 11 11.97 -16.39 2.23
CA PHE D 11 11.53 -15.56 1.12
C PHE D 11 12.17 -16.07 -0.15
N LEU D 12 11.34 -16.27 -1.18
CA LEU D 12 11.71 -16.89 -2.46
C LEU D 12 12.30 -18.29 -2.29
N GLY D 13 11.95 -18.97 -1.20
CA GLY D 13 12.62 -20.22 -0.87
C GLY D 13 12.27 -21.36 -1.78
N ALA D 14 11.11 -21.29 -2.43
CA ALA D 14 10.66 -22.36 -3.30
C ALA D 14 11.02 -22.12 -4.75
N ALA D 15 11.82 -21.09 -5.05
CA ALA D 15 12.07 -20.66 -6.42
C ALA D 15 13.11 -21.50 -7.13
N GLY D 16 13.44 -22.66 -6.61
CA GLY D 16 14.21 -23.65 -7.35
C GLY D 16 13.50 -24.97 -7.25
N SER D 17 12.37 -24.97 -6.57
CA SER D 17 11.61 -26.19 -6.36
C SER D 17 10.61 -26.38 -7.49
N THR D 18 9.94 -27.53 -7.45
CA THR D 18 8.92 -27.84 -8.43
C THR D 18 7.64 -27.09 -8.10
N MET D 19 6.68 -27.19 -9.03
CA MET D 19 5.40 -26.52 -8.83
C MET D 19 4.61 -27.16 -7.70
N GLY D 20 4.64 -28.48 -7.62
CA GLY D 20 3.91 -29.19 -6.59
C GLY D 20 4.45 -28.96 -5.19
N ALA D 21 5.71 -28.52 -5.09
CA ALA D 21 6.28 -28.13 -3.81
C ALA D 21 6.22 -26.63 -3.57
N ALA D 22 6.12 -25.82 -4.61
CA ALA D 22 6.01 -24.38 -4.42
C ALA D 22 4.58 -23.93 -4.23
N SER D 23 3.61 -24.76 -4.60
CA SER D 23 2.21 -24.39 -4.48
C SER D 23 1.75 -24.30 -3.04
N MET D 24 2.48 -24.88 -2.11
CA MET D 24 2.14 -24.77 -0.70
C MET D 24 2.94 -23.68 -0.01
N THR D 25 3.55 -22.78 -0.79
CA THR D 25 4.50 -21.82 -0.26
C THR D 25 4.14 -20.37 -0.57
N LEU D 26 2.99 -20.11 -1.17
CA LEU D 26 2.75 -18.83 -1.82
C LEU D 26 2.58 -17.67 -0.86
N THR D 27 2.32 -17.93 0.42
CA THR D 27 1.99 -16.84 1.32
C THR D 27 3.19 -15.98 1.64
N VAL D 28 4.39 -16.57 1.70
CA VAL D 28 5.57 -15.81 2.07
C VAL D 28 5.93 -14.83 0.97
N GLN D 29 5.74 -15.22 -0.29
CA GLN D 29 5.87 -14.25 -1.35
C GLN D 29 4.64 -13.33 -1.44
N ALA D 30 3.56 -13.66 -0.75
CA ALA D 30 2.39 -12.82 -0.77
C ALA D 30 2.42 -11.74 0.30
N ARG D 31 3.00 -12.03 1.47
CA ARG D 31 3.00 -11.06 2.56
C ARG D 31 3.94 -9.90 2.26
N LEU D 32 5.19 -10.20 1.98
CA LEU D 32 6.25 -9.22 1.99
C LEU D 32 6.36 -8.46 0.68
N LEU D 33 5.34 -8.55 -0.16
CA LEU D 33 5.36 -7.82 -1.41
C LEU D 33 5.10 -6.33 -1.21
N LEU D 34 4.50 -5.94 -0.09
CA LEU D 34 4.10 -4.57 0.10
C LEU D 34 4.86 -3.84 1.19
N SER D 35 5.22 -4.51 2.29
CA SER D 35 5.77 -3.77 3.42
C SER D 35 7.25 -3.45 3.24
N GLY D 36 8.09 -4.47 3.25
CA GLY D 36 9.52 -4.27 3.18
C GLY D 36 10.11 -3.58 4.40
N GLY D 61 16.88 13.82 -1.17
CA GLY D 61 16.50 12.69 -0.35
C GLY D 61 15.08 12.21 -0.58
N ILE D 62 14.48 12.64 -1.70
CA ILE D 62 13.10 12.29 -2.03
C ILE D 62 13.01 10.84 -2.51
N LYS D 63 14.12 10.24 -2.89
CA LYS D 63 14.12 9.03 -3.69
C LYS D 63 13.72 7.79 -2.94
N GLN D 64 13.41 7.89 -1.65
CA GLN D 64 12.66 6.80 -1.03
C GLN D 64 11.19 6.91 -1.38
N LEU D 65 10.66 8.14 -1.44
CA LEU D 65 9.23 8.33 -1.69
C LEU D 65 8.84 7.89 -3.09
N GLN D 66 9.71 8.14 -4.07
CA GLN D 66 9.47 7.66 -5.42
C GLN D 66 9.51 6.15 -5.52
N ALA D 67 10.15 5.49 -4.56
CA ALA D 67 10.03 4.04 -4.48
C ALA D 67 8.75 3.63 -3.76
N ARG D 68 8.31 4.42 -2.78
CA ARG D 68 7.16 4.04 -1.98
C ARG D 68 5.83 4.21 -2.71
N VAL D 69 5.83 4.69 -3.93
CA VAL D 69 4.63 4.76 -4.74
C VAL D 69 4.64 3.70 -5.82
N LEU D 70 5.80 3.44 -6.42
CA LEU D 70 5.92 2.36 -7.40
C LEU D 70 5.65 1.01 -6.78
N ALA D 71 6.06 0.81 -5.53
CA ALA D 71 5.72 -0.41 -4.83
C ALA D 71 4.23 -0.51 -4.56
N VAL D 72 3.55 0.63 -4.42
CA VAL D 72 2.11 0.59 -4.31
C VAL D 72 1.47 0.38 -5.67
N GLU D 73 1.90 1.15 -6.67
CA GLU D 73 1.29 1.11 -7.99
C GLU D 73 1.50 -0.20 -8.71
N ARG D 74 2.49 -0.99 -8.30
CA ARG D 74 2.57 -2.34 -8.81
C ARG D 74 1.65 -3.27 -8.05
N TYR D 75 1.38 -2.99 -6.78
CA TYR D 75 0.55 -3.91 -6.03
C TYR D 75 -0.91 -3.80 -6.43
N LEU D 76 -1.36 -2.59 -6.74
CA LEU D 76 -2.75 -2.42 -7.11
C LEU D 76 -3.08 -3.12 -8.41
N LYS D 77 -2.15 -3.08 -9.36
CA LYS D 77 -2.37 -3.68 -10.67
C LYS D 77 -2.58 -5.17 -10.56
N ASP D 78 -1.72 -5.84 -9.81
CA ASP D 78 -1.88 -7.27 -9.61
C ASP D 78 -3.10 -7.57 -8.76
N GLN D 79 -3.45 -6.64 -7.87
CA GLN D 79 -4.70 -6.81 -7.13
C GLN D 79 -5.89 -6.60 -8.03
N GLN D 80 -5.79 -5.64 -8.96
CA GLN D 80 -6.92 -5.29 -9.81
C GLN D 80 -7.25 -6.42 -10.78
N LEU D 81 -6.22 -7.03 -11.35
CA LEU D 81 -6.44 -8.08 -12.34
C LEU D 81 -7.06 -9.31 -11.69
N LEU D 82 -6.74 -9.59 -10.43
CA LEU D 82 -7.47 -10.65 -9.74
C LEU D 82 -8.90 -10.26 -9.48
N GLY D 83 -9.16 -8.96 -9.33
CA GLY D 83 -10.51 -8.53 -9.05
C GLY D 83 -11.43 -8.73 -10.24
N ILE D 84 -10.91 -8.48 -11.43
CA ILE D 84 -11.74 -8.57 -12.63
C ILE D 84 -12.08 -10.01 -12.92
N TRP D 85 -11.21 -10.93 -12.55
CA TRP D 85 -11.36 -12.31 -12.95
C TRP D 85 -12.26 -13.11 -12.03
N GLY D 86 -12.99 -12.45 -11.15
CA GLY D 86 -13.80 -13.18 -10.17
C GLY D 86 -12.96 -13.94 -9.18
N CYS D 87 -11.75 -13.48 -8.91
CA CYS D 87 -10.77 -14.25 -8.17
C CYS D 87 -10.00 -13.31 -7.23
N SER D 88 -10.73 -12.44 -6.56
CA SER D 88 -10.13 -11.51 -5.61
C SER D 88 -10.24 -12.06 -4.20
N GLY D 89 -9.16 -11.97 -3.45
CA GLY D 89 -9.12 -12.47 -2.10
C GLY D 89 -8.71 -13.91 -1.96
N LYS D 90 -8.86 -14.70 -3.01
CA LYS D 90 -8.33 -16.05 -3.01
C LYS D 90 -6.89 -16.02 -3.48
N LEU D 91 -6.09 -16.95 -2.99
CA LEU D 91 -4.75 -17.07 -3.52
C LEU D 91 -4.74 -17.81 -4.84
N ILE D 92 -5.44 -18.95 -4.89
CA ILE D 92 -5.63 -19.68 -6.13
C ILE D 92 -7.13 -19.73 -6.39
N CYS D 93 -7.48 -19.98 -7.65
CA CYS D 93 -8.86 -20.23 -8.04
C CYS D 93 -8.81 -20.81 -9.44
N THR D 94 -9.93 -21.41 -9.85
CA THR D 94 -10.04 -21.89 -11.20
C THR D 94 -11.12 -21.11 -11.95
N THR D 95 -11.04 -21.20 -13.26
CA THR D 95 -11.98 -20.60 -14.18
C THR D 95 -12.62 -21.71 -15.00
N ALA D 96 -13.32 -21.33 -16.06
CA ALA D 96 -13.81 -22.28 -17.04
C ALA D 96 -13.17 -22.07 -18.39
N VAL D 97 -12.13 -21.24 -18.47
CA VAL D 97 -11.43 -21.01 -19.73
C VAL D 97 -10.63 -22.25 -20.07
N PRO D 98 -10.82 -22.85 -21.24
CA PRO D 98 -10.10 -24.08 -21.56
C PRO D 98 -8.65 -23.83 -21.89
N TRP D 99 -7.78 -24.66 -21.36
CA TRP D 99 -6.39 -24.63 -21.76
C TRP D 99 -6.27 -25.08 -23.20
N ASN D 100 -5.46 -24.37 -23.96
CA ASN D 100 -5.28 -24.69 -25.37
C ASN D 100 -3.92 -25.35 -25.54
N THR D 101 -3.92 -26.56 -26.08
CA THR D 101 -2.70 -27.34 -26.22
C THR D 101 -1.73 -26.75 -27.23
N SER D 102 -2.17 -25.78 -28.03
CA SER D 102 -1.27 -25.01 -28.86
C SER D 102 -0.33 -24.15 -28.02
N TRP D 103 -0.73 -23.82 -26.80
CA TRP D 103 0.12 -22.99 -25.95
C TRP D 103 1.26 -23.79 -25.35
N SER D 104 1.06 -25.08 -25.09
CA SER D 104 2.07 -25.89 -24.45
C SER D 104 2.10 -27.29 -25.04
N ASN D 105 3.27 -27.68 -25.54
CA ASN D 105 3.55 -29.04 -25.95
C ASN D 105 4.06 -29.87 -24.77
N LYS D 106 4.16 -29.29 -23.58
CA LYS D 106 4.62 -30.04 -22.43
C LYS D 106 3.55 -31.01 -21.96
N SER D 107 4.00 -32.17 -21.51
CA SER D 107 3.08 -33.13 -20.93
C SER D 107 2.68 -32.65 -19.54
N TYR D 108 1.64 -33.29 -19.01
CA TYR D 108 1.00 -32.82 -17.79
C TYR D 108 1.90 -33.04 -16.57
N ASN D 109 2.36 -34.26 -16.38
CA ASN D 109 3.12 -34.57 -15.18
C ASN D 109 4.54 -34.03 -15.24
N GLN D 110 5.02 -33.64 -16.42
CA GLN D 110 6.28 -32.91 -16.47
C GLN D 110 6.13 -31.54 -15.87
N ILE D 111 4.96 -30.92 -16.07
CA ILE D 111 4.74 -29.57 -15.58
C ILE D 111 4.62 -29.58 -14.06
N TRP D 112 3.80 -30.46 -13.52
CA TRP D 112 3.56 -30.42 -12.09
C TRP D 112 4.63 -31.12 -11.27
N ASN D 113 5.63 -31.71 -11.89
CA ASN D 113 6.64 -32.42 -11.11
C ASN D 113 8.07 -32.16 -11.53
N ASN D 114 8.33 -31.44 -12.61
CA ASN D 114 9.70 -31.35 -13.07
C ASN D 114 10.09 -29.90 -13.32
N MET D 115 9.17 -29.08 -13.80
CA MET D 115 9.52 -27.73 -14.19
C MET D 115 9.34 -26.76 -13.03
N THR D 116 10.33 -25.88 -12.87
CA THR D 116 10.22 -24.81 -11.90
C THR D 116 9.42 -23.66 -12.49
N TRP D 117 9.06 -22.71 -11.62
CA TRP D 117 8.25 -21.58 -12.09
C TRP D 117 9.07 -20.60 -12.90
N MET D 118 10.32 -20.35 -12.50
CA MET D 118 11.15 -19.36 -13.19
C MET D 118 11.39 -19.77 -14.63
N GLU D 119 11.55 -21.07 -14.88
CA GLU D 119 11.62 -21.56 -16.26
C GLU D 119 10.27 -21.43 -16.95
N TRP D 120 9.19 -21.65 -16.20
CA TRP D 120 7.87 -21.73 -16.78
C TRP D 120 7.39 -20.40 -17.31
N GLU D 121 7.85 -19.30 -16.72
CA GLU D 121 7.43 -17.98 -17.15
C GLU D 121 8.37 -17.38 -18.18
N ARG D 122 9.30 -18.18 -18.70
CA ARG D 122 9.90 -17.85 -19.98
C ARG D 122 9.23 -18.59 -21.12
N GLU D 123 8.49 -19.65 -20.83
CA GLU D 123 7.90 -20.45 -21.89
C GLU D 123 6.54 -19.94 -22.31
N ILE D 124 5.78 -19.35 -21.41
CA ILE D 124 4.47 -18.85 -21.80
C ILE D 124 4.46 -17.33 -21.74
N ASP D 125 5.63 -16.72 -21.94
CA ASP D 125 5.72 -15.27 -21.91
C ASP D 125 4.99 -14.64 -23.09
N ASN D 126 5.08 -15.25 -24.27
CA ASN D 126 4.47 -14.65 -25.44
C ASN D 126 2.96 -14.75 -25.39
N TYR D 127 2.43 -15.84 -24.83
CA TYR D 127 1.00 -16.04 -24.88
C TYR D 127 0.23 -15.29 -23.82
N THR D 128 0.91 -14.53 -22.96
CA THR D 128 0.31 -14.03 -21.73
C THR D 128 -0.81 -13.03 -22.02
N SER D 129 -0.63 -12.19 -23.03
CA SER D 129 -1.65 -11.20 -23.37
C SER D 129 -2.91 -11.87 -23.89
N LEU D 130 -2.75 -12.95 -24.67
CA LEU D 130 -3.90 -13.71 -25.13
C LEU D 130 -4.65 -14.33 -23.97
N ILE D 131 -3.93 -14.70 -22.92
CA ILE D 131 -4.55 -15.34 -21.78
C ILE D 131 -5.44 -14.36 -21.03
N TYR D 132 -4.93 -13.16 -20.78
CA TYR D 132 -5.64 -12.26 -19.89
C TYR D 132 -6.89 -11.69 -20.54
N THR D 133 -6.85 -11.48 -21.85
CA THR D 133 -8.05 -11.10 -22.56
C THR D 133 -9.04 -12.25 -22.58
N LEU D 134 -8.55 -13.47 -22.76
CA LEU D 134 -9.41 -14.64 -22.75
C LEU D 134 -9.75 -15.15 -21.39
N ILE D 135 -9.63 -14.35 -20.34
CA ILE D 135 -10.24 -14.65 -19.07
C ILE D 135 -11.42 -13.74 -18.81
N GLU D 136 -11.23 -12.44 -18.99
CA GLU D 136 -12.23 -11.45 -18.64
C GLU D 136 -13.40 -11.50 -19.59
N ASP D 137 -13.12 -11.10 -20.83
CA ASP D 137 -14.13 -10.96 -21.85
C ASP D 137 -14.65 -12.31 -22.30
N SER D 138 -13.86 -13.35 -22.10
CA SER D 138 -14.33 -14.70 -22.35
C SER D 138 -15.37 -15.09 -21.33
N GLN D 139 -14.99 -15.10 -20.06
CA GLN D 139 -15.81 -15.78 -19.06
C GLN D 139 -16.39 -14.84 -18.02
N ASN D 140 -15.56 -14.09 -17.30
CA ASN D 140 -16.07 -13.38 -16.15
C ASN D 140 -16.86 -12.14 -16.52
N GLN D 141 -16.66 -11.63 -17.73
CA GLN D 141 -17.68 -10.74 -18.29
C GLN D 141 -18.94 -11.50 -18.60
N GLN D 142 -18.80 -12.68 -19.23
CA GLN D 142 -19.95 -13.46 -19.63
C GLN D 142 -20.64 -14.10 -18.44
N GLU D 143 -19.93 -14.33 -17.35
CA GLU D 143 -20.56 -14.85 -16.15
C GLU D 143 -21.22 -13.78 -15.31
N LYS D 144 -21.56 -12.64 -15.88
CA LYS D 144 -22.40 -11.67 -15.18
C LYS D 144 -23.69 -11.39 -15.91
N ASN D 145 -23.65 -11.25 -17.24
CA ASN D 145 -24.88 -11.18 -18.00
C ASN D 145 -25.67 -12.47 -17.93
N GLU D 146 -24.98 -13.61 -17.87
CA GLU D 146 -25.67 -14.85 -17.54
C GLU D 146 -26.13 -14.83 -16.09
N GLN D 147 -25.36 -14.20 -15.21
CA GLN D 147 -25.67 -14.25 -13.78
C GLN D 147 -26.84 -13.36 -13.43
N GLU D 148 -26.87 -12.15 -13.99
CA GLU D 148 -27.92 -11.19 -13.68
C GLU D 148 -29.28 -11.65 -14.19
N LEU D 149 -29.29 -12.45 -15.25
CA LEU D 149 -30.53 -12.87 -15.89
C LEU D 149 -30.96 -14.26 -15.47
N LEU D 150 -30.43 -14.76 -14.35
CA LEU D 150 -30.98 -15.95 -13.72
C LEU D 150 -32.01 -15.59 -12.66
N GLU D 151 -32.49 -14.37 -12.68
CA GLU D 151 -33.59 -13.92 -11.83
C GLU D 151 -34.89 -14.14 -12.58
N LEU D 152 -35.96 -13.47 -12.14
CA LEU D 152 -37.33 -13.38 -12.67
C LEU D 152 -38.16 -14.61 -12.31
N ASP D 153 -37.61 -15.56 -11.57
CA ASP D 153 -38.34 -16.76 -11.23
C ASP D 153 -38.37 -16.96 -9.73
N PHE E 11 -13.86 2.21 17.12
CA PHE E 11 -13.29 3.54 17.25
C PHE E 11 -13.14 3.84 18.73
N LEU E 12 -12.49 2.91 19.42
CA LEU E 12 -11.90 3.10 20.75
C LEU E 12 -12.91 3.48 21.83
N GLY E 13 -14.20 3.25 21.60
CA GLY E 13 -15.15 3.57 22.63
C GLY E 13 -15.23 2.56 23.74
N ALA E 14 -14.68 1.38 23.53
CA ALA E 14 -14.74 0.30 24.49
C ALA E 14 -13.35 -0.17 24.88
N ALA E 15 -12.40 0.76 24.98
CA ALA E 15 -11.04 0.36 25.32
C ALA E 15 -10.87 0.03 26.79
N GLY E 16 -11.86 0.32 27.62
CA GLY E 16 -11.81 -0.10 28.99
C GLY E 16 -12.78 -1.23 29.25
N SER E 17 -13.58 -1.56 28.23
CA SER E 17 -14.52 -2.65 28.37
C SER E 17 -13.78 -3.98 28.29
N THR E 18 -14.52 -5.06 28.47
CA THR E 18 -13.91 -6.37 28.44
C THR E 18 -14.17 -7.04 27.10
N MET E 19 -13.32 -8.03 26.81
CA MET E 19 -13.37 -8.72 25.53
C MET E 19 -14.65 -9.53 25.36
N GLY E 20 -15.21 -10.03 26.45
CA GLY E 20 -16.50 -10.67 26.39
C GLY E 20 -17.66 -9.72 26.24
N ALA E 21 -17.43 -8.41 26.44
CA ALA E 21 -18.48 -7.43 26.29
C ALA E 21 -18.25 -6.48 25.12
N ALA E 22 -17.00 -6.32 24.67
CA ALA E 22 -16.74 -5.43 23.55
C ALA E 22 -17.21 -6.00 22.22
N SER E 23 -17.48 -7.31 22.16
CA SER E 23 -18.06 -7.88 20.95
C SER E 23 -19.52 -7.53 20.80
N MET E 24 -20.16 -7.00 21.84
CA MET E 24 -21.55 -6.56 21.71
C MET E 24 -21.63 -5.28 20.88
N THR E 25 -20.84 -4.27 21.23
CA THR E 25 -20.88 -3.00 20.52
C THR E 25 -20.10 -3.03 19.21
N LEU E 26 -19.42 -4.13 18.92
CA LEU E 26 -18.65 -4.27 17.69
C LEU E 26 -19.53 -4.64 16.51
N THR E 27 -20.84 -4.75 16.72
CA THR E 27 -21.78 -4.95 15.63
C THR E 27 -21.86 -3.73 14.72
N VAL E 28 -21.74 -2.53 15.29
CA VAL E 28 -21.47 -1.35 14.47
C VAL E 28 -20.09 -1.53 13.87
N GLN E 29 -19.90 -1.05 12.64
CA GLN E 29 -18.87 -1.58 11.75
C GLN E 29 -17.47 -1.26 12.21
N ALA E 30 -17.05 -1.93 13.29
CA ALA E 30 -16.00 -1.47 14.18
C ALA E 30 -16.20 0.01 14.49
N ARG E 31 -17.42 0.33 14.96
CA ARG E 31 -17.91 1.70 15.18
C ARG E 31 -17.82 2.54 13.91
N LEU E 32 -18.11 1.93 12.75
CA LEU E 32 -17.92 2.52 11.42
C LEU E 32 -16.49 3.02 11.25
N LEU E 33 -15.56 2.08 11.30
CA LEU E 33 -14.14 2.41 11.36
C LEU E 33 -13.66 3.01 10.04
N LEU E 34 -13.78 2.22 8.98
CA LEU E 34 -13.33 2.64 7.65
C LEU E 34 -14.20 3.73 7.05
N SER E 35 -15.43 3.88 7.55
CA SER E 35 -16.30 4.93 7.04
C SER E 35 -15.80 6.31 7.41
N GLY E 36 -15.04 6.41 8.50
CA GLY E 36 -14.43 7.68 8.85
C GLY E 36 -13.32 8.09 7.92
N ILE E 37 -12.78 7.14 7.15
CA ILE E 37 -11.73 7.46 6.21
C ILE E 37 -12.31 7.99 4.91
N VAL E 38 -13.38 7.37 4.42
CA VAL E 38 -13.96 7.77 3.16
C VAL E 38 -14.68 9.11 3.31
N GLN E 39 -15.30 9.35 4.48
CA GLN E 39 -15.82 10.67 4.74
C GLN E 39 -14.73 11.67 5.08
N GLN E 40 -13.50 11.21 5.26
CA GLN E 40 -12.36 12.12 5.35
C GLN E 40 -11.75 12.39 4.00
N GLN E 41 -11.45 11.35 3.23
CA GLN E 41 -10.78 11.55 1.96
C GLN E 41 -11.70 12.06 0.86
N ASN E 42 -13.01 12.08 1.08
CA ASN E 42 -13.85 12.91 0.23
C ASN E 42 -13.55 14.38 0.44
N ASN E 43 -13.22 14.75 1.67
CA ASN E 43 -12.93 16.13 2.00
C ASN E 43 -11.46 16.38 2.29
N LEU E 44 -10.64 15.33 2.34
CA LEU E 44 -9.22 15.56 2.19
C LEU E 44 -8.91 15.90 0.75
N LEU E 45 -9.67 15.34 -0.18
CA LEU E 45 -9.54 15.62 -1.59
C LEU E 45 -10.42 16.80 -2.01
N ARG E 46 -10.70 17.70 -1.08
CA ARG E 46 -10.98 19.07 -1.45
C ARG E 46 -9.84 19.58 -2.29
N ALA E 47 -10.16 20.02 -3.52
CA ALA E 47 -9.17 20.39 -4.52
C ALA E 47 -8.74 21.85 -4.40
N ILE E 48 -8.84 22.43 -3.20
CA ILE E 48 -8.23 23.74 -2.95
C ILE E 48 -6.72 23.66 -3.08
N GLU E 49 -6.16 22.48 -2.80
CA GLU E 49 -4.79 22.14 -3.18
C GLU E 49 -4.56 22.28 -4.68
N ALA E 50 -5.57 21.98 -5.49
CA ALA E 50 -5.46 22.20 -6.92
C ALA E 50 -5.95 23.58 -7.33
N GLN E 51 -6.68 24.29 -6.45
CA GLN E 51 -7.03 25.68 -6.66
C GLN E 51 -5.89 26.64 -6.33
N GLN E 52 -4.74 26.10 -5.92
CA GLN E 52 -3.55 26.86 -5.63
C GLN E 52 -2.32 26.32 -6.34
N HIS E 53 -2.30 25.03 -6.69
CA HIS E 53 -1.08 24.22 -6.85
C HIS E 53 -0.16 24.42 -5.65
N LEU E 54 -0.78 24.50 -4.46
CA LEU E 54 -0.20 24.77 -3.14
C LEU E 54 0.44 26.17 -3.04
N LEU E 55 0.45 26.90 -4.16
CA LEU E 55 1.06 28.19 -4.51
C LEU E 55 2.59 28.14 -4.57
N GLN E 56 3.19 27.09 -4.04
CA GLN E 56 4.63 26.85 -3.91
C GLN E 56 4.79 25.36 -3.59
N LEU E 57 5.99 24.97 -3.19
CA LEU E 57 6.18 23.78 -2.36
C LEU E 57 6.47 24.27 -0.95
N THR E 58 5.62 23.91 -0.01
CA THR E 58 5.75 24.44 1.34
C THR E 58 6.09 23.32 2.32
N VAL E 59 6.38 23.72 3.56
CA VAL E 59 6.78 22.77 4.59
C VAL E 59 5.61 21.86 4.93
N TRP E 60 4.38 22.40 4.89
CA TRP E 60 3.22 21.59 5.21
C TRP E 60 2.94 20.56 4.11
N GLY E 61 3.06 20.96 2.85
CA GLY E 61 2.80 20.05 1.76
C GLY E 61 3.83 18.95 1.63
N ILE E 62 5.04 19.19 2.09
CA ILE E 62 5.99 18.10 2.28
C ILE E 62 5.45 17.14 3.32
N LYS E 63 4.91 17.67 4.41
CA LYS E 63 4.45 16.80 5.48
C LYS E 63 3.14 16.14 5.15
N GLN E 64 2.26 16.80 4.38
CA GLN E 64 1.03 16.17 3.96
C GLN E 64 1.30 15.01 3.03
N LEU E 65 2.31 15.16 2.17
CA LEU E 65 2.69 14.08 1.26
C LEU E 65 3.19 12.89 2.04
N GLN E 66 4.01 13.12 3.06
CA GLN E 66 4.40 12.02 3.94
C GLN E 66 3.29 11.59 4.86
N ALA E 67 2.20 12.34 4.93
CA ALA E 67 1.07 11.90 5.73
C ALA E 67 0.10 11.04 4.94
N ARG E 68 -0.08 11.32 3.65
CA ARG E 68 -1.05 10.55 2.89
C ARG E 68 -0.51 9.16 2.56
N VAL E 69 0.81 9.02 2.46
CA VAL E 69 1.43 7.73 2.15
C VAL E 69 1.17 6.73 3.26
N LEU E 70 1.36 7.16 4.52
CA LEU E 70 1.06 6.29 5.65
C LEU E 70 -0.41 6.00 5.76
N ALA E 71 -1.25 6.92 5.31
CA ALA E 71 -2.66 6.62 5.21
C ALA E 71 -2.93 5.59 4.12
N VAL E 72 -2.06 5.52 3.12
CA VAL E 72 -2.23 4.53 2.07
C VAL E 72 -1.67 3.19 2.52
N GLU E 73 -0.43 3.18 3.02
CA GLU E 73 0.28 1.92 3.27
C GLU E 73 -0.37 1.13 4.39
N ARG E 74 -0.58 1.77 5.52
CA ARG E 74 -1.03 1.06 6.70
C ARG E 74 -2.50 0.66 6.59
N TYR E 75 -3.24 1.26 5.65
CA TYR E 75 -4.52 0.68 5.28
C TYR E 75 -4.34 -0.63 4.53
N LEU E 76 -3.34 -0.70 3.64
CA LEU E 76 -3.19 -1.87 2.79
C LEU E 76 -2.69 -3.06 3.57
N LYS E 77 -1.82 -2.83 4.55
CA LYS E 77 -1.27 -3.92 5.34
C LYS E 77 -2.32 -4.58 6.21
N ASP E 78 -3.45 -3.92 6.42
CA ASP E 78 -4.52 -4.53 7.16
C ASP E 78 -5.54 -5.19 6.24
N GLN E 79 -5.65 -4.72 4.99
CA GLN E 79 -6.51 -5.41 4.06
C GLN E 79 -5.86 -6.66 3.51
N GLN E 80 -4.56 -6.57 3.22
CA GLN E 80 -3.84 -7.69 2.64
C GLN E 80 -3.80 -8.89 3.59
N LEU E 81 -3.56 -8.62 4.87
CA LEU E 81 -3.55 -9.70 5.84
C LEU E 81 -4.94 -10.26 6.06
N LEU E 82 -5.97 -9.42 6.01
CA LEU E 82 -7.31 -9.98 5.96
C LEU E 82 -7.59 -10.63 4.62
N GLY E 83 -6.94 -10.16 3.55
CA GLY E 83 -7.17 -10.75 2.26
C GLY E 83 -6.54 -12.12 2.12
N ILE E 84 -5.39 -12.32 2.74
CA ILE E 84 -4.72 -13.59 2.60
C ILE E 84 -5.30 -14.63 3.55
N TRP E 85 -5.97 -14.22 4.61
CA TRP E 85 -6.42 -15.17 5.61
C TRP E 85 -7.74 -15.82 5.28
N GLY E 86 -8.23 -15.68 4.05
CA GLY E 86 -9.56 -16.20 3.75
C GLY E 86 -10.64 -15.46 4.51
N CYS E 87 -10.39 -14.21 4.85
CA CYS E 87 -11.25 -13.44 5.71
C CYS E 87 -11.32 -12.03 5.15
N SER E 88 -11.53 -11.93 3.86
CA SER E 88 -11.50 -10.63 3.18
C SER E 88 -12.79 -9.89 3.43
N GLY E 89 -12.69 -8.72 4.07
CA GLY E 89 -13.82 -7.82 4.21
C GLY E 89 -14.77 -8.13 5.33
N LYS E 90 -14.66 -9.29 5.98
CA LYS E 90 -15.55 -9.64 7.07
C LYS E 90 -15.07 -8.95 8.34
N LEU E 91 -15.71 -9.22 9.47
CA LEU E 91 -15.23 -8.67 10.72
C LEU E 91 -14.92 -9.74 11.75
N ILE E 92 -15.75 -10.75 11.87
CA ILE E 92 -15.53 -11.85 12.79
C ILE E 92 -15.58 -13.11 11.95
N CYS E 93 -14.42 -13.68 11.65
CA CYS E 93 -14.39 -14.94 10.94
C CYS E 93 -13.62 -15.95 11.77
N THR E 94 -14.04 -17.20 11.65
CA THR E 94 -13.32 -18.29 12.28
C THR E 94 -12.37 -18.92 11.27
N THR E 95 -11.45 -19.72 11.80
CA THR E 95 -10.42 -20.35 10.98
C THR E 95 -10.42 -21.84 11.22
N ALA E 96 -9.39 -22.53 10.76
CA ALA E 96 -9.23 -23.95 11.02
C ALA E 96 -8.03 -24.23 11.92
N VAL E 97 -7.39 -23.19 12.43
CA VAL E 97 -6.15 -23.38 13.18
C VAL E 97 -6.50 -23.75 14.61
N PRO E 98 -5.99 -24.85 15.15
CA PRO E 98 -6.22 -25.15 16.57
C PRO E 98 -5.37 -24.27 17.44
N TRP E 99 -5.99 -23.75 18.49
CA TRP E 99 -5.24 -22.96 19.46
C TRP E 99 -4.33 -23.86 20.26
N ASN E 100 -3.09 -23.43 20.43
CA ASN E 100 -2.13 -24.19 21.21
C ASN E 100 -2.06 -23.59 22.59
N THR E 101 -2.16 -24.44 23.61
CA THR E 101 -2.19 -23.96 24.99
C THR E 101 -0.84 -23.42 25.44
N SER E 102 0.23 -23.74 24.72
CA SER E 102 1.53 -23.16 25.01
C SER E 102 1.58 -21.67 24.75
N TRP E 103 0.71 -21.16 23.88
CA TRP E 103 0.66 -19.73 23.63
C TRP E 103 0.10 -19.00 24.85
N SER E 104 -0.99 -19.51 25.41
CA SER E 104 -1.54 -18.92 26.62
C SER E 104 -2.21 -20.01 27.43
N ASN E 105 -1.77 -20.18 28.67
CA ASN E 105 -2.38 -21.13 29.59
C ASN E 105 -3.49 -20.49 30.41
N LYS E 106 -3.93 -19.29 30.04
CA LYS E 106 -5.13 -18.74 30.63
C LYS E 106 -6.32 -19.60 30.24
N SER E 107 -7.30 -19.67 31.14
CA SER E 107 -8.50 -20.45 30.87
C SER E 107 -9.46 -19.64 30.02
N TYR E 108 -10.68 -20.13 29.89
CA TYR E 108 -11.61 -19.58 28.90
C TYR E 108 -12.15 -18.24 29.33
N ASN E 109 -12.78 -18.18 30.50
CA ASN E 109 -13.54 -17.00 30.89
C ASN E 109 -12.63 -15.84 31.26
N GLN E 110 -11.41 -16.14 31.66
CA GLN E 110 -10.49 -15.08 32.04
C GLN E 110 -10.08 -14.25 30.83
N ILE E 111 -10.00 -14.88 29.66
CA ILE E 111 -9.68 -14.12 28.46
C ILE E 111 -10.84 -13.22 28.07
N TRP E 112 -12.07 -13.73 28.18
CA TRP E 112 -13.24 -13.02 27.70
C TRP E 112 -13.85 -12.12 28.75
N ASN E 113 -14.28 -12.71 29.85
CA ASN E 113 -15.10 -11.98 30.78
C ASN E 113 -14.27 -11.07 31.67
N ASN E 114 -13.02 -11.42 31.89
CA ASN E 114 -12.20 -10.82 32.93
C ASN E 114 -10.85 -10.43 32.32
N MET E 115 -10.86 -9.42 31.44
CA MET E 115 -9.66 -8.96 30.72
C MET E 115 -9.94 -7.77 29.83
N THR E 116 -8.98 -6.86 29.67
CA THR E 116 -9.07 -5.78 28.71
C THR E 116 -8.57 -6.26 27.36
N TRP E 117 -8.33 -5.34 26.43
CA TRP E 117 -7.70 -5.67 25.15
C TRP E 117 -6.21 -5.41 25.13
N MET E 118 -5.79 -4.22 25.55
CA MET E 118 -4.39 -3.83 25.39
C MET E 118 -3.47 -4.62 26.30
N GLU E 119 -3.98 -5.11 27.42
CA GLU E 119 -3.20 -6.04 28.23
C GLU E 119 -3.07 -7.38 27.51
N TRP E 120 -4.12 -7.79 26.80
CA TRP E 120 -4.06 -9.02 26.06
C TRP E 120 -3.13 -8.94 24.86
N GLU E 121 -2.87 -7.74 24.36
CA GLU E 121 -1.84 -7.56 23.33
C GLU E 121 -0.47 -7.93 23.86
N ARG E 122 -0.10 -7.38 25.01
CA ARG E 122 1.18 -7.70 25.63
C ARG E 122 1.27 -9.13 26.12
N GLU E 123 0.15 -9.86 26.17
CA GLU E 123 0.23 -11.27 26.51
C GLU E 123 0.77 -12.09 25.35
N ILE E 124 0.41 -11.74 24.12
CA ILE E 124 0.80 -12.57 22.99
C ILE E 124 1.49 -11.76 21.91
N ASP E 125 2.06 -10.61 22.27
CA ASP E 125 2.83 -9.85 21.29
C ASP E 125 4.11 -10.56 20.92
N ASN E 126 4.62 -11.37 21.82
CA ASN E 126 5.69 -12.30 21.51
C ASN E 126 5.24 -13.31 20.47
N TYR E 127 4.13 -13.99 20.74
CA TYR E 127 3.68 -15.12 19.95
C TYR E 127 2.92 -14.73 18.70
N THR E 128 2.71 -13.44 18.45
CA THR E 128 1.78 -13.01 17.41
C THR E 128 2.24 -13.43 16.02
N SER E 129 3.54 -13.29 15.75
CA SER E 129 4.06 -13.56 14.42
C SER E 129 3.98 -15.03 14.06
N LEU E 130 4.12 -15.92 15.03
CA LEU E 130 3.95 -17.35 14.76
C LEU E 130 2.53 -17.68 14.37
N ILE E 131 1.56 -16.93 14.89
CA ILE E 131 0.17 -17.20 14.55
C ILE E 131 -0.11 -16.77 13.12
N TYR E 132 0.62 -15.76 12.63
CA TYR E 132 0.41 -15.26 11.28
C TYR E 132 0.78 -16.30 10.24
N THR E 133 1.95 -16.93 10.41
CA THR E 133 2.32 -18.00 9.50
C THR E 133 1.44 -19.21 9.68
N LEU E 134 1.06 -19.51 10.91
CA LEU E 134 0.25 -20.69 11.18
C LEU E 134 -1.21 -20.54 10.83
N ILE E 135 -1.63 -19.47 10.18
CA ILE E 135 -2.93 -19.40 9.54
C ILE E 135 -2.81 -19.68 8.06
N GLU E 136 -1.83 -19.07 7.41
CA GLU E 136 -1.74 -19.10 5.95
C GLU E 136 -1.32 -20.47 5.48
N ASP E 137 -0.12 -20.90 5.87
CA ASP E 137 0.44 -22.18 5.47
C ASP E 137 -0.30 -23.36 6.06
N SER E 138 -1.14 -23.13 7.07
CA SER E 138 -1.95 -24.20 7.64
C SER E 138 -3.33 -24.26 7.03
N GLN E 139 -3.92 -23.11 6.71
CA GLN E 139 -5.26 -23.11 6.14
C GLN E 139 -5.31 -22.58 4.72
N ASN E 140 -4.91 -21.34 4.50
CA ASN E 140 -5.30 -20.66 3.29
C ASN E 140 -4.41 -20.99 2.12
N GLN E 141 -3.15 -21.34 2.38
CA GLN E 141 -2.41 -22.07 1.38
C GLN E 141 -3.02 -23.45 1.18
N GLN E 142 -3.45 -24.07 2.27
CA GLN E 142 -3.76 -25.49 2.23
C GLN E 142 -5.11 -25.77 1.60
N GLU E 143 -6.13 -24.97 1.93
CA GLU E 143 -7.48 -25.28 1.47
C GLU E 143 -7.63 -25.08 -0.03
N LYS E 144 -6.83 -24.20 -0.61
CA LYS E 144 -6.97 -23.91 -2.03
C LYS E 144 -6.55 -25.09 -2.88
N ASN E 145 -5.53 -25.83 -2.44
CA ASN E 145 -5.18 -27.05 -3.15
C ASN E 145 -6.26 -28.10 -2.99
N GLU E 146 -6.77 -28.25 -1.76
CA GLU E 146 -7.79 -29.26 -1.51
C GLU E 146 -9.11 -28.88 -2.15
N GLN E 147 -9.36 -27.59 -2.34
CA GLN E 147 -10.51 -27.19 -3.13
C GLN E 147 -10.31 -27.56 -4.59
N GLU E 148 -9.11 -27.33 -5.11
CA GLU E 148 -8.84 -27.59 -6.52
C GLU E 148 -8.87 -29.08 -6.82
N LEU E 149 -8.54 -29.91 -5.83
CA LEU E 149 -8.73 -31.34 -5.98
C LEU E 149 -10.19 -31.71 -6.07
N LEU E 150 -11.05 -30.98 -5.36
CA LEU E 150 -12.48 -31.25 -5.42
C LEU E 150 -13.14 -30.69 -6.65
N GLU E 151 -12.38 -30.05 -7.53
CA GLU E 151 -12.87 -29.65 -8.83
C GLU E 151 -12.27 -30.51 -9.94
N LEU E 152 -11.31 -31.36 -9.59
CA LEU E 152 -10.70 -32.27 -10.55
C LEU E 152 -11.70 -33.28 -11.09
N ASP E 153 -12.68 -33.64 -10.26
CA ASP E 153 -13.65 -34.67 -10.62
C ASP E 153 -14.66 -34.16 -11.64
N LEU F 12 -17.26 5.84 -22.22
CA LEU F 12 -18.42 6.72 -22.01
C LEU F 12 -19.47 6.59 -23.08
N GLY F 13 -19.52 5.45 -23.78
CA GLY F 13 -20.26 5.38 -25.02
C GLY F 13 -21.77 5.38 -24.82
N ALA F 14 -22.24 4.70 -23.80
CA ALA F 14 -23.67 4.57 -23.58
C ALA F 14 -24.21 5.64 -22.64
N ALA F 15 -23.61 6.83 -22.63
CA ALA F 15 -24.06 7.90 -21.76
C ALA F 15 -25.43 8.44 -22.15
N GLY F 16 -25.87 8.19 -23.37
CA GLY F 16 -27.20 8.56 -23.78
C GLY F 16 -28.21 7.44 -23.69
N SER F 17 -27.78 6.26 -23.27
CA SER F 17 -28.70 5.14 -23.18
C SER F 17 -29.60 5.28 -21.97
N THR F 18 -30.69 4.52 -21.99
CA THR F 18 -31.49 4.40 -20.79
C THR F 18 -30.77 3.54 -19.77
N MET F 19 -31.29 3.58 -18.55
CA MET F 19 -30.66 2.89 -17.44
C MET F 19 -30.73 1.38 -17.59
N GLY F 20 -31.73 0.88 -18.30
CA GLY F 20 -31.72 -0.53 -18.65
C GLY F 20 -30.87 -0.87 -19.84
N ALA F 21 -30.36 0.13 -20.56
CA ALA F 21 -29.55 -0.11 -21.74
C ALA F 21 -28.07 0.15 -21.51
N ALA F 22 -27.72 1.17 -20.73
CA ALA F 22 -26.33 1.50 -20.49
C ALA F 22 -25.62 0.51 -19.58
N SER F 23 -26.37 -0.41 -18.96
CA SER F 23 -25.79 -1.41 -18.08
C SER F 23 -24.91 -2.42 -18.80
N MET F 24 -24.94 -2.47 -20.13
CA MET F 24 -24.08 -3.39 -20.84
C MET F 24 -22.67 -2.86 -21.03
N THR F 25 -22.43 -1.58 -20.74
CA THR F 25 -21.10 -1.00 -20.85
C THR F 25 -20.49 -0.71 -19.50
N LEU F 26 -20.94 -1.40 -18.46
CA LEU F 26 -20.42 -1.15 -17.12
C LEU F 26 -18.98 -1.59 -16.98
N THR F 27 -18.57 -2.58 -17.77
CA THR F 27 -17.23 -3.12 -17.62
C THR F 27 -16.19 -2.17 -18.21
N VAL F 28 -16.54 -1.46 -19.27
CA VAL F 28 -15.58 -0.58 -19.94
C VAL F 28 -15.29 0.62 -19.07
N GLN F 29 -16.29 1.13 -18.36
CA GLN F 29 -16.09 2.30 -17.50
C GLN F 29 -15.20 1.96 -16.32
N ALA F 30 -15.33 0.75 -15.77
CA ALA F 30 -14.60 0.41 -14.56
C ALA F 30 -13.13 0.19 -14.84
N ARG F 31 -12.82 -0.40 -16.00
CA ARG F 31 -11.44 -0.76 -16.32
C ARG F 31 -10.57 0.46 -16.50
N LEU F 32 -11.09 1.46 -17.19
CA LEU F 32 -10.26 2.57 -17.60
C LEU F 32 -10.29 3.72 -16.62
N LEU F 33 -10.96 3.52 -15.48
CA LEU F 33 -10.87 4.49 -14.38
C LEU F 33 -9.47 4.56 -13.82
N LEU F 34 -8.78 3.44 -13.79
CA LEU F 34 -7.48 3.34 -13.14
C LEU F 34 -6.41 3.48 -14.20
N SER F 35 -5.65 4.58 -14.13
CA SER F 35 -4.45 4.93 -14.90
C SER F 35 -4.74 5.20 -16.38
N GLY F 36 -5.96 4.99 -16.86
CA GLY F 36 -6.31 5.03 -18.26
C GLY F 36 -5.49 4.02 -19.03
N ILE F 37 -5.24 4.33 -20.29
CA ILE F 37 -4.13 3.68 -20.97
C ILE F 37 -2.84 4.22 -20.36
N VAL F 38 -1.82 3.39 -20.31
CA VAL F 38 -0.60 3.76 -19.61
C VAL F 38 0.18 4.76 -20.47
N GLN F 39 0.29 5.99 -19.99
CA GLN F 39 1.16 6.99 -20.59
C GLN F 39 2.54 6.85 -19.95
N GLN F 40 3.39 7.85 -20.17
CA GLN F 40 4.75 7.95 -19.62
C GLN F 40 5.58 6.74 -20.04
N GLN F 41 5.91 6.72 -21.34
CA GLN F 41 6.64 5.60 -21.92
C GLN F 41 8.09 5.57 -21.49
N ASN F 42 8.33 5.38 -20.17
CA ASN F 42 9.62 5.11 -19.56
C ASN F 42 10.66 6.21 -19.83
N ASN F 43 10.22 7.43 -20.12
CA ASN F 43 11.12 8.52 -20.46
C ASN F 43 11.42 9.31 -19.19
N LEU F 44 12.42 8.84 -18.45
CA LEU F 44 12.80 9.40 -17.16
C LEU F 44 14.03 10.30 -17.28
N LEU F 45 14.34 10.77 -18.47
CA LEU F 45 15.57 11.51 -18.74
C LEU F 45 15.31 13.00 -18.61
N ARG F 46 16.23 13.68 -17.93
CA ARG F 46 16.15 15.13 -17.73
C ARG F 46 17.48 15.80 -18.05
N TRP F 60 11.10 17.09 -9.11
CA TRP F 60 9.87 17.71 -9.62
C TRP F 60 8.80 17.78 -8.52
N LEU F 65 4.01 13.51 -8.03
CA LEU F 65 3.27 12.31 -8.43
C LEU F 65 2.01 12.24 -7.64
N GLN F 66 1.63 13.41 -7.09
CA GLN F 66 0.46 13.50 -6.21
C GLN F 66 -0.81 13.14 -6.97
N ALA F 67 -0.87 13.47 -8.25
CA ALA F 67 -2.02 13.07 -9.06
C ALA F 67 -2.05 11.57 -9.28
N ARG F 68 -0.90 10.91 -9.31
CA ARG F 68 -0.90 9.47 -9.43
C ARG F 68 -1.39 8.81 -8.15
N VAL F 69 -1.04 9.38 -7.01
CA VAL F 69 -1.39 8.75 -5.75
C VAL F 69 -2.87 8.92 -5.45
N LEU F 70 -3.46 10.05 -5.86
CA LEU F 70 -4.88 10.28 -5.62
C LEU F 70 -5.75 9.32 -6.39
N ALA F 71 -5.34 8.93 -7.59
CA ALA F 71 -6.17 8.08 -8.43
C ALA F 71 -6.33 6.69 -7.83
N VAL F 72 -5.29 6.21 -7.16
CA VAL F 72 -5.39 4.96 -6.41
C VAL F 72 -6.34 5.13 -5.23
N GLU F 73 -6.27 6.27 -4.55
CA GLU F 73 -7.12 6.50 -3.39
C GLU F 73 -8.57 6.65 -3.77
N ARG F 74 -8.83 7.24 -4.94
CA ARG F 74 -10.18 7.20 -5.48
C ARG F 74 -10.61 5.77 -5.77
N TYR F 75 -9.68 4.93 -6.22
CA TYR F 75 -10.04 3.56 -6.51
C TYR F 75 -10.26 2.77 -5.24
N LEU F 76 -9.33 2.90 -4.28
CA LEU F 76 -9.42 2.11 -3.07
C LEU F 76 -10.52 2.58 -2.14
N LYS F 77 -11.04 3.80 -2.34
CA LYS F 77 -12.22 4.22 -1.61
C LYS F 77 -13.39 3.31 -1.93
N ASP F 78 -13.53 2.95 -3.20
CA ASP F 78 -14.75 2.31 -3.65
C ASP F 78 -14.73 0.82 -3.43
N GLN F 79 -13.56 0.20 -3.61
CA GLN F 79 -13.44 -1.24 -3.39
C GLN F 79 -13.63 -1.60 -1.93
N GLN F 80 -13.10 -0.78 -1.03
CA GLN F 80 -13.39 -0.96 0.38
C GLN F 80 -14.85 -0.71 0.67
N LEU F 81 -15.45 0.27 -0.02
CA LEU F 81 -16.84 0.58 0.23
C LEU F 81 -17.74 -0.51 -0.34
N LEU F 82 -17.34 -1.14 -1.44
CA LEU F 82 -18.07 -2.33 -1.85
C LEU F 82 -17.76 -3.52 -0.97
N GLY F 83 -16.62 -3.50 -0.29
CA GLY F 83 -16.33 -4.57 0.65
C GLY F 83 -17.21 -4.50 1.89
N ILE F 84 -17.51 -3.29 2.35
CA ILE F 84 -18.42 -3.13 3.46
C ILE F 84 -19.84 -3.40 3.00
N TRP F 85 -20.14 -3.11 1.77
CA TRP F 85 -21.47 -3.36 1.22
C TRP F 85 -21.65 -4.79 0.75
N GLY F 86 -20.76 -5.70 1.16
CA GLY F 86 -20.90 -7.11 0.87
C GLY F 86 -20.82 -7.46 -0.60
N CYS F 87 -20.20 -6.58 -1.39
CA CYS F 87 -20.35 -6.62 -2.83
C CYS F 87 -19.00 -6.34 -3.48
N SER F 88 -17.95 -6.95 -2.97
CA SER F 88 -16.67 -6.85 -3.64
C SER F 88 -16.62 -7.83 -4.80
N GLY F 89 -15.96 -7.43 -5.87
CA GLY F 89 -15.82 -8.27 -7.05
C GLY F 89 -16.92 -8.13 -8.06
N LYS F 90 -18.17 -8.00 -7.60
CA LYS F 90 -19.29 -7.93 -8.50
C LYS F 90 -19.35 -6.56 -9.18
N LEU F 91 -20.28 -6.43 -10.09
CA LEU F 91 -20.67 -5.14 -10.64
C LEU F 91 -22.09 -4.77 -10.31
N ILE F 92 -22.98 -5.74 -10.23
CA ILE F 92 -24.39 -5.53 -9.97
C ILE F 92 -24.79 -6.49 -8.87
N CYS F 93 -25.24 -5.96 -7.73
CA CYS F 93 -25.64 -6.83 -6.64
C CYS F 93 -26.86 -6.29 -5.94
N THR F 94 -27.62 -7.21 -5.38
CA THR F 94 -28.90 -6.92 -4.76
C THR F 94 -28.71 -6.62 -3.28
N THR F 95 -29.82 -6.61 -2.54
CA THR F 95 -29.80 -6.15 -1.17
C THR F 95 -31.01 -6.70 -0.43
N ALA F 96 -31.11 -6.32 0.83
CA ALA F 96 -32.33 -6.52 1.60
C ALA F 96 -32.97 -5.20 2.01
N VAL F 97 -32.57 -4.10 1.41
CA VAL F 97 -33.03 -2.77 1.79
C VAL F 97 -34.18 -2.37 0.88
N PRO F 98 -35.38 -2.17 1.39
CA PRO F 98 -36.46 -1.63 0.57
C PRO F 98 -36.27 -0.14 0.34
N TRP F 99 -36.87 0.34 -0.74
CA TRP F 99 -36.77 1.75 -1.09
C TRP F 99 -37.70 2.59 -0.23
N ASN F 100 -37.30 3.85 0.00
CA ASN F 100 -38.12 4.83 0.70
C ASN F 100 -38.47 5.90 -0.31
N THR F 101 -39.75 5.99 -0.65
CA THR F 101 -40.17 6.81 -1.79
C THR F 101 -40.09 8.31 -1.52
N SER F 102 -39.78 8.71 -0.29
CA SER F 102 -39.52 10.13 0.00
C SER F 102 -38.23 10.60 -0.63
N TRP F 103 -37.31 9.69 -0.94
CA TRP F 103 -36.15 10.01 -1.75
C TRP F 103 -36.60 10.48 -3.14
N SER F 104 -37.23 9.59 -3.88
CA SER F 104 -37.93 9.96 -5.11
C SER F 104 -38.99 8.91 -5.33
N ASN F 105 -40.24 9.34 -5.44
CA ASN F 105 -41.35 8.41 -5.63
C ASN F 105 -41.56 8.03 -7.09
N LYS F 106 -40.69 8.49 -7.99
CA LYS F 106 -40.84 8.21 -9.41
C LYS F 106 -40.77 6.71 -9.66
N SER F 107 -41.79 6.19 -10.33
CA SER F 107 -41.99 4.75 -10.37
C SER F 107 -41.07 4.13 -11.42
N TYR F 108 -41.36 2.87 -11.74
CA TYR F 108 -40.42 1.98 -12.38
C TYR F 108 -40.10 2.37 -13.81
N ASN F 109 -41.08 2.30 -14.70
CA ASN F 109 -40.82 2.62 -16.09
C ASN F 109 -40.92 4.10 -16.39
N GLN F 110 -41.19 4.92 -15.37
CA GLN F 110 -41.14 6.37 -15.56
C GLN F 110 -39.72 6.84 -15.82
N ILE F 111 -38.73 6.08 -15.33
CA ILE F 111 -37.34 6.45 -15.41
C ILE F 111 -36.53 5.42 -16.19
N TRP F 112 -36.82 4.13 -15.96
CA TRP F 112 -35.93 3.04 -16.35
C TRP F 112 -35.77 2.96 -17.86
N ASN F 113 -36.88 2.86 -18.58
CA ASN F 113 -36.86 2.93 -20.04
C ASN F 113 -37.19 4.32 -20.54
N ASN F 114 -36.86 5.35 -19.75
CA ASN F 114 -37.15 6.72 -20.15
C ASN F 114 -36.02 7.70 -19.89
N MET F 115 -35.00 7.35 -19.12
CA MET F 115 -34.07 8.34 -18.60
C MET F 115 -32.66 7.77 -18.58
N THR F 116 -31.69 8.64 -18.83
CA THR F 116 -30.28 8.28 -18.75
C THR F 116 -29.80 8.29 -17.30
N TRP F 117 -28.49 8.23 -17.12
CA TRP F 117 -27.90 8.16 -15.79
C TRP F 117 -27.54 9.52 -15.23
N MET F 118 -27.23 10.49 -16.09
CA MET F 118 -26.91 11.82 -15.59
C MET F 118 -28.10 12.46 -14.91
N GLU F 119 -29.30 12.13 -15.36
CA GLU F 119 -30.50 12.70 -14.79
C GLU F 119 -30.94 11.97 -13.53
N TRP F 120 -30.72 10.66 -13.47
CA TRP F 120 -31.03 9.90 -12.26
C TRP F 120 -30.12 10.29 -11.12
N GLU F 121 -28.89 10.70 -11.41
CA GLU F 121 -28.01 11.20 -10.38
C GLU F 121 -28.44 12.58 -9.91
N ARG F 122 -29.04 13.37 -10.78
CA ARG F 122 -29.53 14.68 -10.39
C ARG F 122 -30.91 14.61 -9.77
N GLU F 123 -31.40 13.42 -9.45
CA GLU F 123 -32.58 13.25 -8.62
C GLU F 123 -32.26 12.72 -7.24
N ILE F 124 -31.06 12.16 -7.04
CA ILE F 124 -30.73 11.46 -5.81
C ILE F 124 -29.51 12.07 -5.13
N ASP F 125 -29.03 13.23 -5.61
CA ASP F 125 -27.77 13.75 -5.10
C ASP F 125 -27.91 14.31 -3.70
N ASN F 126 -29.08 14.87 -3.37
CA ASN F 126 -29.32 15.38 -2.03
C ASN F 126 -29.39 14.25 -1.00
N TYR F 127 -29.77 13.05 -1.42
CA TYR F 127 -30.02 11.95 -0.51
C TYR F 127 -28.87 10.97 -0.42
N THR F 128 -27.70 11.33 -0.95
CA THR F 128 -26.65 10.36 -1.27
C THR F 128 -26.09 9.70 -0.02
N SER F 129 -25.62 10.50 0.93
CA SER F 129 -25.03 9.97 2.15
C SER F 129 -26.07 9.27 3.02
N LEU F 130 -27.33 9.65 2.87
CA LEU F 130 -28.40 8.96 3.58
C LEU F 130 -28.58 7.54 3.08
N ILE F 131 -28.32 7.29 1.80
CA ILE F 131 -28.41 5.94 1.29
C ILE F 131 -27.28 5.08 1.83
N TYR F 132 -26.13 5.69 2.08
CA TYR F 132 -24.92 4.91 2.34
C TYR F 132 -24.92 4.31 3.73
N THR F 133 -25.50 5.00 4.71
CA THR F 133 -25.59 4.42 6.05
C THR F 133 -26.56 3.26 6.07
N LEU F 134 -27.65 3.37 5.32
CA LEU F 134 -28.67 2.34 5.31
C LEU F 134 -28.19 1.07 4.63
N ILE F 135 -27.36 1.21 3.60
CA ILE F 135 -26.80 0.05 2.94
C ILE F 135 -25.74 -0.59 3.83
N GLU F 136 -24.99 0.24 4.57
CA GLU F 136 -24.00 -0.28 5.50
C GLU F 136 -24.65 -1.11 6.60
N ASP F 137 -25.66 -0.53 7.25
CA ASP F 137 -26.18 -1.15 8.46
C ASP F 137 -27.07 -2.34 8.14
N SER F 138 -28.14 -2.11 7.41
CA SER F 138 -29.17 -3.11 7.21
C SER F 138 -28.82 -4.17 6.18
N GLN F 139 -27.57 -4.27 5.74
CA GLN F 139 -27.24 -5.29 4.76
C GLN F 139 -26.02 -6.08 5.21
N ASN F 140 -25.14 -5.46 5.95
CA ASN F 140 -23.99 -6.24 6.42
C ASN F 140 -23.78 -6.13 7.91
N GLN F 141 -24.04 -4.96 8.50
CA GLN F 141 -24.11 -4.92 9.95
C GLN F 141 -25.34 -5.69 10.44
N GLN F 142 -26.39 -5.73 9.62
CA GLN F 142 -27.49 -6.64 9.90
C GLN F 142 -27.06 -8.09 9.74
N GLU F 143 -26.53 -8.44 8.57
CA GLU F 143 -26.24 -9.84 8.30
C GLU F 143 -25.02 -10.36 9.04
N LYS F 144 -24.30 -9.50 9.75
CA LYS F 144 -23.34 -10.00 10.72
C LYS F 144 -24.06 -10.63 11.92
N ASN F 145 -25.27 -10.19 12.21
CA ASN F 145 -26.08 -10.79 13.26
C ASN F 145 -26.94 -11.93 12.75
N GLU F 146 -26.57 -12.53 11.63
CA GLU F 146 -27.19 -13.76 11.15
C GLU F 146 -26.18 -14.87 10.97
N GLN F 147 -24.93 -14.64 11.36
CA GLN F 147 -23.85 -15.56 11.03
C GLN F 147 -23.87 -16.78 11.94
N GLU F 148 -23.68 -16.56 13.25
CA GLU F 148 -23.85 -17.56 14.31
C GLU F 148 -22.95 -18.78 14.17
N GLU G 1 -6.42 -40.67 -30.17
CA GLU G 1 -5.37 -39.78 -29.67
C GLU G 1 -4.94 -40.19 -28.28
N VAL G 2 -5.52 -41.27 -27.78
CA VAL G 2 -5.15 -41.87 -26.51
C VAL G 2 -3.67 -42.31 -26.48
N GLN G 3 -2.95 -41.93 -25.42
CA GLN G 3 -1.56 -42.35 -25.27
C GLN G 3 -1.30 -42.83 -23.84
N LEU G 4 -0.69 -44.01 -23.73
CA LEU G 4 -0.32 -44.60 -22.44
C LEU G 4 1.12 -45.04 -22.50
N VAL G 5 1.91 -44.56 -21.55
CA VAL G 5 3.31 -44.92 -21.52
C VAL G 5 3.65 -45.47 -20.14
N GLU G 6 3.93 -46.76 -20.09
CA GLU G 6 4.39 -47.42 -18.88
C GLU G 6 5.83 -47.04 -18.62
N SER G 7 6.27 -47.14 -17.36
CA SER G 7 7.67 -46.90 -16.99
C SER G 7 8.00 -47.50 -15.63
N GLY G 8 9.28 -47.50 -15.28
CA GLY G 8 9.69 -47.96 -13.97
C GLY G 8 10.16 -49.40 -13.89
N GLY G 9 10.02 -50.15 -14.99
CA GLY G 9 10.48 -51.53 -15.03
C GLY G 9 12.00 -51.64 -15.03
N GLY G 10 12.50 -52.71 -14.43
CA GLY G 10 13.94 -52.97 -14.41
C GLY G 10 14.32 -54.24 -13.68
N LEU G 11 15.62 -54.47 -13.49
CA LEU G 11 16.13 -55.68 -12.83
C LEU G 11 15.99 -55.54 -11.31
N VAL G 12 15.55 -56.62 -10.68
CA VAL G 12 15.25 -56.63 -9.25
C VAL G 12 15.47 -58.05 -8.73
N LYS G 13 15.97 -58.15 -7.52
CA LYS G 13 16.24 -59.45 -6.92
C LYS G 13 14.94 -60.01 -6.36
N PRO G 14 14.80 -61.35 -6.34
CA PRO G 14 13.65 -61.97 -5.68
C PRO G 14 13.42 -61.40 -4.27
N GLY G 15 12.17 -61.12 -3.93
CA GLY G 15 11.84 -60.59 -2.63
C GLY G 15 11.81 -59.08 -2.61
N GLY G 16 12.38 -58.48 -3.66
CA GLY G 16 12.45 -57.04 -3.76
C GLY G 16 11.16 -56.33 -4.13
N SER G 17 11.23 -55.00 -4.17
CA SER G 17 10.11 -54.15 -4.47
C SER G 17 10.32 -53.41 -5.77
N LEU G 18 9.25 -52.86 -6.33
CA LEU G 18 9.34 -52.14 -7.59
C LEU G 18 8.07 -51.33 -7.85
N ARG G 19 8.21 -50.20 -8.54
CA ARG G 19 7.08 -49.31 -8.76
C ARG G 19 6.93 -48.88 -10.21
N LEU G 20 5.95 -49.46 -10.90
CA LEU G 20 5.69 -49.10 -12.30
C LEU G 20 4.73 -47.92 -12.41
N SER G 21 5.01 -47.04 -13.35
CA SER G 21 4.19 -45.86 -13.57
C SER G 21 3.54 -45.94 -14.95
N CYS G 22 2.44 -45.22 -15.10
CA CYS G 22 1.76 -45.12 -16.39
C CYS G 22 1.19 -43.73 -16.62
N SER G 23 1.71 -43.01 -17.61
CA SER G 23 1.20 -41.68 -17.92
C SER G 23 0.09 -41.78 -18.94
N ALA G 24 -1.08 -41.32 -18.56
CA ALA G 24 -2.24 -41.45 -19.44
C ALA G 24 -2.59 -40.13 -20.10
N SER G 25 -2.90 -40.21 -21.39
CA SER G 25 -3.34 -39.06 -22.17
C SER G 25 -4.35 -39.46 -23.21
N GLY G 26 -5.03 -38.47 -23.77
CA GLY G 26 -5.95 -38.71 -24.89
C GLY G 26 -7.39 -38.97 -24.52
N PHE G 27 -7.68 -39.11 -23.23
CA PHE G 27 -9.04 -39.42 -22.77
C PHE G 27 -9.32 -38.89 -21.37
N ASP G 28 -10.47 -39.25 -20.82
CA ASP G 28 -10.81 -38.84 -19.46
C ASP G 28 -10.31 -39.84 -18.43
N PHE G 29 -9.06 -39.65 -18.00
CA PHE G 29 -8.40 -40.58 -17.11
C PHE G 29 -9.17 -40.70 -15.82
N ASP G 30 -9.65 -39.56 -15.35
CA ASP G 30 -10.23 -39.46 -14.04
C ASP G 30 -11.32 -40.50 -13.80
N ASN G 31 -12.31 -40.57 -14.69
CA ASN G 31 -13.42 -41.48 -14.50
C ASN G 31 -13.21 -42.83 -15.19
N ALA G 32 -12.01 -43.02 -15.74
CA ALA G 32 -11.70 -44.23 -16.50
C ALA G 32 -11.22 -45.35 -15.60
N TRP G 33 -11.74 -46.55 -15.83
CA TRP G 33 -11.21 -47.73 -15.17
C TRP G 33 -9.88 -48.08 -15.83
N MET G 34 -8.87 -48.39 -15.03
CA MET G 34 -7.55 -48.77 -15.56
C MET G 34 -7.16 -50.19 -15.15
N THR G 35 -6.40 -50.88 -16.00
CA THR G 35 -6.03 -52.26 -15.71
C THR G 35 -4.53 -52.53 -15.98
N TRP G 36 -3.90 -53.38 -15.17
CA TRP G 36 -2.55 -53.83 -15.45
C TRP G 36 -2.59 -55.26 -15.97
N VAL G 37 -1.86 -55.49 -17.06
CA VAL G 37 -1.76 -56.77 -17.72
C VAL G 37 -0.29 -57.04 -17.95
N ARG G 38 0.14 -58.28 -17.77
CA ARG G 38 1.54 -58.57 -18.06
C ARG G 38 1.66 -59.73 -19.06
N GLN G 39 2.83 -59.82 -19.69
CA GLN G 39 3.18 -60.97 -20.51
C GLN G 39 4.51 -61.59 -20.07
N PRO G 40 4.45 -62.73 -19.38
CA PRO G 40 5.69 -63.41 -19.00
C PRO G 40 6.42 -63.83 -20.26
N PRO G 41 7.73 -64.08 -20.18
CA PRO G 41 8.46 -64.43 -21.40
C PRO G 41 7.99 -65.76 -21.96
N GLY G 42 7.82 -65.84 -23.28
CA GLY G 42 7.38 -67.08 -23.92
C GLY G 42 6.02 -67.56 -23.45
N LYS G 43 5.16 -66.62 -23.07
CA LYS G 43 3.87 -66.96 -22.56
C LYS G 43 2.93 -65.90 -23.03
N GLY G 44 1.65 -65.99 -22.66
CA GLY G 44 0.64 -65.10 -23.20
C GLY G 44 0.28 -63.99 -22.24
N LEU G 45 -0.78 -63.27 -22.55
CA LEU G 45 -1.24 -62.18 -21.72
C LEU G 45 -1.87 -62.69 -20.43
N GLU G 46 -1.64 -61.95 -19.35
CA GLU G 46 -2.12 -62.31 -18.03
C GLU G 46 -2.63 -61.09 -17.29
N TRP G 47 -3.84 -61.20 -16.78
CA TRP G 47 -4.52 -60.10 -16.13
C TRP G 47 -3.95 -59.98 -14.70
N VAL G 48 -3.47 -58.81 -14.34
CA VAL G 48 -2.84 -58.60 -13.03
C VAL G 48 -3.83 -58.02 -12.01
N GLY G 49 -4.54 -56.95 -12.42
CA GLY G 49 -5.49 -56.27 -11.58
C GLY G 49 -6.06 -55.01 -12.23
N ARG G 50 -7.09 -54.42 -11.61
CA ARG G 50 -7.80 -53.28 -12.19
C ARG G 50 -8.34 -52.37 -11.11
N ILE G 51 -8.17 -51.06 -11.29
CA ILE G 51 -8.77 -50.10 -10.38
C ILE G 51 -9.99 -49.49 -11.07
N THR G 52 -11.06 -49.34 -10.30
CA THR G 52 -12.29 -48.75 -10.79
C THR G 52 -12.32 -47.25 -10.61
N GLY G 53 -13.47 -46.64 -10.89
CA GLY G 53 -13.60 -45.21 -10.79
C GLY G 53 -14.33 -44.73 -9.55
N PRO G 54 -14.84 -43.49 -9.60
CA PRO G 54 -15.47 -42.79 -8.48
C PRO G 54 -16.71 -43.48 -7.94
N GLY G 55 -17.61 -43.88 -8.83
CA GLY G 55 -18.86 -44.48 -8.41
C GLY G 55 -18.60 -45.78 -7.68
N GLU G 56 -17.48 -46.40 -7.98
CA GLU G 56 -17.13 -47.69 -7.40
C GLU G 56 -16.19 -47.51 -6.22
N GLY G 57 -15.90 -46.25 -5.90
CA GLY G 57 -15.03 -45.92 -4.78
C GLY G 57 -13.55 -46.20 -5.00
N TRP G 58 -13.12 -46.21 -6.26
CA TRP G 58 -11.75 -46.55 -6.63
C TRP G 58 -11.36 -47.93 -6.11
N SER G 59 -12.36 -48.77 -5.88
CA SER G 59 -12.14 -50.17 -5.55
C SER G 59 -11.11 -50.79 -6.49
N VAL G 60 -10.34 -51.75 -5.99
CA VAL G 60 -9.38 -52.46 -6.83
C VAL G 60 -9.54 -53.97 -6.65
N ASP G 61 -9.40 -54.72 -7.76
CA ASP G 61 -9.40 -56.18 -7.74
C ASP G 61 -8.10 -56.73 -8.31
N TYR G 62 -7.71 -57.91 -7.83
CA TYR G 62 -6.37 -58.46 -8.04
C TYR G 62 -6.43 -59.92 -8.49
N ALA G 63 -5.45 -60.34 -9.27
CA ALA G 63 -5.33 -61.74 -9.64
C ALA G 63 -4.82 -62.52 -8.44
N ALA G 64 -5.24 -63.77 -8.31
CA ALA G 64 -4.88 -64.56 -7.14
C ALA G 64 -3.36 -64.65 -6.88
N PRO G 65 -2.54 -64.92 -7.92
CA PRO G 65 -1.10 -65.08 -7.62
C PRO G 65 -0.41 -63.79 -7.23
N VAL G 66 -1.17 -62.72 -7.09
CA VAL G 66 -0.58 -61.41 -6.95
C VAL G 66 -1.25 -60.64 -5.79
N GLU G 67 -2.48 -61.04 -5.48
CA GLU G 67 -3.23 -60.51 -4.33
C GLU G 67 -2.39 -60.52 -3.06
N GLY G 68 -2.28 -59.36 -2.42
CA GLY G 68 -1.51 -59.23 -1.20
C GLY G 68 -0.12 -58.65 -1.39
N ARG G 69 0.43 -58.79 -2.60
CA ARG G 69 1.78 -58.32 -2.85
C ARG G 69 1.78 -57.01 -3.61
N PHE G 70 0.80 -56.86 -4.50
CA PHE G 70 0.72 -55.76 -5.44
C PHE G 70 -0.30 -54.72 -5.02
N THR G 71 -0.07 -53.47 -5.38
CA THR G 71 -1.00 -52.40 -5.06
C THR G 71 -1.21 -51.48 -6.25
N ILE G 72 -2.46 -51.29 -6.66
CA ILE G 72 -2.76 -50.40 -7.78
C ILE G 72 -3.35 -49.07 -7.29
N SER G 73 -2.83 -47.97 -7.79
CA SER G 73 -3.28 -46.67 -7.34
C SER G 73 -3.29 -45.66 -8.46
N ARG G 74 -3.87 -44.49 -8.18
CA ARG G 74 -3.93 -43.44 -9.18
C ARG G 74 -3.80 -42.08 -8.57
N LEU G 75 -3.17 -41.16 -9.31
CA LEU G 75 -3.21 -39.75 -8.98
C LEU G 75 -3.82 -39.01 -10.17
N ASN G 76 -5.12 -38.72 -10.09
CA ASN G 76 -5.86 -38.19 -11.23
C ASN G 76 -5.45 -36.79 -11.62
N SER G 77 -4.66 -36.13 -10.77
CA SER G 77 -4.26 -34.74 -11.00
C SER G 77 -3.25 -34.62 -12.15
N ILE G 78 -2.50 -35.68 -12.40
CA ILE G 78 -1.52 -35.69 -13.49
C ILE G 78 -1.68 -36.94 -14.34
N ASN G 79 -2.85 -37.57 -14.22
CA ASN G 79 -3.21 -38.70 -15.05
C ASN G 79 -2.13 -39.77 -15.06
N PHE G 80 -1.75 -40.20 -13.86
CA PHE G 80 -0.82 -41.29 -13.70
C PHE G 80 -1.42 -42.51 -13.02
N LEU G 81 -1.06 -43.67 -13.52
CA LEU G 81 -1.48 -44.92 -12.92
C LEU G 81 -0.24 -45.59 -12.36
N TYR G 82 -0.39 -46.31 -11.26
CA TYR G 82 0.74 -46.91 -10.59
C TYR G 82 0.55 -48.38 -10.25
N LEU G 83 1.66 -49.08 -10.10
CA LEU G 83 1.65 -50.48 -9.67
C LEU G 83 2.78 -50.77 -8.69
N GLU G 84 2.41 -50.84 -7.41
CA GLU G 84 3.35 -51.13 -6.33
C GLU G 84 3.48 -52.64 -6.14
N MET G 85 4.66 -53.16 -6.43
CA MET G 85 4.92 -54.59 -6.28
C MET G 85 5.90 -54.90 -5.14
N ASN G 86 5.50 -55.78 -4.23
CA ASN G 86 6.40 -56.20 -3.15
C ASN G 86 6.65 -57.70 -3.17
N ASN G 87 7.78 -58.12 -2.63
CA ASN G 87 8.11 -59.54 -2.50
C ASN G 87 8.04 -60.30 -3.83
N LEU G 88 8.81 -59.84 -4.80
CA LEU G 88 8.68 -60.38 -6.16
C LEU G 88 9.27 -61.78 -6.27
N ARG G 89 8.81 -62.53 -7.25
CA ARG G 89 9.30 -63.88 -7.53
C ARG G 89 9.71 -63.93 -9.00
N MET G 90 10.35 -65.00 -9.43
CA MET G 90 10.77 -65.14 -10.83
C MET G 90 9.59 -64.92 -11.77
N GLU G 91 8.48 -65.61 -11.48
CA GLU G 91 7.30 -65.58 -12.32
C GLU G 91 6.58 -64.22 -12.36
N ASP G 92 7.03 -63.27 -11.53
CA ASP G 92 6.51 -61.92 -11.57
C ASP G 92 7.09 -61.14 -12.74
N SER G 93 8.15 -61.68 -13.31
CA SER G 93 8.83 -61.00 -14.39
C SER G 93 8.12 -61.21 -15.71
N GLY G 94 8.08 -60.15 -16.52
CA GLY G 94 7.46 -60.16 -17.83
C GLY G 94 7.41 -58.75 -18.34
N LEU G 95 6.55 -58.48 -19.31
CA LEU G 95 6.35 -57.14 -19.83
C LEU G 95 5.04 -56.56 -19.30
N TYR G 96 5.07 -55.42 -18.61
CA TYR G 96 3.85 -54.96 -17.98
C TYR G 96 3.11 -53.87 -18.74
N PHE G 97 1.84 -54.13 -19.03
CA PHE G 97 0.99 -53.23 -19.80
C PHE G 97 -0.03 -52.53 -18.92
N CYS G 98 -0.35 -51.29 -19.26
N CYS G 98 -0.35 -51.30 -19.27
CA CYS G 98 -1.51 -50.63 -18.69
CA CYS G 98 -1.51 -50.65 -18.72
C CYS G 98 -2.54 -50.36 -19.79
C CYS G 98 -2.54 -50.45 -19.82
N ALA G 99 -3.82 -50.45 -19.46
CA ALA G 99 -4.86 -50.32 -20.47
C ALA G 99 -6.17 -49.77 -19.96
N ARG G 100 -6.69 -48.79 -20.71
CA ARG G 100 -8.01 -48.23 -20.48
C ARG G 100 -9.07 -49.31 -20.51
N THR G 101 -9.91 -49.35 -19.48
CA THR G 101 -10.84 -50.46 -19.30
C THR G 101 -12.29 -50.04 -19.47
N GLY G 102 -12.99 -50.70 -20.38
CA GLY G 102 -14.40 -50.42 -20.62
C GLY G 102 -15.28 -51.47 -19.98
N LYS G 103 -16.48 -51.06 -19.58
CA LYS G 103 -17.46 -51.96 -18.99
C LYS G 103 -18.55 -52.34 -19.99
N TYR G 104 -18.91 -53.62 -20.04
CA TYR G 104 -19.95 -54.07 -20.95
C TYR G 104 -20.99 -54.95 -20.26
N TYR G 105 -22.27 -54.63 -20.42
CA TYR G 105 -23.32 -55.51 -19.94
C TYR G 105 -24.56 -55.48 -20.84
N ASP G 106 -24.88 -56.62 -21.46
CA ASP G 106 -26.07 -56.70 -22.29
C ASP G 106 -27.28 -56.98 -21.41
N PHE G 107 -28.33 -56.18 -21.56
CA PHE G 107 -29.45 -56.30 -20.63
C PHE G 107 -30.11 -57.67 -20.67
N TRP G 108 -30.47 -58.15 -21.86
CA TRP G 108 -31.37 -59.29 -21.91
C TRP G 108 -30.68 -60.63 -21.75
N SER G 109 -29.36 -60.66 -21.99
CA SER G 109 -28.61 -61.90 -21.85
C SER G 109 -27.52 -61.79 -20.80
N GLY G 110 -27.26 -60.57 -20.34
CA GLY G 110 -26.18 -60.35 -19.43
C GLY G 110 -26.30 -61.03 -18.09
N TYR G 111 -25.14 -61.22 -17.46
CA TYR G 111 -25.07 -61.72 -16.12
C TYR G 111 -24.08 -60.83 -15.37
N PRO G 112 -24.49 -60.33 -14.21
CA PRO G 112 -23.64 -59.43 -13.41
C PRO G 112 -22.31 -60.10 -13.03
N PRO G 113 -21.18 -59.36 -13.05
CA PRO G 113 -21.06 -57.92 -13.32
C PRO G 113 -20.69 -57.61 -14.75
N GLY G 114 -21.38 -58.24 -15.69
CA GLY G 114 -21.02 -58.09 -17.08
C GLY G 114 -19.53 -58.33 -17.29
N GLU G 115 -18.95 -57.60 -18.23
CA GLU G 115 -17.58 -57.91 -18.66
C GLU G 115 -16.75 -56.65 -18.86
N GLU G 116 -15.45 -56.78 -18.71
CA GLU G 116 -14.58 -55.64 -18.88
C GLU G 116 -13.70 -55.88 -20.09
N TYR G 117 -13.50 -54.84 -20.89
CA TYR G 117 -12.69 -54.96 -22.11
C TYR G 117 -11.63 -53.87 -22.16
N PHE G 118 -10.58 -54.13 -22.93
CA PHE G 118 -9.38 -53.28 -22.92
C PHE G 118 -9.16 -52.54 -24.25
N GLN G 119 -9.73 -51.34 -24.36
CA GLN G 119 -9.76 -50.61 -25.62
C GLN G 119 -8.44 -49.95 -26.00
N ASP G 120 -7.65 -49.52 -25.03
CA ASP G 120 -6.38 -48.85 -25.37
C ASP G 120 -5.24 -49.36 -24.53
N TRP G 121 -4.13 -49.68 -25.17
CA TRP G 121 -2.98 -50.24 -24.48
C TRP G 121 -1.76 -49.36 -24.64
N GLY G 122 -0.77 -49.55 -23.78
CA GLY G 122 0.51 -48.89 -23.91
C GLY G 122 1.50 -49.91 -24.44
N ARG G 123 2.76 -49.52 -24.52
CA ARG G 123 3.79 -50.38 -25.10
C ARG G 123 4.38 -51.34 -24.07
N GLY G 124 4.25 -50.99 -22.80
CA GLY G 124 4.71 -51.87 -21.75
C GLY G 124 6.09 -51.50 -21.25
N THR G 125 6.41 -51.97 -20.05
CA THR G 125 7.71 -51.74 -19.48
C THR G 125 8.17 -53.04 -18.87
N LEU G 126 9.45 -53.33 -19.06
CA LEU G 126 9.99 -54.66 -18.79
C LEU G 126 10.46 -54.87 -17.35
N VAL G 127 9.82 -55.82 -16.70
CA VAL G 127 10.21 -56.20 -15.37
C VAL G 127 11.03 -57.46 -15.42
N THR G 128 12.22 -57.42 -14.84
CA THR G 128 13.12 -58.55 -14.77
C THR G 128 13.45 -58.93 -13.32
N VAL G 129 12.98 -60.10 -12.88
CA VAL G 129 13.18 -60.55 -11.51
C VAL G 129 14.12 -61.73 -11.52
N TYR H 1 -5.34 -72.18 -17.35
CA TYR H 1 -6.03 -71.22 -18.20
C TYR H 1 -7.43 -71.76 -18.50
N GLU H 2 -8.36 -71.48 -17.59
CA GLU H 2 -9.73 -71.98 -17.67
C GLU H 2 -10.39 -71.63 -19.01
N LEU H 3 -9.93 -70.53 -19.64
CA LEU H 3 -10.29 -70.25 -21.03
C LEU H 3 -9.30 -70.92 -22.00
N THR H 4 -9.78 -71.93 -22.70
CA THR H 4 -8.93 -72.73 -23.57
C THR H 4 -8.96 -72.29 -25.02
N GLN H 5 -7.79 -72.08 -25.61
CA GLN H 5 -7.69 -71.68 -27.01
C GLN H 5 -6.81 -72.66 -27.76
N GLU H 6 -6.87 -72.62 -29.09
CA GLU H 6 -6.01 -73.44 -29.90
C GLU H 6 -4.62 -72.83 -29.84
N THR H 7 -3.61 -73.68 -29.75
CA THR H 7 -2.25 -73.20 -29.77
C THR H 7 -1.98 -72.48 -31.07
N GLY H 8 -2.12 -73.21 -32.16
CA GLY H 8 -1.83 -72.68 -33.46
C GLY H 8 -2.87 -73.07 -34.48
N VAL H 9 -3.19 -72.14 -35.37
CA VAL H 9 -4.12 -72.37 -36.47
C VAL H 9 -3.57 -71.66 -37.71
N SER H 10 -3.59 -72.35 -38.83
CA SER H 10 -3.17 -71.75 -40.09
C SER H 10 -4.35 -71.43 -40.98
N VAL H 11 -4.16 -70.49 -41.89
CA VAL H 11 -5.19 -70.13 -42.84
C VAL H 11 -4.54 -69.70 -44.14
N ALA H 12 -5.05 -70.22 -45.26
CA ALA H 12 -4.56 -69.76 -46.55
C ALA H 12 -4.87 -68.28 -46.68
N LEU H 13 -3.98 -67.52 -47.29
CA LEU H 13 -4.24 -66.12 -47.54
C LEU H 13 -5.53 -65.94 -48.33
N GLY H 14 -6.37 -65.02 -47.90
CA GLY H 14 -7.65 -64.79 -48.55
C GLY H 14 -8.78 -65.64 -48.01
N ARG H 15 -8.46 -66.78 -47.44
CA ARG H 15 -9.50 -67.66 -46.90
C ARG H 15 -10.02 -67.23 -45.52
N THR H 16 -11.02 -67.97 -45.03
CA THR H 16 -11.72 -67.66 -43.80
C THR H 16 -11.35 -68.65 -42.71
N VAL H 17 -11.17 -68.15 -41.49
CA VAL H 17 -10.73 -68.98 -40.38
C VAL H 17 -11.44 -68.56 -39.09
N THR H 18 -11.77 -69.52 -38.24
CA THR H 18 -12.39 -69.22 -36.95
C THR H 18 -11.57 -69.78 -35.80
N ILE H 19 -11.19 -68.90 -34.88
CA ILE H 19 -10.55 -69.34 -33.65
C ILE H 19 -11.56 -69.33 -32.50
N THR H 20 -11.48 -70.32 -31.62
CA THR H 20 -12.47 -70.38 -30.56
C THR H 20 -11.85 -70.31 -29.18
N CYS H 21 -12.71 -70.11 -28.18
CA CYS H 21 -12.32 -69.95 -26.78
C CYS H 21 -13.38 -70.60 -25.91
N ARG H 22 -12.97 -71.55 -25.07
CA ARG H 22 -13.96 -72.32 -24.29
C ARG H 22 -13.71 -72.29 -22.80
N GLY H 23 -14.79 -72.21 -22.05
CA GLY H 23 -14.70 -72.18 -20.61
C GLY H 23 -16.07 -72.13 -20.00
N ASP H 24 -16.16 -72.54 -18.75
CA ASP H 24 -17.45 -72.54 -18.08
C ASP H 24 -17.99 -71.14 -17.90
N SER H 25 -17.12 -70.14 -17.80
CA SER H 25 -17.60 -68.80 -17.49
C SER H 25 -18.26 -68.18 -18.69
N LEU H 26 -17.89 -68.64 -19.87
CA LEU H 26 -18.52 -68.20 -21.10
C LEU H 26 -20.01 -68.55 -21.17
N ARG H 27 -20.46 -69.54 -20.42
CA ARG H 27 -21.90 -69.78 -20.33
C ARG H 27 -22.63 -68.57 -19.76
N SER H 28 -21.93 -67.73 -19.01
CA SER H 28 -22.53 -66.56 -18.37
C SER H 28 -22.02 -65.23 -18.91
N HIS H 29 -20.81 -65.22 -19.46
CA HIS H 29 -20.19 -63.97 -19.82
C HIS H 29 -19.66 -64.01 -21.21
N TYR H 30 -19.78 -62.90 -21.94
CA TYR H 30 -19.16 -62.76 -23.25
C TYR H 30 -17.66 -62.67 -23.12
N ALA H 31 -16.97 -62.75 -24.26
CA ALA H 31 -15.53 -62.60 -24.34
C ALA H 31 -15.19 -61.41 -25.23
N SER H 32 -13.96 -60.94 -25.13
CA SER H 32 -13.48 -59.86 -25.96
C SER H 32 -12.19 -60.34 -26.58
N TRP H 33 -11.81 -59.76 -27.71
CA TRP H 33 -10.75 -60.36 -28.50
C TRP H 33 -9.69 -59.35 -28.85
N TYR H 34 -8.44 -59.80 -28.81
CA TYR H 34 -7.29 -58.93 -28.95
C TYR H 34 -6.29 -59.54 -29.93
N GLN H 35 -5.67 -58.68 -30.74
CA GLN H 35 -4.60 -59.11 -31.64
C GLN H 35 -3.32 -58.56 -31.09
N LYS H 36 -2.27 -59.39 -31.01
CA LYS H 36 -0.99 -58.92 -30.55
C LYS H 36 0.16 -59.47 -31.37
N LYS H 37 1.00 -58.56 -31.82
CA LYS H 37 2.25 -58.95 -32.46
C LYS H 37 3.38 -58.54 -31.56
N PRO H 38 4.45 -59.33 -31.53
CA PRO H 38 5.61 -59.05 -30.69
C PRO H 38 6.20 -57.66 -30.93
N GLY H 39 6.43 -56.93 -29.84
CA GLY H 39 6.99 -55.59 -29.92
C GLY H 39 5.89 -54.55 -29.99
N GLN H 40 4.65 -54.99 -30.02
CA GLN H 40 3.55 -54.04 -30.15
C GLN H 40 2.48 -54.19 -29.09
N ALA H 41 1.77 -53.10 -28.86
CA ALA H 41 0.65 -53.13 -27.94
C ALA H 41 -0.50 -53.95 -28.56
N PRO H 42 -1.26 -54.65 -27.73
CA PRO H 42 -2.43 -55.38 -28.24
C PRO H 42 -3.47 -54.47 -28.89
N ILE H 43 -4.34 -55.07 -29.71
CA ILE H 43 -5.44 -54.36 -30.36
C ILE H 43 -6.79 -55.00 -30.05
N LEU H 44 -7.71 -54.22 -29.48
CA LEU H 44 -9.07 -54.72 -29.25
C LEU H 44 -9.74 -54.89 -30.60
N LEU H 45 -10.13 -56.12 -30.95
CA LEU H 45 -10.79 -56.39 -32.23
C LEU H 45 -12.30 -56.44 -32.10
N PHE H 46 -12.78 -57.08 -31.03
CA PHE H 46 -14.19 -57.39 -30.91
C PHE H 46 -14.57 -57.70 -29.47
N TYR H 47 -15.75 -57.24 -29.04
CA TYR H 47 -16.28 -57.63 -27.72
C TYR H 47 -17.78 -57.73 -27.69
N GLY H 48 -18.30 -58.03 -26.52
CA GLY H 48 -19.73 -58.05 -26.28
C GLY H 48 -20.41 -59.17 -27.04
N LYS H 49 -21.69 -59.01 -27.28
CA LYS H 49 -22.40 -59.96 -28.11
C LYS H 49 -22.26 -59.60 -29.59
N ASN H 50 -22.05 -58.31 -29.87
CA ASN H 50 -21.96 -57.90 -31.27
C ASN H 50 -21.27 -56.57 -31.47
N ASN H 51 -20.17 -56.35 -30.76
CA ASN H 51 -19.53 -55.04 -30.77
C ASN H 51 -18.12 -55.02 -31.34
N ARG H 52 -17.94 -54.28 -32.45
CA ARG H 52 -16.62 -54.07 -33.03
C ARG H 52 -16.23 -52.59 -32.99
N PRO H 53 -15.08 -52.28 -32.37
CA PRO H 53 -14.55 -50.91 -32.24
C PRO H 53 -14.13 -50.34 -33.58
N SER H 54 -14.43 -49.05 -33.75
CA SER H 54 -14.13 -48.37 -34.98
C SER H 54 -12.66 -48.44 -35.31
N GLY H 55 -12.35 -48.47 -36.61
CA GLY H 55 -10.97 -48.57 -37.04
C GLY H 55 -10.55 -50.00 -37.19
N VAL H 56 -11.37 -50.92 -36.70
CA VAL H 56 -11.09 -52.33 -36.92
C VAL H 56 -11.82 -52.81 -38.16
N PRO H 57 -11.06 -53.43 -39.08
CA PRO H 57 -11.57 -53.96 -40.35
C PRO H 57 -12.80 -54.84 -40.17
N ASP H 58 -13.60 -54.94 -41.22
CA ASP H 58 -14.85 -55.68 -41.14
C ASP H 58 -14.61 -57.18 -41.14
N ARG H 59 -13.43 -57.61 -41.57
CA ARG H 59 -13.13 -59.04 -41.61
C ARG H 59 -13.25 -59.72 -40.25
N PHE H 60 -13.36 -58.94 -39.18
CA PHE H 60 -13.35 -59.53 -37.85
C PHE H 60 -14.77 -59.61 -37.30
N SER H 61 -15.11 -60.78 -36.77
CA SER H 61 -16.37 -60.91 -36.06
C SER H 61 -16.28 -61.88 -34.90
N GLY H 62 -17.02 -61.57 -33.83
CA GLY H 62 -17.08 -62.47 -32.70
C GLY H 62 -18.44 -63.12 -32.61
N SER H 63 -18.51 -64.30 -31.99
CA SER H 63 -19.80 -64.94 -31.73
C SER H 63 -19.71 -65.86 -30.53
N ALA H 64 -20.85 -66.39 -30.09
CA ALA H 64 -20.90 -67.06 -28.80
C ALA H 64 -21.98 -68.11 -28.74
N SER H 65 -21.65 -69.30 -28.26
CA SER H 65 -22.65 -70.34 -28.05
C SER H 65 -22.21 -71.29 -26.93
N GLY H 66 -23.12 -71.57 -26.02
CA GLY H 66 -22.85 -72.44 -24.88
C GLY H 66 -21.69 -71.98 -24.01
N ASN H 67 -20.66 -72.81 -23.96
CA ASN H 67 -19.46 -72.48 -23.21
C ASN H 67 -18.31 -72.07 -24.10
N ARG H 68 -18.62 -71.67 -25.34
CA ARG H 68 -17.52 -71.27 -26.20
C ARG H 68 -17.76 -69.94 -26.89
N ALA H 69 -16.67 -69.30 -27.27
CA ALA H 69 -16.71 -68.01 -27.92
C ALA H 69 -15.73 -68.12 -29.05
N SER H 70 -15.97 -67.36 -30.12
CA SER H 70 -15.13 -67.50 -31.30
C SER H 70 -15.02 -66.24 -32.14
N LEU H 71 -13.84 -66.06 -32.71
CA LEU H 71 -13.52 -64.94 -33.56
C LEU H 71 -13.39 -65.50 -34.97
N THR H 72 -13.97 -64.81 -35.94
CA THR H 72 -13.87 -65.26 -37.31
C THR H 72 -13.22 -64.19 -38.17
N ILE H 73 -12.11 -64.55 -38.80
CA ILE H 73 -11.46 -63.66 -39.74
C ILE H 73 -11.82 -64.13 -41.13
N SER H 74 -12.62 -63.33 -41.83
CA SER H 74 -13.04 -63.65 -43.18
C SER H 74 -12.13 -63.00 -44.19
N GLY H 75 -11.42 -63.80 -44.99
CA GLY H 75 -10.50 -63.22 -45.95
C GLY H 75 -9.25 -62.69 -45.28
N ALA H 76 -8.56 -63.60 -44.59
CA ALA H 76 -7.31 -63.35 -43.89
C ALA H 76 -6.24 -62.65 -44.73
N GLN H 77 -5.64 -61.63 -44.14
CA GLN H 77 -4.58 -60.86 -44.77
C GLN H 77 -3.21 -61.16 -44.16
N ALA H 78 -2.16 -60.59 -44.77
CA ALA H 78 -0.80 -60.77 -44.28
C ALA H 78 -0.63 -60.11 -42.90
N GLU H 79 -1.26 -58.95 -42.72
CA GLU H 79 -1.25 -58.22 -41.47
C GLU H 79 -1.89 -59.01 -40.34
N ASP H 80 -2.81 -59.91 -40.72
CA ASP H 80 -3.57 -60.68 -39.74
C ASP H 80 -2.73 -61.76 -39.06
N ASP H 81 -1.56 -62.04 -39.62
CA ASP H 81 -0.68 -63.04 -39.05
C ASP H 81 -0.16 -62.51 -37.70
N ALA H 82 -0.67 -63.08 -36.60
CA ALA H 82 -0.40 -62.58 -35.27
C ALA H 82 -0.83 -63.53 -34.16
N GLU H 83 -0.84 -63.02 -32.95
CA GLU H 83 -1.39 -63.77 -31.82
C GLU H 83 -2.76 -63.21 -31.52
N TYR H 84 -3.69 -64.10 -31.19
CA TYR H 84 -5.02 -63.66 -30.80
C TYR H 84 -5.35 -64.18 -29.40
N TYR H 85 -5.79 -63.29 -28.53
CA TYR H 85 -6.22 -63.69 -27.19
C TYR H 85 -7.68 -63.36 -26.94
N CYS H 86 -8.39 -64.23 -26.23
CA CYS H 86 -9.69 -63.85 -25.69
CA CYS H 86 -9.69 -63.85 -25.69
C CYS H 86 -9.58 -63.54 -24.19
C CYS H 86 -9.58 -63.54 -24.19
N SER H 87 -10.51 -62.73 -23.70
CA SER H 87 -10.57 -62.37 -22.30
C SER H 87 -12.00 -62.31 -21.82
N SER H 88 -12.20 -62.74 -20.58
CA SER H 88 -13.52 -62.78 -19.96
C SER H 88 -13.42 -62.95 -18.43
N ARG H 89 -14.55 -63.12 -17.76
CA ARG H 89 -14.56 -63.47 -16.35
C ARG H 89 -13.84 -64.81 -16.15
N ASP H 90 -13.25 -65.04 -15.00
CA ASP H 90 -12.62 -66.32 -14.71
C ASP H 90 -13.62 -67.30 -14.17
N LYS H 91 -14.57 -66.79 -13.41
CA LYS H 91 -15.66 -67.60 -12.96
C LYS H 91 -16.89 -66.83 -13.29
N SER H 92 -18.05 -67.50 -13.21
N SER H 92 -18.04 -67.51 -13.20
CA SER H 92 -19.31 -66.80 -13.38
CA SER H 92 -19.32 -66.84 -13.34
C SER H 92 -19.57 -65.86 -12.20
C SER H 92 -19.55 -65.85 -12.19
N GLY H 93 -19.87 -64.61 -12.53
CA GLY H 93 -20.21 -63.61 -11.56
C GLY H 93 -19.01 -62.94 -10.94
N SER H 94 -17.84 -63.16 -11.53
CA SER H 94 -16.59 -62.68 -10.98
C SER H 94 -16.33 -61.19 -11.28
N ARG H 95 -15.77 -60.47 -10.31
CA ARG H 95 -15.22 -59.11 -10.55
C ARG H 95 -13.82 -59.15 -11.18
N LEU H 96 -13.24 -60.35 -11.25
CA LEU H 96 -11.90 -60.55 -11.83
C LEU H 96 -11.98 -60.91 -13.31
N SER H 97 -10.88 -60.75 -14.01
CA SER H 97 -10.87 -61.12 -15.42
C SER H 97 -9.74 -62.09 -15.71
N VAL H 98 -9.70 -62.62 -16.92
CA VAL H 98 -8.73 -63.65 -17.22
C VAL H 98 -8.53 -63.66 -18.72
N PHE H 99 -7.41 -64.22 -19.14
CA PHE H 99 -7.06 -64.32 -20.55
C PHE H 99 -6.92 -65.77 -20.93
N GLY H 100 -7.30 -66.09 -22.16
CA GLY H 100 -7.01 -67.40 -22.73
C GLY H 100 -5.52 -67.57 -22.97
N GLY H 101 -5.11 -68.80 -23.24
CA GLY H 101 -3.72 -69.12 -23.53
C GLY H 101 -3.17 -68.39 -24.75
N GLY H 102 -4.04 -68.10 -25.72
CA GLY H 102 -3.62 -67.40 -26.91
C GLY H 102 -3.39 -68.31 -28.12
N THR H 103 -3.95 -67.90 -29.26
CA THR H 103 -3.86 -68.63 -30.52
C THR H 103 -2.91 -67.93 -31.52
N LYS H 104 -1.85 -68.61 -31.90
CA LYS H 104 -0.97 -68.11 -32.96
C LYS H 104 -1.56 -68.43 -34.35
N LEU H 105 -1.90 -67.38 -35.09
CA LEU H 105 -2.48 -67.55 -36.42
C LEU H 105 -1.47 -67.24 -37.50
N THR H 106 -0.89 -68.28 -38.07
CA THR H 106 0.02 -68.13 -39.20
C THR H 106 -0.78 -68.16 -40.51
N VAL H 107 -0.54 -67.15 -41.35
CA VAL H 107 -1.24 -67.06 -42.62
C VAL H 107 -0.43 -67.72 -43.76
N LEU H 108 -1.01 -68.74 -44.41
CA LEU H 108 -0.29 -69.55 -45.42
C LEU H 108 -0.38 -69.00 -46.86
N ASN I 1 -22.57 -47.00 -9.16
CA ASN I 1 -21.63 -48.08 -8.92
C ASN I 1 -21.88 -49.18 -9.94
N TRP I 2 -20.87 -49.51 -10.75
CA TRP I 2 -21.03 -50.48 -11.83
C TRP I 2 -21.50 -51.84 -11.34
N PHE I 3 -20.88 -52.31 -10.27
CA PHE I 3 -21.16 -53.64 -9.73
C PHE I 3 -22.58 -53.71 -9.17
N ASP I 4 -23.14 -52.55 -8.81
CA ASP I 4 -24.55 -52.46 -8.39
C ASP I 4 -25.51 -52.34 -9.58
N ILE I 5 -25.09 -51.60 -10.59
CA ILE I 5 -25.89 -51.44 -11.79
C ILE I 5 -26.25 -52.79 -12.40
N THR I 6 -25.24 -53.58 -12.70
CA THR I 6 -25.44 -54.87 -13.30
C THR I 6 -26.37 -55.72 -12.44
N ASN I 7 -26.17 -55.69 -11.13
CA ASN I 7 -27.02 -56.46 -10.23
C ASN I 7 -28.47 -56.01 -10.25
N VAL I 8 -28.72 -54.71 -10.18
CA VAL I 8 -30.10 -54.22 -10.22
C VAL I 8 -30.79 -54.55 -11.56
N LEU I 9 -30.05 -54.49 -12.67
CA LEU I 9 -30.64 -54.78 -13.98
C LEU I 9 -31.04 -56.24 -14.11
N TRP I 10 -30.14 -57.11 -13.66
CA TRP I 10 -30.40 -58.54 -13.64
C TRP I 10 -31.64 -58.84 -12.80
N TRP I 11 -31.81 -58.08 -11.73
CA TRP I 11 -32.98 -58.26 -10.86
C TRP I 11 -34.26 -57.83 -11.54
N ILE I 12 -34.19 -56.68 -12.19
CA ILE I 12 -35.32 -56.16 -12.94
C ILE I 12 -35.72 -57.13 -14.03
N LYS I 13 -34.73 -57.76 -14.65
CA LYS I 13 -35.02 -58.71 -15.72
C LYS I 13 -35.76 -59.91 -15.15
N ALA I 14 -35.39 -60.30 -13.93
CA ALA I 14 -36.00 -61.46 -13.29
C ALA I 14 -37.42 -61.15 -12.85
N VAL I 15 -37.61 -59.98 -12.26
CA VAL I 15 -38.90 -59.62 -11.71
C VAL I 15 -39.96 -59.35 -12.80
N ILE I 16 -39.55 -58.74 -13.91
CA ILE I 16 -40.54 -58.34 -14.90
C ILE I 16 -41.03 -59.52 -15.74
N GLN I 17 -40.51 -60.71 -15.46
CA GLN I 17 -40.99 -61.92 -16.08
C GLN I 17 -41.74 -62.76 -15.08
N GLU J 1 -19.63 -28.09 38.90
CA GLU J 1 -18.46 -27.31 38.48
C GLU J 1 -18.91 -26.14 37.62
N VAL J 2 -20.22 -26.00 37.45
CA VAL J 2 -20.82 -24.87 36.75
C VAL J 2 -20.49 -23.53 37.41
N GLN J 3 -20.07 -22.55 36.61
CA GLN J 3 -19.78 -21.22 37.13
C GLN J 3 -20.39 -20.14 36.22
N LEU J 4 -21.11 -19.21 36.83
CA LEU J 4 -21.72 -18.09 36.11
C LEU J 4 -21.38 -16.81 36.84
N VAL J 5 -20.80 -15.87 36.11
CA VAL J 5 -20.44 -14.60 36.71
C VAL J 5 -21.04 -13.46 35.89
N GLU J 6 -22.02 -12.79 36.49
CA GLU J 6 -22.62 -11.61 35.88
C GLU J 6 -21.67 -10.43 36.02
N SER J 7 -21.81 -9.45 35.14
CA SER J 7 -21.02 -8.21 35.21
C SER J 7 -21.66 -7.07 34.42
N GLY J 8 -21.13 -5.87 34.57
CA GLY J 8 -21.61 -4.74 33.79
C GLY J 8 -22.62 -3.85 34.49
N GLY J 9 -23.08 -4.25 35.67
CA GLY J 9 -24.02 -3.45 36.44
C GLY J 9 -23.39 -2.19 37.01
N GLY J 10 -24.18 -1.13 37.12
CA GLY J 10 -23.71 0.11 37.70
C GLY J 10 -24.77 1.21 37.75
N LEU J 11 -24.37 2.43 38.13
CA LEU J 11 -25.30 3.56 38.24
C LEU J 11 -25.59 4.15 36.87
N VAL J 12 -26.86 4.46 36.62
CA VAL J 12 -27.33 4.91 35.33
C VAL J 12 -28.53 5.82 35.56
N LYS J 13 -28.64 6.86 34.73
CA LYS J 13 -29.75 7.79 34.86
C LYS J 13 -30.98 7.20 34.17
N PRO J 14 -32.18 7.54 34.67
CA PRO J 14 -33.41 7.15 33.99
C PRO J 14 -33.36 7.46 32.48
N GLY J 15 -33.79 6.52 31.65
CA GLY J 15 -33.79 6.72 30.21
C GLY J 15 -32.52 6.20 29.56
N GLY J 16 -31.52 5.96 30.39
CA GLY J 16 -30.23 5.49 29.89
C GLY J 16 -30.17 4.03 29.48
N SER J 17 -29.00 3.64 28.98
CA SER J 17 -28.76 2.29 28.49
C SER J 17 -27.73 1.58 29.37
N LEU J 18 -27.66 0.26 29.24
CA LEU J 18 -26.72 -0.52 30.03
C LEU J 18 -26.60 -1.95 29.49
N ARG J 19 -25.41 -2.54 29.64
CA ARG J 19 -25.16 -3.85 29.07
C ARG J 19 -24.55 -4.82 30.07
N LEU J 20 -25.35 -5.77 30.55
CA LEU J 20 -24.87 -6.77 31.49
C LEU J 20 -24.32 -8.00 30.77
N SER J 21 -23.22 -8.52 31.30
CA SER J 21 -22.57 -9.68 30.71
C SER J 21 -22.64 -10.85 31.67
N CYS J 22 -22.54 -12.06 31.13
CA CYS J 22 -22.48 -13.27 31.94
C CYS J 22 -21.53 -14.30 31.36
N SER J 23 -20.46 -14.60 32.08
CA SER J 23 -19.51 -15.60 31.60
C SER J 23 -19.90 -16.96 32.13
N ALA J 24 -20.16 -17.88 31.22
CA ALA J 24 -20.63 -19.20 31.61
C ALA J 24 -19.53 -20.24 31.51
N SER J 25 -19.48 -21.11 32.52
CA SER J 25 -18.53 -22.21 32.55
C SER J 25 -19.13 -23.42 33.25
N GLY J 26 -18.50 -24.57 33.07
CA GLY J 26 -18.89 -25.77 33.80
C GLY J 26 -19.89 -26.67 33.10
N PHE J 27 -20.44 -26.22 31.97
CA PHE J 27 -21.45 -26.99 31.24
C PHE J 27 -21.44 -26.70 29.76
N ASP J 28 -22.43 -27.24 29.04
CA ASP J 28 -22.55 -26.98 27.61
C ASP J 28 -23.38 -25.74 27.33
N PHE J 29 -22.70 -24.59 27.32
CA PHE J 29 -23.38 -23.31 27.17
C PHE J 29 -24.13 -23.26 25.88
N ASP J 30 -23.50 -23.79 24.85
CA ASP J 30 -23.99 -23.64 23.50
C ASP J 30 -25.45 -24.07 23.35
N ASN J 31 -25.79 -25.28 23.80
CA ASN J 31 -27.15 -25.78 23.63
C ASN J 31 -28.03 -25.51 24.85
N ALA J 32 -27.50 -24.74 25.79
CA ALA J 32 -28.19 -24.47 27.04
C ALA J 32 -29.12 -23.26 26.92
N TRP J 33 -30.33 -23.40 27.43
CA TRP J 33 -31.21 -22.27 27.55
C TRP J 33 -30.73 -21.39 28.70
N MET J 34 -30.69 -20.08 28.50
CA MET J 34 -30.25 -19.16 29.55
C MET J 34 -31.36 -18.18 29.93
N THR J 35 -31.40 -17.74 31.20
CA THR J 35 -32.45 -16.85 31.66
C THR J 35 -31.89 -15.70 32.51
N TRP J 36 -32.49 -14.51 32.39
CA TRP J 36 -32.16 -13.39 33.27
C TRP J 36 -33.28 -13.23 34.31
N VAL J 37 -32.87 -13.09 35.56
CA VAL J 37 -33.78 -12.90 36.69
C VAL J 37 -33.24 -11.74 37.49
N ARG J 38 -34.12 -10.90 38.00
CA ARG J 38 -33.63 -9.82 38.85
C ARG J 38 -34.33 -9.82 40.21
N GLN J 39 -33.71 -9.16 41.19
CA GLN J 39 -34.34 -8.90 42.47
C GLN J 39 -34.32 -7.41 42.82
N PRO J 40 -35.46 -6.74 42.68
CA PRO J 40 -35.52 -5.33 43.07
C PRO J 40 -35.26 -5.22 44.56
N PRO J 41 -34.85 -4.05 45.04
CA PRO J 41 -34.52 -3.94 46.47
C PRO J 41 -35.75 -4.15 47.33
N GLY J 42 -35.62 -4.92 48.40
CA GLY J 42 -36.72 -5.17 49.32
C GLY J 42 -37.90 -5.88 48.66
N LYS J 43 -37.60 -6.69 47.66
CA LYS J 43 -38.63 -7.38 46.92
C LYS J 43 -38.07 -8.72 46.56
N GLY J 44 -38.85 -9.53 45.84
CA GLY J 44 -38.46 -10.91 45.58
C GLY J 44 -37.91 -11.10 44.19
N LEU J 45 -37.73 -12.34 43.79
CA LEU J 45 -37.23 -12.66 42.47
C LEU J 45 -38.24 -12.36 41.38
N GLU J 46 -37.74 -11.89 40.24
CA GLU J 46 -38.57 -11.52 39.12
C GLU J 46 -37.94 -11.96 37.82
N TRP J 47 -38.74 -12.66 37.01
CA TRP J 47 -38.27 -13.25 35.77
C TRP J 47 -38.21 -12.13 34.72
N VAL J 48 -37.06 -11.95 34.09
CA VAL J 48 -36.87 -10.88 33.12
C VAL J 48 -37.08 -11.37 31.68
N GLY J 49 -36.44 -12.48 31.34
CA GLY J 49 -36.50 -13.07 30.01
C GLY J 49 -35.57 -14.26 29.85
N ARG J 50 -35.70 -14.98 28.74
CA ARG J 50 -34.94 -16.21 28.51
C ARG J 50 -34.67 -16.41 27.03
N ILE J 51 -33.44 -16.81 26.70
CA ILE J 51 -33.12 -17.17 25.34
C ILE J 51 -33.04 -18.68 25.24
N THR J 52 -33.59 -19.22 24.15
CA THR J 52 -33.58 -20.65 23.90
C THR J 52 -32.35 -21.08 23.12
N GLY J 53 -32.33 -22.35 22.72
CA GLY J 53 -31.20 -22.88 21.99
C GLY J 53 -31.43 -23.00 20.49
N PRO J 54 -30.61 -23.85 19.85
CA PRO J 54 -30.57 -24.05 18.40
C PRO J 54 -31.87 -24.56 17.81
N GLY J 55 -32.44 -25.59 18.41
CA GLY J 55 -33.65 -26.19 17.88
C GLY J 55 -34.79 -25.20 17.89
N GLU J 56 -34.70 -24.23 18.79
CA GLU J 56 -35.76 -23.24 18.95
C GLU J 56 -35.41 -21.96 18.20
N GLY J 57 -34.28 -21.98 17.51
CA GLY J 57 -33.83 -20.84 16.73
C GLY J 57 -33.29 -19.66 17.54
N TRP J 58 -32.83 -19.94 18.75
CA TRP J 58 -32.38 -18.90 19.67
C TRP J 58 -33.46 -17.87 19.94
N SER J 59 -34.72 -18.29 19.75
CA SER J 59 -35.87 -17.48 20.14
C SER J 59 -35.69 -16.91 21.53
N VAL J 60 -36.24 -15.72 21.77
CA VAL J 60 -36.19 -15.13 23.10
C VAL J 60 -37.60 -14.68 23.53
N ASP J 61 -37.91 -14.86 24.82
CA ASP J 61 -39.16 -14.36 25.41
C ASP J 61 -38.88 -13.41 26.56
N TYR J 62 -39.79 -12.47 26.77
CA TYR J 62 -39.57 -11.32 27.64
C TYR J 62 -40.73 -11.09 28.60
N ALA J 63 -40.44 -10.56 29.78
CA ALA J 63 -41.50 -10.18 30.71
C ALA J 63 -42.17 -8.92 30.19
N ALA J 64 -43.46 -8.78 30.46
CA ALA J 64 -44.21 -7.65 29.92
C ALA J 64 -43.62 -6.28 30.27
N PRO J 65 -43.22 -6.03 31.54
CA PRO J 65 -42.72 -4.68 31.84
C PRO J 65 -41.38 -4.35 31.21
N VAL J 66 -40.88 -5.25 30.39
CA VAL J 66 -39.51 -5.13 29.93
C VAL J 66 -39.44 -5.36 28.41
N GLU J 67 -40.44 -6.06 27.89
CA GLU J 67 -40.61 -6.28 26.45
C GLU J 67 -40.49 -4.97 25.67
N GLY J 68 -39.59 -4.96 24.69
CA GLY J 68 -39.38 -3.79 23.86
C GLY J 68 -38.17 -2.94 24.26
N ARG J 69 -37.77 -3.05 25.53
CA ARG J 69 -36.66 -2.24 26.01
C ARG J 69 -35.37 -3.06 26.10
N PHE J 70 -35.53 -4.32 26.45
CA PHE J 70 -34.43 -5.21 26.76
C PHE J 70 -34.14 -6.18 25.62
N THR J 71 -32.88 -6.59 25.49
CA THR J 71 -32.50 -7.52 24.46
C THR J 71 -31.56 -8.58 25.02
N ILE J 72 -31.90 -9.86 24.85
CA ILE J 72 -31.04 -10.94 25.32
C ILE J 72 -30.32 -11.62 24.16
N SER J 73 -29.01 -11.81 24.30
CA SER J 73 -28.23 -12.39 23.22
C SER J 73 -27.13 -13.27 23.75
N ARG J 74 -26.48 -13.98 22.84
CA ARG J 74 -25.40 -14.87 23.22
C ARG J 74 -24.31 -14.92 22.17
N LEU J 75 -23.07 -15.08 22.64
CA LEU J 75 -21.96 -15.42 21.76
C LEU J 75 -21.38 -16.74 22.25
N ASN J 76 -21.77 -17.83 21.62
CA ASN J 76 -21.43 -19.16 22.11
C ASN J 76 -19.95 -19.49 21.99
N SER J 77 -19.20 -18.66 21.28
CA SER J 77 -17.79 -18.91 21.03
C SER J 77 -16.93 -18.70 22.28
N ILE J 78 -17.42 -17.87 23.19
CA ILE J 78 -16.72 -17.61 24.46
C ILE J 78 -17.66 -17.75 25.64
N ASN J 79 -18.78 -18.41 25.41
CA ASN J 79 -19.74 -18.74 26.44
C ASN J 79 -20.12 -17.53 27.27
N PHE J 80 -20.57 -16.49 26.56
CA PHE J 80 -21.08 -15.30 27.20
C PHE J 80 -22.54 -15.05 26.92
N LEU J 81 -23.25 -14.61 27.95
CA LEU J 81 -24.64 -14.24 27.82
C LEU J 81 -24.74 -12.75 28.05
N TYR J 82 -25.67 -12.10 27.37
CA TYR J 82 -25.77 -10.65 27.44
C TYR J 82 -27.19 -10.16 27.70
N LEU J 83 -27.28 -8.95 28.25
CA LEU J 83 -28.57 -8.29 28.46
C LEU J 83 -28.50 -6.80 28.15
N GLU J 84 -29.01 -6.44 26.97
CA GLU J 84 -29.05 -5.06 26.50
C GLU J 84 -30.30 -4.37 27.01
N MET J 85 -30.11 -3.38 27.87
CA MET J 85 -31.23 -2.62 28.43
C MET J 85 -31.27 -1.18 27.93
N ASN J 86 -32.40 -0.76 27.39
CA ASN J 86 -32.56 0.63 26.96
C ASN J 86 -33.73 1.31 27.69
N ASN J 87 -33.65 2.64 27.80
CA ASN J 87 -34.73 3.43 28.39
C ASN J 87 -35.10 2.98 29.79
N LEU J 88 -34.13 2.97 30.70
CA LEU J 88 -34.35 2.38 32.02
C LEU J 88 -35.23 3.27 32.89
N ARG J 89 -35.87 2.65 33.87
CA ARG J 89 -36.72 3.36 34.83
C ARG J 89 -36.23 2.98 36.24
N MET J 90 -36.74 3.65 37.26
CA MET J 90 -36.34 3.34 38.64
C MET J 90 -36.53 1.86 38.94
N GLU J 91 -37.69 1.33 38.59
CA GLU J 91 -38.06 -0.05 38.89
C GLU J 91 -37.25 -1.09 38.10
N ASP J 92 -36.41 -0.63 37.18
CA ASP J 92 -35.51 -1.53 36.47
C ASP J 92 -34.31 -1.88 37.33
N SER J 93 -34.14 -1.13 38.40
CA SER J 93 -32.99 -1.32 39.27
C SER J 93 -33.22 -2.49 40.22
N GLY J 94 -32.16 -3.26 40.44
CA GLY J 94 -32.18 -4.40 41.35
C GLY J 94 -30.88 -5.17 41.17
N LEU J 95 -30.86 -6.43 41.58
CA LEU J 95 -29.70 -7.28 41.39
C LEU J 95 -29.98 -8.27 40.26
N TYR J 96 -29.14 -8.28 39.22
CA TYR J 96 -29.48 -9.11 38.08
C TYR J 96 -28.74 -10.44 38.01
N PHE J 97 -29.51 -11.52 37.94
CA PHE J 97 -28.98 -12.87 37.90
C PHE J 97 -29.08 -13.50 36.53
N CYS J 98 -28.11 -14.34 36.20
N CYS J 98 -28.11 -14.34 36.21
CA CYS J 98 -28.24 -15.21 35.03
CA CYS J 98 -28.24 -15.23 35.07
C CYS J 98 -28.25 -16.67 35.50
C CYS J 98 -28.32 -16.66 35.56
N ALA J 99 -29.02 -17.51 34.83
CA ALA J 99 -29.18 -18.89 35.26
C ALA J 99 -29.47 -19.88 34.16
N ARG J 100 -28.72 -20.98 34.20
CA ARG J 100 -28.93 -22.13 33.34
C ARG J 100 -30.36 -22.63 33.44
N THR J 101 -31.02 -22.80 32.29
CA THR J 101 -32.45 -23.09 32.28
C THR J 101 -32.74 -24.48 31.76
N GLY J 102 -33.45 -25.28 32.56
CA GLY J 102 -33.84 -26.62 32.17
C GLY J 102 -35.30 -26.67 31.75
N LYS J 103 -35.61 -27.58 30.83
CA LYS J 103 -36.97 -27.77 30.37
C LYS J 103 -37.60 -29.03 31.00
N TYR J 104 -38.85 -28.91 31.45
CA TYR J 104 -39.54 -30.05 32.04
C TYR J 104 -40.94 -30.25 31.48
N TYR J 105 -41.24 -31.48 31.03
CA TYR J 105 -42.61 -31.80 30.64
C TYR J 105 -42.97 -33.25 30.96
N ASP J 106 -43.96 -33.43 31.85
CA ASP J 106 -44.42 -34.77 32.17
C ASP J 106 -45.43 -35.22 31.14
N PHE J 107 -45.23 -36.40 30.57
CA PHE J 107 -46.08 -36.81 29.45
C PHE J 107 -47.55 -36.92 29.82
N TRP J 108 -47.86 -37.62 30.90
CA TRP J 108 -49.26 -38.00 31.11
C TRP J 108 -50.09 -36.92 31.76
N SER J 109 -49.43 -35.97 32.43
CA SER J 109 -50.15 -34.88 33.09
C SER J 109 -49.76 -33.52 32.53
N GLY J 110 -48.71 -33.50 31.73
CA GLY J 110 -48.19 -32.25 31.24
C GLY J 110 -49.13 -31.46 30.35
N TYR J 111 -48.87 -30.16 30.29
CA TYR J 111 -49.56 -29.27 29.40
C TYR J 111 -48.49 -28.41 28.73
N PRO J 112 -48.52 -28.34 27.40
CA PRO J 112 -47.52 -27.56 26.65
C PRO J 112 -47.53 -26.07 27.06
N PRO J 113 -46.36 -25.42 27.16
CA PRO J 113 -45.02 -25.92 26.83
C PRO J 113 -44.26 -26.44 28.03
N GLY J 114 -44.92 -27.25 28.85
CA GLY J 114 -44.31 -27.68 30.09
C GLY J 114 -43.76 -26.51 30.87
N GLU J 115 -42.64 -26.74 31.57
CA GLU J 115 -42.15 -25.74 32.52
C GLU J 115 -40.65 -25.60 32.45
N GLU J 116 -40.16 -24.42 32.83
CA GLU J 116 -38.73 -24.18 32.79
C GLU J 116 -38.25 -24.00 34.23
N TYR J 117 -37.09 -24.58 34.54
CA TYR J 117 -36.53 -24.47 35.88
C TYR J 117 -35.09 -24.00 35.84
N PHE J 118 -34.63 -23.45 36.95
CA PHE J 118 -33.34 -22.75 37.00
C PHE J 118 -32.31 -23.47 37.90
N GLN J 119 -31.54 -24.38 37.30
CA GLN J 119 -30.65 -25.26 38.04
C GLN J 119 -29.37 -24.61 38.54
N ASP J 120 -28.84 -23.64 37.82
CA ASP J 120 -27.60 -23.01 38.27
C ASP J 120 -27.66 -21.50 38.16
N TRP J 121 -27.25 -20.81 39.22
CA TRP J 121 -27.33 -19.37 39.25
C TRP J 121 -25.95 -18.75 39.45
N GLY J 122 -25.83 -17.46 39.14
CA GLY J 122 -24.62 -16.71 39.41
C GLY J 122 -24.89 -15.84 40.62
N ARG J 123 -23.93 -14.99 40.96
CA ARG J 123 -24.05 -14.16 42.15
C ARG J 123 -24.80 -12.87 41.89
N GLY J 124 -24.85 -12.47 40.62
CA GLY J 124 -25.60 -11.29 40.26
C GLY J 124 -24.74 -10.04 40.17
N THR J 125 -25.25 -9.05 39.45
CA THR J 125 -24.54 -7.80 39.33
C THR J 125 -25.56 -6.70 39.50
N LEU J 126 -25.15 -5.65 40.22
CA LEU J 126 -26.07 -4.66 40.74
C LEU J 126 -26.35 -3.51 39.78
N VAL J 127 -27.61 -3.38 39.41
CA VAL J 127 -28.04 -2.29 38.56
C VAL J 127 -28.71 -1.24 39.42
N THR J 128 -28.21 -0.02 39.32
CA THR J 128 -28.76 1.13 40.04
C THR J 128 -29.25 2.23 39.08
N VAL J 129 -30.56 2.45 39.05
CA VAL J 129 -31.14 3.44 38.15
C VAL J 129 -31.70 4.58 38.96
N TYR K 1 -48.64 -10.51 41.53
CA TYR K 1 -47.98 -11.81 41.62
C TYR K 1 -49.04 -12.91 41.61
N GLU K 2 -49.45 -13.30 40.41
CA GLU K 2 -50.52 -14.29 40.20
C GLU K 2 -50.23 -15.58 40.98
N LEU K 3 -48.96 -15.88 41.21
CA LEU K 3 -48.58 -16.95 42.14
C LEU K 3 -48.45 -16.41 43.56
N THR K 4 -49.39 -16.80 44.42
CA THR K 4 -49.46 -16.28 45.77
C THR K 4 -48.78 -17.16 46.80
N GLN K 5 -47.91 -16.58 47.61
CA GLN K 5 -47.21 -17.31 48.66
C GLN K 5 -47.46 -16.66 50.00
N GLU K 6 -47.16 -17.37 51.08
CA GLU K 6 -47.25 -16.80 52.40
C GLU K 6 -46.09 -15.85 52.58
N THR K 7 -46.34 -14.71 53.20
CA THR K 7 -45.28 -13.78 53.49
C THR K 7 -44.24 -14.43 54.38
N GLY K 8 -44.70 -14.85 55.55
CA GLY K 8 -43.81 -15.43 56.53
C GLY K 8 -44.42 -16.63 57.19
N VAL K 9 -43.59 -17.64 57.43
CA VAL K 9 -43.99 -18.85 58.14
C VAL K 9 -42.84 -19.26 59.08
N SER K 10 -43.20 -19.59 60.31
CA SER K 10 -42.21 -20.06 61.27
C SER K 10 -42.31 -21.56 61.48
N VAL K 11 -41.22 -22.16 61.93
CA VAL K 11 -41.20 -23.57 62.22
C VAL K 11 -40.24 -23.84 63.37
N ALA K 12 -40.67 -24.62 64.35
CA ALA K 12 -39.76 -25.01 65.40
C ALA K 12 -38.64 -25.82 64.79
N LEU K 13 -37.42 -25.65 65.31
CA LEU K 13 -36.30 -26.44 64.84
C LEU K 13 -36.59 -27.93 65.00
N GLY K 14 -36.32 -28.70 63.95
CA GLY K 14 -36.59 -30.13 63.98
C GLY K 14 -37.98 -30.50 63.50
N ARG K 15 -38.93 -29.57 63.59
CA ARG K 15 -40.29 -29.87 63.13
C ARG K 15 -40.48 -29.74 61.62
N THR K 16 -41.69 -30.07 61.18
CA THR K 16 -42.03 -30.13 59.77
C THR K 16 -42.94 -28.97 59.38
N VAL K 17 -42.70 -28.39 58.21
CA VAL K 17 -43.44 -27.21 57.77
C VAL K 17 -43.71 -27.29 56.26
N THR K 18 -44.88 -26.83 55.84
CA THR K 18 -45.20 -26.80 54.41
C THR K 18 -45.54 -25.38 53.95
N ILE K 19 -44.80 -24.92 52.94
CA ILE K 19 -45.14 -23.66 52.31
C ILE K 19 -45.88 -23.91 50.98
N THR K 20 -46.87 -23.09 50.68
CA THR K 20 -47.64 -23.33 49.48
C THR K 20 -47.58 -22.18 48.50
N CYS K 21 -48.05 -22.46 47.28
CA CYS K 21 -48.03 -21.51 46.17
C CYS K 21 -49.29 -21.71 45.34
N ARG K 22 -50.09 -20.67 45.16
CA ARG K 22 -51.37 -20.82 44.49
C ARG K 22 -51.56 -19.90 43.30
N GLY K 23 -52.17 -20.43 42.26
CA GLY K 23 -52.42 -19.67 41.08
C GLY K 23 -53.18 -20.48 40.06
N ASP K 24 -53.85 -19.81 39.15
CA ASP K 24 -54.62 -20.51 38.14
C ASP K 24 -53.74 -21.34 37.23
N SER K 25 -52.50 -20.91 37.02
CA SER K 25 -51.65 -21.58 36.05
C SER K 25 -51.18 -22.91 36.57
N LEU K 26 -51.14 -23.04 37.89
CA LEU K 26 -50.78 -24.30 38.52
C LEU K 26 -51.79 -25.42 38.22
N ARG K 27 -53.02 -25.08 37.85
CA ARG K 27 -53.92 -26.13 37.37
C ARG K 27 -53.39 -26.84 36.14
N SER K 28 -52.50 -26.17 35.40
CA SER K 28 -51.93 -26.74 34.18
C SER K 28 -50.45 -27.03 34.25
N HIS K 29 -49.74 -26.33 35.12
CA HIS K 29 -48.30 -26.42 35.12
C HIS K 29 -47.77 -26.65 36.50
N TYR K 30 -46.72 -27.48 36.60
CA TYR K 30 -46.01 -27.67 37.86
C TYR K 30 -45.24 -26.42 38.23
N ALA K 31 -44.72 -26.40 39.47
CA ALA K 31 -43.88 -25.33 39.96
C ALA K 31 -42.51 -25.88 40.32
N SER K 32 -41.55 -25.00 40.47
CA SER K 32 -40.21 -25.38 40.89
C SER K 32 -39.87 -24.49 42.05
N TRP K 33 -38.94 -24.92 42.89
CA TRP K 33 -38.77 -24.27 44.17
C TRP K 33 -37.31 -23.91 44.41
N TYR K 34 -37.11 -22.73 44.99
CA TYR K 34 -35.79 -22.16 45.15
C TYR K 34 -35.60 -21.63 46.57
N GLN K 35 -34.41 -21.82 47.11
CA GLN K 35 -34.05 -21.25 48.41
C GLN K 35 -33.09 -20.13 48.16
N LYS K 36 -33.30 -18.98 48.80
CA LYS K 36 -32.38 -17.87 48.65
C LYS K 36 -32.11 -17.16 49.96
N LYS K 37 -30.83 -16.99 50.26
CA LYS K 37 -30.44 -16.18 51.38
C LYS K 37 -29.72 -14.97 50.84
N PRO K 38 -29.90 -13.83 51.52
CA PRO K 38 -29.28 -12.57 51.09
C PRO K 38 -27.77 -12.67 50.92
N GLY K 39 -27.27 -12.20 49.78
CA GLY K 39 -25.86 -12.23 49.48
C GLY K 39 -25.48 -13.49 48.73
N GLN K 40 -26.45 -14.37 48.51
CA GLN K 40 -26.16 -15.63 47.86
C GLN K 40 -27.03 -15.92 46.65
N ALA K 41 -26.51 -16.74 45.76
CA ALA K 41 -27.26 -17.19 44.61
C ALA K 41 -28.37 -18.13 45.09
N PRO K 42 -29.53 -18.12 44.41
CA PRO K 42 -30.59 -19.07 44.75
C PRO K 42 -30.18 -20.52 44.56
N ILE K 43 -30.91 -21.43 45.20
CA ILE K 43 -30.72 -22.87 45.08
C ILE K 43 -31.97 -23.60 44.62
N LEU K 44 -31.88 -24.31 43.50
CA LEU K 44 -33.01 -25.14 43.05
C LEU K 44 -33.18 -26.29 44.02
N LEU K 45 -34.32 -26.36 44.68
CA LEU K 45 -34.60 -27.42 45.66
C LEU K 45 -35.39 -28.57 45.05
N PHE K 46 -36.40 -28.22 44.26
CA PHE K 46 -37.37 -29.20 43.79
C PHE K 46 -38.14 -28.69 42.57
N TYR K 47 -38.42 -29.58 41.62
CA TYR K 47 -39.28 -29.23 40.49
C TYR K 47 -40.10 -30.40 39.99
N GLY K 48 -40.87 -30.14 38.94
CA GLY K 48 -41.63 -31.18 38.27
C GLY K 48 -42.73 -31.72 39.13
N LYS K 49 -43.16 -32.93 38.83
CA LYS K 49 -44.13 -33.58 39.69
C LYS K 49 -43.42 -34.32 40.82
N ASN K 50 -42.17 -34.71 40.61
CA ASN K 50 -41.47 -35.46 41.64
C ASN K 50 -39.96 -35.45 41.50
N ASN K 51 -39.40 -34.28 41.18
CA ASN K 51 -37.99 -34.21 40.87
C ASN K 51 -37.17 -33.37 41.83
N ARG K 52 -36.21 -34.00 42.52
CA ARG K 52 -35.25 -33.28 43.37
C ARG K 52 -33.83 -33.45 42.86
N PRO K 53 -33.14 -32.31 42.60
CA PRO K 53 -31.76 -32.27 42.10
C PRO K 53 -30.77 -32.79 43.14
N SER K 54 -29.79 -33.53 42.65
CA SER K 54 -28.80 -34.13 43.50
C SER K 54 -28.06 -33.08 44.33
N GLY K 55 -27.66 -33.46 45.54
CA GLY K 55 -26.98 -32.53 46.40
C GLY K 55 -27.97 -31.77 47.28
N VAL K 56 -29.24 -31.89 46.96
CA VAL K 56 -30.26 -31.31 47.83
C VAL K 56 -30.75 -32.34 48.82
N PRO K 57 -30.70 -31.99 50.11
CA PRO K 57 -31.11 -32.85 51.23
C PRO K 57 -32.49 -33.46 51.03
N ASP K 58 -32.74 -34.59 51.68
CA ASP K 58 -33.97 -35.30 51.48
C ASP K 58 -35.14 -34.63 52.19
N ARG K 59 -34.84 -33.73 53.13
CA ARG K 59 -35.90 -33.04 53.87
C ARG K 59 -36.84 -32.24 52.95
N PHE K 60 -36.46 -32.06 51.70
CA PHE K 60 -37.25 -31.22 50.82
C PHE K 60 -38.13 -32.06 49.91
N SER K 61 -39.40 -31.69 49.82
CA SER K 61 -40.27 -32.31 48.85
C SER K 61 -41.31 -31.35 48.30
N GLY K 62 -41.64 -31.52 47.02
CA GLY K 62 -42.68 -30.72 46.43
C GLY K 62 -43.91 -31.56 46.15
N SER K 63 -45.07 -30.93 46.09
CA SER K 63 -46.30 -31.62 45.70
C SER K 63 -47.30 -30.65 45.09
N ALA K 64 -48.39 -31.19 44.55
CA ALA K 64 -49.27 -30.38 43.72
C ALA K 64 -50.70 -30.87 43.74
N SER K 65 -51.65 -29.96 43.96
CA SER K 65 -53.06 -30.33 43.85
C SER K 65 -53.89 -29.10 43.46
N GLY K 66 -54.79 -29.30 42.49
CA GLY K 66 -55.64 -28.24 41.98
C GLY K 66 -54.88 -27.03 41.46
N ASN K 67 -55.10 -25.90 42.11
CA ASN K 67 -54.41 -24.68 41.76
C ASN K 67 -53.32 -24.32 42.74
N ARG K 68 -52.85 -25.31 43.50
CA ARG K 68 -51.78 -24.98 44.44
C ARG K 68 -50.63 -25.96 44.39
N ALA K 69 -49.47 -25.47 44.82
CA ALA K 69 -48.25 -26.25 44.82
C ALA K 69 -47.62 -25.98 46.15
N SER K 70 -46.86 -26.94 46.65
CA SER K 70 -46.31 -26.80 48.00
C SER K 70 -45.00 -27.54 48.22
N LEU K 71 -44.16 -26.92 49.03
CA LEU K 71 -42.87 -27.46 49.40
C LEU K 71 -42.97 -27.86 50.85
N THR K 72 -42.45 -29.03 51.18
CA THR K 72 -42.48 -29.47 52.57
C THR K 72 -41.06 -29.72 53.06
N ILE K 73 -40.70 -29.02 54.13
CA ILE K 73 -39.43 -29.25 54.78
C ILE K 73 -39.69 -30.06 56.01
N SER K 74 -39.24 -31.31 56.00
CA SER K 74 -39.41 -32.21 57.13
C SER K 74 -38.21 -32.19 58.03
N GLY K 75 -38.36 -31.75 59.26
CA GLY K 75 -37.21 -31.67 60.16
C GLY K 75 -36.31 -30.50 59.80
N ALA K 76 -36.90 -29.31 59.84
CA ALA K 76 -36.24 -28.04 59.57
C ALA K 76 -34.95 -27.82 60.35
N GLN K 77 -33.91 -27.38 59.64
CA GLN K 77 -32.61 -27.10 60.21
C GLN K 77 -32.34 -25.59 60.29
N ALA K 78 -31.24 -25.24 60.94
CA ALA K 78 -30.83 -23.85 61.06
C ALA K 78 -30.50 -23.25 59.68
N GLU K 79 -29.86 -24.05 58.84
CA GLU K 79 -29.50 -23.66 57.48
C GLU K 79 -30.74 -23.37 56.64
N ASP K 80 -31.85 -23.99 57.01
CA ASP K 80 -33.09 -23.87 56.24
C ASP K 80 -33.76 -22.51 56.41
N ASP K 81 -33.31 -21.75 57.40
CA ASP K 81 -33.85 -20.43 57.63
C ASP K 81 -33.45 -19.52 56.46
N ALA K 82 -34.42 -19.21 55.59
CA ALA K 82 -34.16 -18.49 54.35
C ALA K 82 -35.42 -17.98 53.67
N GLU K 83 -35.26 -17.56 52.42
CA GLU K 83 -36.41 -17.21 51.60
C GLU K 83 -36.66 -18.36 50.65
N TYR K 84 -37.93 -18.65 50.41
CA TYR K 84 -38.29 -19.67 49.45
C TYR K 84 -39.21 -19.08 48.38
N TYR K 85 -38.84 -19.29 47.11
CA TYR K 85 -39.70 -18.86 46.00
C TYR K 85 -40.17 -20.03 45.16
N CYS K 86 -41.41 -19.96 44.68
CA CYS K 86 -41.83 -20.87 43.62
CA CYS K 86 -41.83 -20.87 43.62
C CYS K 86 -41.85 -20.15 42.26
C CYS K 86 -41.85 -20.15 42.26
N SER K 87 -41.72 -20.92 41.19
CA SER K 87 -41.75 -20.40 39.85
C SER K 87 -42.50 -21.33 38.92
N SER K 88 -43.24 -20.75 37.98
CA SER K 88 -44.04 -21.51 37.03
C SER K 88 -44.46 -20.62 35.84
N ARG K 89 -45.31 -21.14 34.96
CA ARG K 89 -45.92 -20.34 33.93
C ARG K 89 -46.75 -19.22 34.56
N ASP K 90 -46.92 -18.10 33.87
CA ASP K 90 -47.76 -17.03 34.39
C ASP K 90 -49.21 -17.25 33.99
N LYS K 91 -49.38 -17.81 32.80
CA LYS K 91 -50.70 -18.20 32.38
C LYS K 91 -50.58 -19.61 31.93
N SER K 92 -51.71 -20.28 31.75
N SER K 92 -51.71 -20.26 31.75
CA SER K 92 -51.69 -21.61 31.17
CA SER K 92 -51.74 -21.58 31.15
C SER K 92 -51.29 -21.55 29.69
C SER K 92 -51.27 -21.53 29.68
N GLY K 93 -50.29 -22.37 29.35
CA GLY K 93 -49.83 -22.50 27.99
C GLY K 93 -48.81 -21.45 27.60
N SER K 94 -48.32 -20.73 28.60
CA SER K 94 -47.41 -19.61 28.37
C SER K 94 -45.97 -20.04 28.09
N ARG K 95 -45.29 -19.34 27.17
CA ARG K 95 -43.84 -19.47 27.00
C ARG K 95 -43.05 -18.63 28.02
N LEU K 96 -43.76 -17.81 28.78
CA LEU K 96 -43.17 -16.94 29.81
C LEU K 96 -43.18 -17.61 31.18
N SER K 97 -42.36 -17.13 32.09
CA SER K 97 -42.36 -17.68 33.42
C SER K 97 -42.57 -16.59 34.46
N VAL K 98 -42.74 -16.98 35.72
CA VAL K 98 -43.07 -16.02 36.73
C VAL K 98 -42.65 -16.57 38.06
N PHE K 99 -42.50 -15.69 39.04
CA PHE K 99 -42.10 -16.07 40.37
C PHE K 99 -43.17 -15.67 41.35
N GLY K 100 -43.37 -16.48 42.40
CA GLY K 100 -44.21 -16.08 43.51
C GLY K 100 -43.58 -14.94 44.30
N GLY K 101 -44.36 -14.34 45.18
CA GLY K 101 -43.90 -13.25 46.03
C GLY K 101 -42.74 -13.64 46.95
N GLY K 102 -42.70 -14.92 47.34
CA GLY K 102 -41.64 -15.39 48.21
C GLY K 102 -42.03 -15.51 49.67
N THR K 103 -41.70 -16.66 50.27
CA THR K 103 -42.01 -16.96 51.67
C THR K 103 -40.75 -16.91 52.55
N LYS K 104 -40.72 -16.02 53.52
CA LYS K 104 -39.64 -15.99 54.51
C LYS K 104 -39.89 -17.05 55.60
N LEU K 105 -39.01 -18.03 55.67
CA LEU K 105 -39.13 -19.10 56.66
C LEU K 105 -38.14 -18.91 57.80
N THR K 106 -38.61 -18.38 58.91
CA THR K 106 -37.81 -18.25 60.11
C THR K 106 -37.91 -19.53 60.96
N VAL K 107 -36.76 -20.08 61.33
CA VAL K 107 -36.74 -21.30 62.12
C VAL K 107 -36.66 -20.98 63.63
N LEU K 108 -37.65 -21.44 64.40
CA LEU K 108 -37.77 -21.08 65.84
C LEU K 108 -37.03 -22.04 66.78
N ASN L 1 -37.40 -28.71 18.29
CA ASN L 1 -37.92 -27.48 18.86
C ASN L 1 -38.75 -27.82 20.08
N TRP L 2 -38.36 -27.29 21.24
CA TRP L 2 -39.02 -27.64 22.51
C TRP L 2 -40.51 -27.32 22.50
N PHE L 3 -40.85 -26.14 22.00
CA PHE L 3 -42.22 -25.66 22.00
C PHE L 3 -43.10 -26.51 21.07
N ASP L 4 -42.48 -27.17 20.09
CA ASP L 4 -43.17 -28.13 19.22
C ASP L 4 -43.26 -29.52 19.84
N ILE L 5 -42.20 -29.93 20.53
CA ILE L 5 -42.19 -31.21 21.19
C ILE L 5 -43.37 -31.37 22.15
N THR L 6 -43.50 -30.43 23.07
CA THR L 6 -44.55 -30.45 24.04
C THR L 6 -45.91 -30.50 23.36
N ASN L 7 -46.07 -29.71 22.31
CA ASN L 7 -47.34 -29.70 21.58
C ASN L 7 -47.65 -31.03 20.92
N VAL L 8 -46.69 -31.62 20.22
CA VAL L 8 -46.92 -32.91 19.59
C VAL L 8 -47.24 -34.02 20.62
N LEU L 9 -46.60 -34.00 21.77
CA LEU L 9 -46.83 -35.01 22.81
C LEU L 9 -48.24 -34.92 23.38
N TRP L 10 -48.64 -33.68 23.67
CA TRP L 10 -49.98 -33.41 24.16
C TRP L 10 -51.02 -33.90 23.15
N TRP L 11 -50.70 -33.77 21.87
CA TRP L 11 -51.60 -34.22 20.82
C TRP L 11 -51.69 -35.73 20.77
N ILE L 12 -50.55 -36.37 20.86
CA ILE L 12 -50.49 -37.81 20.89
C ILE L 12 -51.26 -38.36 22.07
N LYS L 13 -51.18 -37.66 23.20
CA LYS L 13 -51.88 -38.09 24.40
C LYS L 13 -53.38 -38.02 24.17
N ALA L 14 -53.80 -37.00 23.42
CA ALA L 14 -55.23 -36.79 23.15
C ALA L 14 -55.75 -37.83 22.17
N VAL L 15 -54.99 -38.07 21.12
CA VAL L 15 -55.42 -38.97 20.06
C VAL L 15 -55.45 -40.44 20.51
N ILE L 16 -54.50 -40.85 21.33
CA ILE L 16 -54.42 -42.27 21.66
C ILE L 16 -55.47 -42.69 22.69
N GLN L 17 -56.29 -41.74 23.12
CA GLN L 17 -57.41 -42.03 23.98
C GLN L 17 -58.71 -41.86 23.23
N GLU M 1 -53.98 -1.95 -18.38
CA GLU M 1 -53.02 -0.98 -17.86
C GLU M 1 -51.62 -1.29 -18.38
N VAL M 2 -51.53 -2.31 -19.21
CA VAL M 2 -50.28 -2.69 -19.89
C VAL M 2 -49.74 -1.56 -20.77
N GLN M 3 -48.46 -1.26 -20.64
CA GLN M 3 -47.83 -0.24 -21.49
C GLN M 3 -46.48 -0.75 -22.02
N LEU M 4 -46.29 -0.62 -23.33
CA LEU M 4 -45.05 -1.00 -23.99
C LEU M 4 -44.59 0.14 -24.87
N VAL M 5 -43.36 0.58 -24.66
CA VAL M 5 -42.83 1.67 -25.47
C VAL M 5 -41.51 1.24 -26.07
N GLU M 6 -41.51 1.07 -27.39
CA GLU M 6 -40.30 0.77 -28.14
C GLU M 6 -39.47 2.04 -28.26
N SER M 7 -38.15 1.86 -28.47
CA SER M 7 -37.24 3.00 -28.70
C SER M 7 -35.95 2.55 -29.36
N GLY M 8 -35.13 3.51 -29.77
CA GLY M 8 -33.84 3.20 -30.32
C GLY M 8 -33.76 3.14 -31.84
N GLY M 9 -34.90 3.24 -32.51
CA GLY M 9 -34.94 3.24 -33.97
C GLY M 9 -34.37 4.52 -34.57
N GLY M 10 -33.75 4.40 -35.74
CA GLY M 10 -33.21 5.54 -36.44
C GLY M 10 -32.55 5.19 -37.77
N LEU M 11 -31.89 6.18 -38.40
CA LEU M 11 -31.24 5.98 -39.70
C LEU M 11 -29.89 5.28 -39.52
N VAL M 12 -29.63 4.32 -40.38
CA VAL M 12 -28.45 3.47 -40.29
C VAL M 12 -28.06 3.04 -41.69
N LYS M 13 -26.76 2.94 -41.94
CA LYS M 13 -26.27 2.54 -43.24
C LYS M 13 -26.33 1.02 -43.36
N PRO M 14 -26.54 0.50 -44.57
CA PRO M 14 -26.45 -0.95 -44.79
C PRO M 14 -25.18 -1.55 -44.15
N GLY M 15 -25.33 -2.69 -43.48
CA GLY M 15 -24.19 -3.35 -42.87
C GLY M 15 -24.00 -2.92 -41.42
N GLY M 16 -24.66 -1.82 -41.05
CA GLY M 16 -24.55 -1.29 -39.71
C GLY M 16 -25.31 -2.04 -38.63
N SER M 17 -25.15 -1.56 -37.40
CA SER M 17 -25.75 -2.16 -36.22
C SER M 17 -26.77 -1.22 -35.61
N LEU M 18 -27.64 -1.75 -34.74
CA LEU M 18 -28.66 -0.95 -34.10
C LEU M 18 -29.30 -1.69 -32.93
N ARG M 19 -29.72 -0.95 -31.91
CA ARG M 19 -30.24 -1.58 -30.70
C ARG M 19 -31.59 -0.98 -30.27
N LEU M 20 -32.66 -1.73 -30.50
CA LEU M 20 -33.99 -1.28 -30.10
C LEU M 20 -34.33 -1.72 -28.68
N SER M 21 -34.97 -0.82 -27.94
CA SER M 21 -35.34 -1.08 -26.56
C SER M 21 -36.86 -1.11 -26.43
N CYS M 22 -37.35 -1.79 -25.39
CA CYS M 22 -38.77 -1.81 -25.10
C CYS M 22 -39.03 -1.80 -23.60
N SER M 23 -39.64 -0.73 -23.10
CA SER M 23 -39.95 -0.65 -21.67
C SER M 23 -41.33 -1.21 -21.43
N ALA M 24 -41.39 -2.25 -20.60
CA ALA M 24 -42.64 -2.93 -20.35
C ALA M 24 -43.23 -2.56 -19.01
N SER M 25 -44.54 -2.34 -18.99
CA SER M 25 -45.27 -2.05 -17.77
C SER M 25 -46.68 -2.62 -17.83
N GLY M 26 -47.33 -2.68 -16.67
CA GLY M 26 -48.72 -3.10 -16.62
C GLY M 26 -48.99 -4.57 -16.40
N PHE M 27 -47.94 -5.39 -16.42
CA PHE M 27 -48.08 -6.84 -16.27
C PHE M 27 -46.84 -7.49 -15.67
N ASP M 28 -46.82 -8.81 -15.63
CA ASP M 28 -45.66 -9.54 -15.12
C ASP M 28 -44.66 -9.82 -16.21
N PHE M 29 -43.76 -8.86 -16.43
CA PHE M 29 -42.80 -8.93 -17.52
C PHE M 29 -41.94 -10.15 -17.37
N ASP M 30 -41.56 -10.42 -16.12
CA ASP M 30 -40.56 -11.43 -15.83
C ASP M 30 -40.89 -12.78 -16.46
N ASN M 31 -42.10 -13.28 -16.22
CA ASN M 31 -42.47 -14.60 -16.72
C ASN M 31 -43.18 -14.54 -18.07
N ALA M 32 -43.25 -13.35 -18.64
CA ALA M 32 -43.97 -13.12 -19.89
C ALA M 32 -43.10 -13.41 -21.11
N TRP M 33 -43.66 -14.12 -22.06
CA TRP M 33 -43.00 -14.29 -23.35
C TRP M 33 -43.12 -12.97 -24.12
N MET M 34 -42.04 -12.52 -24.73
CA MET M 34 -42.05 -11.28 -25.51
C MET M 34 -41.71 -11.54 -26.99
N THR M 35 -42.27 -10.74 -27.90
CA THR M 35 -42.04 -10.96 -29.33
C THR M 35 -41.74 -9.64 -30.07
N TRP M 36 -40.86 -9.67 -31.06
CA TRP M 36 -40.65 -8.53 -31.94
C TRP M 36 -41.33 -8.78 -33.28
N VAL M 37 -42.05 -7.77 -33.74
CA VAL M 37 -42.78 -7.80 -34.99
C VAL M 37 -42.44 -6.52 -35.72
N ARG M 38 -42.26 -6.59 -37.03
CA ARG M 38 -42.03 -5.36 -37.77
C ARG M 38 -43.04 -5.19 -38.91
N GLN M 39 -43.18 -3.95 -39.39
CA GLN M 39 -43.93 -3.67 -40.60
C GLN M 39 -43.10 -2.88 -41.60
N PRO M 40 -42.62 -3.56 -42.65
CA PRO M 40 -41.88 -2.85 -43.70
C PRO M 40 -42.80 -1.83 -44.34
N PRO M 41 -42.25 -0.81 -45.01
CA PRO M 41 -43.13 0.21 -45.59
C PRO M 41 -43.98 -0.36 -46.70
N GLY M 42 -45.26 -0.01 -46.72
CA GLY M 42 -46.16 -0.48 -47.76
C GLY M 42 -46.33 -1.99 -47.78
N LYS M 43 -46.21 -2.61 -46.61
CA LYS M 43 -46.27 -4.04 -46.51
C LYS M 43 -46.94 -4.34 -45.20
N GLY M 44 -47.10 -5.61 -44.87
CA GLY M 44 -47.88 -6.00 -43.71
C GLY M 44 -47.01 -6.38 -42.53
N LEU M 45 -47.62 -6.94 -41.50
CA LEU M 45 -46.89 -7.36 -40.32
C LEU M 45 -46.02 -8.57 -40.59
N GLU M 46 -44.85 -8.59 -39.95
CA GLU M 46 -43.88 -9.65 -40.12
C GLU M 46 -43.25 -10.02 -38.79
N TRP M 47 -43.26 -11.31 -38.50
CA TRP M 47 -42.80 -11.83 -37.23
C TRP M 47 -41.27 -11.89 -37.29
N VAL M 48 -40.60 -11.26 -36.33
CA VAL M 48 -39.14 -11.19 -36.32
C VAL M 48 -38.52 -12.29 -35.44
N GLY M 49 -39.04 -12.42 -34.22
CA GLY M 49 -38.55 -13.37 -33.25
C GLY M 49 -39.20 -13.22 -31.88
N ARG M 50 -38.97 -14.18 -30.99
CA ARG M 50 -39.63 -14.21 -29.69
C ARG M 50 -38.74 -14.85 -28.64
N ILE M 51 -38.68 -14.24 -27.46
CA ILE M 51 -37.98 -14.84 -26.34
C ILE M 51 -38.99 -15.43 -25.37
N THR M 52 -38.68 -16.62 -24.87
CA THR M 52 -39.54 -17.31 -23.92
C THR M 52 -39.20 -16.95 -22.49
N GLY M 53 -39.83 -17.65 -21.56
CA GLY M 53 -39.61 -17.37 -20.14
C GLY M 53 -38.69 -18.37 -19.45
N PRO M 54 -38.79 -18.41 -18.12
CA PRO M 54 -37.92 -19.20 -17.24
C PRO M 54 -38.00 -20.71 -17.47
N GLY M 55 -39.21 -21.24 -17.57
CA GLY M 55 -39.38 -22.67 -17.74
C GLY M 55 -38.77 -23.13 -19.03
N GLU M 56 -38.70 -22.21 -20.00
CA GLU M 56 -38.19 -22.54 -21.31
C GLU M 56 -36.72 -22.15 -21.44
N GLY M 57 -36.15 -21.66 -20.34
CA GLY M 57 -34.75 -21.27 -20.30
C GLY M 57 -34.42 -19.97 -21.04
N TRP M 58 -35.42 -19.10 -21.21
CA TRP M 58 -35.25 -17.87 -21.98
C TRP M 58 -34.80 -18.16 -23.40
N SER M 59 -35.08 -19.37 -23.88
CA SER M 59 -34.87 -19.73 -25.26
C SER M 59 -35.40 -18.64 -26.20
N VAL M 60 -34.76 -18.47 -27.34
CA VAL M 60 -35.24 -17.51 -28.34
C VAL M 60 -35.34 -18.18 -29.72
N ASP M 61 -36.38 -17.83 -30.47
CA ASP M 61 -36.55 -18.28 -31.86
C ASP M 61 -36.63 -17.09 -32.81
N TYR M 62 -36.19 -17.31 -34.04
CA TYR M 62 -35.92 -16.23 -34.99
C TYR M 62 -36.53 -16.53 -36.37
N ALA M 63 -36.93 -15.50 -37.09
CA ALA M 63 -37.39 -15.66 -38.46
C ALA M 63 -36.19 -15.95 -39.35
N ALA M 64 -36.39 -16.73 -40.40
CA ALA M 64 -35.26 -17.13 -41.24
C ALA M 64 -34.46 -15.95 -41.82
N PRO M 65 -35.13 -14.90 -42.35
CA PRO M 65 -34.32 -13.83 -42.96
C PRO M 65 -33.53 -13.01 -41.95
N VAL M 66 -33.58 -13.40 -40.70
CA VAL M 66 -33.05 -12.56 -39.65
C VAL M 66 -32.15 -13.37 -38.70
N GLU M 67 -32.39 -14.68 -38.68
CA GLU M 67 -31.58 -15.64 -37.93
C GLU M 67 -30.09 -15.42 -38.19
N GLY M 68 -29.31 -15.24 -37.12
CA GLY M 68 -27.88 -15.04 -37.23
C GLY M 68 -27.45 -13.57 -37.14
N ARG M 69 -28.35 -12.66 -37.46
CA ARG M 69 -28.01 -11.24 -37.45
C ARG M 69 -28.55 -10.55 -36.21
N PHE M 70 -29.72 -10.99 -35.78
CA PHE M 70 -30.46 -10.34 -34.71
C PHE M 70 -30.36 -11.09 -33.39
N THR M 71 -30.44 -10.37 -32.29
CA THR M 71 -30.37 -10.98 -30.98
C THR M 71 -31.44 -10.41 -30.06
N ILE M 72 -32.27 -11.26 -29.47
CA ILE M 72 -33.30 -10.79 -28.54
C ILE M 72 -32.91 -11.11 -27.09
N SER M 73 -33.03 -10.12 -26.22
CA SER M 73 -32.64 -10.31 -24.84
C SER M 73 -33.55 -9.56 -23.89
N ARG M 74 -33.37 -9.82 -22.60
CA ARG M 74 -34.18 -9.14 -21.60
C ARG M 74 -33.40 -8.88 -20.33
N LEU M 75 -33.72 -7.76 -19.68
CA LEU M 75 -33.27 -7.51 -18.32
C LEU M 75 -34.50 -7.33 -17.45
N ASN M 76 -34.88 -8.39 -16.76
CA ASN M 76 -36.15 -8.41 -16.03
C ASN M 76 -36.17 -7.47 -14.82
N SER M 77 -35.01 -6.94 -14.46
CA SER M 77 -34.90 -6.08 -13.28
C SER M 77 -35.53 -4.72 -13.49
N ILE M 78 -35.61 -4.28 -14.74
CA ILE M 78 -36.22 -3.00 -15.09
C ILE M 78 -37.22 -3.16 -16.22
N ASN M 79 -37.65 -4.40 -16.44
CA ASN M 79 -38.67 -4.72 -17.40
C ASN M 79 -38.41 -4.11 -18.76
N PHE M 80 -37.21 -4.40 -19.28
CA PHE M 80 -36.84 -3.99 -20.61
C PHE M 80 -36.61 -5.14 -21.56
N LEU M 81 -37.06 -4.98 -22.79
CA LEU M 81 -36.83 -5.95 -23.82
C LEU M 81 -35.92 -5.32 -24.84
N TYR M 82 -35.06 -6.13 -25.47
CA TYR M 82 -34.07 -5.59 -26.40
C TYR M 82 -34.03 -6.33 -27.72
N LEU M 83 -33.54 -5.64 -28.75
CA LEU M 83 -33.34 -6.25 -30.06
C LEU M 83 -32.04 -5.76 -30.70
N GLU M 84 -31.01 -6.61 -30.63
CA GLU M 84 -29.70 -6.33 -31.21
C GLU M 84 -29.66 -6.75 -32.65
N MET M 85 -29.53 -5.77 -33.55
CA MET M 85 -29.47 -6.03 -34.98
C MET M 85 -28.08 -5.74 -35.57
N ASN M 86 -27.53 -6.71 -36.27
CA ASN M 86 -26.23 -6.51 -36.94
C ASN M 86 -26.34 -6.74 -38.44
N ASN M 87 -25.46 -6.10 -39.21
CA ASN M 87 -25.40 -6.30 -40.66
C ASN M 87 -26.72 -6.04 -41.36
N LEU M 88 -27.26 -4.84 -41.20
CA LEU M 88 -28.62 -4.57 -41.68
C LEU M 88 -28.66 -4.43 -43.19
N ARG M 89 -29.83 -4.66 -43.76
CA ARG M 89 -30.05 -4.53 -45.19
C ARG M 89 -31.25 -3.59 -45.39
N MET M 90 -31.53 -3.18 -46.62
CA MET M 90 -32.66 -2.29 -46.90
C MET M 90 -33.94 -2.87 -46.32
N GLU M 91 -34.19 -4.15 -46.60
CA GLU M 91 -35.42 -4.83 -46.20
C GLU M 91 -35.56 -5.01 -44.68
N ASP M 92 -34.52 -4.68 -43.93
CA ASP M 92 -34.59 -4.71 -42.48
C ASP M 92 -35.34 -3.50 -41.94
N SER M 93 -35.51 -2.51 -42.81
CA SER M 93 -36.15 -1.28 -42.39
C SER M 93 -37.66 -1.43 -42.37
N GLY M 94 -38.28 -0.81 -41.37
CA GLY M 94 -39.72 -0.82 -41.19
C GLY M 94 -40.03 -0.23 -39.83
N LEU M 95 -41.22 -0.51 -39.31
CA LEU M 95 -41.61 -0.06 -37.98
C LEU M 95 -41.56 -1.24 -37.01
N TYR M 96 -40.77 -1.14 -35.94
CA TYR M 96 -40.62 -2.32 -35.10
C TYR M 96 -41.46 -2.32 -33.83
N PHE M 97 -42.26 -3.37 -33.67
CA PHE M 97 -43.17 -3.53 -32.55
C PHE M 97 -42.69 -4.55 -31.56
N CYS M 98 -42.96 -4.32 -30.28
N CYS M 98 -42.98 -4.32 -30.29
CA CYS M 98 -42.81 -5.36 -29.27
CA CYS M 98 -42.84 -5.35 -29.29
C CYS M 98 -44.18 -5.71 -28.69
C CYS M 98 -44.23 -5.73 -28.78
N ALA M 99 -44.39 -6.98 -28.36
CA ALA M 99 -45.70 -7.43 -27.92
C ALA M 99 -45.68 -8.61 -26.96
N ARG M 100 -46.43 -8.45 -25.88
CA ARG M 100 -46.68 -9.51 -24.91
C ARG M 100 -47.24 -10.74 -25.60
N THR M 101 -46.62 -11.90 -25.35
CA THR M 101 -46.95 -13.11 -26.09
C THR M 101 -47.63 -14.16 -25.23
N GLY M 102 -48.82 -14.60 -25.64
CA GLY M 102 -49.55 -15.64 -24.92
C GLY M 102 -49.43 -16.97 -25.62
N LYS M 103 -49.47 -18.05 -24.84
CA LYS M 103 -49.41 -19.39 -25.36
C LYS M 103 -50.80 -20.05 -25.38
N TYR M 104 -51.15 -20.72 -26.48
CA TYR M 104 -52.45 -21.39 -26.57
C TYR M 104 -52.32 -22.82 -27.07
N TYR M 105 -52.92 -23.77 -26.35
CA TYR M 105 -53.00 -25.14 -26.84
C TYR M 105 -54.30 -25.83 -26.42
N ASP M 106 -55.13 -26.20 -27.40
CA ASP M 106 -56.36 -26.92 -27.09
C ASP M 106 -56.06 -28.39 -26.96
N PHE M 107 -56.50 -29.01 -25.87
CA PHE M 107 -56.10 -30.38 -25.62
C PHE M 107 -56.56 -31.36 -26.68
N TRP M 108 -57.84 -31.32 -27.04
CA TRP M 108 -58.39 -32.42 -27.83
C TRP M 108 -58.13 -32.29 -29.32
N SER M 109 -57.85 -31.07 -29.78
CA SER M 109 -57.58 -30.85 -31.20
C SER M 109 -56.18 -30.29 -31.43
N GLY M 110 -55.52 -29.89 -30.35
CA GLY M 110 -54.23 -29.25 -30.48
C GLY M 110 -53.14 -30.11 -31.09
N TYR M 111 -52.14 -29.43 -31.63
CA TYR M 111 -50.95 -30.05 -32.11
C TYR M 111 -49.78 -29.24 -31.58
N PRO M 112 -48.81 -29.92 -30.96
CA PRO M 112 -47.63 -29.24 -30.38
C PRO M 112 -46.86 -28.46 -31.43
N PRO M 113 -46.34 -27.25 -31.09
CA PRO M 113 -46.37 -26.60 -29.79
C PRO M 113 -47.49 -25.61 -29.62
N GLY M 114 -48.70 -26.00 -30.00
CA GLY M 114 -49.81 -25.08 -30.00
C GLY M 114 -49.46 -23.79 -30.71
N GLU M 115 -50.00 -22.68 -30.21
CA GLU M 115 -49.90 -21.43 -30.95
C GLU M 115 -49.62 -20.26 -30.03
N GLU M 116 -48.98 -19.22 -30.59
CA GLU M 116 -48.66 -18.06 -29.77
C GLU M 116 -49.47 -16.89 -30.31
N TYR M 117 -49.99 -16.07 -29.39
CA TYR M 117 -50.80 -14.91 -29.78
C TYR M 117 -50.30 -13.66 -29.10
N PHE M 118 -50.62 -12.51 -29.69
CA PHE M 118 -50.04 -11.23 -29.28
C PHE M 118 -51.09 -10.27 -28.66
N GLN M 119 -51.26 -10.36 -27.34
CA GLN M 119 -52.33 -9.65 -26.65
C GLN M 119 -52.08 -8.16 -26.45
N ASP M 120 -50.85 -7.74 -26.29
CA ASP M 120 -50.58 -6.32 -26.08
C ASP M 120 -49.44 -5.82 -26.93
N TRP M 121 -49.64 -4.69 -27.60
CA TRP M 121 -48.62 -4.16 -28.49
C TRP M 121 -48.19 -2.77 -28.05
N GLY M 122 -47.05 -2.33 -28.55
CA GLY M 122 -46.58 -0.97 -28.34
C GLY M 122 -46.80 -0.20 -29.61
N ARG M 123 -46.35 1.04 -29.67
CA ARG M 123 -46.58 1.89 -30.82
C ARG M 123 -45.53 1.71 -31.91
N GLY M 124 -44.38 1.17 -31.52
CA GLY M 124 -43.35 0.89 -32.49
C GLY M 124 -42.32 1.99 -32.59
N THR M 125 -41.15 1.63 -33.12
CA THR M 125 -40.10 2.60 -33.31
C THR M 125 -39.52 2.36 -34.69
N LEU M 126 -39.23 3.45 -35.38
CA LEU M 126 -38.95 3.41 -36.80
C LEU M 126 -37.48 3.17 -37.14
N VAL M 127 -37.25 2.07 -37.84
CA VAL M 127 -35.92 1.73 -38.31
C VAL M 127 -35.81 2.09 -39.77
N THR M 128 -34.82 2.90 -40.10
CA THR M 128 -34.54 3.31 -41.47
C THR M 128 -33.13 2.88 -41.92
N VAL M 129 -33.07 1.96 -42.87
CA VAL M 129 -31.78 1.44 -43.35
C VAL M 129 -31.57 1.90 -44.76
N TYR N 1 -45.72 -15.67 -48.41
CA TYR N 1 -46.65 -15.62 -47.29
C TYR N 1 -47.53 -16.88 -47.34
N GLU N 2 -47.02 -17.97 -46.77
CA GLU N 2 -47.69 -19.27 -46.80
C GLU N 2 -49.13 -19.18 -46.27
N LEU N 3 -49.39 -18.21 -45.39
CA LEU N 3 -50.76 -17.86 -45.01
C LEU N 3 -51.35 -16.82 -45.97
N THR N 4 -52.30 -17.25 -46.79
CA THR N 4 -52.86 -16.40 -47.83
C THR N 4 -54.15 -15.71 -47.41
N GLN N 5 -54.20 -14.40 -47.59
CA GLN N 5 -55.39 -13.62 -47.26
C GLN N 5 -55.86 -12.85 -48.49
N GLU N 6 -57.09 -12.36 -48.43
CA GLU N 6 -57.59 -11.52 -49.51
C GLU N 6 -56.93 -10.17 -49.37
N THR N 7 -56.56 -9.60 -50.51
CA THR N 7 -56.00 -8.26 -50.49
C THR N 7 -56.99 -7.28 -49.92
N GLY N 8 -58.14 -7.19 -50.58
CA GLY N 8 -59.15 -6.24 -50.18
C GLY N 8 -60.52 -6.85 -50.22
N VAL N 9 -61.34 -6.49 -49.24
CA VAL N 9 -62.73 -6.90 -49.17
C VAL N 9 -63.57 -5.72 -48.69
N SER N 10 -64.69 -5.48 -49.34
CA SER N 10 -65.61 -4.42 -48.93
C SER N 10 -66.84 -4.99 -48.26
N VAL N 11 -67.48 -4.16 -47.44
CA VAL N 11 -68.70 -4.57 -46.78
C VAL N 11 -69.59 -3.35 -46.59
N ALA N 12 -70.86 -3.49 -46.92
CA ALA N 12 -71.80 -2.41 -46.65
C ALA N 12 -71.85 -2.18 -45.16
N LEU N 13 -71.98 -0.94 -44.74
CA LEU N 13 -72.13 -0.64 -43.33
C LEU N 13 -73.34 -1.38 -42.76
N GLY N 14 -73.15 -2.01 -41.60
CA GLY N 14 -74.21 -2.77 -40.98
C GLY N 14 -74.27 -4.22 -41.41
N ARG N 15 -73.75 -4.52 -42.59
CA ARG N 15 -73.77 -5.90 -43.08
C ARG N 15 -72.67 -6.78 -42.49
N THR N 16 -72.69 -8.06 -42.86
CA THR N 16 -71.80 -9.06 -42.32
C THR N 16 -70.78 -9.49 -43.37
N VAL N 17 -69.54 -9.69 -42.95
CA VAL N 17 -68.45 -10.00 -43.87
C VAL N 17 -67.50 -11.01 -43.22
N THR N 18 -66.97 -11.93 -44.01
CA THR N 18 -65.99 -12.90 -43.52
C THR N 18 -64.69 -12.83 -44.30
N ILE N 19 -63.59 -12.61 -43.58
CA ILE N 19 -62.28 -12.68 -44.19
C ILE N 19 -61.62 -14.03 -43.84
N THR N 20 -60.91 -14.61 -44.80
CA THR N 20 -60.32 -15.91 -44.53
C THR N 20 -58.82 -15.92 -44.64
N CYS N 21 -58.22 -17.01 -44.17
CA CYS N 21 -56.77 -17.19 -44.14
C CYS N 21 -56.47 -18.65 -44.40
N ARG N 22 -55.66 -18.94 -45.42
CA ARG N 22 -55.42 -20.33 -45.82
C ARG N 22 -53.96 -20.71 -45.86
N GLY N 23 -53.67 -21.92 -45.42
CA GLY N 23 -52.32 -22.42 -45.41
C GLY N 23 -52.29 -23.84 -44.92
N ASP N 24 -51.23 -24.55 -45.26
CA ASP N 24 -51.12 -25.93 -44.83
C ASP N 24 -51.00 -26.05 -43.33
N SER N 25 -50.44 -25.05 -42.67
CA SER N 25 -50.18 -25.17 -41.24
C SER N 25 -51.45 -25.07 -40.45
N LEU N 26 -52.45 -24.41 -41.03
CA LEU N 26 -53.77 -24.32 -40.41
C LEU N 26 -54.44 -25.69 -40.25
N ARG N 27 -54.06 -26.68 -41.05
CA ARG N 27 -54.57 -28.03 -40.80
C ARG N 27 -54.18 -28.54 -39.42
N SER N 28 -53.12 -27.98 -38.84
CA SER N 28 -52.62 -28.40 -37.53
C SER N 28 -52.75 -27.35 -36.45
N HIS N 29 -52.78 -26.08 -36.83
CA HIS N 29 -52.72 -25.03 -35.85
C HIS N 29 -53.79 -24.00 -36.08
N TYR N 30 -54.36 -23.48 -34.99
CA TYR N 30 -55.30 -22.38 -35.07
C TYR N 30 -54.60 -21.11 -35.47
N ALA N 31 -55.38 -20.08 -35.79
CA ALA N 31 -54.88 -18.75 -36.11
C ALA N 31 -55.41 -17.74 -35.10
N SER N 32 -54.79 -16.58 -35.05
CA SER N 32 -55.22 -15.50 -34.20
C SER N 32 -55.35 -14.28 -35.08
N TRP N 33 -56.16 -13.32 -34.66
CA TRP N 33 -56.55 -12.27 -35.58
C TRP N 33 -56.33 -10.91 -34.97
N TYR N 34 -55.86 -9.99 -35.81
CA TYR N 34 -55.45 -8.66 -35.36
C TYR N 34 -56.03 -7.59 -36.27
N GLN N 35 -56.42 -6.47 -35.67
CA GLN N 35 -56.88 -5.31 -36.43
C GLN N 35 -55.81 -4.26 -36.31
N LYS N 36 -55.45 -3.64 -37.43
CA LYS N 36 -54.47 -2.58 -37.40
C LYS N 36 -54.84 -1.41 -38.30
N LYS N 37 -54.81 -0.23 -37.72
CA LYS N 37 -54.96 0.98 -38.50
C LYS N 37 -53.65 1.72 -38.46
N PRO N 38 -53.31 2.40 -39.57
CA PRO N 38 -52.06 3.14 -39.66
C PRO N 38 -51.88 4.17 -38.54
N GLY N 39 -50.71 4.15 -37.92
CA GLY N 39 -50.39 5.05 -36.83
C GLY N 39 -50.75 4.46 -35.49
N GLN N 40 -51.32 3.25 -35.50
CA GLN N 40 -51.75 2.65 -34.26
C GLN N 40 -51.20 1.25 -34.04
N ALA N 41 -51.14 0.86 -32.77
CA ALA N 41 -50.74 -0.48 -32.42
C ALA N 41 -51.84 -1.46 -32.84
N PRO N 42 -51.47 -2.68 -33.24
CA PRO N 42 -52.48 -3.70 -33.57
C PRO N 42 -53.36 -4.05 -32.38
N ILE N 43 -54.52 -4.65 -32.66
CA ILE N 43 -55.46 -5.13 -31.65
C ILE N 43 -55.77 -6.61 -31.80
N LEU N 44 -55.52 -7.40 -30.77
CA LEU N 44 -55.89 -8.82 -30.80
C LEU N 44 -57.41 -8.90 -30.75
N LEU N 45 -58.02 -9.47 -31.79
CA LEU N 45 -59.49 -9.59 -31.86
C LEU N 45 -59.96 -10.96 -31.41
N PHE N 46 -59.25 -12.00 -31.85
CA PHE N 46 -59.73 -13.37 -31.69
C PHE N 46 -58.59 -14.38 -31.83
N TYR N 47 -58.60 -15.43 -31.02
CA TYR N 47 -57.64 -16.52 -31.20
C TYR N 47 -58.21 -17.87 -30.80
N GLY N 48 -57.38 -18.89 -30.92
CA GLY N 48 -57.71 -20.23 -30.47
C GLY N 48 -58.80 -20.84 -31.31
N LYS N 49 -59.51 -21.80 -30.75
CA LYS N 49 -60.64 -22.36 -31.43
C LYS N 49 -61.90 -21.53 -31.14
N ASN N 50 -61.93 -20.84 -30.00
CA ASN N 50 -63.12 -20.07 -29.65
C ASN N 50 -62.88 -19.00 -28.62
N ASN N 51 -61.77 -18.27 -28.75
CA ASN N 51 -61.38 -17.33 -27.73
C ASN N 51 -61.35 -15.87 -28.17
N ARG N 52 -62.19 -15.05 -27.54
CA ARG N 52 -62.19 -13.60 -27.77
C ARG N 52 -61.83 -12.84 -26.50
N PRO N 53 -60.77 -12.01 -26.57
CA PRO N 53 -60.27 -11.19 -25.46
C PRO N 53 -61.27 -10.12 -25.06
N SER N 54 -61.37 -9.92 -23.75
CA SER N 54 -62.31 -8.95 -23.21
C SER N 54 -62.06 -7.56 -23.75
N GLY N 55 -63.12 -6.78 -23.90
CA GLY N 55 -62.99 -5.44 -24.44
C GLY N 55 -63.14 -5.46 -25.94
N VAL N 56 -63.12 -6.63 -26.54
CA VAL N 56 -63.39 -6.73 -27.96
C VAL N 56 -64.86 -7.00 -28.19
N PRO N 57 -65.49 -6.16 -29.03
CA PRO N 57 -66.92 -6.24 -29.38
C PRO N 57 -67.33 -7.64 -29.82
N ASP N 58 -68.61 -7.94 -29.66
CA ASP N 58 -69.10 -9.27 -29.95
C ASP N 58 -69.21 -9.51 -31.45
N ARG N 59 -69.20 -8.45 -32.24
CA ARG N 59 -69.29 -8.60 -33.70
C ARG N 59 -68.17 -9.47 -34.29
N PHE N 60 -67.14 -9.74 -33.51
CA PHE N 60 -66.00 -10.47 -34.04
C PHE N 60 -66.05 -11.93 -33.67
N SER N 61 -65.85 -12.80 -34.65
CA SER N 61 -65.70 -14.21 -34.35
C SER N 61 -64.73 -14.90 -35.28
N GLY N 62 -63.99 -15.87 -34.76
CA GLY N 62 -63.10 -16.66 -35.58
C GLY N 62 -63.63 -18.07 -35.75
N SER N 63 -63.23 -18.73 -36.83
CA SER N 63 -63.57 -20.14 -37.02
C SER N 63 -62.55 -20.83 -37.91
N ALA N 64 -62.65 -22.14 -38.03
CA ALA N 64 -61.57 -22.92 -38.64
C ALA N 64 -62.08 -24.19 -39.28
N SER N 65 -61.66 -24.44 -40.52
CA SER N 65 -61.97 -25.70 -41.16
C SER N 65 -60.90 -26.07 -42.20
N GLY N 66 -60.45 -27.31 -42.16
CA GLY N 66 -59.42 -27.80 -43.06
C GLY N 66 -58.11 -27.01 -43.00
N ASN N 67 -57.77 -26.38 -44.11
CA ASN N 67 -56.58 -25.57 -44.17
C ASN N 67 -56.90 -24.09 -44.17
N ARG N 68 -58.09 -23.73 -43.71
CA ARG N 68 -58.42 -22.31 -43.69
C ARG N 68 -58.98 -21.84 -42.36
N ALA N 69 -58.82 -20.55 -42.11
CA ALA N 69 -59.27 -19.94 -40.89
C ALA N 69 -59.94 -18.66 -41.32
N SER N 70 -60.91 -18.21 -40.53
CA SER N 70 -61.68 -17.05 -40.95
C SER N 70 -62.25 -16.23 -39.80
N LEU N 71 -62.29 -14.94 -40.02
CA LEU N 71 -62.82 -13.97 -39.08
C LEU N 71 -64.11 -13.46 -39.65
N THR N 72 -65.14 -13.35 -38.82
CA THR N 72 -66.41 -12.84 -39.30
C THR N 72 -66.80 -11.61 -38.50
N ILE N 73 -67.01 -10.51 -39.21
CA ILE N 73 -67.50 -9.30 -38.60
C ILE N 73 -68.97 -9.19 -38.93
N SER N 74 -69.81 -9.36 -37.93
CA SER N 74 -71.26 -9.26 -38.11
C SER N 74 -71.75 -7.87 -37.80
N GLY N 75 -72.30 -7.18 -38.78
CA GLY N 75 -72.76 -5.82 -38.54
C GLY N 75 -71.59 -4.85 -38.44
N ALA N 76 -70.80 -4.80 -39.52
CA ALA N 76 -69.65 -3.94 -39.67
C ALA N 76 -69.92 -2.47 -39.37
N GLN N 77 -69.01 -1.88 -38.59
CA GLN N 77 -69.08 -0.48 -38.22
C GLN N 77 -68.04 0.37 -38.93
N ALA N 78 -68.13 1.68 -38.76
CA ALA N 78 -67.18 2.61 -39.35
C ALA N 78 -65.77 2.39 -38.77
N GLU N 79 -65.70 2.12 -37.46
CA GLU N 79 -64.46 1.84 -36.77
C GLU N 79 -63.78 0.59 -37.29
N ASP N 80 -64.58 -0.31 -37.86
CA ASP N 80 -64.07 -1.59 -38.32
C ASP N 80 -63.27 -1.47 -39.61
N ASP N 81 -63.36 -0.33 -40.26
CA ASP N 81 -62.62 -0.10 -41.48
C ASP N 81 -61.13 -0.03 -41.15
N ALA N 82 -60.40 -1.09 -41.50
CA ALA N 82 -58.99 -1.24 -41.10
C ALA N 82 -58.27 -2.36 -41.85
N GLU N 83 -57.10 -2.70 -41.36
CA GLU N 83 -56.38 -3.85 -41.87
C GLU N 83 -56.57 -4.99 -40.89
N TYR N 84 -56.72 -6.19 -41.43
CA TYR N 84 -56.83 -7.37 -40.59
C TYR N 84 -55.76 -8.38 -40.96
N TYR N 85 -55.01 -8.85 -39.96
CA TYR N 85 -54.01 -9.88 -40.18
C TYR N 85 -54.31 -11.14 -39.39
N CYS N 86 -54.04 -12.31 -39.99
CA CYS N 86 -54.00 -13.53 -39.20
CA CYS N 86 -54.00 -13.53 -39.20
C CYS N 86 -52.54 -13.95 -38.93
C CYS N 86 -52.54 -13.95 -38.93
N SER N 87 -52.37 -14.72 -37.86
CA SER N 87 -51.06 -15.22 -37.49
C SER N 87 -51.17 -16.64 -36.96
N SER N 88 -50.17 -17.45 -37.29
CA SER N 88 -50.12 -18.84 -36.88
C SER N 88 -48.70 -19.44 -37.06
N ARG N 89 -48.55 -20.73 -36.85
CA ARG N 89 -47.31 -21.41 -37.16
C ARG N 89 -47.02 -21.27 -38.67
N ASP N 90 -45.75 -21.31 -39.06
CA ASP N 90 -45.41 -21.26 -40.48
C ASP N 90 -45.42 -22.65 -41.08
N LYS N 91 -45.03 -23.62 -40.26
CA LYS N 91 -45.13 -24.98 -40.68
C LYS N 91 -45.83 -25.69 -39.56
N SER N 92 -46.28 -26.91 -39.83
N SER N 92 -46.28 -26.91 -39.83
CA SER N 92 -46.85 -27.73 -38.76
CA SER N 92 -46.81 -27.76 -38.79
C SER N 92 -45.75 -28.14 -37.77
C SER N 92 -45.73 -28.13 -37.77
N GLY N 93 -46.02 -27.89 -36.50
CA GLY N 93 -45.13 -28.30 -35.42
C GLY N 93 -44.02 -27.30 -35.17
N SER N 94 -44.14 -26.13 -35.77
CA SER N 94 -43.09 -25.12 -35.70
C SER N 94 -43.08 -24.33 -34.40
N ARG N 95 -41.89 -24.01 -33.88
CA ARG N 95 -41.73 -23.04 -32.78
C ARG N 95 -41.77 -21.58 -33.27
N LEU N 96 -41.76 -21.41 -34.60
CA LEU N 96 -41.79 -20.08 -35.22
C LEU N 96 -43.21 -19.67 -35.56
N SER N 97 -43.41 -18.37 -35.76
CA SER N 97 -44.74 -17.90 -36.13
C SER N 97 -44.68 -17.11 -37.42
N VAL N 98 -45.85 -16.74 -37.95
CA VAL N 98 -45.88 -16.08 -39.24
C VAL N 98 -47.16 -15.31 -39.33
N PHE N 99 -47.18 -14.34 -40.23
CA PHE N 99 -48.34 -13.51 -40.45
C PHE N 99 -48.81 -13.66 -41.87
N GLY N 100 -50.14 -13.59 -42.06
CA GLY N 100 -50.69 -13.49 -43.40
C GLY N 100 -50.36 -12.15 -44.04
N GLY N 101 -50.60 -12.06 -45.35
CA GLY N 101 -50.36 -10.84 -46.10
C GLY N 101 -51.17 -9.65 -45.60
N GLY N 102 -52.36 -9.91 -45.05
CA GLY N 102 -53.21 -8.86 -44.54
C GLY N 102 -54.32 -8.44 -45.47
N THR N 103 -55.54 -8.35 -44.92
CA THR N 103 -56.75 -7.97 -45.66
C THR N 103 -57.20 -6.55 -45.32
N LYS N 104 -57.22 -5.67 -46.31
CA LYS N 104 -57.79 -4.33 -46.13
C LYS N 104 -59.32 -4.38 -46.25
N LEU N 105 -60.01 -4.06 -45.16
CA LEU N 105 -61.46 -4.07 -45.14
C LEU N 105 -62.02 -2.66 -45.19
N THR N 106 -62.44 -2.24 -46.37
CA THR N 106 -63.11 -0.96 -46.53
C THR N 106 -64.62 -1.11 -46.31
N VAL N 107 -65.18 -0.27 -45.45
CA VAL N 107 -66.59 -0.32 -45.15
C VAL N 107 -67.40 0.64 -46.04
N LEU N 108 -68.35 0.10 -46.83
CA LEU N 108 -69.09 0.89 -47.83
C LEU N 108 -70.37 1.56 -47.30
N ASN O 1 -41.82 -26.31 -18.92
CA ASN O 1 -41.37 -25.92 -20.25
C ASN O 1 -42.53 -26.06 -21.22
N TRP O 2 -42.91 -24.96 -21.86
CA TRP O 2 -44.09 -24.94 -22.73
C TRP O 2 -43.99 -25.95 -23.87
N PHE O 3 -42.82 -26.00 -24.51
CA PHE O 3 -42.59 -26.85 -25.66
C PHE O 3 -42.66 -28.33 -25.27
N ASP O 4 -42.41 -28.63 -23.99
CA ASP O 4 -42.55 -29.98 -23.44
C ASP O 4 -43.98 -30.28 -23.03
N ILE O 5 -44.67 -29.28 -22.48
CA ILE O 5 -46.04 -29.44 -22.07
C ILE O 5 -46.92 -29.92 -23.24
N THR O 6 -46.88 -29.17 -24.32
CA THR O 6 -47.67 -29.48 -25.49
C THR O 6 -47.35 -30.88 -25.97
N ASN O 7 -46.07 -31.23 -26.00
CA ASN O 7 -45.68 -32.56 -26.44
C ASN O 7 -46.19 -33.67 -25.55
N VAL O 8 -46.08 -33.52 -24.24
CA VAL O 8 -46.58 -34.55 -23.32
C VAL O 8 -48.11 -34.70 -23.43
N LEU O 9 -48.83 -33.60 -23.62
CA LEU O 9 -50.30 -33.65 -23.73
C LEU O 9 -50.76 -34.38 -24.98
N TRP O 10 -50.11 -34.06 -26.09
CA TRP O 10 -50.35 -34.71 -27.35
C TRP O 10 -50.11 -36.21 -27.23
N TRP O 11 -49.10 -36.58 -26.44
CA TRP O 11 -48.78 -37.99 -26.23
C TRP O 11 -49.84 -38.69 -25.41
N ILE O 12 -50.27 -38.02 -24.35
CA ILE O 12 -51.32 -38.53 -23.50
C ILE O 12 -52.60 -38.73 -24.29
N LYS O 13 -52.86 -37.82 -25.22
CA LYS O 13 -54.06 -37.91 -26.04
C LYS O 13 -53.98 -39.13 -26.92
N ALA O 14 -52.77 -39.44 -27.40
CA ALA O 14 -52.56 -40.57 -28.29
C ALA O 14 -52.68 -41.88 -27.54
N VAL O 15 -52.07 -41.94 -26.37
CA VAL O 15 -52.02 -43.16 -25.59
C VAL O 15 -53.40 -43.55 -25.01
N ILE O 16 -54.18 -42.57 -24.58
CA ILE O 16 -55.41 -42.90 -23.89
C ILE O 16 -56.51 -43.33 -24.85
N GLN O 17 -56.19 -43.36 -26.15
CA GLN O 17 -57.11 -43.88 -27.15
C GLN O 17 -56.58 -45.19 -27.69
N VAL P 1 17.72 -17.23 44.48
CA VAL P 1 17.41 -18.15 45.56
C VAL P 1 18.47 -19.22 45.72
N GLN P 2 18.07 -20.28 46.42
CA GLN P 2 18.92 -21.43 46.68
C GLN P 2 19.34 -22.09 45.36
N LEU P 3 20.63 -22.38 45.24
CA LEU P 3 21.15 -22.91 43.99
C LEU P 3 22.42 -23.72 44.32
N VAL P 4 22.29 -25.04 44.35
CA VAL P 4 23.40 -25.94 44.58
C VAL P 4 23.38 -27.05 43.54
N GLU P 5 24.33 -27.98 43.69
CA GLU P 5 24.46 -29.11 42.78
C GLU P 5 24.59 -30.40 43.57
N SER P 6 24.87 -31.50 42.87
CA SER P 6 25.02 -32.81 43.49
C SER P 6 25.76 -33.70 42.51
N GLY P 7 26.08 -34.92 42.97
CA GLY P 7 26.71 -35.91 42.12
C GLY P 7 28.19 -35.70 41.86
N GLY P 8 28.82 -34.73 42.50
CA GLY P 8 30.23 -34.48 42.28
C GLY P 8 31.11 -35.52 42.93
N GLY P 9 32.40 -35.45 42.62
CA GLY P 9 33.36 -36.37 43.21
C GLY P 9 34.64 -36.54 42.43
N VAL P 10 35.01 -37.79 42.17
CA VAL P 10 36.26 -38.09 41.47
C VAL P 10 36.08 -39.44 40.76
N VAL P 11 36.45 -39.47 39.48
CA VAL P 11 36.37 -40.69 38.68
C VAL P 11 37.63 -40.86 37.85
N GLN P 12 37.64 -41.87 37.00
CA GLN P 12 38.74 -42.24 36.14
C GLN P 12 38.56 -41.63 34.77
N PRO P 13 39.58 -41.68 33.91
CA PRO P 13 39.34 -41.42 32.48
C PRO P 13 38.42 -42.47 31.87
N GLY P 14 37.75 -42.07 30.80
CA GLY P 14 36.82 -42.93 30.10
C GLY P 14 35.50 -43.16 30.79
N LYS P 15 35.26 -42.52 31.94
CA LYS P 15 34.07 -42.76 32.73
C LYS P 15 32.97 -41.80 32.31
N SER P 16 31.90 -41.76 33.10
CA SER P 16 30.71 -40.97 32.76
C SER P 16 29.87 -40.79 34.01
N VAL P 17 29.71 -39.54 34.46
CA VAL P 17 28.78 -39.24 35.53
C VAL P 17 27.76 -38.22 35.03
N ARG P 18 26.83 -37.86 35.90
CA ARG P 18 25.86 -36.79 35.62
C ARG P 18 25.57 -36.04 36.90
N LEU P 19 25.77 -34.73 36.88
CA LEU P 19 25.50 -33.91 38.05
C LEU P 19 24.01 -33.63 38.15
N SER P 20 23.62 -32.85 39.16
CA SER P 20 22.22 -32.48 39.34
C SER P 20 22.15 -31.15 40.06
N CYS P 21 21.90 -30.08 39.30
CA CYS P 21 21.62 -28.77 39.88
C CYS P 21 20.12 -28.61 40.07
N VAL P 22 19.73 -28.10 41.24
CA VAL P 22 18.32 -27.93 41.58
C VAL P 22 18.09 -26.49 42.00
N VAL P 23 17.07 -25.86 41.41
CA VAL P 23 16.74 -24.47 41.71
C VAL P 23 15.65 -24.47 42.76
N SER P 24 15.33 -23.30 43.31
CA SER P 24 14.38 -23.23 44.40
C SER P 24 13.06 -22.58 44.01
N ASP P 25 13.05 -21.32 43.60
CA ASP P 25 11.74 -20.67 43.72
C ASP P 25 11.25 -20.03 42.43
N PHE P 26 12.14 -19.46 41.61
CA PHE P 26 11.73 -18.76 40.39
C PHE P 26 11.14 -19.74 39.38
N PRO P 27 10.27 -19.26 38.47
CA PRO P 27 9.73 -20.15 37.44
C PRO P 27 10.81 -20.63 36.49
N PHE P 28 11.07 -21.94 36.53
CA PHE P 28 12.26 -22.47 35.90
C PHE P 28 12.11 -22.59 34.39
N SER P 29 10.89 -22.81 33.91
CA SER P 29 10.70 -22.92 32.46
C SER P 29 10.84 -21.59 31.77
N LYS P 30 10.73 -20.49 32.51
CA LYS P 30 10.92 -19.17 31.94
C LYS P 30 12.39 -18.92 31.60
N TYR P 31 13.31 -19.47 32.38
CA TYR P 31 14.66 -19.00 32.18
C TYR P 31 15.56 -20.04 31.52
N PRO P 32 16.54 -19.58 30.75
CA PRO P 32 17.62 -20.47 30.31
C PRO P 32 18.65 -20.63 31.41
N MET P 33 19.55 -21.60 31.22
CA MET P 33 20.62 -21.87 32.18
C MET P 33 21.96 -21.90 31.46
N TYR P 34 23.01 -22.22 32.20
CA TYR P 34 24.36 -22.26 31.66
C TYR P 34 25.19 -23.27 32.45
N TRP P 35 26.42 -23.45 31.98
CA TRP P 35 27.44 -24.16 32.76
C TRP P 35 28.77 -23.45 32.57
N VAL P 36 29.50 -23.29 33.66
CA VAL P 36 30.81 -22.66 33.61
C VAL P 36 31.81 -23.52 34.35
N ARG P 37 33.06 -23.38 33.96
CA ARG P 37 34.15 -24.22 34.47
C ARG P 37 35.32 -23.33 34.83
N GLN P 38 35.56 -23.18 36.12
CA GLN P 38 36.72 -22.46 36.64
C GLN P 38 37.82 -23.48 36.92
N ALA P 39 38.90 -23.40 36.19
CA ALA P 39 40.01 -24.28 36.52
C ALA P 39 40.75 -23.73 37.74
N PRO P 40 41.34 -24.61 38.57
CA PRO P 40 42.04 -24.14 39.78
C PRO P 40 43.25 -23.31 39.46
N GLY P 41 43.20 -22.04 39.83
CA GLY P 41 44.28 -21.13 39.51
C GLY P 41 44.20 -20.51 38.14
N LYS P 42 43.12 -20.76 37.40
CA LYS P 42 42.93 -20.19 36.07
C LYS P 42 41.70 -19.29 36.10
N GLY P 43 41.32 -18.81 34.92
CA GLY P 43 40.15 -17.96 34.83
C GLY P 43 38.87 -18.75 34.80
N LEU P 44 38.00 -18.46 33.84
CA LEU P 44 36.77 -19.21 33.68
C LEU P 44 36.63 -19.66 32.23
N GLU P 45 36.00 -20.80 32.05
CA GLU P 45 35.67 -21.31 30.73
C GLU P 45 34.18 -21.56 30.67
N TRP P 46 33.54 -21.00 29.66
CA TRP P 46 32.15 -21.34 29.39
C TRP P 46 32.05 -22.77 28.92
N VAL P 47 30.97 -23.46 29.30
CA VAL P 47 30.75 -24.85 28.92
C VAL P 47 29.55 -24.99 28.00
N ALA P 48 28.35 -24.66 28.48
CA ALA P 48 27.13 -25.07 27.79
C ALA P 48 26.02 -24.08 28.10
N ALA P 49 24.86 -24.31 27.48
CA ALA P 49 23.69 -23.47 27.62
C ALA P 49 22.47 -24.22 27.09
N ILE P 50 21.33 -24.05 27.77
CA ILE P 50 20.07 -24.62 27.29
C ILE P 50 19.08 -23.49 27.14
N SER P 51 18.17 -23.61 26.19
CA SER P 51 17.04 -22.70 26.07
C SER P 51 16.07 -22.91 27.22
N GLY P 52 15.09 -22.01 27.31
CA GLY P 52 14.10 -22.13 28.36
C GLY P 52 13.13 -23.27 28.11
N ASP P 53 12.80 -23.52 26.85
CA ASP P 53 11.95 -24.63 26.48
C ASP P 53 12.74 -25.89 26.17
N ALA P 54 14.02 -25.91 26.56
CA ALA P 54 14.93 -27.05 26.42
C ALA P 54 15.10 -27.48 24.97
N TRP P 55 14.98 -26.55 24.04
CA TRP P 55 15.07 -26.88 22.62
C TRP P 55 16.42 -26.53 22.03
N HIS P 56 17.09 -25.52 22.54
CA HIS P 56 18.33 -25.02 21.95
C HIS P 56 19.48 -25.31 22.89
N VAL P 57 20.52 -25.95 22.37
CA VAL P 57 21.66 -26.40 23.16
C VAL P 57 22.94 -26.01 22.41
N VAL P 58 23.81 -25.26 23.07
CA VAL P 58 25.07 -24.81 22.47
C VAL P 58 26.21 -25.22 23.38
N TYR P 59 27.16 -25.95 22.83
CA TYR P 59 28.30 -26.47 23.57
C TYR P 59 29.58 -25.73 23.22
N SER P 60 30.54 -25.78 24.13
CA SER P 60 31.88 -25.34 23.82
C SER P 60 32.53 -26.28 22.82
N ASN P 61 33.56 -25.76 22.13
CA ASN P 61 34.20 -26.56 21.10
C ASN P 61 35.07 -27.67 21.68
N SER P 62 35.70 -27.42 22.83
CA SER P 62 36.59 -28.40 23.42
C SER P 62 35.81 -29.59 23.96
N VAL P 63 34.68 -29.34 24.58
CA VAL P 63 33.87 -30.40 25.14
C VAL P 63 32.72 -30.77 24.21
N GLN P 64 32.85 -30.44 22.92
CA GLN P 64 31.82 -30.67 21.94
C GLN P 64 31.58 -32.16 21.74
N GLY P 65 30.32 -32.57 21.77
CA GLY P 65 29.94 -33.94 21.57
C GLY P 65 30.12 -34.86 22.74
N ARG P 66 31.00 -34.53 23.69
CA ARG P 66 31.22 -35.43 24.82
C ARG P 66 30.13 -35.29 25.87
N PHE P 67 29.80 -34.07 26.26
CA PHE P 67 28.95 -33.86 27.43
C PHE P 67 27.49 -34.04 27.04
N LEU P 68 26.61 -33.79 28.00
CA LEU P 68 25.17 -33.75 27.74
C LEU P 68 24.50 -32.90 28.81
N VAL P 69 23.56 -32.07 28.37
CA VAL P 69 22.74 -31.28 29.28
C VAL P 69 21.29 -31.56 28.96
N SER P 70 20.41 -31.19 29.91
CA SER P 70 18.98 -31.39 29.78
C SER P 70 18.28 -30.60 30.87
N ARG P 71 16.96 -30.50 30.74
CA ARG P 71 16.13 -29.81 31.72
C ARG P 71 14.96 -30.69 32.10
N ASP P 72 14.36 -30.36 33.24
CA ASP P 72 13.05 -30.88 33.60
C ASP P 72 12.34 -29.75 34.34
N ASN P 73 11.50 -29.01 33.61
CA ASN P 73 10.85 -27.83 34.14
C ASN P 73 9.82 -28.16 35.20
N VAL P 74 9.28 -29.38 35.18
CA VAL P 74 8.37 -29.80 36.24
C VAL P 74 9.13 -30.08 37.51
N LYS P 75 10.20 -30.86 37.42
CA LYS P 75 10.96 -31.19 38.62
C LYS P 75 11.97 -30.13 39.00
N ASN P 76 12.14 -29.09 38.17
CA ASN P 76 13.01 -27.94 38.43
C ASN P 76 14.46 -28.37 38.64
N THR P 77 14.90 -29.31 37.82
CA THR P 77 16.23 -29.88 37.90
C THR P 77 17.09 -29.38 36.73
N LEU P 78 18.38 -29.67 36.81
CA LEU P 78 19.30 -29.28 35.75
C LEU P 78 20.47 -30.24 35.73
N TYR P 79 20.66 -30.93 34.61
CA TYR P 79 21.61 -32.03 34.53
C TYR P 79 22.77 -31.67 33.62
N LEU P 80 23.96 -32.07 34.03
CA LEU P 80 25.15 -32.03 33.17
C LEU P 80 25.76 -33.42 33.18
N GLU P 81 25.43 -34.20 32.16
CA GLU P 81 26.03 -35.51 31.97
C GLU P 81 27.27 -35.35 31.11
N MET P 82 28.25 -36.22 31.35
CA MET P 82 29.54 -36.11 30.71
C MET P 82 30.03 -37.48 30.28
N ASN P 83 30.78 -37.51 29.20
CA ASN P 83 31.32 -38.75 28.64
C ASN P 83 32.74 -38.49 28.16
N SER P 84 33.52 -39.57 28.07
CA SER P 84 34.90 -39.57 27.57
C SER P 84 35.77 -38.58 28.36
N LEU P 85 35.89 -38.85 29.65
CA LEU P 85 36.49 -37.90 30.56
C LEU P 85 38.00 -37.87 30.42
N LYS P 86 38.57 -36.67 30.52
CA LYS P 86 40.00 -36.50 30.48
C LYS P 86 40.46 -35.77 31.75
N ILE P 87 41.76 -35.86 32.01
CA ILE P 87 42.31 -35.37 33.27
C ILE P 87 42.22 -33.85 33.35
N GLU P 88 42.34 -33.15 32.21
CA GLU P 88 42.24 -31.70 32.20
C GLU P 88 40.81 -31.20 32.39
N ASP P 89 39.81 -32.07 32.46
CA ASP P 89 38.45 -31.68 32.84
C ASP P 89 38.30 -31.52 34.35
N THR P 90 39.35 -31.80 35.12
CA THR P 90 39.31 -31.61 36.56
C THR P 90 39.30 -30.13 36.88
N ALA P 91 38.16 -29.63 37.35
CA ALA P 91 37.98 -28.23 37.71
C ALA P 91 36.70 -28.12 38.54
N VAL P 92 36.26 -26.90 38.76
CA VAL P 92 35.03 -26.62 39.48
C VAL P 92 33.94 -26.34 38.46
N TYR P 93 32.85 -27.10 38.53
CA TYR P 93 31.68 -26.84 37.73
C TYR P 93 30.70 -25.98 38.52
N ARG P 94 30.04 -25.05 37.84
CA ARG P 94 29.06 -24.21 38.50
C ARG P 94 27.79 -24.10 37.67
N CYS P 95 26.66 -24.25 38.34
CA CYS P 95 25.34 -24.05 37.78
C CYS P 95 24.98 -22.58 37.87
N ALA P 96 24.45 -22.02 36.78
CA ALA P 96 24.26 -20.58 36.77
C ALA P 96 23.06 -20.15 35.94
N ARG P 97 22.30 -19.20 36.48
CA ARG P 97 21.08 -18.67 35.89
C ARG P 97 21.38 -17.43 35.08
N MET P 98 20.62 -17.25 34.00
CA MET P 98 20.69 -16.00 33.24
C MET P 98 20.25 -14.83 34.10
N PHE P 99 20.91 -13.69 33.93
CA PHE P 99 20.50 -12.46 34.61
C PHE P 99 19.11 -12.03 34.18
N GLN P 100 18.96 -11.67 32.91
CA GLN P 100 17.67 -11.22 32.44
C GLN P 100 16.72 -12.39 32.29
N GLU P 101 15.46 -12.06 32.09
CA GLU P 101 14.49 -13.03 31.61
C GLU P 101 14.71 -13.22 30.11
N SER P 102 14.22 -14.34 29.59
CA SER P 102 14.19 -14.57 28.16
C SER P 102 12.75 -14.72 27.72
N GLY P 103 12.52 -14.47 26.44
CA GLY P 103 11.20 -14.64 25.87
C GLY P 103 11.04 -15.97 25.18
N PRO P 104 9.91 -16.15 24.52
CA PRO P 104 9.76 -17.27 23.60
C PRO P 104 10.56 -17.04 22.34
N PRO P 105 10.78 -18.05 21.50
CA PRO P 105 11.51 -17.83 20.25
C PRO P 105 10.75 -16.95 19.28
N ARG P 106 11.50 -16.30 18.40
CA ARG P 106 11.08 -15.06 17.77
C ARG P 106 10.41 -15.22 16.40
N LEU P 107 10.97 -16.08 15.52
CA LEU P 107 10.48 -16.32 14.16
C LEU P 107 10.44 -15.05 13.32
N ASP P 108 11.62 -14.60 12.88
CA ASP P 108 11.74 -13.58 11.86
C ASP P 108 10.89 -13.91 10.63
N ARG P 109 10.28 -12.88 10.05
CA ARG P 109 9.29 -13.11 9.00
C ARG P 109 9.94 -13.53 7.70
N TRP P 110 11.12 -12.99 7.42
CA TRP P 110 11.70 -13.10 6.09
C TRP P 110 12.29 -14.47 5.84
N SER P 111 12.56 -15.23 6.89
CA SER P 111 13.08 -16.58 6.76
C SER P 111 12.52 -17.37 7.92
N GLY P 112 11.93 -18.52 7.63
CA GLY P 112 11.25 -19.29 8.65
C GLY P 112 12.21 -19.93 9.63
N ARG P 113 12.83 -19.11 10.47
CA ARG P 113 13.83 -19.56 11.42
C ARG P 113 13.66 -18.80 12.73
N ASN P 114 13.53 -19.55 13.82
CA ASN P 114 13.30 -19.00 15.13
C ASN P 114 14.61 -18.45 15.70
N TYR P 115 14.50 -17.75 16.83
CA TYR P 115 15.68 -17.17 17.46
C TYR P 115 15.53 -17.20 18.97
N TYR P 116 16.49 -17.82 19.65
CA TYR P 116 16.53 -17.89 21.10
C TYR P 116 17.58 -16.92 21.62
N TYR P 117 17.16 -15.91 22.37
CA TYR P 117 18.12 -14.93 22.85
C TYR P 117 18.87 -15.47 24.05
N TYR P 118 20.14 -15.08 24.15
CA TYR P 118 21.04 -15.59 25.17
C TYR P 118 21.87 -14.45 25.74
N SER P 119 21.71 -14.19 27.03
CA SER P 119 22.52 -13.22 27.73
C SER P 119 23.06 -13.82 29.01
N GLY P 120 23.93 -13.09 29.68
CA GLY P 120 24.79 -13.64 30.71
C GLY P 120 24.12 -13.81 32.06
N MET P 121 24.95 -13.92 33.08
CA MET P 121 24.63 -14.67 34.29
C MET P 121 24.74 -13.81 35.53
N ASP P 122 23.94 -14.16 36.55
CA ASP P 122 23.93 -13.46 37.83
C ASP P 122 24.06 -14.36 39.05
N VAL P 123 23.45 -15.53 39.03
CA VAL P 123 23.34 -16.37 40.22
C VAL P 123 24.17 -17.62 39.98
N TRP P 124 25.38 -17.66 40.53
CA TRP P 124 26.20 -18.84 40.40
C TRP P 124 25.96 -19.77 41.57
N GLY P 125 25.63 -21.02 41.26
CA GLY P 125 25.63 -22.04 42.29
C GLY P 125 27.04 -22.30 42.79
N GLN P 126 27.13 -22.76 44.03
CA GLN P 126 28.45 -22.94 44.63
C GLN P 126 29.16 -24.13 44.01
N GLY P 127 28.40 -25.12 43.56
CA GLY P 127 28.93 -26.09 42.61
C GLY P 127 29.76 -27.20 43.17
N THR P 128 29.74 -28.34 42.49
CA THR P 128 30.53 -29.49 42.88
C THR P 128 31.87 -29.45 42.16
N THR P 129 32.61 -30.55 42.23
CA THR P 129 33.94 -30.65 41.64
C THR P 129 34.14 -32.08 41.20
N VAL P 130 34.61 -32.27 39.96
CA VAL P 130 34.89 -33.59 39.43
C VAL P 130 36.38 -33.66 39.12
N THR P 131 37.03 -34.73 39.56
CA THR P 131 38.45 -34.96 39.33
C THR P 131 38.62 -36.24 38.52
N VAL P 132 39.46 -36.17 37.49
CA VAL P 132 39.72 -37.31 36.62
C VAL P 132 41.18 -37.69 36.77
N SER P 133 41.43 -38.86 37.36
CA SER P 133 42.79 -39.31 37.63
C SER P 133 42.79 -40.83 37.78
N SER P 134 43.87 -41.35 38.33
CA SER P 134 44.02 -42.78 38.59
C SER P 134 43.98 -43.07 40.08
N ILE Q 1 35.62 -15.14 19.47
CA ILE Q 1 36.33 -13.86 19.54
C ILE Q 1 37.31 -13.89 20.71
N VAL Q 2 38.12 -12.85 20.81
CA VAL Q 2 39.17 -12.75 21.82
C VAL Q 2 38.92 -11.48 22.63
N MET Q 3 39.09 -11.57 23.94
CA MET Q 3 38.90 -10.40 24.79
C MET Q 3 39.74 -10.60 26.06
N THR Q 4 40.87 -9.93 26.12
CA THR Q 4 41.73 -9.97 27.30
C THR Q 4 41.63 -8.63 28.02
N GLN Q 5 42.46 -8.46 29.05
CA GLN Q 5 42.39 -7.25 29.86
C GLN Q 5 43.76 -6.98 30.49
N THR Q 6 43.80 -5.95 31.34
CA THR Q 6 45.00 -5.38 31.92
C THR Q 6 44.62 -4.40 33.03
N PRO Q 7 45.46 -4.21 34.06
CA PRO Q 7 46.66 -4.93 34.49
C PRO Q 7 46.30 -6.08 35.40
N LEU Q 8 47.15 -7.10 35.47
CA LEU Q 8 46.77 -8.32 36.19
C LEU Q 8 46.80 -8.10 37.69
N SER Q 9 47.79 -7.38 38.20
CA SER Q 9 47.97 -7.19 39.64
C SER Q 9 47.89 -5.71 39.97
N LEU Q 10 47.03 -5.37 40.92
CA LEU Q 10 46.96 -4.01 41.48
C LEU Q 10 46.88 -4.17 43.00
N SER Q 11 48.04 -4.29 43.64
CA SER Q 11 48.10 -4.49 45.09
C SER Q 11 48.05 -3.12 45.75
N VAL Q 12 46.86 -2.74 46.23
CA VAL Q 12 46.67 -1.38 46.73
C VAL Q 12 46.19 -1.40 48.18
N THR Q 13 45.97 -0.20 48.72
CA THR Q 13 45.46 0.10 50.04
C THR Q 13 44.26 1.01 49.87
N PRO Q 14 43.32 1.04 50.82
CA PRO Q 14 42.12 1.85 50.63
C PRO Q 14 42.38 3.35 50.71
N GLY Q 15 41.57 4.11 49.97
CA GLY Q 15 41.59 5.56 50.02
C GLY Q 15 41.85 6.26 48.70
N GLN Q 16 41.99 5.55 47.58
CA GLN Q 16 42.37 6.15 46.31
C GLN Q 16 41.48 5.61 45.21
N PRO Q 17 41.25 6.37 44.15
CA PRO Q 17 40.55 5.82 42.98
C PRO Q 17 41.50 5.23 41.95
N ALA Q 18 40.98 4.26 41.22
CA ALA Q 18 41.70 3.60 40.14
C ALA Q 18 40.69 3.03 39.17
N SER Q 19 41.18 2.33 38.15
CA SER Q 19 40.28 1.77 37.14
C SER Q 19 40.90 0.54 36.49
N ILE Q 20 40.04 -0.36 36.04
CA ILE Q 20 40.44 -1.58 35.35
C ILE Q 20 39.74 -1.61 34.00
N SER Q 21 40.50 -1.76 32.93
CA SER Q 21 39.96 -1.78 31.58
C SER Q 21 40.12 -3.16 30.97
N CYS Q 22 39.16 -3.53 30.13
CA CYS Q 22 39.17 -4.78 29.39
C CYS Q 22 39.13 -4.46 27.90
N LYS Q 23 40.05 -5.04 27.15
CA LYS Q 23 40.26 -4.66 25.76
C LYS Q 23 39.66 -5.71 24.82
N SER Q 24 38.95 -5.23 23.81
CA SER Q 24 38.14 -6.08 22.96
C SER Q 24 38.76 -6.19 21.57
N SER Q 25 38.80 -7.42 21.04
CA SER Q 25 39.20 -7.59 19.65
C SER Q 25 38.01 -7.35 18.73
N GLU Q 26 36.98 -8.16 18.84
CA GLU Q 26 35.74 -7.91 18.11
C GLU Q 26 34.96 -6.83 18.83
N SER Q 27 34.42 -5.88 18.08
CA SER Q 27 33.61 -4.84 18.69
C SER Q 27 32.26 -5.39 19.08
N LEU Q 28 31.73 -4.88 20.18
CA LEU Q 28 30.45 -5.35 20.73
C LEU Q 28 29.42 -4.25 20.64
N ARG Q 29 28.41 -4.46 19.81
CA ARG Q 29 27.17 -3.70 19.88
C ARG Q 29 26.13 -4.60 19.24
N GLN Q 30 25.29 -5.21 20.06
CA GLN Q 30 24.23 -6.03 19.51
C GLN Q 30 23.15 -5.15 18.90
N SER Q 31 22.31 -5.77 18.07
CA SER Q 31 21.27 -5.07 17.35
C SER Q 31 20.08 -4.70 18.23
N ASN Q 32 20.08 -5.08 19.50
CA ASN Q 32 19.06 -4.61 20.42
C ASN Q 32 19.29 -3.16 20.82
N GLY Q 33 20.48 -2.64 20.61
CA GLY Q 33 20.84 -1.33 21.06
C GLY Q 33 21.69 -1.30 22.32
N LYS Q 34 22.46 -2.35 22.57
CA LYS Q 34 23.24 -2.41 23.79
C LYS Q 34 24.48 -3.27 23.56
N THR Q 35 25.46 -3.10 24.45
CA THR Q 35 26.78 -3.69 24.32
C THR Q 35 26.95 -4.71 25.45
N SER Q 36 26.94 -5.99 25.09
CA SER Q 36 26.80 -7.07 26.07
C SER Q 36 28.14 -7.39 26.71
N LEU Q 37 28.56 -6.52 27.62
CA LEU Q 37 29.78 -6.74 28.40
C LEU Q 37 29.43 -6.71 29.88
N TYR Q 38 29.71 -7.80 30.58
CA TYR Q 38 29.26 -7.97 31.94
C TYR Q 38 30.47 -8.05 32.87
N TRP Q 39 30.57 -7.10 33.81
CA TRP Q 39 31.68 -7.01 34.76
C TRP Q 39 31.25 -7.55 36.12
N TYR Q 40 32.00 -8.52 36.64
CA TYR Q 40 31.68 -8.99 37.98
C TYR Q 40 32.90 -9.59 38.65
N ARG Q 41 32.71 -9.89 39.95
CA ARG Q 41 33.78 -10.15 40.90
C ARG Q 41 33.53 -11.46 41.63
N GLN Q 42 34.60 -12.25 41.78
CA GLN Q 42 34.61 -13.30 42.77
C GLN Q 42 35.51 -12.92 43.93
N LYS Q 43 35.25 -13.53 45.04
CA LYS Q 43 36.12 -13.59 46.19
C LYS Q 43 36.86 -14.92 46.16
N PRO Q 44 38.03 -15.01 46.80
CA PRO Q 44 38.76 -16.28 46.82
C PRO Q 44 38.01 -17.35 47.60
N GLY Q 45 37.88 -18.52 46.98
CA GLY Q 45 37.11 -19.59 47.56
C GLY Q 45 35.61 -19.47 47.40
N GLN Q 46 35.13 -18.54 46.58
CA GLN Q 46 33.70 -18.30 46.45
C GLN Q 46 33.27 -18.26 45.00
N SER Q 47 32.04 -18.70 44.77
CA SER Q 47 31.39 -18.44 43.50
C SER Q 47 31.15 -16.94 43.35
N PRO Q 48 31.29 -16.39 42.14
CA PRO Q 48 31.33 -14.94 41.99
C PRO Q 48 29.96 -14.29 42.19
N GLN Q 49 29.99 -12.97 42.24
CA GLN Q 49 28.81 -12.16 42.42
C GLN Q 49 28.81 -11.01 41.42
N LEU Q 50 27.63 -10.64 40.96
CA LEU Q 50 27.50 -9.67 39.89
C LEU Q 50 27.78 -8.27 40.40
N LEU Q 51 28.75 -7.59 39.80
CA LEU Q 51 28.97 -6.18 40.14
C LEU Q 51 28.01 -5.28 39.38
N VAL Q 52 28.19 -5.20 38.07
CA VAL Q 52 27.30 -4.48 37.18
C VAL Q 52 26.96 -5.41 36.04
N PHE Q 53 25.71 -5.39 35.59
CA PHE Q 53 25.46 -6.23 34.42
C PHE Q 53 25.86 -5.47 33.17
N GLU Q 54 25.18 -4.39 32.83
CA GLU Q 54 25.66 -3.65 31.69
C GLU Q 54 26.77 -2.73 32.13
N VAL Q 55 27.44 -2.14 31.14
CA VAL Q 55 28.47 -1.17 31.42
C VAL Q 55 27.86 0.13 31.93
N SER Q 56 26.56 0.32 31.72
CA SER Q 56 25.83 1.46 32.26
C SER Q 56 25.23 1.16 33.63
N ASN Q 57 24.31 0.21 33.69
CA ASN Q 57 23.52 -0.04 34.89
C ASN Q 57 24.35 -0.77 35.94
N ARG Q 58 23.74 -0.97 37.11
CA ARG Q 58 24.37 -1.68 38.21
C ARG Q 58 23.48 -2.80 38.68
N PHE Q 59 23.83 -3.39 39.82
CA PHE Q 59 23.07 -4.48 40.40
C PHE Q 59 22.70 -4.08 41.83
N SER Q 60 21.81 -4.86 42.45
CA SER Q 60 21.44 -4.63 43.83
C SER Q 60 22.60 -4.94 44.77
N GLY Q 61 22.75 -4.11 45.80
CA GLY Q 61 23.81 -4.31 46.78
C GLY Q 61 25.17 -3.86 46.28
N VAL Q 62 25.22 -2.69 45.66
CA VAL Q 62 26.41 -2.19 44.98
C VAL Q 62 26.62 -0.74 45.39
N SER Q 63 27.84 -0.43 45.82
CA SER Q 63 28.17 0.94 46.17
C SER Q 63 28.22 1.82 44.94
N ASP Q 64 27.96 3.10 45.14
CA ASP Q 64 27.81 4.04 44.04
C ASP Q 64 29.11 4.35 43.32
N ARG Q 65 30.25 4.01 43.92
CA ARG Q 65 31.56 4.35 43.40
C ARG Q 65 32.05 3.38 42.33
N PHE Q 66 31.16 2.58 41.74
CA PHE Q 66 31.51 1.57 40.76
C PHE Q 66 30.95 2.04 39.43
N VAL Q 67 31.80 2.66 38.61
CA VAL Q 67 31.36 3.26 37.36
C VAL Q 67 32.08 2.61 36.19
N GLY Q 68 31.37 2.43 35.10
CA GLY Q 68 31.92 1.78 33.92
C GLY Q 68 31.47 2.49 32.67
N SER Q 69 32.30 2.39 31.64
CA SER Q 69 32.06 3.06 30.37
C SER Q 69 32.85 2.34 29.29
N GLY Q 70 32.74 2.85 28.07
CA GLY Q 70 33.56 2.35 26.98
C GLY Q 70 32.88 2.49 25.64
N SER Q 71 33.68 2.38 24.59
CA SER Q 71 33.22 2.38 23.21
C SER Q 71 32.86 0.95 22.81
N GLY Q 72 32.72 0.68 21.52
CA GLY Q 72 32.50 -0.68 21.06
C GLY Q 72 33.70 -1.60 21.21
N THR Q 73 34.90 -1.04 21.27
CA THR Q 73 36.14 -1.81 21.48
C THR Q 73 36.83 -1.47 22.78
N ASP Q 74 36.94 -0.20 23.12
CA ASP Q 74 37.46 0.18 24.42
C ASP Q 74 36.39 -0.09 25.47
N PHE Q 75 36.82 -0.62 26.62
CA PHE Q 75 35.90 -0.87 27.71
C PHE Q 75 36.64 -0.65 29.02
N THR Q 76 36.00 0.04 29.95
CA THR Q 76 36.67 0.54 31.14
C THR Q 76 35.73 0.44 32.33
N LEU Q 77 36.23 -0.12 33.43
CA LEU Q 77 35.53 -0.14 34.71
C LEU Q 77 36.35 0.65 35.72
N ARG Q 78 35.76 1.70 36.29
CA ARG Q 78 36.46 2.59 37.19
C ARG Q 78 35.91 2.47 38.60
N ILE Q 79 36.80 2.34 39.57
CA ILE Q 79 36.42 2.24 40.97
C ILE Q 79 36.94 3.48 41.68
N SER Q 80 36.03 4.37 42.04
CA SER Q 80 36.41 5.56 42.78
C SER Q 80 36.61 5.21 44.24
N ARG Q 81 37.73 5.68 44.82
CA ARG Q 81 38.06 5.60 46.26
C ARG Q 81 38.03 4.14 46.74
N VAL Q 82 38.98 3.36 46.21
CA VAL Q 82 38.92 1.89 46.21
C VAL Q 82 38.82 1.35 47.63
N GLU Q 83 37.75 0.60 47.88
CA GLU Q 83 37.33 0.18 49.20
C GLU Q 83 38.20 -0.96 49.71
N ALA Q 84 38.23 -1.12 51.04
CA ALA Q 84 39.12 -2.07 51.70
C ALA Q 84 38.82 -3.52 51.35
N GLU Q 85 37.56 -3.86 51.06
CA GLU Q 85 37.18 -5.23 50.76
C GLU Q 85 37.19 -5.55 49.28
N ASP Q 86 37.97 -4.80 48.50
CA ASP Q 86 38.10 -5.03 47.06
C ASP Q 86 39.22 -6.02 46.75
N VAL Q 87 39.20 -7.16 47.42
CA VAL Q 87 40.20 -8.18 47.22
C VAL Q 87 39.63 -9.25 46.31
N GLY Q 88 40.51 -10.11 45.80
CA GLY Q 88 40.07 -11.17 44.92
C GLY Q 88 40.34 -10.84 43.48
N PHE Q 89 39.42 -11.19 42.59
CA PHE Q 89 39.62 -11.00 41.17
C PHE Q 89 38.50 -10.18 40.58
N TYR Q 90 38.69 -9.79 39.33
CA TYR Q 90 37.72 -9.01 38.58
C TYR Q 90 37.74 -9.49 37.15
N TYR Q 91 36.70 -10.22 36.78
CA TYR Q 91 36.61 -10.79 35.44
C TYR Q 91 35.75 -9.90 34.57
N CYS Q 92 36.21 -9.68 33.33
CA CYS Q 92 35.39 -9.04 32.31
C CYS Q 92 34.79 -10.13 31.44
N MET Q 93 33.46 -10.15 31.34
CA MET Q 93 32.73 -11.17 30.62
C MET Q 93 31.88 -10.54 29.54
N GLN Q 94 32.05 -11.01 28.32
CA GLN Q 94 31.26 -10.53 27.20
C GLN Q 94 30.18 -11.53 26.82
N SER Q 95 29.17 -11.05 26.12
CA SER Q 95 28.05 -11.86 25.70
C SER Q 95 27.64 -11.53 24.28
N LYS Q 96 28.62 -11.45 23.38
CA LYS Q 96 28.30 -11.29 21.98
C LYS Q 96 27.75 -12.57 21.39
N ASP Q 97 28.56 -13.63 21.34
CA ASP Q 97 28.17 -14.86 20.68
C ASP Q 97 29.02 -16.01 21.20
N PHE Q 98 28.84 -17.08 20.65
CA PHE Q 98 29.37 -18.28 21.25
C PHE Q 98 30.64 -18.73 20.55
N PRO Q 99 31.62 -19.27 21.30
CA PRO Q 99 31.65 -19.35 22.77
C PRO Q 99 32.01 -18.02 23.41
N LEU Q 100 31.19 -17.60 24.36
CA LEU Q 100 31.42 -16.35 25.06
C LEU Q 100 32.52 -16.55 26.09
N THR Q 101 33.56 -15.74 26.00
CA THR Q 101 34.78 -15.93 26.73
C THR Q 101 34.86 -14.96 27.92
N PHE Q 102 36.03 -14.88 28.52
CA PHE Q 102 36.25 -14.08 29.71
C PHE Q 102 37.58 -13.35 29.57
N GLY Q 103 37.95 -12.64 30.63
CA GLY Q 103 39.31 -12.21 30.84
C GLY Q 103 40.01 -13.13 31.82
N GLY Q 104 41.26 -12.79 32.13
CA GLY Q 104 42.01 -13.58 33.08
C GLY Q 104 41.59 -13.37 34.51
N GLY Q 105 41.07 -12.20 34.82
CA GLY Q 105 40.71 -11.85 36.19
C GLY Q 105 41.80 -11.06 36.86
N THR Q 106 41.61 -9.76 37.01
CA THR Q 106 42.65 -8.90 37.56
C THR Q 106 42.68 -9.03 39.07
N LYS Q 107 43.83 -9.43 39.61
CA LYS Q 107 43.97 -9.57 41.05
C LYS Q 107 44.19 -8.21 41.67
N VAL Q 108 43.47 -7.92 42.75
CA VAL Q 108 43.61 -6.68 43.49
C VAL Q 108 43.90 -7.01 44.94
N ASP Q 109 45.07 -6.61 45.42
CA ASP Q 109 45.43 -6.75 46.82
C ASP Q 109 45.45 -5.37 47.45
#